data_7PA8
#
_entry.id   7PA8
#
_cell.length_a   137.070
_cell.length_b   110.440
_cell.length_c   158.210
_cell.angle_alpha   90.000
_cell.angle_beta   93.115
_cell.angle_gamma   90.000
#
_symmetry.space_group_name_H-M   'P 1 21 1'
#
loop_
_entity.id
_entity.type
_entity.pdbx_description
1 polymer 'Major capsid protein VP1'
2 polymer 'Fab 27C2 light chain'
3 polymer 'Fab 27C2 heavy chain'
#
loop_
_entity_poly.entity_id
_entity_poly.type
_entity_poly.pdbx_seq_one_letter_code
_entity_poly.pdbx_strand_id
1 'polypeptide(L)'
;GSHMGGVEVLEVKTGVDSITEVECFLTPEMGDPDEHLRGFSKSISISDTFESDSPNRDMLPCYSVARIPLPNLNEDLTCG
NILMWEAVTLKTEVIGVTSLMNVHSNGQATHDNGAGKPVQGTSFHFFSVGGEALELQGVLFNYRTKYPDGTIFPKNATVQ
SQVMNTEHKAYLDKNKAYPVECWVPDPTRNENTRYFGTLTGGENVPPVLHITNTATTVLLDEFGVGPLCKGDNLYLSAVD
VCGMFTNRSGSQQWRGLSRYFKVQLRKRRVKN
;
AAA,BBB,CCC,DDD,EEE
2 'polypeptide(L)'
;QSVLTQPPSASGTPGQRVTISCSGGSSNIGSNPVNWFQQFPGTAPKLLIYANTQRPSGVPDRFSGSKSGTSVSLAISGLQ
SEDEGDYHCAAWDDSLKGWVFGGGTKLTVLGAPKANPTVTLFPPSSEELQANKATLVCLISDFYPGAVTVAWKADGSPVK
AGVETTKPSKQSNNKTAASSYLSLTPEQWKSHRSYSCQVTHEGTTVEKTVAP
;
FFF,GGG,III,KKK,MMM
3 'polypeptide(L)'
;EVQLVESGGGLVKPGGSLRLSCAASGFTFSSYTMNWVRQAPGKGLQWVSSISSSSTYMYYGDSVKGRFTISRDNARNSLY
LQMNSLRVEDTAVYYCARYAHDWNVDYWGQGTLVTVSSASTKGPSVFPLAPSSKSTSGGTAALGCLVKDYFPEPVTVSWN
SGALTSGVHTFPAVLQSSGLYSLSSVVTVPSSSLGTQTYICNVNHKPSNTKVDKKVEPKSCDKTHTCPPCPAPELLGGPS
VFLFPPKPKDTLMISRTPEVTCVVVDVSHEDPEVKFNWYVDGVEVHNAKTKPREEQYNSTYRVVSVLTVLHQDWLNGKEY
KCKVSNKALPAPIEKTISKAKGQPREPQVYTLPPSRDELTKNQVSLTCLVKGFYPSDIAVEWESNGQPENNYKTTPPV
;
HHH,JJJ,LLL,NNN,YYY
#
# COMPACT_ATOMS: atom_id res chain seq x y z
N VAL A 7 12.99 -29.70 49.85
CA VAL A 7 14.03 -28.96 50.63
C VAL A 7 13.35 -27.88 51.49
N GLU A 8 13.44 -28.02 52.81
CA GLU A 8 13.14 -26.97 53.82
C GLU A 8 14.18 -25.86 53.70
N VAL A 9 13.74 -24.61 53.55
CA VAL A 9 14.64 -23.43 53.38
C VAL A 9 14.80 -22.77 54.74
N LEU A 10 16.03 -22.77 55.27
CA LEU A 10 16.37 -22.15 56.58
C LEU A 10 16.89 -20.74 56.30
N GLU A 11 17.64 -20.15 57.24
CA GLU A 11 17.96 -18.70 57.25
C GLU A 11 19.14 -18.43 56.30
N VAL A 12 19.34 -17.17 55.95
CA VAL A 12 20.42 -16.71 55.03
C VAL A 12 21.72 -16.63 55.84
N LYS A 13 22.76 -17.36 55.45
CA LYS A 13 24.12 -17.17 56.02
C LYS A 13 24.67 -15.81 55.55
N THR A 14 25.11 -14.95 56.48
CA THR A 14 25.84 -13.67 56.18
C THR A 14 27.32 -13.82 56.55
N GLY A 15 28.14 -12.82 56.25
CA GLY A 15 29.59 -12.81 56.48
C GLY A 15 30.35 -12.24 55.29
N VAL A 16 31.68 -12.21 55.34
CA VAL A 16 32.55 -11.63 54.27
C VAL A 16 32.52 -12.53 53.03
N ASP A 17 32.21 -13.82 53.15
CA ASP A 17 32.23 -14.76 52.00
C ASP A 17 30.89 -15.51 51.83
N SER A 18 29.78 -14.79 51.90
CA SER A 18 28.41 -15.31 51.74
C SER A 18 27.83 -14.94 50.38
N ILE A 19 28.41 -13.97 49.65
CA ILE A 19 27.88 -13.48 48.35
C ILE A 19 28.87 -13.87 47.24
N THR A 20 28.38 -14.02 45.99
CA THR A 20 29.19 -14.21 44.76
C THR A 20 28.41 -13.67 43.55
N GLU A 21 29.07 -13.53 42.40
CA GLU A 21 28.50 -12.94 41.14
C GLU A 21 28.84 -13.81 39.93
N VAL A 22 27.82 -14.20 39.18
CA VAL A 22 27.96 -14.69 37.79
C VAL A 22 27.65 -13.51 36.87
N GLU A 23 28.40 -13.42 35.79
CA GLU A 23 28.24 -12.40 34.73
C GLU A 23 28.62 -13.09 33.43
N CYS A 24 27.68 -13.44 32.57
CA CYS A 24 28.02 -13.97 31.24
C CYS A 24 27.08 -13.39 30.17
N PHE A 25 27.31 -13.77 28.91
CA PHE A 25 26.45 -13.45 27.73
C PHE A 25 25.99 -14.80 27.19
N LEU A 26 24.76 -14.88 26.64
CA LEU A 26 24.21 -16.05 25.93
C LEU A 26 24.05 -15.64 24.47
N THR A 27 24.49 -16.46 23.54
CA THR A 27 24.39 -16.15 22.12
C THR A 27 23.04 -16.67 21.63
N PRO A 28 22.54 -16.11 20.52
CA PRO A 28 21.29 -16.58 19.94
C PRO A 28 21.46 -17.72 18.95
N GLU A 29 20.67 -18.79 19.09
CA GLU A 29 20.63 -19.87 18.07
C GLU A 29 19.40 -19.64 17.19
N MET A 30 19.60 -18.97 16.06
CA MET A 30 18.50 -18.52 15.17
C MET A 30 18.35 -19.48 14.02
N GLY A 31 19.21 -20.51 13.89
CA GLY A 31 19.14 -21.51 12.81
C GLY A 31 20.44 -21.65 12.04
N ASP A 32 21.24 -20.58 11.99
CA ASP A 32 22.68 -20.51 11.56
C ASP A 32 22.82 -21.32 10.28
N PRO A 33 22.20 -20.83 9.18
CA PRO A 33 22.20 -21.53 7.91
C PRO A 33 23.60 -22.05 7.56
N ASP A 34 24.55 -21.15 7.35
CA ASP A 34 25.87 -21.46 6.78
C ASP A 34 26.95 -20.78 7.65
N GLU A 35 28.21 -20.93 7.26
CA GLU A 35 29.41 -20.52 8.04
C GLU A 35 29.45 -19.01 8.27
N HIS A 36 28.63 -18.22 7.58
CA HIS A 36 28.76 -16.75 7.46
C HIS A 36 27.58 -15.99 8.08
N LEU A 37 26.57 -16.71 8.59
CA LEU A 37 25.23 -16.13 8.90
C LEU A 37 24.80 -16.48 10.33
N ARG A 38 25.77 -16.63 11.23
CA ARG A 38 25.51 -16.85 12.67
C ARG A 38 24.63 -15.70 13.19
N GLY A 39 23.51 -16.04 13.81
CA GLY A 39 22.56 -15.05 14.35
C GLY A 39 21.45 -14.74 13.37
N PHE A 40 21.44 -15.39 12.21
CA PHE A 40 20.31 -15.37 11.27
C PHE A 40 19.69 -16.76 11.23
N SER A 41 18.48 -16.85 10.70
CA SER A 41 17.86 -18.09 10.21
C SER A 41 18.05 -18.13 8.71
N LYS A 42 17.69 -19.26 8.13
CA LYS A 42 17.65 -19.44 6.67
C LYS A 42 16.45 -18.67 6.18
N SER A 43 16.53 -18.12 4.98
CA SER A 43 15.38 -17.42 4.37
C SER A 43 14.15 -18.33 4.45
N ILE A 44 13.08 -17.82 5.08
CA ILE A 44 11.85 -18.54 5.47
C ILE A 44 11.06 -18.92 4.22
N SER A 45 10.61 -20.16 4.13
CA SER A 45 9.72 -20.62 3.04
C SER A 45 8.41 -21.08 3.68
N ILE A 46 7.36 -21.26 2.89
CA ILE A 46 6.00 -21.58 3.38
C ILE A 46 5.53 -22.91 2.74
N SER A 47 5.00 -23.81 3.55
CA SER A 47 4.57 -25.15 3.07
C SER A 47 3.62 -25.04 1.88
N ASP A 48 3.66 -26.02 0.99
CA ASP A 48 2.72 -26.17 -0.15
C ASP A 48 1.27 -26.27 0.41
N THR A 49 1.09 -26.85 1.60
CA THR A 49 -0.25 -27.17 2.19
C THR A 49 -0.17 -27.15 3.72
N PHE A 50 -1.32 -27.00 4.37
CA PHE A 50 -1.36 -26.84 5.84
C PHE A 50 -0.86 -28.13 6.48
N GLU A 51 -1.09 -29.23 5.77
CA GLU A 51 -0.89 -30.63 6.23
C GLU A 51 0.58 -30.96 6.13
N SER A 52 1.31 -30.37 5.19
CA SER A 52 2.71 -30.72 4.85
C SER A 52 3.73 -29.77 5.47
N ASP A 53 3.33 -28.92 6.42
CA ASP A 53 4.25 -28.00 7.14
C ASP A 53 5.41 -28.84 7.67
N SER A 54 6.65 -28.55 7.26
CA SER A 54 7.84 -29.26 7.81
C SER A 54 9.09 -28.40 7.67
N PRO A 55 9.27 -27.41 8.56
CA PRO A 55 10.40 -26.50 8.50
C PRO A 55 11.75 -27.21 8.62
N ASN A 56 12.74 -26.82 7.79
CA ASN A 56 14.16 -27.23 7.91
C ASN A 56 14.71 -26.76 9.24
N ARG A 57 15.70 -27.45 9.80
CA ARG A 57 16.23 -27.12 11.16
C ARG A 57 16.85 -25.71 11.17
N ASP A 58 17.38 -25.26 10.05
CA ASP A 58 18.10 -23.96 9.94
C ASP A 58 17.11 -22.81 9.71
N MET A 59 15.80 -23.10 9.71
CA MET A 59 14.74 -22.07 9.63
C MET A 59 14.07 -21.87 11.01
N LEU A 60 14.54 -22.58 12.03
CA LEU A 60 13.88 -22.64 13.37
C LEU A 60 14.81 -22.09 14.44
N PRO A 61 14.58 -20.84 14.88
CA PRO A 61 15.16 -20.36 16.13
C PRO A 61 14.89 -21.33 17.28
N CYS A 62 15.82 -21.39 18.25
CA CYS A 62 15.76 -22.27 19.45
C CYS A 62 16.12 -21.51 20.71
N TYR A 63 15.56 -21.96 21.83
CA TYR A 63 15.94 -21.49 23.18
C TYR A 63 17.45 -21.71 23.37
N SER A 64 18.11 -20.73 23.95
CA SER A 64 19.53 -20.79 24.37
C SER A 64 19.52 -21.05 25.88
N VAL A 65 20.42 -21.92 26.35
CA VAL A 65 20.58 -22.25 27.79
C VAL A 65 22.07 -22.30 28.13
N ALA A 66 22.41 -21.98 29.37
CA ALA A 66 23.79 -21.98 29.88
C ALA A 66 23.79 -22.46 31.33
N ARG A 67 24.50 -23.55 31.62
CA ARG A 67 24.71 -24.06 32.99
C ARG A 67 26.01 -23.42 33.52
N ILE A 68 25.95 -22.66 34.61
CA ILE A 68 27.15 -21.96 35.17
C ILE A 68 27.54 -22.66 36.48
N PRO A 69 28.77 -23.23 36.59
CA PRO A 69 29.18 -23.86 37.85
C PRO A 69 29.55 -22.74 38.83
N LEU A 70 29.07 -22.87 40.07
CA LEU A 70 29.32 -21.89 41.15
C LEU A 70 30.36 -22.46 42.12
N PRO A 71 31.00 -21.61 42.96
CA PRO A 71 31.89 -22.09 44.01
C PRO A 71 31.32 -23.23 44.86
N ASN A 72 32.14 -24.26 45.09
CA ASN A 72 31.82 -25.48 45.85
C ASN A 72 31.46 -25.15 47.31
N LEU A 73 30.50 -25.89 47.90
CA LEU A 73 30.02 -25.75 49.31
C LEU A 73 29.81 -27.15 49.98
N ASN A 74 30.69 -28.16 49.78
CA ASN A 74 30.55 -29.54 50.36
C ASN A 74 30.94 -29.49 51.84
N ASN A 81 21.32 -30.81 56.10
CA ASN A 81 21.54 -29.49 56.73
C ASN A 81 22.79 -28.82 56.10
N ILE A 82 22.75 -28.57 54.79
CA ILE A 82 23.86 -28.04 53.91
C ILE A 82 23.57 -26.60 53.43
N LEU A 83 24.49 -26.02 52.65
CA LEU A 83 24.37 -24.68 52.01
C LEU A 83 24.10 -24.82 50.51
N MET A 84 23.23 -23.94 49.96
CA MET A 84 22.98 -23.79 48.49
C MET A 84 23.10 -22.30 48.13
N TRP A 85 23.49 -22.02 46.88
CA TRP A 85 23.52 -20.64 46.34
C TRP A 85 22.09 -20.18 45.99
N GLU A 86 21.70 -19.01 46.53
CA GLU A 86 20.41 -18.32 46.29
C GLU A 86 20.65 -17.16 45.32
N ALA A 87 20.05 -17.22 44.13
CA ALA A 87 20.05 -16.13 43.14
C ALA A 87 19.11 -15.03 43.64
N VAL A 88 19.64 -13.82 43.83
CA VAL A 88 18.93 -12.72 44.52
C VAL A 88 18.53 -11.62 43.53
N THR A 89 19.44 -11.18 42.67
CA THR A 89 19.14 -10.10 41.68
C THR A 89 19.66 -10.47 40.30
N LEU A 90 19.03 -9.92 39.27
CA LEU A 90 19.44 -10.08 37.86
C LEU A 90 19.54 -8.69 37.26
N LYS A 91 20.56 -8.47 36.43
CA LYS A 91 20.61 -7.38 35.42
C LYS A 91 20.77 -8.08 34.08
N THR A 92 20.01 -7.67 33.08
CA THR A 92 20.13 -8.22 31.72
C THR A 92 19.87 -7.11 30.73
N GLU A 93 20.43 -7.19 29.54
CA GLU A 93 20.01 -6.34 28.39
C GLU A 93 20.45 -7.05 27.11
N VAL A 94 19.90 -6.64 25.97
CA VAL A 94 20.30 -7.19 24.65
C VAL A 94 21.59 -6.51 24.23
N ILE A 95 22.57 -7.32 23.81
CA ILE A 95 23.90 -6.80 23.35
C ILE A 95 23.91 -6.64 21.83
N GLY A 96 24.12 -5.41 21.38
CA GLY A 96 24.34 -5.10 19.96
C GLY A 96 23.07 -4.63 19.29
N VAL A 97 22.27 -3.82 19.99
CA VAL A 97 20.96 -3.29 19.49
C VAL A 97 21.22 -2.42 18.27
N THR A 98 22.27 -1.62 18.28
CA THR A 98 22.61 -0.63 17.22
C THR A 98 22.86 -1.34 15.89
N SER A 99 23.25 -2.62 15.92
CA SER A 99 23.55 -3.41 14.70
C SER A 99 22.33 -3.46 13.80
N LEU A 100 21.16 -3.18 14.37
CA LEU A 100 19.85 -3.27 13.68
C LEU A 100 19.62 -2.03 12.83
N MET A 101 20.49 -1.03 12.96
CA MET A 101 20.46 0.18 12.09
C MET A 101 21.23 -0.07 10.79
N ASN A 102 21.77 -1.26 10.55
CA ASN A 102 22.49 -1.55 9.28
C ASN A 102 21.45 -1.73 8.17
N VAL A 103 21.11 -0.62 7.52
CA VAL A 103 20.02 -0.54 6.53
C VAL A 103 20.60 -0.45 5.09
N HIS A 104 21.84 -0.89 4.90
CA HIS A 104 22.61 -0.75 3.62
C HIS A 104 23.19 -2.06 3.08
N SER A 105 23.00 -3.20 3.76
CA SER A 105 23.71 -4.49 3.45
C SER A 105 22.80 -5.40 2.63
N ASN A 106 22.61 -5.07 1.34
CA ASN A 106 21.78 -5.84 0.40
C ASN A 106 20.37 -6.05 0.95
N GLY A 107 19.78 -5.02 1.57
CA GLY A 107 18.39 -5.07 2.07
C GLY A 107 17.29 -4.89 1.05
N GLN A 108 16.07 -4.60 1.48
CA GLN A 108 15.00 -4.28 0.52
C GLN A 108 14.61 -2.80 0.60
N ALA A 109 15.03 -1.97 -0.36
CA ALA A 109 14.67 -0.55 -0.50
C ALA A 109 13.17 -0.53 -0.18
N THR A 110 12.76 0.23 0.81
CA THR A 110 11.35 0.52 1.17
C THR A 110 10.63 1.18 -0.02
N HIS A 111 11.35 1.88 -0.90
CA HIS A 111 10.78 2.61 -2.07
C HIS A 111 11.90 3.12 -2.98
N ASP A 112 11.59 3.70 -4.14
CA ASP A 112 12.65 4.18 -5.07
C ASP A 112 13.62 5.10 -4.31
N ASN A 113 14.90 4.71 -4.24
CA ASN A 113 16.00 5.47 -3.59
C ASN A 113 15.82 5.42 -2.07
N GLY A 114 14.95 4.55 -1.59
CA GLY A 114 14.84 4.29 -0.15
C GLY A 114 16.07 3.58 0.40
N ALA A 115 16.33 3.78 1.67
CA ALA A 115 17.26 2.93 2.44
C ALA A 115 16.64 1.55 2.52
N GLY A 116 17.35 0.55 3.01
CA GLY A 116 16.78 -0.78 3.16
C GLY A 116 15.73 -0.81 4.25
N LYS A 117 14.73 -1.67 4.10
CA LYS A 117 13.76 -1.94 5.20
C LYS A 117 14.56 -2.49 6.37
N PRO A 118 14.48 -1.88 7.57
CA PRO A 118 15.27 -2.31 8.71
C PRO A 118 14.71 -3.59 9.29
N VAL A 119 15.51 -4.29 10.10
CA VAL A 119 15.01 -5.46 10.90
C VAL A 119 13.79 -4.94 11.66
N GLN A 120 12.69 -5.70 11.56
CA GLN A 120 11.39 -5.42 12.21
C GLN A 120 10.54 -6.69 12.20
N GLY A 121 9.41 -6.65 12.88
CA GLY A 121 8.40 -7.71 12.81
C GLY A 121 8.42 -8.61 14.04
N THR A 122 7.74 -9.74 13.93
CA THR A 122 7.48 -10.73 15.01
C THR A 122 8.74 -10.91 15.84
N SER A 123 8.61 -10.79 17.15
CA SER A 123 9.74 -10.75 18.11
C SER A 123 9.36 -11.61 19.32
N PHE A 124 10.30 -12.41 19.85
CA PHE A 124 10.18 -13.02 21.20
C PHE A 124 11.44 -12.67 22.00
N HIS A 125 11.28 -11.83 23.03
CA HIS A 125 12.36 -11.54 24.02
C HIS A 125 11.94 -12.23 25.32
N PHE A 126 12.78 -13.12 25.80
CA PHE A 126 12.55 -14.03 26.93
C PHE A 126 13.87 -14.29 27.66
N PHE A 127 13.83 -14.38 28.97
CA PHE A 127 15.01 -14.74 29.79
C PHE A 127 14.57 -15.25 31.17
N SER A 128 15.30 -16.24 31.68
CA SER A 128 14.98 -16.97 32.92
C SER A 128 16.26 -17.11 33.76
N VAL A 129 16.12 -17.13 35.08
CA VAL A 129 17.21 -17.47 36.04
C VAL A 129 16.69 -18.57 36.99
N GLY A 130 17.38 -19.71 37.02
CA GLY A 130 16.91 -20.94 37.67
C GLY A 130 18.02 -21.67 38.42
N GLY A 131 17.66 -22.34 39.52
CA GLY A 131 18.49 -23.31 40.25
C GLY A 131 18.53 -24.68 39.59
N GLU A 132 17.81 -24.83 38.48
CA GLU A 132 17.76 -26.06 37.66
C GLU A 132 17.27 -25.66 36.27
N ALA A 133 17.23 -26.61 35.34
CA ALA A 133 16.77 -26.35 33.96
C ALA A 133 15.40 -25.66 33.97
N LEU A 134 15.20 -24.72 33.05
CA LEU A 134 13.83 -24.27 32.66
C LEU A 134 13.00 -25.49 32.27
N GLU A 135 11.79 -25.58 32.79
CA GLU A 135 10.81 -26.65 32.45
C GLU A 135 9.86 -26.16 31.37
N LEU A 136 9.73 -26.93 30.28
CA LEU A 136 8.96 -26.56 29.07
C LEU A 136 7.65 -27.36 28.98
N GLN A 137 6.58 -26.68 28.53
CA GLN A 137 5.32 -27.27 28.02
C GLN A 137 5.33 -27.11 26.49
N GLY A 138 5.01 -28.16 25.76
CA GLY A 138 4.84 -28.08 24.31
C GLY A 138 3.47 -27.54 23.97
N VAL A 139 3.43 -26.60 23.04
CA VAL A 139 2.16 -26.16 22.38
C VAL A 139 2.47 -25.94 20.92
N LEU A 140 1.59 -26.46 20.05
CA LEU A 140 1.82 -26.49 18.59
C LEU A 140 0.85 -25.52 17.90
N PHE A 141 1.32 -24.73 16.94
CA PHE A 141 0.43 -23.93 16.09
C PHE A 141 -0.38 -24.93 15.24
N ASN A 142 0.32 -25.91 14.66
CA ASN A 142 -0.30 -26.95 13.79
C ASN A 142 0.26 -28.29 14.23
N TYR A 143 -0.55 -29.21 14.76
CA TYR A 143 -0.05 -30.50 15.34
C TYR A 143 0.55 -31.42 14.26
N ARG A 144 0.23 -31.21 12.98
CA ARG A 144 0.74 -32.04 11.86
C ARG A 144 2.05 -31.45 11.31
N THR A 145 2.50 -30.34 11.89
CA THR A 145 3.84 -29.76 11.54
C THR A 145 4.85 -30.86 11.89
N LYS A 146 5.72 -31.25 10.95
CA LYS A 146 6.81 -32.22 11.20
C LYS A 146 8.08 -31.48 11.59
N TYR A 147 8.45 -31.48 12.89
CA TYR A 147 9.65 -30.76 13.37
C TYR A 147 10.87 -31.54 12.92
N PRO A 148 11.94 -30.85 12.46
CA PRO A 148 12.98 -31.51 11.67
C PRO A 148 13.94 -32.28 12.59
N ASP A 149 14.41 -33.40 12.07
CA ASP A 149 15.54 -34.21 12.57
C ASP A 149 16.61 -33.31 13.19
N GLY A 150 16.91 -33.50 14.47
CA GLY A 150 18.03 -32.79 15.13
C GLY A 150 17.58 -31.79 16.17
N THR A 151 16.26 -31.57 16.24
CA THR A 151 15.58 -30.71 17.25
C THR A 151 14.81 -31.63 18.17
N ILE A 152 14.65 -31.27 19.43
CA ILE A 152 13.78 -31.98 20.41
C ILE A 152 12.41 -31.31 20.36
N PHE A 153 11.39 -32.04 19.96
CA PHE A 153 10.03 -31.48 19.74
C PHE A 153 8.99 -32.31 20.48
N PRO A 154 7.77 -31.78 20.68
CA PRO A 154 6.66 -32.55 21.20
C PRO A 154 6.44 -33.85 20.42
N LYS A 155 6.48 -34.97 21.14
CA LYS A 155 6.30 -36.33 20.58
C LYS A 155 4.85 -36.73 20.85
N ASN A 156 4.28 -37.52 19.95
CA ASN A 156 2.91 -38.10 20.05
C ASN A 156 1.90 -36.96 19.99
N ALA A 157 2.13 -36.03 19.07
CA ALA A 157 1.26 -34.87 18.82
C ALA A 157 -0.13 -35.40 18.49
N THR A 158 -1.14 -34.84 19.14
CA THR A 158 -2.56 -35.02 18.83
C THR A 158 -3.12 -33.63 18.50
N VAL A 159 -4.33 -33.57 17.96
CA VAL A 159 -4.98 -32.25 17.73
C VAL A 159 -4.97 -31.49 19.06
N GLN A 160 -5.15 -32.15 20.20
CA GLN A 160 -5.18 -31.47 21.52
C GLN A 160 -3.84 -30.74 21.73
N SER A 161 -2.75 -31.21 21.13
CA SER A 161 -1.42 -30.58 21.25
C SER A 161 -1.50 -29.10 20.84
N GLN A 162 -2.39 -28.75 19.88
CA GLN A 162 -2.64 -27.39 19.35
C GLN A 162 -3.14 -26.42 20.44
N VAL A 163 -3.79 -26.90 21.51
CA VAL A 163 -4.34 -25.98 22.56
C VAL A 163 -3.69 -26.26 23.91
N MET A 164 -3.60 -27.55 24.25
CA MET A 164 -2.91 -28.03 25.46
C MET A 164 -2.91 -29.57 25.50
N ASN A 165 -1.74 -30.16 25.79
CA ASN A 165 -1.57 -31.63 25.92
C ASN A 165 -0.44 -31.92 26.92
N THR A 166 -0.77 -32.36 28.14
CA THR A 166 0.20 -32.48 29.26
C THR A 166 1.26 -33.56 29.01
N GLU A 167 1.13 -34.35 27.94
CA GLU A 167 2.22 -35.29 27.56
C GLU A 167 3.50 -34.49 27.29
N HIS A 168 3.40 -33.33 26.61
CA HIS A 168 4.55 -32.53 26.09
C HIS A 168 5.27 -31.77 27.20
N LYS A 169 5.93 -32.49 28.11
CA LYS A 169 6.88 -31.89 29.09
C LYS A 169 8.30 -32.15 28.62
N ALA A 170 9.24 -31.33 29.08
CA ALA A 170 10.66 -31.36 28.64
C ALA A 170 11.51 -30.40 29.47
N TYR A 171 12.82 -30.62 29.51
CA TYR A 171 13.79 -29.76 30.20
C TYR A 171 14.62 -29.02 29.15
N LEU A 172 14.76 -27.70 29.30
CA LEU A 172 15.73 -26.92 28.49
C LEU A 172 17.13 -27.23 29.01
N ASP A 173 17.68 -28.32 28.49
CA ASP A 173 18.92 -28.97 28.96
C ASP A 173 19.94 -29.04 27.80
N LYS A 174 19.64 -28.49 26.64
CA LYS A 174 20.49 -28.64 25.43
C LYS A 174 20.33 -27.45 24.48
N ASN A 175 21.44 -27.00 23.89
CA ASN A 175 21.42 -25.85 22.96
C ASN A 175 21.13 -26.32 21.54
N LYS A 176 20.70 -25.39 20.71
CA LYS A 176 20.45 -25.63 19.26
C LYS A 176 19.45 -26.79 19.14
N ALA A 177 18.65 -27.00 20.18
CA ALA A 177 17.83 -28.23 20.36
C ALA A 177 16.33 -27.91 20.31
N TYR A 178 15.85 -27.05 21.22
CA TYR A 178 14.40 -26.87 21.49
C TYR A 178 13.89 -25.67 20.69
N PRO A 179 13.17 -25.91 19.55
CA PRO A 179 12.63 -24.82 18.75
C PRO A 179 11.81 -23.87 19.63
N VAL A 180 11.83 -22.57 19.35
CA VAL A 180 11.09 -21.55 20.15
C VAL A 180 9.58 -21.76 19.93
N GLU A 181 9.18 -22.16 18.72
CA GLU A 181 7.79 -22.06 18.24
C GLU A 181 6.93 -23.23 18.75
N CYS A 182 7.49 -24.17 19.50
CA CYS A 182 6.72 -25.35 19.96
C CYS A 182 6.96 -25.62 21.45
N TRP A 183 7.70 -24.74 22.14
CA TRP A 183 7.96 -24.85 23.60
C TRP A 183 7.75 -23.51 24.29
N VAL A 184 7.15 -23.52 25.47
CA VAL A 184 7.03 -22.34 26.36
C VAL A 184 7.36 -22.76 27.78
N PRO A 185 7.76 -21.83 28.65
CA PRO A 185 7.92 -22.16 30.07
C PRO A 185 6.59 -22.78 30.55
N ASP A 186 6.70 -23.89 31.28
CA ASP A 186 5.57 -24.66 31.83
C ASP A 186 5.17 -24.00 33.16
N PRO A 187 4.02 -23.34 33.21
CA PRO A 187 3.67 -22.50 34.35
C PRO A 187 3.24 -23.38 35.53
N THR A 188 2.99 -24.66 35.28
CA THR A 188 2.58 -25.66 36.30
C THR A 188 3.82 -26.18 37.05
N ARG A 189 5.02 -25.81 36.58
CA ARG A 189 6.30 -26.21 37.21
C ARG A 189 7.14 -24.94 37.40
N ASN A 190 8.46 -25.05 37.36
CA ASN A 190 9.40 -23.90 37.41
C ASN A 190 9.26 -23.17 38.76
N GLU A 191 8.95 -23.90 39.84
CA GLU A 191 9.01 -23.38 41.24
C GLU A 191 10.38 -22.71 41.44
N ASN A 192 11.46 -23.32 40.92
CA ASN A 192 12.86 -22.98 41.24
C ASN A 192 13.48 -22.10 40.14
N THR A 193 12.65 -21.51 39.28
CA THR A 193 13.10 -20.60 38.20
C THR A 193 12.25 -19.32 38.25
N ARG A 194 12.82 -18.19 37.81
CA ARG A 194 12.08 -16.92 37.59
C ARG A 194 12.19 -16.63 36.09
N TYR A 195 11.08 -16.67 35.35
CA TYR A 195 11.08 -16.50 33.88
C TYR A 195 10.24 -15.28 33.53
N PHE A 196 10.65 -14.59 32.48
CA PHE A 196 10.00 -13.37 31.94
C PHE A 196 10.17 -13.38 30.44
N GLY A 197 9.08 -13.20 29.71
CA GLY A 197 9.16 -13.09 28.25
C GLY A 197 7.99 -12.31 27.67
N THR A 198 8.13 -11.87 26.43
CA THR A 198 7.09 -11.15 25.70
C THR A 198 7.12 -11.56 24.24
N LEU A 199 5.98 -11.98 23.71
CA LEU A 199 5.77 -12.16 22.25
C LEU A 199 5.04 -10.93 21.74
N THR A 200 5.63 -10.22 20.78
CA THR A 200 4.95 -9.22 19.92
C THR A 200 4.89 -9.75 18.48
N GLY A 201 3.68 -10.03 17.99
CA GLY A 201 3.47 -10.57 16.63
C GLY A 201 3.06 -9.46 15.67
N GLY A 202 3.38 -9.61 14.38
CA GLY A 202 3.06 -8.62 13.34
C GLY A 202 4.27 -8.33 12.48
N GLU A 203 4.07 -8.27 11.16
CA GLU A 203 5.17 -8.17 10.18
C GLU A 203 5.84 -6.78 10.30
N ASN A 204 5.13 -5.77 10.83
CA ASN A 204 5.62 -4.38 10.84
C ASN A 204 5.93 -3.92 12.28
N VAL A 205 5.85 -4.83 13.25
CA VAL A 205 6.12 -4.44 14.66
C VAL A 205 7.53 -3.85 14.72
N PRO A 206 7.67 -2.58 15.16
CA PRO A 206 8.98 -1.98 15.38
C PRO A 206 9.68 -2.56 16.59
N PRO A 207 10.96 -2.99 16.44
CA PRO A 207 11.82 -3.31 17.57
C PRO A 207 11.93 -2.10 18.49
N VAL A 208 11.85 -2.35 19.79
CA VAL A 208 12.05 -1.34 20.86
C VAL A 208 12.91 -1.98 21.93
N LEU A 209 14.20 -1.70 21.90
CA LEU A 209 15.19 -2.33 22.79
C LEU A 209 15.85 -1.24 23.63
N HIS A 210 15.58 -1.27 24.94
CA HIS A 210 16.20 -0.36 25.94
C HIS A 210 17.49 -1.01 26.47
N ILE A 211 18.51 -0.22 26.70
CA ILE A 211 19.78 -0.68 27.31
C ILE A 211 20.09 0.25 28.50
N THR A 212 20.57 -0.31 29.60
CA THR A 212 21.01 0.49 30.76
C THR A 212 21.73 -0.41 31.77
N ASN A 213 22.74 0.12 32.44
CA ASN A 213 23.40 -0.63 33.53
C ASN A 213 22.82 -0.20 34.89
N THR A 214 21.62 0.39 34.93
CA THR A 214 21.04 0.98 36.17
C THR A 214 19.81 0.20 36.65
N ALA A 215 19.37 -0.80 35.89
CA ALA A 215 18.09 -1.51 36.14
C ALA A 215 18.35 -2.88 36.73
N THR A 216 18.06 -3.08 38.01
CA THR A 216 18.15 -4.40 38.68
C THR A 216 16.75 -5.01 38.80
N THR A 217 16.62 -6.33 38.59
CA THR A 217 15.36 -7.11 38.78
C THR A 217 15.55 -8.11 39.92
N VAL A 218 14.65 -8.13 40.90
CA VAL A 218 14.84 -8.99 42.10
C VAL A 218 14.27 -10.38 41.80
N LEU A 219 14.92 -11.44 42.27
CA LEU A 219 14.55 -12.83 41.92
C LEU A 219 13.91 -13.55 43.10
N LEU A 220 13.69 -12.84 44.21
CA LEU A 220 13.02 -13.38 45.43
C LEU A 220 11.52 -13.52 45.16
N ASP A 221 10.91 -14.54 45.73
CA ASP A 221 9.45 -14.84 45.58
C ASP A 221 8.70 -14.18 46.74
N GLU A 222 7.40 -14.42 46.83
CA GLU A 222 6.50 -13.81 47.87
C GLU A 222 7.05 -14.10 49.26
N PHE A 223 7.87 -15.15 49.46
CA PHE A 223 8.46 -15.57 50.75
C PHE A 223 9.94 -15.15 50.88
N GLY A 224 10.44 -14.28 50.02
CA GLY A 224 11.82 -13.74 50.12
C GLY A 224 12.92 -14.77 49.85
N VAL A 225 12.57 -15.85 49.13
CA VAL A 225 13.51 -16.91 48.67
C VAL A 225 13.71 -16.78 47.14
N GLY A 226 14.95 -16.68 46.69
CA GLY A 226 15.31 -16.71 45.26
C GLY A 226 15.44 -18.15 44.78
N PRO A 227 15.70 -18.38 43.48
CA PRO A 227 16.06 -19.71 43.01
C PRO A 227 17.25 -20.29 43.80
N LEU A 228 17.21 -21.58 44.07
CA LEU A 228 18.27 -22.33 44.82
C LEU A 228 18.98 -23.26 43.85
N CYS A 229 20.29 -23.11 43.73
CA CYS A 229 21.13 -23.74 42.70
C CYS A 229 21.51 -25.18 43.09
N LYS A 230 20.63 -26.14 42.77
CA LYS A 230 20.90 -27.59 42.88
C LYS A 230 22.21 -27.94 42.16
N GLY A 231 23.08 -28.70 42.80
CA GLY A 231 24.35 -29.19 42.23
C GLY A 231 25.36 -28.08 42.06
N ASP A 232 25.20 -26.97 42.81
CA ASP A 232 26.07 -25.78 42.69
C ASP A 232 26.08 -25.27 41.24
N ASN A 233 24.90 -25.31 40.59
CA ASN A 233 24.70 -24.86 39.18
C ASN A 233 23.62 -23.79 39.10
N LEU A 234 23.87 -22.76 38.29
CA LEU A 234 22.90 -21.69 37.95
C LEU A 234 22.54 -21.86 36.47
N TYR A 235 21.25 -21.79 36.16
CA TYR A 235 20.70 -22.03 34.79
C TYR A 235 20.13 -20.73 34.18
N LEU A 236 20.87 -20.17 33.23
CA LEU A 236 20.44 -19.01 32.43
C LEU A 236 19.87 -19.54 31.13
N SER A 237 18.61 -19.18 30.87
CA SER A 237 17.90 -19.45 29.60
C SER A 237 17.49 -18.09 29.00
N ALA A 238 17.41 -18.02 27.68
CA ALA A 238 17.12 -16.76 26.95
C ALA A 238 16.69 -17.05 25.52
N VAL A 239 15.83 -16.19 24.98
CA VAL A 239 15.56 -16.09 23.51
C VAL A 239 15.42 -14.61 23.21
N ASP A 240 16.01 -14.14 22.10
CA ASP A 240 15.85 -12.73 21.69
C ASP A 240 15.74 -12.66 20.17
N VAL A 241 14.70 -13.28 19.61
CA VAL A 241 14.36 -13.14 18.16
C VAL A 241 13.90 -11.69 18.02
N CYS A 242 14.68 -10.85 17.33
CA CYS A 242 14.51 -9.37 17.37
C CYS A 242 13.50 -8.96 16.32
N GLY A 243 13.30 -9.82 15.32
CA GLY A 243 12.48 -9.53 14.13
C GLY A 243 13.04 -10.32 12.95
N MET A 244 12.73 -9.86 11.74
CA MET A 244 13.26 -10.46 10.50
C MET A 244 14.09 -9.43 9.75
N PHE A 245 15.18 -9.89 9.15
CA PHE A 245 15.97 -9.16 8.14
C PHE A 245 15.28 -9.41 6.80
N THR A 246 14.92 -8.36 6.08
CA THR A 246 14.38 -8.48 4.70
C THR A 246 15.52 -8.29 3.70
N ASN A 247 15.90 -9.36 3.03
CA ASN A 247 16.88 -9.39 1.90
C ASN A 247 16.30 -8.65 0.70
N ARG A 248 17.15 -8.25 -0.24
CA ARG A 248 16.83 -7.51 -1.48
C ARG A 248 15.68 -8.18 -2.21
N SER A 249 15.64 -9.50 -2.27
CA SER A 249 14.62 -10.28 -3.01
C SER A 249 13.26 -10.20 -2.33
N GLY A 250 13.25 -9.75 -1.07
CA GLY A 250 12.06 -9.80 -0.19
C GLY A 250 12.13 -10.97 0.78
N SER A 251 12.96 -11.97 0.52
CA SER A 251 13.10 -13.18 1.37
C SER A 251 13.54 -12.76 2.79
N GLN A 252 13.00 -13.40 3.82
CA GLN A 252 13.17 -12.93 5.21
C GLN A 252 13.90 -13.98 6.06
N GLN A 253 14.83 -13.53 6.88
CA GLN A 253 15.60 -14.35 7.87
C GLN A 253 15.37 -13.77 9.26
N TRP A 254 14.97 -14.60 10.21
CA TRP A 254 14.99 -14.22 11.64
C TRP A 254 16.36 -13.65 11.96
N ARG A 255 16.48 -12.62 12.79
CA ARG A 255 17.78 -12.11 13.27
C ARG A 255 17.75 -12.02 14.79
N GLY A 256 18.76 -12.59 15.43
CA GLY A 256 18.82 -12.72 16.90
C GLY A 256 19.95 -11.89 17.46
N LEU A 257 19.96 -11.66 18.77
CA LEU A 257 21.06 -10.97 19.46
C LEU A 257 21.34 -11.65 20.81
N SER A 258 22.60 -11.55 21.22
CA SER A 258 23.08 -12.08 22.51
C SER A 258 22.39 -11.34 23.65
N ARG A 259 22.25 -12.00 24.80
CA ARG A 259 21.72 -11.39 26.06
C ARG A 259 22.78 -11.46 27.16
N TYR A 260 23.09 -10.33 27.77
CA TYR A 260 23.95 -10.22 28.98
C TYR A 260 23.14 -10.60 30.22
N PHE A 261 23.75 -11.35 31.13
CA PHE A 261 23.22 -11.63 32.49
C PHE A 261 24.27 -11.26 33.53
N LYS A 262 23.85 -10.69 34.64
CA LYS A 262 24.69 -10.52 35.84
C LYS A 262 23.82 -10.90 37.03
N VAL A 263 24.13 -12.00 37.69
CA VAL A 263 23.29 -12.51 38.81
C VAL A 263 24.08 -12.43 40.11
N GLN A 264 23.58 -11.64 41.06
CA GLN A 264 24.00 -11.67 42.49
C GLN A 264 23.49 -12.97 43.10
N LEU A 265 24.33 -13.67 43.85
CA LEU A 265 23.93 -14.89 44.58
C LEU A 265 24.37 -14.76 46.03
N ARG A 266 23.66 -15.39 46.96
CA ARG A 266 24.07 -15.50 48.39
C ARG A 266 23.87 -16.95 48.86
N LYS A 267 24.32 -17.30 50.06
CA LYS A 267 24.26 -18.68 50.60
C LYS A 267 23.04 -18.77 51.53
N ARG A 268 22.22 -19.80 51.33
CA ARG A 268 21.04 -20.04 52.18
C ARG A 268 21.16 -21.43 52.82
N ARG A 269 21.03 -21.53 54.15
CA ARG A 269 21.02 -22.83 54.84
C ARG A 269 19.73 -23.58 54.46
N VAL A 270 19.83 -24.90 54.28
CA VAL A 270 18.77 -25.80 53.73
C VAL A 270 18.85 -27.15 54.47
N LYS A 271 17.72 -27.77 54.85
CA LYS A 271 17.65 -29.19 55.32
C LYS A 271 17.25 -30.09 54.12
N ASN A 272 18.06 -31.13 53.84
CA ASN A 272 18.10 -31.91 52.56
C ASN A 272 16.81 -32.71 52.38
N VAL B 7 39.64 3.72 44.56
CA VAL B 7 38.97 2.38 44.47
C VAL B 7 38.08 2.17 45.71
N GLU B 8 38.62 2.31 46.92
CA GLU B 8 37.81 2.29 48.17
C GLU B 8 37.08 3.63 48.29
N VAL B 9 35.75 3.62 48.45
CA VAL B 9 34.94 4.87 48.49
C VAL B 9 34.66 5.22 49.95
N LEU B 10 35.17 6.33 50.45
CA LEU B 10 34.93 6.83 51.83
C LEU B 10 33.76 7.81 51.80
N GLU B 11 33.61 8.66 52.81
CA GLU B 11 32.38 9.46 53.07
C GLU B 11 32.37 10.72 52.17
N VAL B 12 31.21 11.34 52.02
CA VAL B 12 30.98 12.54 51.17
C VAL B 12 31.49 13.76 51.92
N LYS B 13 32.45 14.51 51.37
CA LYS B 13 32.87 15.82 51.94
C LYS B 13 31.74 16.82 51.71
N THR B 14 31.27 17.50 52.77
CA THR B 14 30.36 18.68 52.71
C THR B 14 31.16 19.93 53.10
N GLY B 15 30.54 21.11 52.99
CA GLY B 15 31.19 22.41 53.29
C GLY B 15 31.00 23.43 52.19
N VAL B 16 31.78 24.52 52.24
CA VAL B 16 31.56 25.77 51.44
C VAL B 16 31.86 25.49 49.97
N ASP B 17 32.76 24.56 49.65
CA ASP B 17 33.20 24.35 48.25
C ASP B 17 33.16 22.85 47.91
N SER B 18 32.05 22.17 48.19
CA SER B 18 31.94 20.69 48.05
C SER B 18 31.12 20.30 46.82
N ILE B 19 30.33 21.20 46.23
CA ILE B 19 29.48 20.89 45.04
C ILE B 19 29.99 21.73 43.86
N THR B 20 29.78 21.25 42.62
CA THR B 20 30.03 21.99 41.35
C THR B 20 29.08 21.47 40.26
N GLU B 21 29.00 22.15 39.11
CA GLU B 21 28.05 21.88 37.99
C GLU B 21 28.77 21.96 36.65
N VAL B 22 28.65 20.92 35.83
CA VAL B 22 28.89 21.00 34.37
C VAL B 22 27.53 21.15 33.69
N GLU B 23 27.48 21.99 32.66
CA GLU B 23 26.31 22.22 31.80
C GLU B 23 26.84 22.43 30.39
N CYS B 24 26.68 21.48 29.49
CA CYS B 24 27.06 21.70 28.08
C CYS B 24 26.05 21.04 27.14
N PHE B 25 26.25 21.20 25.83
CA PHE B 25 25.48 20.52 24.76
C PHE B 25 26.48 19.68 23.97
N LEU B 26 26.07 18.50 23.46
CA LEU B 26 26.86 17.65 22.52
C LEU B 26 26.16 17.71 21.17
N THR B 27 26.90 17.94 20.11
CA THR B 27 26.30 18.01 18.75
C THR B 27 26.29 16.61 18.18
N PRO B 28 25.40 16.35 17.22
CA PRO B 28 25.34 15.05 16.58
C PRO B 28 26.31 14.92 15.38
N GLU B 29 27.09 13.84 15.33
CA GLU B 29 27.90 13.50 14.13
C GLU B 29 27.13 12.44 13.35
N MET B 30 26.37 12.88 12.36
CA MET B 30 25.46 12.02 11.58
C MET B 30 26.12 11.62 10.28
N GLY B 31 27.32 12.09 9.97
CA GLY B 31 28.03 11.74 8.70
C GLY B 31 28.47 12.96 7.92
N ASP B 32 27.73 14.08 8.06
CA ASP B 32 28.08 15.48 7.68
C ASP B 32 28.69 15.45 6.29
N PRO B 33 27.87 15.10 5.28
CA PRO B 33 28.34 14.96 3.90
C PRO B 33 29.23 16.17 3.53
N ASP B 34 28.64 17.36 3.48
CA ASP B 34 29.24 18.54 2.84
C ASP B 34 29.04 19.75 3.77
N GLU B 35 29.47 20.94 3.33
CA GLU B 35 29.56 22.18 4.14
C GLU B 35 28.17 22.65 4.60
N HIS B 36 27.10 22.12 4.02
CA HIS B 36 25.72 22.67 4.12
C HIS B 36 24.74 21.73 4.86
N LEU B 37 25.21 20.54 5.27
CA LEU B 37 24.34 19.42 5.71
C LEU B 37 24.79 18.87 7.07
N ARG B 38 25.36 19.71 7.90
CA ARG B 38 25.74 19.34 9.29
C ARG B 38 24.46 18.87 10.00
N GLY B 39 24.50 17.68 10.59
CA GLY B 39 23.33 17.11 11.30
C GLY B 39 22.58 16.13 10.42
N PHE B 40 23.01 15.97 9.17
CA PHE B 40 22.48 14.93 8.26
C PHE B 40 23.56 13.90 7.99
N SER B 41 23.17 12.75 7.46
CA SER B 41 24.06 11.80 6.77
C SER B 41 23.95 12.06 5.28
N LYS B 42 24.81 11.41 4.51
CA LYS B 42 24.71 11.41 3.04
C LYS B 42 23.55 10.49 2.71
N SER B 43 22.86 10.78 1.62
CA SER B 43 21.75 9.94 1.14
C SER B 43 22.24 8.50 1.05
N ILE B 44 21.53 7.61 1.76
CA ILE B 44 21.89 6.19 2.00
C ILE B 44 21.82 5.39 0.71
N SER B 45 22.83 4.59 0.42
CA SER B 45 22.84 3.64 -0.72
C SER B 45 23.01 2.23 -0.13
N ILE B 46 22.73 1.19 -0.91
CA ILE B 46 22.69 -0.23 -0.44
C ILE B 46 23.66 -1.08 -1.26
N SER B 47 24.46 -1.92 -0.60
CA SER B 47 25.50 -2.74 -1.27
C SER B 47 24.92 -3.54 -2.44
N ASP B 48 25.73 -3.77 -3.46
CA ASP B 48 25.41 -4.61 -4.63
C ASP B 48 25.12 -6.04 -4.13
N THR B 49 25.74 -6.48 -3.03
CA THR B 49 25.67 -7.88 -2.52
C THR B 49 25.87 -7.91 -1.00
N PHE B 50 25.44 -8.98 -0.34
CA PHE B 50 25.50 -9.05 1.14
C PHE B 50 26.96 -9.05 1.58
N GLU B 51 27.79 -9.59 0.70
CA GLU B 51 29.23 -9.90 0.93
C GLU B 51 30.04 -8.60 0.81
N SER B 52 29.58 -7.64 -0.01
CA SER B 52 30.35 -6.43 -0.40
C SER B 52 29.90 -5.18 0.37
N ASP B 53 29.10 -5.34 1.43
CA ASP B 53 28.65 -4.17 2.26
C ASP B 53 29.88 -3.34 2.62
N SER B 54 29.91 -2.05 2.24
CA SER B 54 31.02 -1.15 2.65
C SER B 54 30.58 0.31 2.67
N PRO B 55 29.86 0.74 3.71
CA PRO B 55 29.29 2.09 3.78
C PRO B 55 30.37 3.17 3.80
N ASN B 56 30.19 4.26 3.03
CA ASN B 56 31.10 5.43 3.05
C ASN B 56 31.03 6.07 4.42
N ARG B 57 32.07 6.79 4.85
CA ARG B 57 32.14 7.35 6.22
C ARG B 57 31.04 8.41 6.44
N ASP B 58 30.60 9.08 5.38
CA ASP B 58 29.58 10.15 5.47
C ASP B 58 28.16 9.58 5.43
N MET B 59 28.02 8.25 5.45
CA MET B 59 26.71 7.57 5.56
C MET B 59 26.54 6.94 6.96
N LEU B 60 27.52 7.12 7.84
CA LEU B 60 27.59 6.42 9.15
C LEU B 60 27.54 7.43 10.28
N PRO B 61 26.37 7.61 10.93
CA PRO B 61 26.32 8.25 12.23
C PRO B 61 27.33 7.65 13.20
N CYS B 62 27.83 8.47 14.13
CA CYS B 62 28.83 8.09 15.16
C CYS B 62 28.43 8.60 16.54
N TYR B 63 28.87 7.87 17.56
CA TYR B 63 28.81 8.32 18.97
C TYR B 63 29.54 9.67 19.09
N SER B 64 28.92 10.58 19.84
CA SER B 64 29.49 11.87 20.24
C SER B 64 30.00 11.69 21.68
N VAL B 65 31.15 12.26 22.00
CA VAL B 65 31.76 12.23 23.37
C VAL B 65 32.33 13.60 23.69
N ALA B 66 32.36 13.96 24.96
CA ALA B 66 32.92 15.23 25.46
C ALA B 66 33.61 14.95 26.79
N ARG B 67 34.91 15.20 26.87
CA ARG B 67 35.69 15.18 28.15
C ARG B 67 35.63 16.59 28.73
N ILE B 68 35.09 16.77 29.93
CA ILE B 68 34.98 18.11 30.60
C ILE B 68 35.97 18.13 31.76
N PRO B 69 36.97 19.05 31.78
CA PRO B 69 37.89 19.16 32.91
C PRO B 69 37.15 19.85 34.05
N LEU B 70 37.26 19.28 35.25
CA LEU B 70 36.60 19.82 36.46
C LEU B 70 37.63 20.57 37.30
N PRO B 71 37.17 21.44 38.23
CA PRO B 71 38.07 22.11 39.18
C PRO B 71 39.08 21.16 39.85
N ASN B 72 40.34 21.58 39.87
CA ASN B 72 41.49 20.69 40.26
C ASN B 72 41.42 20.35 41.75
N LEU B 73 41.83 19.14 42.14
CA LEU B 73 41.81 18.65 43.54
C LEU B 73 43.08 17.82 43.80
N ASN B 74 43.74 18.03 44.95
CA ASN B 74 44.63 17.04 45.59
C ASN B 74 45.98 16.99 44.85
N ILE B 82 42.46 11.71 49.87
CA ILE B 82 42.45 12.00 48.40
C ILE B 82 41.00 12.22 47.93
N LEU B 83 40.68 13.34 47.24
CA LEU B 83 39.27 13.72 46.85
C LEU B 83 39.04 13.51 45.36
N MET B 84 37.87 13.00 44.98
CA MET B 84 37.40 12.86 43.57
C MET B 84 36.00 13.47 43.43
N TRP B 85 35.69 14.01 42.25
CA TRP B 85 34.33 14.51 41.90
C TRP B 85 33.37 13.33 41.66
N GLU B 86 32.26 13.33 42.38
CA GLU B 86 31.15 12.34 42.29
C GLU B 86 29.99 12.98 41.51
N ALA B 87 29.66 12.45 40.33
CA ALA B 87 28.48 12.86 39.54
C ALA B 87 27.22 12.31 40.21
N VAL B 88 26.30 13.19 40.60
CA VAL B 88 25.15 12.83 41.48
C VAL B 88 23.84 12.83 40.71
N THR B 89 23.57 13.87 39.92
CA THR B 89 22.32 14.00 39.14
C THR B 89 22.63 14.43 37.71
N LEU B 90 21.74 14.07 36.80
CA LEU B 90 21.80 14.47 35.37
C LEU B 90 20.43 15.05 35.01
N LYS B 91 20.43 16.11 34.23
CA LYS B 91 19.26 16.57 33.43
C LYS B 91 19.74 16.57 31.99
N THR B 92 18.95 16.00 31.09
CA THR B 92 19.26 16.03 29.65
C THR B 92 17.96 16.21 28.89
N GLU B 93 18.01 16.84 27.72
CA GLU B 93 16.89 16.78 26.74
C GLU B 93 17.45 17.00 25.35
N VAL B 94 16.69 16.63 24.33
CA VAL B 94 17.09 16.86 22.92
C VAL B 94 16.80 18.31 22.57
N ILE B 95 17.78 19.00 21.98
CA ILE B 95 17.66 20.44 21.63
C ILE B 95 17.24 20.58 20.16
N GLY B 96 16.08 21.19 19.95
CA GLY B 96 15.64 21.56 18.58
C GLY B 96 14.66 20.55 18.01
N VAL B 97 13.76 20.03 18.86
CA VAL B 97 12.77 18.99 18.47
C VAL B 97 11.83 19.59 17.43
N THR B 98 11.43 20.85 17.59
CA THR B 98 10.41 21.51 16.74
C THR B 98 10.90 21.59 15.29
N SER B 99 12.23 21.54 15.07
CA SER B 99 12.82 21.63 13.71
C SER B 99 12.27 20.51 12.83
N LEU B 100 11.72 19.47 13.45
CA LEU B 100 11.22 18.25 12.75
C LEU B 100 9.84 18.52 12.17
N MET B 101 9.24 19.66 12.48
CA MET B 101 7.97 20.10 11.85
C MET B 101 8.22 20.75 10.49
N ASN B 102 9.47 20.91 10.04
CA ASN B 102 9.77 21.53 8.73
C ASN B 102 9.44 20.52 7.63
N VAL B 103 8.22 20.56 7.14
CA VAL B 103 7.67 19.60 6.14
C VAL B 103 7.60 20.25 4.76
N HIS B 104 8.34 21.32 4.51
CA HIS B 104 8.24 22.14 3.27
C HIS B 104 9.57 22.30 2.51
N SER B 105 10.67 21.72 3.00
CA SER B 105 12.06 21.96 2.51
C SER B 105 12.45 20.84 1.55
N ASN B 106 11.87 20.85 0.36
CA ASN B 106 12.15 19.89 -0.74
C ASN B 106 12.02 18.45 -0.25
N GLY B 107 11.00 18.15 0.58
CA GLY B 107 10.71 16.80 1.07
C GLY B 107 9.99 15.90 0.07
N GLN B 108 9.38 14.81 0.53
CA GLN B 108 8.56 13.97 -0.37
C GLN B 108 7.07 14.10 -0.05
N ALA B 109 6.32 14.84 -0.87
CA ALA B 109 4.85 14.95 -0.78
C ALA B 109 4.36 13.56 -0.50
N THR B 110 3.64 13.37 0.61
CA THR B 110 2.98 12.11 0.99
C THR B 110 1.94 11.73 -0.07
N HIS B 111 1.38 12.69 -0.81
CA HIS B 111 0.33 12.47 -1.84
C HIS B 111 0.08 13.77 -2.60
N ASP B 112 -0.74 13.75 -3.66
CA ASP B 112 -1.00 14.98 -4.45
C ASP B 112 -1.41 16.12 -3.51
N ASN B 113 -0.60 17.20 -3.51
CA ASN B 113 -0.81 18.46 -2.73
C ASN B 113 -0.58 18.18 -1.24
N GLY B 114 -0.04 17.01 -0.91
CA GLY B 114 0.38 16.70 0.46
C GLY B 114 1.61 17.52 0.85
N ALA B 115 1.74 17.77 2.14
CA ALA B 115 2.95 18.31 2.76
C ALA B 115 4.05 17.28 2.57
N GLY B 116 5.28 17.60 2.91
CA GLY B 116 6.37 16.63 2.81
C GLY B 116 6.24 15.58 3.89
N LYS B 117 6.66 14.36 3.60
CA LYS B 117 6.73 13.31 4.65
C LYS B 117 7.74 13.79 5.68
N PRO B 118 7.38 13.88 6.98
CA PRO B 118 8.26 14.44 7.98
C PRO B 118 9.35 13.44 8.32
N VAL B 119 10.44 13.91 8.94
CA VAL B 119 11.48 13.04 9.54
C VAL B 119 10.75 11.99 10.37
N GLN B 120 11.08 10.72 10.13
CA GLN B 120 10.54 9.56 10.89
C GLN B 120 11.44 8.35 10.66
N GLY B 121 11.19 7.27 11.38
CA GLY B 121 11.86 5.98 11.15
C GLY B 121 12.90 5.66 12.20
N THR B 122 13.73 4.66 11.92
CA THR B 122 14.72 4.05 12.83
C THR B 122 15.44 5.14 13.62
N SER B 123 15.47 5.01 14.94
CA SER B 123 15.93 6.04 15.89
C SER B 123 16.78 5.36 16.96
N PHE B 124 17.91 5.94 17.33
CA PHE B 124 18.69 5.57 18.53
C PHE B 124 18.92 6.82 19.38
N HIS B 125 18.28 6.89 20.54
CA HIS B 125 18.50 7.95 21.55
C HIS B 125 19.22 7.29 22.73
N PHE B 126 20.42 7.78 23.02
CA PHE B 126 21.39 7.21 23.98
C PHE B 126 22.17 8.35 24.63
N PHE B 127 22.49 8.21 25.92
CA PHE B 127 23.34 9.17 26.66
C PHE B 127 23.90 8.51 27.93
N SER B 128 25.15 8.85 28.25
CA SER B 128 25.93 8.28 29.37
C SER B 128 26.59 9.41 30.17
N VAL B 129 26.78 9.20 31.48
CA VAL B 129 27.61 10.07 32.36
C VAL B 129 28.63 9.17 33.08
N GLY B 130 29.92 9.47 32.91
CA GLY B 130 31.02 8.61 33.37
C GLY B 130 32.17 9.40 33.97
N GLY B 131 32.85 8.79 34.95
CA GLY B 131 34.15 9.22 35.50
C GLY B 131 35.33 8.85 34.60
N GLU B 132 35.04 8.19 33.48
CA GLU B 132 36.05 7.78 32.46
C GLU B 132 35.29 7.52 31.16
N ALA B 133 36.01 7.22 30.08
CA ALA B 133 35.38 6.95 28.77
C ALA B 133 34.29 5.88 28.92
N LEU B 134 33.19 6.04 28.18
CA LEU B 134 32.27 4.90 27.91
C LEU B 134 33.08 3.75 27.34
N GLU B 135 32.87 2.55 27.84
CA GLU B 135 33.50 1.31 27.33
C GLU B 135 32.55 0.62 26.35
N LEU B 136 33.04 0.31 25.15
CA LEU B 136 32.25 -0.24 24.03
C LEU B 136 32.57 -1.72 23.78
N GLN B 137 31.52 -2.49 23.47
CA GLN B 137 31.58 -3.84 22.87
C GLN B 137 31.18 -3.71 21.40
N GLY B 138 31.96 -4.30 20.50
CA GLY B 138 31.59 -4.36 19.09
C GLY B 138 30.61 -5.49 18.85
N VAL B 139 29.55 -5.20 18.11
CA VAL B 139 28.65 -6.23 17.52
C VAL B 139 28.34 -5.79 16.11
N LEU B 140 28.41 -6.74 15.17
CA LEU B 140 28.27 -6.45 13.73
C LEU B 140 26.96 -7.05 13.23
N PHE B 141 26.20 -6.31 12.42
CA PHE B 141 25.03 -6.88 11.73
C PHE B 141 25.53 -7.90 10.73
N ASN B 142 26.57 -7.54 9.98
CA ASN B 142 27.19 -8.42 8.96
C ASN B 142 28.70 -8.34 9.16
N TYR B 143 29.39 -9.43 9.52
CA TYR B 143 30.84 -9.37 9.88
C TYR B 143 31.74 -9.02 8.68
N ARG B 144 31.25 -9.23 7.45
CA ARG B 144 32.03 -8.94 6.21
C ARG B 144 31.83 -7.48 5.79
N THR B 145 30.98 -6.75 6.51
CA THR B 145 30.82 -5.28 6.30
C THR B 145 32.23 -4.70 6.46
N LYS B 146 32.73 -3.95 5.47
CA LYS B 146 34.04 -3.23 5.54
C LYS B 146 33.79 -1.82 6.02
N TYR B 147 34.10 -1.50 7.28
CA TYR B 147 33.85 -0.14 7.82
C TYR B 147 34.90 0.79 7.23
N PRO B 148 34.53 2.04 6.86
CA PRO B 148 35.33 2.87 5.99
C PRO B 148 36.51 3.49 6.76
N ASP B 149 37.62 3.61 6.05
CA ASP B 149 38.82 4.41 6.40
C ASP B 149 38.40 5.69 7.13
N GLY B 150 38.85 5.88 8.37
CA GLY B 150 38.64 7.13 9.12
C GLY B 150 37.74 6.93 10.33
N THR B 151 37.13 5.75 10.44
CA THR B 151 36.29 5.32 11.58
C THR B 151 37.04 4.23 12.35
N ILE B 152 36.85 4.15 13.65
CA ILE B 152 37.40 3.08 14.52
C ILE B 152 36.34 1.98 14.59
N PHE B 153 36.64 0.80 14.09
CA PHE B 153 35.66 -0.31 13.99
C PHE B 153 36.25 -1.58 14.58
N PRO B 154 35.42 -2.59 14.89
CA PRO B 154 35.89 -3.92 15.29
C PRO B 154 36.90 -4.50 14.30
N LYS B 155 38.07 -4.87 14.81
CA LYS B 155 39.18 -5.44 14.01
C LYS B 155 39.16 -6.96 14.21
N ASN B 156 39.57 -7.73 13.19
CA ASN B 156 39.64 -9.21 13.21
C ASN B 156 38.24 -9.78 13.35
N ALA B 157 37.31 -9.21 12.58
CA ALA B 157 35.91 -9.68 12.52
C ALA B 157 35.91 -11.15 12.11
N THR B 158 35.17 -11.95 12.86
CA THR B 158 34.84 -13.35 12.54
C THR B 158 33.31 -13.43 12.45
N VAL B 159 32.79 -14.52 11.92
CA VAL B 159 31.33 -14.73 11.93
C VAL B 159 30.82 -14.54 13.38
N GLN B 160 31.56 -14.97 14.40
CA GLN B 160 31.12 -14.83 15.82
C GLN B 160 30.91 -13.36 16.15
N SER B 161 31.59 -12.44 15.45
CA SER B 161 31.44 -10.98 15.67
C SER B 161 29.95 -10.58 15.53
N GLN B 162 29.21 -11.27 14.65
CA GLN B 162 27.77 -11.06 14.35
C GLN B 162 26.87 -11.30 15.59
N VAL B 163 27.30 -12.11 16.57
CA VAL B 163 26.44 -12.36 17.76
C VAL B 163 27.14 -11.87 19.02
N MET B 164 28.40 -12.24 19.16
CA MET B 164 29.28 -11.78 20.25
C MET B 164 30.72 -12.26 20.05
N ASN B 165 31.68 -11.36 20.22
CA ASN B 165 33.13 -11.67 20.08
C ASN B 165 33.91 -10.74 21.02
N THR B 166 34.41 -11.25 22.14
CA THR B 166 34.99 -10.45 23.24
C THR B 166 36.29 -9.77 22.80
N GLU B 167 36.83 -10.07 21.63
CA GLU B 167 37.99 -9.31 21.07
C GLU B 167 37.61 -7.83 20.95
N HIS B 168 36.39 -7.52 20.47
CA HIS B 168 35.94 -6.15 20.08
C HIS B 168 35.63 -5.29 21.31
N LYS B 169 36.64 -4.94 22.09
CA LYS B 169 36.53 -3.91 23.14
C LYS B 169 37.19 -2.61 22.62
N ALA B 170 36.78 -1.46 23.19
CA ALA B 170 37.23 -0.13 22.77
C ALA B 170 36.73 0.94 23.74
N TYR B 171 37.36 2.12 23.73
CA TYR B 171 36.98 3.28 24.56
C TYR B 171 36.38 4.36 23.66
N LEU B 172 35.22 4.92 24.04
CA LEU B 172 34.65 6.11 23.36
C LEU B 172 35.46 7.32 23.79
N ASP B 173 36.58 7.52 23.10
CA ASP B 173 37.65 8.49 23.43
C ASP B 173 37.87 9.47 22.27
N LYS B 174 37.06 9.42 21.22
CA LYS B 174 37.26 10.23 20.00
C LYS B 174 35.92 10.50 19.27
N ASN B 175 35.75 11.71 18.75
CA ASN B 175 34.53 12.10 18.03
C ASN B 175 34.67 11.76 16.55
N LYS B 176 33.53 11.69 15.87
CA LYS B 176 33.47 11.46 14.41
C LYS B 176 34.22 10.17 14.11
N ALA B 177 34.32 9.27 15.10
CA ALA B 177 35.23 8.11 15.07
C ALA B 177 34.44 6.79 15.10
N TYR B 178 33.63 6.57 16.14
CA TYR B 178 33.03 5.25 16.43
C TYR B 178 31.64 5.19 15.82
N PRO B 179 31.46 4.48 14.68
CA PRO B 179 30.13 4.35 14.08
C PRO B 179 29.14 3.82 15.12
N VAL B 180 27.88 4.24 15.06
CA VAL B 180 26.83 3.82 16.01
C VAL B 180 26.52 2.34 15.78
N GLU B 181 26.59 1.88 14.52
CA GLU B 181 25.95 0.60 14.12
C GLU B 181 26.85 -0.59 14.42
N CYS B 182 28.03 -0.39 14.99
CA CYS B 182 28.96 -1.52 15.26
C CYS B 182 29.51 -1.45 16.69
N TRP B 183 29.03 -0.50 17.50
CA TRP B 183 29.45 -0.34 18.92
C TRP B 183 28.23 -0.16 19.81
N VAL B 184 28.25 -0.79 20.98
CA VAL B 184 27.24 -0.54 22.07
C VAL B 184 27.99 -0.44 23.38
N PRO B 185 27.42 0.20 24.39
CA PRO B 185 27.97 0.13 25.74
C PRO B 185 28.19 -1.34 26.10
N ASP B 186 29.37 -1.65 26.64
CA ASP B 186 29.80 -3.00 27.06
C ASP B 186 29.26 -3.26 28.45
N PRO B 187 28.26 -4.14 28.61
CA PRO B 187 27.54 -4.28 29.86
C PRO B 187 28.38 -5.02 30.89
N THR B 188 29.47 -5.65 30.44
CA THR B 188 30.43 -6.41 31.30
C THR B 188 31.43 -5.45 31.94
N ARG B 189 31.40 -4.18 31.56
CA ARG B 189 32.31 -3.14 32.10
C ARG B 189 31.44 -1.95 32.50
N ASN B 190 31.97 -0.73 32.43
CA ASN B 190 31.23 0.53 32.66
C ASN B 190 30.73 0.59 34.10
N GLU B 191 31.48 0.00 35.04
CA GLU B 191 31.26 0.16 36.50
C GLU B 191 31.17 1.66 36.80
N ASN B 192 32.01 2.49 36.18
CA ASN B 192 32.20 3.91 36.56
C ASN B 192 31.39 4.84 35.64
N THR B 193 30.42 4.31 34.89
CA THR B 193 29.54 5.08 33.99
C THR B 193 28.08 4.69 34.26
N ARG B 194 27.15 5.61 34.03
CA ARG B 194 25.69 5.33 34.01
C ARG B 194 25.22 5.60 32.59
N TYR B 195 24.78 4.57 31.86
CA TYR B 195 24.39 4.71 30.44
C TYR B 195 22.92 4.31 30.31
N PHE B 196 22.24 4.97 29.39
CA PHE B 196 20.81 4.75 29.07
C PHE B 196 20.64 4.97 27.58
N GLY B 197 20.03 4.02 26.89
CA GLY B 197 19.67 4.23 25.48
C GLY B 197 18.49 3.39 25.06
N THR B 198 17.89 3.73 23.92
CA THR B 198 16.75 3.00 23.34
C THR B 198 16.88 2.99 21.83
N LEU B 199 16.79 1.81 21.23
CA LEU B 199 16.58 1.68 19.77
C LEU B 199 15.08 1.43 19.53
N THR B 200 14.48 2.27 18.70
CA THR B 200 13.20 1.97 18.00
C THR B 200 13.47 1.80 16.50
N GLY B 201 13.26 0.59 15.98
CA GLY B 201 13.52 0.24 14.56
C GLY B 201 12.23 0.22 13.76
N GLY B 202 12.29 0.53 12.46
CA GLY B 202 11.12 0.57 11.56
C GLY B 202 11.09 1.86 10.76
N GLU B 203 10.78 1.77 9.45
CA GLU B 203 10.87 2.90 8.51
C GLU B 203 9.81 3.96 8.85
N ASN B 204 8.74 3.59 9.55
CA ASN B 204 7.56 4.46 9.79
C ASN B 204 7.46 4.82 11.27
N VAL B 205 8.44 4.44 12.08
CA VAL B 205 8.39 4.77 13.53
C VAL B 205 8.25 6.28 13.67
N PRO B 206 7.17 6.78 14.27
CA PRO B 206 7.02 8.21 14.55
C PRO B 206 7.95 8.66 15.68
N PRO B 207 8.73 9.75 15.45
CA PRO B 207 9.52 10.37 16.51
C PRO B 207 8.57 10.82 17.61
N VAL B 208 9.00 10.63 18.85
CA VAL B 208 8.30 11.08 20.08
C VAL B 208 9.37 11.63 20.99
N LEU B 209 9.50 12.94 21.02
CA LEU B 209 10.53 13.65 21.78
C LEU B 209 9.85 14.53 22.81
N HIS B 210 10.04 14.20 24.10
CA HIS B 210 9.60 14.99 25.26
C HIS B 210 10.73 15.98 25.61
N ILE B 211 10.36 17.20 26.01
CA ILE B 211 11.31 18.20 26.57
C ILE B 211 10.72 18.68 27.88
N THR B 212 11.57 18.90 28.89
CA THR B 212 11.14 19.51 30.17
C THR B 212 12.38 19.83 30.99
N ASN B 213 12.36 20.94 31.71
CA ASN B 213 13.47 21.27 32.63
C ASN B 213 13.10 20.82 34.05
N THR B 214 12.17 19.88 34.21
CA THR B 214 11.64 19.47 35.54
C THR B 214 12.06 18.05 35.90
N ALA B 215 12.72 17.34 34.99
CA ALA B 215 13.04 15.91 35.13
C ALA B 215 14.52 15.75 35.47
N THR B 216 14.83 15.35 36.70
CA THR B 216 16.21 15.01 37.13
C THR B 216 16.36 13.50 37.15
N THR B 217 17.51 12.96 36.74
CA THR B 217 17.86 11.52 36.79
C THR B 217 19.02 11.32 37.76
N VAL B 218 18.90 10.40 38.72
CA VAL B 218 19.94 10.25 39.79
C VAL B 218 21.00 9.28 39.26
N LEU B 219 22.27 9.52 39.54
CA LEU B 219 23.41 8.73 38.97
C LEU B 219 24.03 7.82 40.03
N LEU B 220 23.49 7.80 41.24
CA LEU B 220 23.98 6.96 42.37
C LEU B 220 23.59 5.50 42.12
N ASP B 221 24.44 4.58 42.54
CA ASP B 221 24.25 3.11 42.42
C ASP B 221 23.57 2.59 43.68
N GLU B 222 23.41 1.26 43.80
CA GLU B 222 22.74 0.59 44.95
C GLU B 222 23.42 1.01 46.27
N PHE B 223 24.68 1.46 46.25
CA PHE B 223 25.47 1.86 47.44
C PHE B 223 25.54 3.39 47.59
N GLY B 224 24.76 4.16 46.84
CA GLY B 224 24.71 5.62 46.98
C GLY B 224 25.98 6.33 46.49
N VAL B 225 26.76 5.67 45.63
CA VAL B 225 27.96 6.23 44.94
C VAL B 225 27.66 6.49 43.46
N GLY B 226 27.88 7.71 43.00
CA GLY B 226 27.80 8.09 41.58
C GLY B 226 29.11 7.75 40.87
N PRO B 227 29.21 7.97 39.54
CA PRO B 227 30.49 7.91 38.85
C PRO B 227 31.53 8.82 39.53
N LEU B 228 32.78 8.34 39.57
CA LEU B 228 33.95 9.07 40.18
C LEU B 228 34.88 9.51 39.05
N CYS B 229 35.15 10.80 38.96
CA CYS B 229 35.83 11.44 37.81
C CYS B 229 37.35 11.30 37.93
N LYS B 230 37.90 10.16 37.47
CA LYS B 230 39.35 9.92 37.30
C LYS B 230 39.99 11.08 36.51
N GLY B 231 41.10 11.61 37.00
CA GLY B 231 41.87 12.66 36.30
C GLY B 231 41.16 14.00 36.35
N ASP B 232 40.20 14.17 37.27
CA ASP B 232 39.36 15.38 37.39
C ASP B 232 38.67 15.65 36.05
N ASN B 233 38.19 14.58 35.40
CA ASN B 233 37.48 14.61 34.10
C ASN B 233 36.10 13.95 34.21
N LEU B 234 35.09 14.58 33.60
CA LEU B 234 33.72 14.03 33.45
C LEU B 234 33.52 13.71 31.98
N TYR B 235 32.96 12.52 31.68
CA TYR B 235 32.79 12.01 30.29
C TYR B 235 31.30 11.92 29.95
N LEU B 236 30.85 12.84 29.11
CA LEU B 236 29.49 12.84 28.53
C LEU B 236 29.58 12.20 27.14
N SER B 237 28.80 11.13 26.96
CA SER B 237 28.60 10.45 25.66
C SER B 237 27.11 10.51 25.29
N ALA B 238 26.79 10.54 23.99
CA ALA B 238 25.40 10.68 23.50
C ALA B 238 25.29 10.28 22.04
N VAL B 239 24.12 9.74 21.65
CA VAL B 239 23.69 9.60 20.23
C VAL B 239 22.21 9.94 20.19
N ASP B 240 21.76 10.69 19.20
CA ASP B 240 20.32 11.00 19.03
C ASP B 240 19.97 11.01 17.53
N VAL B 241 20.12 9.85 16.89
CA VAL B 241 19.63 9.62 15.50
C VAL B 241 18.11 9.65 15.61
N CYS B 242 17.45 10.68 15.07
CA CYS B 242 16.03 10.98 15.33
C CYS B 242 15.15 10.19 14.37
N GLY B 243 15.73 9.80 13.24
CA GLY B 243 15.01 9.20 12.10
C GLY B 243 15.72 9.51 10.80
N MET B 244 15.03 9.41 9.67
CA MET B 244 15.56 9.82 8.36
C MET B 244 14.73 10.96 7.79
N PHE B 245 15.42 11.89 7.13
CA PHE B 245 14.80 12.90 6.24
C PHE B 245 14.62 12.26 4.88
N THR B 246 13.40 12.24 4.35
CA THR B 246 13.12 11.75 2.97
C THR B 246 13.07 12.95 2.03
N ASN B 247 14.09 13.03 1.17
CA ASN B 247 14.21 14.02 0.06
C ASN B 247 13.09 13.79 -0.96
N ARG B 248 12.84 14.79 -1.81
CA ARG B 248 11.82 14.78 -2.89
C ARG B 248 12.00 13.53 -3.75
N SER B 249 13.24 13.13 -4.03
CA SER B 249 13.60 11.98 -4.89
C SER B 249 13.24 10.65 -4.24
N GLY B 250 12.99 10.68 -2.92
CA GLY B 250 12.83 9.47 -2.09
C GLY B 250 14.11 9.13 -1.34
N SER B 251 15.26 9.67 -1.75
CA SER B 251 16.59 9.37 -1.13
C SER B 251 16.55 9.80 0.34
N GLN B 252 17.15 9.04 1.24
CA GLN B 252 16.98 9.26 2.70
C GLN B 252 18.34 9.55 3.35
N GLN B 253 18.35 10.56 4.25
CA GLN B 253 19.51 10.96 5.09
C GLN B 253 19.11 10.84 6.55
N TRP B 254 19.88 10.12 7.36
CA TRP B 254 19.76 10.19 8.83
C TRP B 254 19.71 11.67 9.24
N ARG B 255 18.93 12.04 10.25
CA ARG B 255 18.96 13.42 10.82
C ARG B 255 19.14 13.34 12.34
N GLY B 256 20.07 14.12 12.86
CA GLY B 256 20.45 14.08 14.28
C GLY B 256 20.11 15.38 14.96
N LEU B 257 20.10 15.39 16.29
CA LEU B 257 19.93 16.62 17.10
C LEU B 257 20.87 16.60 18.30
N SER B 258 21.28 17.80 18.71
CA SER B 258 22.16 18.02 19.88
C SER B 258 21.44 17.56 21.16
N ARG B 259 22.22 17.17 22.17
CA ARG B 259 21.69 16.81 23.52
C ARG B 259 22.32 17.73 24.56
N TYR B 260 21.48 18.38 25.37
CA TYR B 260 21.88 19.17 26.56
C TYR B 260 22.17 18.21 27.73
N PHE B 261 23.23 18.50 28.49
CA PHE B 261 23.55 17.85 29.78
C PHE B 261 23.72 18.90 30.87
N LYS B 262 23.24 18.64 32.07
CA LYS B 262 23.58 19.43 33.27
C LYS B 262 23.83 18.42 34.39
N VAL B 263 25.07 18.30 34.85
CA VAL B 263 25.45 17.28 35.86
C VAL B 263 25.84 18.00 37.15
N GLN B 264 25.11 17.73 38.23
CA GLN B 264 25.52 18.05 39.62
C GLN B 264 26.67 17.12 40.00
N LEU B 265 27.71 17.65 40.61
CA LEU B 265 28.85 16.86 41.12
C LEU B 265 29.09 17.25 42.58
N ARG B 266 29.61 16.33 43.40
CA ARG B 266 30.08 16.64 44.77
C ARG B 266 31.43 15.95 44.99
N LYS B 267 32.09 16.22 46.12
CA LYS B 267 33.43 15.67 46.44
C LYS B 267 33.23 14.46 47.35
N ARG B 268 33.96 13.39 47.04
CA ARG B 268 33.90 12.16 47.84
C ARG B 268 35.34 11.80 48.24
N ARG B 269 35.57 11.53 49.52
CA ARG B 269 36.88 11.03 50.00
C ARG B 269 37.07 9.59 49.48
N VAL B 270 38.29 9.24 49.05
CA VAL B 270 38.63 7.97 48.32
C VAL B 270 40.04 7.51 48.77
N LYS B 271 40.28 6.21 48.97
CA LYS B 271 41.64 5.59 49.05
C LYS B 271 42.06 5.03 47.68
N GLU C 8 17.44 35.77 46.34
CA GLU C 8 17.64 34.80 47.50
C GLU C 8 16.28 34.54 48.17
N VAL C 9 15.86 33.27 48.23
CA VAL C 9 14.44 32.88 48.49
C VAL C 9 14.30 32.53 49.97
N LEU C 10 13.49 33.29 50.69
CA LEU C 10 13.20 33.09 52.13
C LEU C 10 11.91 32.30 52.25
N GLU C 11 11.23 32.37 53.40
CA GLU C 11 10.16 31.41 53.78
C GLU C 11 8.84 31.82 53.10
N VAL C 12 7.88 30.89 53.05
CA VAL C 12 6.54 31.08 52.42
C VAL C 12 5.68 31.86 53.40
N LYS C 13 5.16 33.03 53.01
CA LYS C 13 4.16 33.77 53.83
C LYS C 13 2.85 32.99 53.77
N THR C 14 2.28 32.62 54.92
CA THR C 14 0.91 32.03 55.08
C THR C 14 0.01 33.09 55.74
N GLY C 15 -1.28 32.79 55.87
CA GLY C 15 -2.27 33.74 56.43
C GLY C 15 -3.51 33.86 55.55
N VAL C 16 -4.37 34.84 55.83
CA VAL C 16 -5.76 34.94 55.31
C VAL C 16 -5.74 35.24 53.80
N ASP C 17 -4.72 35.93 53.29
CA ASP C 17 -4.70 36.37 51.87
C ASP C 17 -3.30 36.11 51.31
N SER C 18 -2.83 34.86 51.40
CA SER C 18 -1.46 34.47 50.97
C SER C 18 -1.53 33.72 49.63
N ILE C 19 -2.75 33.38 49.22
CA ILE C 19 -2.95 32.57 47.99
C ILE C 19 -3.80 33.33 46.97
N THR C 20 -3.56 33.09 45.67
CA THR C 20 -4.37 33.66 44.55
C THR C 20 -4.38 32.67 43.38
N GLU C 21 -5.26 32.89 42.39
CA GLU C 21 -5.48 32.00 41.22
C GLU C 21 -5.59 32.84 39.95
N VAL C 22 -4.79 32.52 38.95
CA VAL C 22 -5.00 32.91 37.54
C VAL C 22 -5.65 31.73 36.84
N GLU C 23 -6.58 32.02 35.95
CA GLU C 23 -7.32 31.04 35.13
C GLU C 23 -7.58 31.73 33.79
N CYS C 24 -6.87 31.37 32.74
CA CYS C 24 -7.19 31.91 31.40
C CYS C 24 -7.07 30.82 30.34
N PHE C 25 -7.40 31.16 29.09
CA PHE C 25 -7.18 30.31 27.89
C PHE C 25 -6.22 31.07 26.98
N LEU C 26 -5.35 30.36 26.25
CA LEU C 26 -4.49 30.91 25.17
C LEU C 26 -5.02 30.39 23.84
N THR C 27 -5.15 31.22 22.83
CA THR C 27 -5.61 30.77 21.49
C THR C 27 -4.39 30.34 20.70
N PRO C 28 -4.60 29.49 19.68
CA PRO C 28 -3.51 29.08 18.81
C PRO C 28 -3.27 30.02 17.63
N GLU C 29 -2.02 30.39 17.38
CA GLU C 29 -1.71 31.18 16.17
C GLU C 29 -1.07 30.22 15.18
N MET C 30 -1.82 29.78 14.16
CA MET C 30 -1.30 28.72 13.26
C MET C 30 -1.01 29.25 11.86
N GLY C 31 -1.16 30.55 11.62
CA GLY C 31 -0.95 31.12 10.28
C GLY C 31 -2.12 32.00 9.91
N ASP C 32 -3.33 31.61 10.30
CA ASP C 32 -4.57 32.38 10.05
C ASP C 32 -4.56 32.93 8.63
N PRO C 33 -4.79 32.06 7.63
CA PRO C 33 -4.73 32.48 6.24
C PRO C 33 -5.66 33.65 5.89
N ASP C 34 -6.97 33.47 6.06
CA ASP C 34 -7.92 34.53 5.68
C ASP C 34 -8.94 34.74 6.81
N GLU C 35 -9.85 35.69 6.65
CA GLU C 35 -10.88 36.00 7.68
C GLU C 35 -11.66 34.82 8.26
N HIS C 36 -11.61 33.66 7.61
CA HIS C 36 -12.54 32.52 7.82
C HIS C 36 -11.86 31.27 8.38
N LEU C 37 -10.55 31.31 8.59
CA LEU C 37 -9.70 30.10 8.84
C LEU C 37 -8.83 30.29 10.07
N ARG C 38 -9.30 31.06 11.05
CA ARG C 38 -8.62 31.20 12.36
C ARG C 38 -8.47 29.81 12.97
N GLY C 39 -7.26 29.42 13.35
CA GLY C 39 -6.96 28.11 13.93
C GLY C 39 -6.42 27.15 12.89
N PHE C 40 -6.34 27.57 11.63
CA PHE C 40 -5.69 26.79 10.57
C PHE C 40 -4.44 27.53 10.12
N SER C 41 -3.58 26.82 9.40
CA SER C 41 -2.51 27.42 8.55
C SER C 41 -3.02 27.46 7.14
N LYS C 42 -2.26 28.10 6.27
CA LYS C 42 -2.51 28.10 4.82
C LYS C 42 -2.09 26.73 4.34
N SER C 43 -2.76 26.24 3.31
CA SER C 43 -2.42 24.95 2.68
C SER C 43 -0.92 24.95 2.37
N ILE C 44 -0.22 23.95 2.91
CA ILE C 44 1.26 23.80 2.94
C ILE C 44 1.77 23.55 1.55
N SER C 45 2.82 24.25 1.13
CA SER C 45 3.50 24.00 -0.18
C SER C 45 4.92 23.56 0.14
N ILE C 46 5.60 22.96 -0.83
CA ILE C 46 6.99 22.45 -0.66
C ILE C 46 7.94 23.16 -1.62
N SER C 47 9.08 23.63 -1.12
CA SER C 47 10.05 24.40 -1.93
C SER C 47 10.43 23.62 -3.21
N ASP C 48 10.68 24.39 -4.27
CA ASP C 48 11.16 23.92 -5.59
C ASP C 48 12.50 23.19 -5.37
N THR C 49 13.29 23.58 -4.36
CA THR C 49 14.65 23.04 -4.08
C THR C 49 14.99 23.15 -2.60
N PHE C 50 15.95 22.38 -2.12
CA PHE C 50 16.30 22.33 -0.67
C PHE C 50 16.84 23.69 -0.27
N GLU C 51 17.46 24.37 -1.22
CA GLU C 51 18.24 25.61 -1.04
C GLU C 51 17.26 26.79 -0.94
N SER C 52 16.10 26.70 -1.57
CA SER C 52 15.15 27.83 -1.76
C SER C 52 13.97 27.74 -0.78
N ASP C 53 14.03 26.90 0.25
CA ASP C 53 12.96 26.80 1.28
C ASP C 53 12.66 28.22 1.77
N SER C 54 11.42 28.70 1.63
CA SER C 54 11.01 30.03 2.17
C SER C 54 9.51 30.08 2.44
N PRO C 55 9.05 29.48 3.55
CA PRO C 55 7.63 29.45 3.87
C PRO C 55 7.01 30.83 4.07
N ASN C 56 5.81 31.07 3.51
CA ASN C 56 4.99 32.29 3.76
C ASN C 56 4.61 32.34 5.24
N ARG C 57 4.37 33.51 5.77
CA ARG C 57 4.11 33.69 7.23
C ARG C 57 2.83 32.97 7.66
N ASP C 58 1.87 32.82 6.75
CA ASP C 58 0.54 32.21 7.04
C ASP C 58 0.62 30.68 6.92
N MET C 59 1.81 30.13 6.68
CA MET C 59 2.05 28.67 6.65
C MET C 59 2.80 28.22 7.91
N LEU C 60 3.09 29.15 8.81
CA LEU C 60 3.98 28.93 9.98
C LEU C 60 3.22 29.14 11.28
N PRO C 61 2.82 28.04 11.94
CA PRO C 61 2.40 28.10 13.34
C PRO C 61 3.46 28.81 14.19
N CYS C 62 3.02 29.50 15.24
CA CYS C 62 3.88 30.25 16.19
C CYS C 62 3.52 29.97 17.64
N TYR C 63 4.51 30.07 18.52
CA TYR C 63 4.32 30.02 19.99
C TYR C 63 3.33 31.12 20.36
N SER C 64 2.41 30.77 21.25
CA SER C 64 1.43 31.70 21.87
C SER C 64 1.98 32.03 23.27
N VAL C 65 1.86 33.30 23.69
CA VAL C 65 2.31 33.77 25.03
C VAL C 65 1.27 34.73 25.60
N ALA C 66 1.18 34.80 26.93
CA ALA C 66 0.23 35.67 27.65
C ALA C 66 0.85 36.15 28.96
N ARG C 67 0.99 37.47 29.15
CA ARG C 67 1.49 38.07 30.41
C ARG C 67 0.29 38.40 31.29
N ILE C 68 0.18 37.83 32.48
CA ILE C 68 -0.98 38.07 33.39
C ILE C 68 -0.51 38.92 34.57
N PRO C 69 -1.07 40.14 34.79
CA PRO C 69 -0.68 40.98 35.92
C PRO C 69 -1.34 40.43 37.18
N LEU C 70 -0.57 40.30 38.25
CA LEU C 70 -1.05 39.77 39.56
C LEU C 70 -1.25 40.92 40.54
N PRO C 71 -1.99 40.71 41.64
CA PRO C 71 -2.08 41.68 42.73
C PRO C 71 -0.73 42.24 43.20
N ASN C 72 -0.64 43.55 43.36
CA ASN C 72 0.56 44.28 43.85
C ASN C 72 0.87 43.87 45.30
N LEU C 73 2.15 43.82 45.69
CA LEU C 73 2.59 43.44 47.07
C LEU C 73 3.51 44.46 47.76
N ILE C 82 10.56 42.00 51.07
CA ILE C 82 10.08 42.07 49.65
C ILE C 82 9.35 40.75 49.32
N LEU C 83 8.10 40.80 48.85
CA LEU C 83 7.25 39.61 48.53
C LEU C 83 7.13 39.44 47.02
N MET C 84 7.17 38.19 46.55
CA MET C 84 6.91 37.81 45.13
C MET C 84 5.87 36.68 45.09
N TRP C 85 5.08 36.64 44.01
CA TRP C 85 4.12 35.52 43.78
C TRP C 85 4.89 34.28 43.30
N GLU C 86 4.68 33.16 43.98
CA GLU C 86 5.23 31.81 43.67
C GLU C 86 4.14 30.99 42.99
N ALA C 87 4.34 30.59 41.73
CA ALA C 87 3.44 29.66 41.01
C ALA C 87 3.67 28.25 41.54
N VAL C 88 2.63 27.63 42.08
CA VAL C 88 2.75 26.37 42.87
C VAL C 88 2.19 25.18 42.08
N THR C 89 0.99 25.31 41.52
CA THR C 89 0.34 24.22 40.76
C THR C 89 -0.21 24.74 39.44
N LEU C 90 -0.30 23.86 38.46
CA LEU C 90 -0.93 24.10 37.14
C LEU C 90 -1.96 23.01 36.88
N LYS C 91 -3.08 23.39 36.29
CA LYS C 91 -4.01 22.49 35.57
C LYS C 91 -4.10 23.04 34.17
N THR C 92 -3.97 22.20 33.17
CA THR C 92 -4.11 22.63 31.76
C THR C 92 -4.79 21.50 30.99
N GLU C 93 -5.53 21.84 29.94
CA GLU C 93 -6.03 20.85 28.97
C GLU C 93 -6.28 21.56 27.65
N VAL C 94 -6.40 20.82 26.58
CA VAL C 94 -6.75 21.38 25.24
C VAL C 94 -8.26 21.58 25.21
N ILE C 95 -8.67 22.77 24.77
CA ILE C 95 -10.13 23.11 24.68
C ILE C 95 -10.63 22.86 23.27
N GLY C 96 -11.61 21.95 23.16
CA GLY C 96 -12.33 21.71 21.91
C GLY C 96 -11.78 20.51 21.17
N VAL C 97 -11.44 19.46 21.92
CA VAL C 97 -10.84 18.20 21.38
C VAL C 97 -11.86 17.55 20.45
N THR C 98 -13.15 17.57 20.82
CA THR C 98 -14.22 16.85 20.08
C THR C 98 -14.36 17.42 18.66
N SER C 99 -13.96 18.68 18.44
CA SER C 99 -14.08 19.37 17.13
C SER C 99 -13.34 18.57 16.08
N LEU C 100 -12.41 17.70 16.51
CA LEU C 100 -11.52 16.92 15.60
C LEU C 100 -12.27 15.71 15.07
N MET C 101 -13.49 15.47 15.55
CA MET C 101 -14.38 14.42 15.00
C MET C 101 -15.11 14.91 13.74
N ASN C 102 -14.91 16.17 13.32
CA ASN C 102 -15.61 16.72 12.13
C ASN C 102 -14.99 16.14 10.87
N VAL C 103 -15.55 15.02 10.40
CA VAL C 103 -15.05 14.23 9.24
C VAL C 103 -15.91 14.48 7.99
N HIS C 104 -16.68 15.57 7.94
CA HIS C 104 -17.70 15.84 6.89
C HIS C 104 -17.53 17.21 6.20
N SER C 105 -16.54 18.02 6.58
CA SER C 105 -16.40 19.45 6.14
C SER C 105 -15.42 19.56 4.97
N ASN C 106 -15.82 19.07 3.79
CA ASN C 106 -15.02 19.12 2.54
C ASN C 106 -13.65 18.49 2.78
N GLY C 107 -13.59 17.37 3.51
CA GLY C 107 -12.34 16.62 3.75
C GLY C 107 -11.88 15.75 2.60
N GLN C 108 -10.98 14.81 2.90
CA GLN C 108 -10.56 13.82 1.86
C GLN C 108 -11.07 12.43 2.22
N ALA C 109 -12.14 11.96 1.58
CA ALA C 109 -12.66 10.58 1.71
C ALA C 109 -11.43 9.69 1.77
N THR C 110 -11.29 8.90 2.82
CA THR C 110 -10.25 7.85 2.97
C THR C 110 -10.39 6.80 1.86
N HIS C 111 -11.59 6.60 1.31
CA HIS C 111 -11.86 5.58 0.25
C HIS C 111 -13.27 5.75 -0.31
N ASP C 112 -13.66 5.01 -1.34
CA ASP C 112 -15.02 5.16 -1.92
C ASP C 112 -16.07 5.05 -0.83
N ASN C 113 -16.85 6.10 -0.63
CA ASN C 113 -17.97 6.22 0.36
C ASN C 113 -17.37 6.34 1.77
N GLY C 114 -16.07 6.54 1.87
CA GLY C 114 -15.43 6.78 3.17
C GLY C 114 -15.80 8.13 3.72
N ALA C 115 -15.76 8.22 5.05
CA ALA C 115 -15.85 9.52 5.76
C ALA C 115 -14.60 10.29 5.39
N GLY C 116 -14.49 11.55 5.76
CA GLY C 116 -13.26 12.30 5.51
C GLY C 116 -12.14 11.81 6.41
N LYS C 117 -10.90 11.88 5.93
CA LYS C 117 -9.72 11.62 6.79
C LYS C 117 -9.75 12.66 7.90
N PRO C 118 -9.73 12.26 9.18
CA PRO C 118 -9.82 13.19 10.30
C PRO C 118 -8.49 13.94 10.46
N VAL C 119 -8.49 15.07 11.15
CA VAL C 119 -7.23 15.74 11.57
C VAL C 119 -6.35 14.69 12.24
N GLN C 120 -5.10 14.60 11.78
CA GLN C 120 -4.06 13.66 12.29
C GLN C 120 -2.68 14.11 11.80
N GLY C 121 -1.64 13.47 12.31
CA GLY C 121 -0.26 13.68 11.80
C GLY C 121 0.56 14.53 12.77
N THR C 122 1.71 15.02 12.29
CA THR C 122 2.77 15.68 13.10
C THR C 122 2.11 16.66 14.07
N SER C 123 2.46 16.56 15.34
CA SER C 123 1.82 17.29 16.46
C SER C 123 2.92 17.83 17.37
N PHE C 124 2.79 19.08 17.85
CA PHE C 124 3.58 19.61 18.98
C PHE C 124 2.61 20.17 20.03
N HIS C 125 2.53 19.51 21.18
CA HIS C 125 1.78 19.99 22.38
C HIS C 125 2.82 20.39 23.41
N PHE C 126 2.79 21.67 23.81
CA PHE C 126 3.79 22.36 24.65
C PHE C 126 3.07 23.40 25.50
N PHE C 127 3.52 23.58 26.73
CA PHE C 127 3.01 24.63 27.65
C PHE C 127 4.02 24.88 28.78
N SER C 128 4.16 26.14 29.17
CA SER C 128 5.14 26.64 30.15
C SER C 128 4.45 27.59 31.13
N VAL C 129 4.94 27.62 32.37
CA VAL C 129 4.51 28.58 33.44
C VAL C 129 5.78 29.21 34.02
N GLY C 130 5.89 30.54 33.92
CA GLY C 130 7.14 31.28 34.19
C GLY C 130 6.88 32.57 34.95
N GLY C 131 7.83 32.96 35.81
CA GLY C 131 7.94 34.28 36.46
C GLY C 131 8.51 35.34 35.53
N GLU C 132 8.83 34.95 34.29
CA GLU C 132 9.33 35.84 33.22
C GLU C 132 9.12 35.15 31.89
N ALA C 133 9.42 35.81 30.80
CA ALA C 133 9.26 35.24 29.44
C ALA C 133 9.97 33.88 29.36
N LEU C 134 9.36 32.93 28.66
CA LEU C 134 10.07 31.74 28.15
C LEU C 134 11.30 32.20 27.35
N GLU C 135 12.45 31.58 27.62
CA GLU C 135 13.71 31.84 26.89
C GLU C 135 13.89 30.79 25.80
N LEU C 136 14.13 31.24 24.56
CA LEU C 136 14.21 30.37 23.36
C LEU C 136 15.65 30.23 22.86
N GLN C 137 15.98 29.01 22.41
CA GLN C 137 17.17 28.69 21.58
C GLN C 137 16.68 28.42 20.15
N GLY C 138 17.32 29.02 19.17
CA GLY C 138 17.04 28.70 17.76
C GLY C 138 17.73 27.42 17.34
N VAL C 139 17.00 26.55 16.67
CA VAL C 139 17.57 25.38 15.94
C VAL C 139 16.80 25.27 14.63
N LEU C 140 17.54 25.09 13.54
CA LEU C 140 16.99 25.13 12.17
C LEU C 140 17.03 23.72 11.57
N PHE C 141 15.97 23.31 10.89
CA PHE C 141 15.99 22.06 10.10
C PHE C 141 16.98 22.26 8.96
N ASN C 142 16.87 23.39 8.27
CA ASN C 142 17.69 23.75 7.10
C ASN C 142 18.12 25.20 7.29
N TYR C 143 19.41 25.50 7.45
CA TYR C 143 19.88 26.86 7.80
C TYR C 143 19.64 27.82 6.62
N ARG C 144 19.52 27.31 5.38
CA ARG C 144 19.26 28.13 4.17
C ARG C 144 17.75 28.43 4.04
N THR C 145 16.88 27.91 4.90
CA THR C 145 15.44 28.31 5.00
C THR C 145 15.36 29.82 5.23
N LYS C 146 14.65 30.59 4.40
CA LYS C 146 14.40 32.04 4.58
C LYS C 146 13.08 32.24 5.34
N TYR C 147 13.14 32.56 6.63
CA TYR C 147 11.91 32.75 7.44
C TYR C 147 11.28 34.08 7.05
N PRO C 148 9.94 34.14 6.93
CA PRO C 148 9.28 35.22 6.20
C PRO C 148 9.22 36.49 7.06
N ASP C 149 9.37 37.62 6.37
CA ASP C 149 9.13 38.99 6.86
C ASP C 149 7.88 39.01 7.76
N GLY C 150 8.02 39.42 9.01
CA GLY C 150 6.90 39.57 9.95
C GLY C 150 6.98 38.62 11.12
N THR C 151 7.89 37.65 11.04
CA THR C 151 8.20 36.65 12.11
C THR C 151 9.57 36.98 12.68
N ILE C 152 9.80 36.68 13.95
CA ILE C 152 11.13 36.80 14.59
C ILE C 152 11.82 35.43 14.46
N PHE C 153 12.93 35.37 13.75
CA PHE C 153 13.64 34.11 13.45
C PHE C 153 15.11 34.22 13.81
N PRO C 154 15.83 33.09 13.93
CA PRO C 154 17.29 33.09 14.08
C PRO C 154 17.98 33.92 13.00
N LYS C 155 18.77 34.89 13.44
CA LYS C 155 19.52 35.83 12.56
C LYS C 155 20.95 35.32 12.47
N ASN C 156 21.59 35.52 11.33
CA ASN C 156 23.02 35.15 11.07
C ASN C 156 23.14 33.63 11.09
N ALA C 157 22.20 32.94 10.46
CA ALA C 157 22.18 31.48 10.36
C ALA C 157 23.47 31.01 9.71
N THR C 158 24.12 30.03 10.32
CA THR C 158 25.26 29.30 9.76
C THR C 158 24.86 27.82 9.67
N VAL C 159 25.64 27.00 8.97
CA VAL C 159 25.37 25.55 8.95
C VAL C 159 25.28 25.07 10.41
N GLN C 160 26.09 25.60 11.33
CA GLN C 160 26.07 25.16 12.75
C GLN C 160 24.67 25.37 13.32
N SER C 161 23.91 26.34 12.80
CA SER C 161 22.53 26.63 13.27
C SER C 161 21.67 25.35 13.22
N GLN C 162 21.93 24.47 12.23
CA GLN C 162 21.22 23.19 11.98
C GLN C 162 21.36 22.21 13.16
N VAL C 163 22.41 22.30 13.98
CA VAL C 163 22.60 21.33 15.10
C VAL C 163 22.62 22.06 16.43
N MET C 164 23.38 23.16 16.49
CA MET C 164 23.40 24.09 17.66
C MET C 164 24.26 25.34 17.34
N ASN C 165 23.75 26.52 17.66
CA ASN C 165 24.49 27.81 17.45
C ASN C 165 24.05 28.82 18.52
N THR C 166 24.91 29.08 19.51
CA THR C 166 24.53 29.85 20.73
C THR C 166 24.18 31.31 20.40
N GLU C 167 24.43 31.78 19.18
CA GLU C 167 23.99 33.14 18.76
C GLU C 167 22.47 33.24 18.92
N HIS C 168 21.72 32.21 18.53
CA HIS C 168 20.23 32.23 18.40
C HIS C 168 19.53 32.17 19.77
N LYS C 169 19.66 33.21 20.58
CA LYS C 169 18.84 33.37 21.80
C LYS C 169 17.75 34.41 21.54
N ALA C 170 16.68 34.38 22.34
CA ALA C 170 15.47 35.21 22.14
C ALA C 170 14.48 35.00 23.29
N TYR C 171 13.60 35.97 23.50
CA TYR C 171 12.53 35.90 24.53
C TYR C 171 11.17 35.72 23.84
N LEU C 172 10.36 34.77 24.31
CA LEU C 172 8.96 34.64 23.85
C LEU C 172 8.15 35.76 24.50
N ASP C 173 8.21 36.92 23.85
CA ASP C 173 7.73 38.24 24.34
C ASP C 173 6.68 38.81 23.39
N LYS C 174 6.26 38.08 22.36
CA LYS C 174 5.36 38.61 21.31
C LYS C 174 4.58 37.47 20.64
N ASN C 175 3.30 37.73 20.35
CA ASN C 175 2.41 36.74 19.71
C ASN C 175 2.52 36.85 18.19
N LYS C 176 2.09 35.80 17.50
CA LYS C 176 2.05 35.75 16.02
C LYS C 176 3.45 36.04 15.49
N ALA C 177 4.48 35.81 16.32
CA ALA C 177 5.86 36.28 16.07
C ALA C 177 6.82 35.11 15.84
N TYR C 178 6.94 34.21 16.82
CA TYR C 178 8.05 33.21 16.87
C TYR C 178 7.58 31.90 16.25
N PRO C 179 7.97 31.58 15.00
CA PRO C 179 7.59 30.32 14.39
C PRO C 179 7.96 29.14 15.29
N VAL C 180 7.14 28.08 15.32
CA VAL C 180 7.36 26.91 16.20
C VAL C 180 8.60 26.15 15.73
N GLU C 181 8.83 26.11 14.42
CA GLU C 181 9.76 25.15 13.78
C GLU C 181 11.21 25.62 13.85
N CYS C 182 11.50 26.76 14.45
CA CYS C 182 12.91 27.26 14.52
C CYS C 182 13.24 27.74 15.93
N TRP C 183 12.35 27.55 16.89
CA TRP C 183 12.57 27.93 18.31
C TRP C 183 12.15 26.79 19.24
N VAL C 184 12.94 26.56 20.29
CA VAL C 184 12.59 25.63 21.39
C VAL C 184 12.96 26.29 22.70
N PRO C 185 12.37 25.85 23.82
CA PRO C 185 12.83 26.28 25.14
C PRO C 185 14.33 26.04 25.22
N ASP C 186 15.08 27.05 25.68
CA ASP C 186 16.55 27.03 25.85
C ASP C 186 16.85 26.37 27.19
N PRO C 187 17.40 25.14 27.18
CA PRO C 187 17.50 24.34 28.39
C PRO C 187 18.65 24.85 29.27
N THR C 188 19.50 25.70 28.71
CA THR C 188 20.66 26.32 29.41
C THR C 188 20.18 27.51 30.24
N ARG C 189 18.92 27.93 30.09
CA ARG C 189 18.32 29.06 30.83
C ARG C 189 17.00 28.59 31.41
N ASN C 190 16.02 29.48 31.58
CA ASN C 190 14.64 29.14 32.02
C ASN C 190 14.68 28.58 33.44
N GLU C 191 15.63 29.02 34.27
CA GLU C 191 15.65 28.75 35.73
C GLU C 191 14.25 29.06 36.29
N ASN C 192 13.64 30.17 35.84
CA ASN C 192 12.43 30.76 36.46
C ASN C 192 11.14 30.34 35.72
N THR C 193 11.22 29.30 34.88
CA THR C 193 10.07 28.78 34.12
C THR C 193 10.02 27.25 34.30
N ARG C 194 8.83 26.67 34.24
CA ARG C 194 8.62 25.20 34.17
C ARG C 194 7.97 24.92 32.82
N TYR C 195 8.65 24.23 31.93
CA TYR C 195 8.18 24.00 30.54
C TYR C 195 8.07 22.49 30.33
N PHE C 196 7.09 22.11 29.53
CA PHE C 196 6.77 20.71 29.18
C PHE C 196 6.23 20.70 27.76
N GLY C 197 6.80 19.87 26.90
CA GLY C 197 6.31 19.70 25.53
C GLY C 197 6.63 18.33 24.99
N THR C 198 5.91 17.92 23.95
CA THR C 198 6.15 16.65 23.25
C THR C 198 5.93 16.85 21.77
N LEU C 199 6.93 16.45 20.97
CA LEU C 199 6.75 16.32 19.51
C LEU C 199 6.50 14.85 19.20
N THR C 200 5.40 14.57 18.53
CA THR C 200 5.15 13.31 17.79
C THR C 200 5.13 13.60 16.29
N GLY C 201 6.09 13.06 15.54
CA GLY C 201 6.22 13.30 14.09
C GLY C 201 5.69 12.13 13.28
N GLY C 202 5.18 12.35 12.06
CA GLY C 202 4.62 11.31 11.21
C GLY C 202 3.25 11.69 10.66
N GLU C 203 3.01 11.40 9.39
CA GLU C 203 1.81 11.88 8.66
C GLU C 203 0.56 11.18 9.20
N ASN C 204 0.70 10.01 9.84
CA ASN C 204 -0.46 9.18 10.27
C ASN C 204 -0.55 9.13 11.80
N VAL C 205 0.26 9.93 12.49
CA VAL C 205 0.20 9.92 13.97
C VAL C 205 -1.22 10.28 14.39
N PRO C 206 -1.92 9.39 15.13
CA PRO C 206 -3.23 9.71 15.69
C PRO C 206 -3.13 10.70 16.85
N PRO C 207 -3.97 11.77 16.82
CA PRO C 207 -4.18 12.62 17.97
C PRO C 207 -4.69 11.78 19.14
N VAL C 208 -4.17 12.07 20.32
CA VAL C 208 -4.61 11.48 21.61
C VAL C 208 -4.63 12.61 22.63
N LEU C 209 -5.80 13.17 22.88
CA LEU C 209 -5.95 14.34 23.76
C LEU C 209 -6.83 13.95 24.95
N HIS C 210 -6.27 13.94 26.16
CA HIS C 210 -7.00 13.68 27.42
C HIS C 210 -7.53 14.99 27.99
N ILE C 211 -8.74 14.98 28.54
CA ILE C 211 -9.33 16.14 29.23
C ILE C 211 -9.79 15.69 30.61
N THR C 212 -9.56 16.50 31.63
CA THR C 212 -10.02 16.23 33.00
C THR C 212 -9.74 17.45 33.86
N ASN C 213 -10.64 17.76 34.77
CA ASN C 213 -10.43 18.84 35.75
C ASN C 213 -9.89 18.24 37.06
N THR C 214 -9.32 17.02 37.05
CA THR C 214 -8.92 16.28 38.27
C THR C 214 -7.39 16.17 38.38
N ALA C 215 -6.65 16.60 37.36
CA ALA C 215 -5.21 16.35 37.24
C ALA C 215 -4.46 17.65 37.49
N THR C 216 -3.76 17.74 38.61
CA THR C 216 -2.89 18.89 38.94
C THR C 216 -1.43 18.55 38.65
N THR C 217 -0.63 19.50 38.18
CA THR C 217 0.84 19.40 37.94
C THR C 217 1.56 20.36 38.88
N VAL C 218 2.54 19.91 39.65
CA VAL C 218 3.21 20.78 40.66
C VAL C 218 4.36 21.51 39.98
N LEU C 219 4.59 22.78 40.29
CA LEU C 219 5.58 23.64 39.59
C LEU C 219 6.82 23.89 40.46
N LEU C 220 6.88 23.28 41.64
CA LEU C 220 8.03 23.42 42.58
C LEU C 220 9.24 22.64 42.05
N ASP C 221 10.44 23.14 42.28
CA ASP C 221 11.73 22.54 41.84
C ASP C 221 12.26 21.63 42.96
N GLU C 222 13.46 21.07 42.78
CA GLU C 222 14.14 20.16 43.74
C GLU C 222 14.17 20.79 45.14
N PHE C 223 14.11 22.13 45.28
CA PHE C 223 14.20 22.88 46.56
C PHE C 223 12.83 23.38 47.01
N GLY C 224 11.72 22.92 46.42
CA GLY C 224 10.36 23.32 46.85
C GLY C 224 10.01 24.77 46.55
N VAL C 225 10.70 25.39 45.59
CA VAL C 225 10.44 26.77 45.06
C VAL C 225 9.84 26.69 43.66
N GLY C 226 8.66 27.30 43.45
CA GLY C 226 8.03 27.45 42.13
C GLY C 226 8.61 28.64 41.39
N PRO C 227 8.20 28.90 40.13
CA PRO C 227 8.57 30.15 39.45
C PRO C 227 8.18 31.35 40.31
N LEU C 228 9.03 32.39 40.30
CA LEU C 228 8.79 33.65 41.03
C LEU C 228 8.47 34.74 40.01
N CYS C 229 7.32 35.39 40.16
CA CYS C 229 6.75 36.33 39.17
C CYS C 229 7.39 37.72 39.32
N LYS C 230 8.53 37.95 38.65
CA LYS C 230 9.19 39.26 38.51
C LYS C 230 8.17 40.28 37.99
N GLY C 231 8.11 41.46 38.61
CA GLY C 231 7.25 42.57 38.18
C GLY C 231 5.77 42.27 38.42
N ASP C 232 5.47 41.34 39.31
CA ASP C 232 4.10 40.90 39.61
C ASP C 232 3.41 40.43 38.32
N ASN C 233 4.16 39.72 37.48
CA ASN C 233 3.68 39.15 36.19
C ASN C 233 3.92 37.63 36.12
N LEU C 234 2.92 36.91 35.62
CA LEU C 234 2.95 35.46 35.36
C LEU C 234 2.93 35.27 33.85
N TYR C 235 3.79 34.41 33.32
CA TYR C 235 3.98 34.21 31.87
C TYR C 235 3.55 32.79 31.46
N LEU C 236 2.39 32.72 30.81
CA LEU C 236 1.86 31.47 30.22
C LEU C 236 2.25 31.46 28.74
N SER C 237 2.96 30.41 28.34
CA SER C 237 3.29 30.09 26.93
C SER C 237 2.70 28.72 26.60
N ALA C 238 2.38 28.48 25.32
CA ALA C 238 1.73 27.24 24.85
C ALA C 238 1.85 27.10 23.34
N VAL C 239 1.90 25.86 22.85
CA VAL C 239 1.69 25.51 21.41
C VAL C 239 0.89 24.22 21.41
N ASP C 240 -0.12 24.11 20.54
CA ASP C 240 -0.91 22.85 20.43
C ASP C 240 -1.28 22.61 18.97
N VAL C 241 -0.25 22.44 18.13
CA VAL C 241 -0.43 21.98 16.72
C VAL C 241 -0.91 20.53 16.83
N CYS C 242 -2.18 20.28 16.50
CA CYS C 242 -2.87 19.00 16.80
C CYS C 242 -2.57 17.98 15.71
N GLY C 243 -2.22 18.48 14.53
CA GLY C 243 -2.08 17.69 13.30
C GLY C 243 -2.35 18.53 12.08
N MET C 244 -2.69 17.90 10.96
CA MET C 244 -3.10 18.61 9.72
C MET C 244 -4.53 18.22 9.38
N PHE C 245 -5.28 19.21 8.89
CA PHE C 245 -6.58 19.00 8.21
C PHE C 245 -6.25 18.70 6.76
N THR C 246 -6.72 17.57 6.22
CA THR C 246 -6.57 17.24 4.79
C THR C 246 -7.83 17.64 4.06
N ASN C 247 -7.74 18.68 3.22
CA ASN C 247 -8.79 19.16 2.31
C ASN C 247 -9.07 18.10 1.24
N ARG C 248 -10.22 18.21 0.58
CA ARG C 248 -10.70 17.32 -0.50
C ARG C 248 -9.60 17.15 -1.56
N SER C 249 -8.87 18.21 -1.88
CA SER C 249 -7.84 18.21 -2.95
C SER C 249 -6.61 17.41 -2.53
N GLY C 250 -6.51 17.12 -1.23
CA GLY C 250 -5.29 16.55 -0.60
C GLY C 250 -4.42 17.60 0.05
N SER C 251 -4.63 18.88 -0.25
CA SER C 251 -3.87 20.02 0.33
C SER C 251 -4.05 20.01 1.85
N GLN C 252 -2.99 20.27 2.60
CA GLN C 252 -3.03 20.11 4.08
C GLN C 252 -2.77 21.44 4.79
N GLN C 253 -3.55 21.74 5.82
CA GLN C 253 -3.41 22.92 6.73
C GLN C 253 -3.21 22.42 8.16
N TRP C 254 -2.17 22.89 8.83
CA TRP C 254 -2.03 22.70 10.28
C TRP C 254 -3.35 23.09 10.95
N ARG C 255 -3.80 22.40 12.00
CA ARG C 255 -4.98 22.83 12.80
C ARG C 255 -4.59 22.89 14.28
N GLY C 256 -4.92 23.99 14.95
CA GLY C 256 -4.51 24.24 16.34
C GLY C 256 -5.72 24.30 17.24
N LEU C 257 -5.51 24.22 18.55
CA LEU C 257 -6.58 24.38 19.55
C LEU C 257 -6.07 25.19 20.75
N SER C 258 -7.00 25.92 21.37
CA SER C 258 -6.75 26.74 22.57
C SER C 258 -6.33 25.87 23.74
N ARG C 259 -5.55 26.41 24.67
CA ARG C 259 -5.11 25.71 25.89
C ARG C 259 -5.58 26.48 27.13
N TYR C 260 -6.31 25.81 28.02
CA TYR C 260 -6.71 26.33 29.35
C TYR C 260 -5.54 26.22 30.32
N PHE C 261 -5.36 27.25 31.15
CA PHE C 261 -4.42 27.26 32.30
C PHE C 261 -5.20 27.66 33.56
N LYS C 262 -4.92 27.00 34.67
CA LYS C 262 -5.33 27.47 36.02
C LYS C 262 -4.12 27.32 36.92
N VAL C 263 -3.55 28.44 37.35
CA VAL C 263 -2.31 28.42 38.17
C VAL C 263 -2.63 28.91 39.59
N GLN C 264 -2.44 28.05 40.59
CA GLN C 264 -2.37 28.42 42.02
C GLN C 264 -1.05 29.19 42.23
N LEU C 265 -1.10 30.29 42.95
CA LEU C 265 0.10 31.07 43.32
C LEU C 265 0.06 31.33 44.83
N ARG C 266 1.20 31.44 45.48
CA ARG C 266 1.30 31.86 46.91
C ARG C 266 2.40 32.93 47.03
N LYS C 267 2.54 33.56 48.19
CA LYS C 267 3.52 34.66 48.41
C LYS C 267 4.77 34.06 49.07
N ARG C 268 5.94 34.42 48.55
CA ARG C 268 7.22 33.95 49.14
C ARG C 268 8.07 35.18 49.49
N ARG C 269 8.58 35.26 50.72
CA ARG C 269 9.52 36.33 51.12
C ARG C 269 10.85 36.12 50.37
N VAL C 270 11.50 37.21 49.96
CA VAL C 270 12.72 37.25 49.09
C VAL C 270 13.60 38.42 49.56
N LYS C 271 14.93 38.28 49.61
CA LYS C 271 15.90 39.42 49.76
C LYS C 271 16.44 39.78 48.38
N ASN C 272 16.28 41.05 47.94
CA ASN C 272 16.62 41.59 46.59
C ASN C 272 17.49 42.84 46.73
N VAL D 7 -21.62 28.01 49.30
CA VAL D 7 -21.72 26.82 50.19
C VAL D 7 -20.39 26.62 50.94
N GLU D 8 -20.33 26.97 52.23
CA GLU D 8 -19.29 26.50 53.17
C GLU D 8 -19.53 25.02 53.46
N VAL D 9 -18.52 24.17 53.25
CA VAL D 9 -18.62 22.70 53.42
C VAL D 9 -18.12 22.33 54.80
N LEU D 10 -19.00 21.79 55.63
CA LEU D 10 -18.74 21.40 57.04
C LEU D 10 -18.40 19.90 57.03
N GLU D 11 -18.58 19.22 58.16
CA GLU D 11 -18.01 17.87 58.41
C GLU D 11 -18.90 16.81 57.76
N VAL D 12 -18.35 15.60 57.58
CA VAL D 12 -19.06 14.43 56.95
C VAL D 12 -19.96 13.82 58.03
N LYS D 13 -21.27 13.75 57.82
CA LYS D 13 -22.20 12.99 58.71
C LYS D 13 -21.91 11.49 58.51
N THR D 14 -21.63 10.77 59.61
CA THR D 14 -21.57 9.30 59.69
C THR D 14 -22.78 8.83 60.49
N GLY D 15 -22.98 7.51 60.58
CA GLY D 15 -24.15 6.92 61.28
C GLY D 15 -24.85 5.87 60.42
N VAL D 16 -26.08 5.53 60.78
CA VAL D 16 -26.74 4.25 60.36
C VAL D 16 -27.12 4.32 58.87
N ASP D 17 -27.44 5.50 58.37
CA ASP D 17 -27.92 5.66 56.96
C ASP D 17 -27.25 6.90 56.39
N SER D 18 -25.92 6.92 56.36
CA SER D 18 -25.13 8.11 55.92
C SER D 18 -24.54 7.90 54.52
N ILE D 19 -24.50 6.67 54.03
CA ILE D 19 -24.02 6.32 52.66
C ILE D 19 -25.21 5.83 51.84
N THR D 20 -25.14 5.98 50.51
CA THR D 20 -26.12 5.41 49.53
C THR D 20 -25.38 5.17 48.19
N GLU D 21 -26.02 4.45 47.26
CA GLU D 21 -25.46 4.03 45.95
C GLU D 21 -26.48 4.27 44.83
N VAL D 22 -26.04 4.94 43.78
CA VAL D 22 -26.69 4.92 42.43
C VAL D 22 -25.90 3.94 41.57
N GLU D 23 -26.60 3.16 40.74
CA GLU D 23 -26.01 2.20 39.78
C GLU D 23 -26.91 2.23 38.56
N CYS D 24 -26.51 2.83 37.45
CA CYS D 24 -27.31 2.75 36.20
C CYS D 24 -26.39 2.56 35.00
N PHE D 25 -27.00 2.42 33.83
CA PHE D 25 -26.31 2.40 32.50
C PHE D 25 -26.85 3.59 31.72
N LEU D 26 -26.00 4.24 30.91
CA LEU D 26 -26.40 5.31 29.95
C LEU D 26 -26.24 4.75 28.55
N THR D 27 -27.24 4.94 27.71
CA THR D 27 -27.19 4.41 26.33
C THR D 27 -26.53 5.46 25.46
N PRO D 28 -25.98 5.04 24.32
CA PRO D 28 -25.39 5.99 23.38
C PRO D 28 -26.39 6.59 22.39
N GLU D 29 -26.40 7.91 22.22
CA GLU D 29 -27.16 8.55 21.09
C GLU D 29 -26.17 8.86 19.98
N MET D 30 -26.07 7.96 19.01
CA MET D 30 -25.08 8.04 17.92
C MET D 30 -25.72 8.63 16.66
N GLY D 31 -27.02 8.95 16.68
CA GLY D 31 -27.73 9.53 15.51
C GLY D 31 -28.97 8.75 15.10
N ASP D 32 -28.97 7.44 15.37
CA ASP D 32 -30.12 6.49 15.35
C ASP D 32 -30.93 6.73 14.08
N PRO D 33 -30.32 6.48 12.90
CA PRO D 33 -30.94 6.73 11.61
C PRO D 33 -32.41 6.29 11.59
N ASP D 34 -32.65 4.99 11.70
CA ASP D 34 -33.94 4.34 11.37
C ASP D 34 -34.28 3.36 12.50
N GLU D 35 -35.39 2.63 12.38
CA GLU D 35 -35.98 1.82 13.48
C GLU D 35 -35.07 0.67 13.90
N HIS D 36 -34.04 0.38 13.12
CA HIS D 36 -33.25 -0.88 13.17
C HIS D 36 -31.78 -0.64 13.58
N LEU D 37 -31.35 0.62 13.78
CA LEU D 37 -29.90 0.99 13.81
C LEU D 37 -29.56 1.82 15.06
N ARG D 38 -30.26 1.58 16.15
CA ARG D 38 -29.98 2.22 17.46
C ARG D 38 -28.53 1.92 17.83
N GLY D 39 -27.73 2.94 18.10
CA GLY D 39 -26.30 2.78 18.46
C GLY D 39 -25.40 2.99 17.26
N PHE D 40 -25.97 3.25 16.10
CA PHE D 40 -25.22 3.66 14.90
C PHE D 40 -25.58 5.10 14.56
N SER D 41 -24.76 5.73 13.74
CA SER D 41 -25.10 6.96 12.99
C SER D 41 -25.53 6.55 11.59
N LYS D 42 -26.03 7.51 10.83
CA LYS D 42 -26.34 7.33 9.40
C LYS D 42 -24.99 7.31 8.70
N SER D 43 -24.91 6.57 7.61
CA SER D 43 -23.68 6.53 6.77
C SER D 43 -23.28 7.97 6.45
N ILE D 44 -22.04 8.30 6.81
CA ILE D 44 -21.47 9.68 6.83
C ILE D 44 -21.33 10.19 5.39
N SER D 45 -21.72 11.42 5.12
CA SER D 45 -21.55 12.07 3.81
C SER D 45 -20.65 13.28 4.03
N ILE D 46 -20.10 13.82 2.96
CA ILE D 46 -19.12 14.94 3.01
C ILE D 46 -19.65 16.15 2.21
N SER D 47 -19.59 17.33 2.78
CA SER D 47 -20.12 18.56 2.14
C SER D 47 -19.50 18.76 0.75
N ASP D 48 -20.33 19.33 -0.13
CA ASP D 48 -19.97 19.72 -1.53
C ASP D 48 -18.83 20.75 -1.45
N THR D 49 -18.78 21.55 -0.39
CA THR D 49 -17.82 22.68 -0.21
C THR D 49 -17.55 22.91 1.28
N PHE D 50 -16.44 23.56 1.61
CA PHE D 50 -16.05 23.76 3.03
C PHE D 50 -17.10 24.63 3.71
N GLU D 51 -17.71 25.50 2.90
CA GLU D 51 -18.59 26.61 3.34
C GLU D 51 -19.98 26.03 3.64
N SER D 52 -20.36 24.94 2.97
CA SER D 52 -21.74 24.39 2.99
C SER D 52 -21.85 23.17 3.91
N ASP D 53 -20.85 22.91 4.76
CA ASP D 53 -20.91 21.82 5.76
C ASP D 53 -22.23 21.97 6.52
N SER D 54 -23.09 20.96 6.48
CA SER D 54 -24.37 20.94 7.25
C SER D 54 -24.81 19.52 7.48
N PRO D 55 -24.23 18.84 8.48
CA PRO D 55 -24.58 17.46 8.79
C PRO D 55 -26.05 17.30 9.21
N ASN D 56 -26.74 16.27 8.70
CA ASN D 56 -28.11 15.88 9.11
C ASN D 56 -28.04 15.42 10.57
N ARG D 57 -29.13 15.52 11.30
CA ARG D 57 -29.16 15.23 12.76
C ARG D 57 -28.80 13.77 13.05
N ASP D 58 -29.11 12.87 12.12
CA ASP D 58 -28.90 11.40 12.28
C ASP D 58 -27.46 11.02 11.90
N MET D 59 -26.61 12.00 11.57
CA MET D 59 -25.16 11.76 11.32
C MET D 59 -24.32 12.27 12.50
N LEU D 60 -24.96 12.78 13.55
CA LEU D 60 -24.28 13.49 14.66
C LEU D 60 -24.49 12.77 15.98
N PRO D 61 -23.47 12.02 16.44
CA PRO D 61 -23.44 11.59 17.84
C PRO D 61 -23.62 12.77 18.79
N CYS D 62 -24.22 12.51 19.95
CA CYS D 62 -24.52 13.51 21.01
C CYS D 62 -24.13 12.97 22.40
N TYR D 63 -23.78 13.90 23.28
CA TYR D 63 -23.60 13.64 24.72
C TYR D 63 -24.88 13.00 25.28
N SER D 64 -24.71 12.00 26.11
CA SER D 64 -25.79 11.33 26.89
C SER D 64 -25.72 11.87 28.30
N VAL D 65 -26.86 12.14 28.93
CA VAL D 65 -26.97 12.67 30.34
C VAL D 65 -28.10 11.96 31.06
N ALA D 66 -27.99 11.81 32.38
CA ALA D 66 -28.99 11.17 33.25
C ALA D 66 -29.03 11.87 34.60
N ARG D 67 -30.17 12.45 34.97
CA ARG D 67 -30.43 13.07 36.29
C ARG D 67 -31.03 11.99 37.22
N ILE D 68 -30.37 11.64 38.32
CA ILE D 68 -30.85 10.58 39.26
C ILE D 68 -31.33 11.25 40.54
N PRO D 69 -32.61 11.11 40.96
CA PRO D 69 -33.07 11.71 42.19
C PRO D 69 -32.58 10.85 43.37
N LEU D 70 -32.00 11.49 44.38
CA LEU D 70 -31.49 10.81 45.60
C LEU D 70 -32.47 10.99 46.74
N PRO D 71 -32.41 10.14 47.79
CA PRO D 71 -33.20 10.32 48.99
C PRO D 71 -33.20 11.75 49.55
N ASN D 72 -34.38 12.27 49.90
CA ASN D 72 -34.60 13.59 50.53
C ASN D 72 -33.88 13.67 51.88
N LEU D 73 -33.36 14.86 52.23
CA LEU D 73 -32.61 15.10 53.49
C LEU D 73 -33.04 16.37 54.23
N ASN D 74 -33.58 17.37 53.54
CA ASN D 74 -33.58 18.76 54.02
C ASN D 74 -34.93 19.43 53.62
N GLY D 80 -29.84 27.12 55.05
CA GLY D 80 -29.03 27.46 56.25
C GLY D 80 -28.07 26.30 56.57
N ASN D 81 -28.27 25.56 57.68
CA ASN D 81 -27.40 24.43 58.13
C ASN D 81 -28.01 23.07 57.72
N ILE D 82 -27.82 22.69 56.43
CA ILE D 82 -28.53 21.56 55.73
C ILE D 82 -27.54 20.43 55.36
N LEU D 83 -28.09 19.30 54.88
CA LEU D 83 -27.32 18.13 54.37
C LEU D 83 -27.42 18.04 52.85
N MET D 84 -26.30 17.71 52.17
CA MET D 84 -26.25 17.39 50.72
C MET D 84 -25.54 16.05 50.51
N TRP D 85 -25.92 15.33 49.45
CA TRP D 85 -25.23 14.08 49.06
C TRP D 85 -23.89 14.42 48.38
N GLU D 86 -22.81 13.81 48.88
CA GLU D 86 -21.43 13.92 48.38
C GLU D 86 -21.10 12.67 47.58
N ALA D 87 -20.85 12.80 46.28
CA ALA D 87 -20.38 11.68 45.41
C ALA D 87 -18.90 11.42 45.72
N VAL D 88 -18.59 10.20 46.16
CA VAL D 88 -17.27 9.85 46.74
C VAL D 88 -16.46 8.98 45.78
N THR D 89 -17.04 7.92 45.21
CA THR D 89 -16.34 7.00 44.31
C THR D 89 -17.19 6.70 43.08
N LEU D 90 -16.53 6.38 41.98
CA LEU D 90 -17.17 5.97 40.71
C LEU D 90 -16.54 4.64 40.29
N LYS D 91 -17.35 3.72 39.78
CA LYS D 91 -16.90 2.61 38.92
C LYS D 91 -17.63 2.76 37.60
N THR D 92 -16.92 2.64 36.50
CA THR D 92 -17.56 2.70 35.16
C THR D 92 -16.82 1.73 34.25
N GLU D 93 -17.54 1.16 33.29
CA GLU D 93 -16.90 0.46 32.14
C GLU D 93 -17.85 0.51 30.94
N VAL D 94 -17.34 0.25 29.75
CA VAL D 94 -18.18 0.20 28.53
C VAL D 94 -18.88 -1.17 28.49
N ILE D 95 -20.19 -1.16 28.26
CA ILE D 95 -20.98 -2.42 28.20
C ILE D 95 -21.14 -2.90 26.76
N GLY D 96 -20.61 -4.09 26.48
CA GLY D 96 -20.83 -4.76 25.19
C GLY D 96 -19.62 -4.62 24.30
N VAL D 97 -18.41 -4.68 24.87
CA VAL D 97 -17.14 -4.49 24.10
C VAL D 97 -17.01 -5.61 23.08
N THR D 98 -17.37 -6.83 23.45
CA THR D 98 -17.21 -8.06 22.63
C THR D 98 -18.00 -7.92 21.32
N SER D 99 -19.05 -7.11 21.31
CA SER D 99 -19.94 -6.96 20.14
C SER D 99 -19.13 -6.46 18.95
N LEU D 100 -17.96 -5.89 19.22
CA LEU D 100 -17.07 -5.27 18.20
C LEU D 100 -16.30 -6.35 17.45
N MET D 101 -16.35 -7.59 17.92
CA MET D 101 -15.74 -8.75 17.24
C MET D 101 -16.65 -9.28 16.10
N ASN D 102 -17.86 -8.72 15.91
CA ASN D 102 -18.75 -9.17 14.81
C ASN D 102 -18.21 -8.65 13.48
N VAL D 103 -17.38 -9.45 12.84
CA VAL D 103 -16.67 -9.10 11.57
C VAL D 103 -17.32 -9.79 10.36
N HIS D 104 -18.58 -10.22 10.47
CA HIS D 104 -19.28 -11.04 9.45
C HIS D 104 -20.61 -10.43 8.99
N SER D 105 -21.04 -9.28 9.52
CA SER D 105 -22.38 -8.70 9.30
C SER D 105 -22.32 -7.63 8.20
N ASN D 106 -22.19 -8.07 6.95
CA ASN D 106 -22.19 -7.20 5.75
C ASN D 106 -21.12 -6.13 5.87
N GLY D 107 -19.93 -6.47 6.40
CA GLY D 107 -18.81 -5.52 6.53
C GLY D 107 -17.98 -5.26 5.28
N GLN D 108 -16.79 -4.70 5.43
CA GLN D 108 -15.90 -4.55 4.24
C GLN D 108 -14.71 -5.51 4.33
N ALA D 109 -14.71 -6.61 3.59
CA ALA D 109 -13.60 -7.57 3.46
C ALA D 109 -12.38 -6.67 3.35
N THR D 110 -11.43 -6.80 4.27
CA THR D 110 -10.13 -6.10 4.28
C THR D 110 -9.34 -6.48 3.02
N HIS D 111 -9.60 -7.65 2.42
CA HIS D 111 -8.90 -8.16 1.22
C HIS D 111 -9.61 -9.42 0.70
N ASP D 112 -9.21 -9.97 -0.45
CA ASP D 112 -9.90 -11.15 -1.01
C ASP D 112 -9.97 -12.25 0.06
N ASN D 113 -11.19 -12.66 0.39
CA ASN D 113 -11.54 -13.74 1.35
C ASN D 113 -11.26 -13.26 2.77
N GLY D 114 -10.95 -11.98 2.94
CA GLY D 114 -10.76 -11.41 4.28
C GLY D 114 -12.05 -11.36 5.07
N ALA D 115 -11.90 -11.38 6.38
CA ALA D 115 -13.01 -11.10 7.31
C ALA D 115 -13.39 -9.64 7.07
N GLY D 116 -14.46 -9.17 7.67
CA GLY D 116 -14.82 -7.76 7.51
C GLY D 116 -13.89 -6.89 8.31
N LYS D 117 -13.68 -5.66 7.84
CA LYS D 117 -12.92 -4.65 8.64
C LYS D 117 -13.70 -4.42 9.92
N PRO D 118 -13.09 -4.58 11.10
CA PRO D 118 -13.79 -4.44 12.37
C PRO D 118 -14.05 -2.95 12.65
N VAL D 119 -15.00 -2.66 13.55
CA VAL D 119 -15.18 -1.26 14.05
C VAL D 119 -13.81 -0.78 14.50
N GLN D 120 -13.42 0.40 14.03
CA GLN D 120 -12.14 1.07 14.37
C GLN D 120 -12.21 2.55 14.00
N GLY D 121 -11.20 3.33 14.38
CA GLY D 121 -11.05 4.72 13.94
C GLY D 121 -11.43 5.70 15.02
N THR D 122 -11.59 6.97 14.63
CA THR D 122 -11.77 8.13 15.53
C THR D 122 -12.75 7.77 16.65
N SER D 123 -12.36 8.03 17.89
CA SER D 123 -13.05 7.56 19.11
C SER D 123 -13.06 8.70 20.12
N PHE D 124 -14.19 8.92 20.81
CA PHE D 124 -14.26 9.78 22.02
C PHE D 124 -14.91 8.98 23.15
N HIS D 125 -14.15 8.64 24.17
CA HIS D 125 -14.64 7.99 25.43
C HIS D 125 -14.52 9.04 26.52
N PHE D 126 -15.67 9.39 27.13
CA PHE D 126 -15.85 10.49 28.09
C PHE D 126 -16.93 10.10 29.09
N PHE D 127 -16.75 10.51 30.35
CA PHE D 127 -17.76 10.32 31.41
C PHE D 127 -17.50 11.27 32.57
N SER D 128 -18.60 11.79 33.16
CA SER D 128 -18.58 12.84 34.21
C SER D 128 -19.54 12.42 35.34
N VAL D 129 -19.23 12.82 36.57
CA VAL D 129 -20.13 12.70 37.76
C VAL D 129 -20.22 14.08 38.42
N GLY D 130 -21.44 14.60 38.53
CA GLY D 130 -21.70 16.00 38.93
C GLY D 130 -22.88 16.13 39.88
N GLY D 131 -22.81 17.12 40.77
CA GLY D 131 -23.90 17.61 41.61
C GLY D 131 -24.86 18.53 40.85
N GLU D 132 -24.58 18.78 39.58
CA GLU D 132 -25.42 19.60 38.67
C GLU D 132 -25.04 19.23 37.24
N ALA D 133 -25.74 19.80 36.26
CA ALA D 133 -25.46 19.53 34.84
C ALA D 133 -23.97 19.75 34.56
N LEU D 134 -23.41 18.90 33.70
CA LEU D 134 -22.11 19.20 33.05
C LEU D 134 -22.24 20.55 32.33
N GLU D 135 -21.25 21.42 32.51
CA GLU D 135 -21.20 22.75 31.85
C GLU D 135 -20.32 22.65 30.60
N LEU D 136 -20.87 23.09 29.46
CA LEU D 136 -20.23 22.94 28.14
C LEU D 136 -19.70 24.30 27.62
N GLN D 137 -18.53 24.26 26.99
CA GLN D 137 -17.98 25.31 26.11
C GLN D 137 -18.12 24.84 24.66
N GLY D 138 -18.63 25.69 23.79
CA GLY D 138 -18.67 25.40 22.34
C GLY D 138 -17.32 25.67 21.71
N VAL D 139 -16.87 24.75 20.88
CA VAL D 139 -15.73 24.95 19.96
C VAL D 139 -16.07 24.27 18.64
N LEU D 140 -15.83 24.96 17.53
CA LEU D 140 -16.28 24.53 16.18
C LEU D 140 -15.05 24.16 15.34
N PHE D 141 -15.13 23.06 14.60
CA PHE D 141 -14.08 22.75 13.60
C PHE D 141 -14.16 23.82 12.51
N ASN D 142 -15.36 24.10 12.05
CA ASN D 142 -15.64 25.08 10.95
C ASN D 142 -16.83 25.93 11.41
N TYR D 143 -16.67 27.23 11.61
CA TYR D 143 -17.73 28.10 12.21
C TYR D 143 -18.89 28.25 11.21
N ARG D 144 -18.66 28.04 9.92
CA ARG D 144 -19.71 28.09 8.86
C ARG D 144 -20.51 26.76 8.79
N THR D 145 -20.15 25.72 9.56
CA THR D 145 -20.94 24.46 9.71
C THR D 145 -22.32 24.83 10.23
N LYS D 146 -23.40 24.42 9.55
CA LYS D 146 -24.79 24.62 10.01
C LYS D 146 -25.26 23.38 10.76
N TYR D 147 -25.33 23.43 12.08
CA TYR D 147 -25.77 22.26 12.91
C TYR D 147 -27.27 22.12 12.72
N PRO D 148 -27.80 20.89 12.60
CA PRO D 148 -29.12 20.66 12.06
C PRO D 148 -30.20 20.94 13.11
N ASP D 149 -31.32 21.44 12.60
CA ASP D 149 -32.63 21.56 13.28
C ASP D 149 -32.86 20.38 14.24
N GLY D 150 -33.00 20.62 15.53
CA GLY D 150 -33.33 19.57 16.52
C GLY D 150 -32.20 19.28 17.51
N THR D 151 -31.03 19.85 17.26
CA THR D 151 -29.84 19.80 18.13
C THR D 151 -29.62 21.18 18.73
N ILE D 152 -29.07 21.24 19.94
CA ILE D 152 -28.67 22.52 20.59
C ILE D 152 -27.19 22.77 20.25
N PHE D 153 -26.90 23.83 19.52
CA PHE D 153 -25.54 24.12 19.03
C PHE D 153 -25.11 25.54 19.38
N PRO D 154 -23.80 25.87 19.31
CA PRO D 154 -23.32 27.24 19.46
C PRO D 154 -24.04 28.21 18.55
N LYS D 155 -24.62 29.24 19.15
CA LYS D 155 -25.39 30.30 18.43
C LYS D 155 -24.47 31.50 18.28
N ASN D 156 -24.63 32.26 17.20
CA ASN D 156 -23.86 33.49 16.88
C ASN D 156 -22.40 33.12 16.66
N ALA D 157 -22.18 32.05 15.91
CA ALA D 157 -20.83 31.58 15.56
C ALA D 157 -20.10 32.70 14.82
N THR D 158 -18.88 32.97 15.25
CA THR D 158 -17.92 33.86 14.56
C THR D 158 -16.69 33.00 14.21
N VAL D 159 -15.79 33.51 13.39
CA VAL D 159 -14.53 32.79 13.13
C VAL D 159 -13.88 32.47 14.47
N GLN D 160 -13.95 33.36 15.48
CA GLN D 160 -13.31 33.12 16.80
C GLN D 160 -13.88 31.83 17.39
N SER D 161 -15.11 31.44 17.05
CA SER D 161 -15.75 30.21 17.57
C SER D 161 -14.86 28.99 17.29
N GLN D 162 -14.11 29.01 16.17
CA GLN D 162 -13.18 27.94 15.70
C GLN D 162 -12.03 27.72 16.69
N VAL D 163 -11.66 28.68 17.52
CA VAL D 163 -10.49 28.52 18.47
C VAL D 163 -10.97 28.66 19.91
N MET D 164 -11.75 29.70 20.17
CA MET D 164 -12.40 29.96 21.48
C MET D 164 -13.33 31.18 21.37
N ASN D 165 -14.55 31.05 21.89
CA ASN D 165 -15.53 32.16 21.91
C ASN D 165 -16.45 32.00 23.13
N THR D 166 -16.26 32.78 24.19
CA THR D 166 -16.90 32.57 25.51
C THR D 166 -18.42 32.78 25.43
N GLU D 167 -18.96 33.27 24.31
CA GLU D 167 -20.44 33.31 24.12
C GLU D 167 -21.01 31.89 24.28
N HIS D 168 -20.35 30.87 23.72
CA HIS D 168 -20.85 29.48 23.59
C HIS D 168 -20.76 28.72 24.92
N LYS D 169 -21.55 29.12 25.91
CA LYS D 169 -21.79 28.34 27.14
C LYS D 169 -23.15 27.66 27.05
N ALA D 170 -23.33 26.57 27.79
CA ALA D 170 -24.54 25.72 27.75
C ALA D 170 -24.49 24.65 28.83
N TYR D 171 -25.65 24.11 29.21
CA TYR D 171 -25.79 23.02 30.21
C TYR D 171 -26.16 21.72 29.49
N LEU D 172 -25.46 20.63 29.79
CA LEU D 172 -25.85 19.28 29.32
C LEU D 172 -27.04 18.83 30.16
N ASP D 173 -28.22 19.28 29.71
CA ASP D 173 -29.51 19.19 30.44
C ASP D 173 -30.53 18.42 29.59
N LYS D 174 -30.15 17.87 28.45
CA LYS D 174 -31.10 17.23 27.50
C LYS D 174 -30.38 16.16 26.64
N ASN D 175 -31.06 15.05 26.39
CA ASN D 175 -30.52 13.94 25.59
C ASN D 175 -30.84 14.15 24.11
N LYS D 176 -30.11 13.44 23.25
CA LYS D 176 -30.29 13.49 21.79
C LYS D 176 -30.20 14.94 21.33
N ALA D 177 -29.52 15.78 22.11
CA ALA D 177 -29.57 17.26 21.95
C ALA D 177 -28.21 17.84 21.54
N TYR D 178 -27.17 17.63 22.35
CA TYR D 178 -25.89 18.36 22.23
C TYR D 178 -24.90 17.54 21.41
N PRO D 179 -24.68 17.89 20.13
CA PRO D 179 -23.72 17.15 19.30
C PRO D 179 -22.36 17.09 20.00
N VAL D 180 -21.62 15.98 19.85
CA VAL D 180 -20.32 15.77 20.54
C VAL D 180 -19.28 16.72 19.93
N GLU D 181 -19.37 16.99 18.63
CA GLU D 181 -18.27 17.59 17.84
C GLU D 181 -18.24 19.12 17.99
N CYS D 182 -19.14 19.72 18.76
CA CYS D 182 -19.16 21.20 18.91
C CYS D 182 -19.28 21.61 20.38
N TRP D 183 -19.23 20.64 21.30
CA TRP D 183 -19.29 20.91 22.75
C TRP D 183 -18.21 20.11 23.49
N VAL D 184 -17.58 20.71 24.50
CA VAL D 184 -16.63 20.04 25.41
C VAL D 184 -16.92 20.52 26.81
N PRO D 185 -16.54 19.75 27.84
CA PRO D 185 -16.62 20.24 29.21
C PRO D 185 -15.85 21.58 29.26
N ASP D 186 -16.47 22.58 29.89
CA ASP D 186 -15.95 23.96 30.04
C ASP D 186 -15.00 23.97 31.23
N PRO D 187 -13.69 24.10 31.01
CA PRO D 187 -12.71 23.89 32.06
C PRO D 187 -12.67 25.09 33.01
N THR D 188 -13.29 26.20 32.59
CA THR D 188 -13.40 27.46 33.38
C THR D 188 -14.54 27.34 34.39
N ARG D 189 -15.34 26.29 34.34
CA ARG D 189 -16.48 26.05 35.24
C ARG D 189 -16.37 24.60 35.74
N ASN D 190 -17.49 23.94 36.04
CA ASN D 190 -17.53 22.51 36.43
C ASN D 190 -16.77 22.30 37.74
N GLU D 191 -16.77 23.30 38.62
CA GLU D 191 -16.30 23.17 40.03
C GLU D 191 -16.97 21.93 40.64
N ASN D 192 -18.27 21.72 40.38
CA ASN D 192 -19.11 20.74 41.10
C ASN D 192 -19.24 19.43 40.29
N THR D 193 -18.38 19.21 39.29
CA THR D 193 -18.38 18.00 38.45
C THR D 193 -16.96 17.45 38.36
N ARG D 194 -16.80 16.14 38.20
CA ARG D 194 -15.51 15.48 37.91
C ARG D 194 -15.66 14.83 36.54
N TYR D 195 -14.93 15.30 35.55
CA TYR D 195 -15.07 14.83 34.15
C TYR D 195 -13.73 14.27 33.70
N PHE D 196 -13.81 13.26 32.86
CA PHE D 196 -12.66 12.51 32.31
C PHE D 196 -13.03 12.07 30.90
N GLY D 197 -12.18 12.37 29.93
CA GLY D 197 -12.41 11.96 28.54
C GLY D 197 -11.12 11.92 27.74
N THR D 198 -11.16 11.21 26.62
CA THR D 198 -10.01 11.04 25.73
C THR D 198 -10.50 11.00 24.29
N LEU D 199 -9.94 11.85 23.44
CA LEU D 199 -10.11 11.75 21.98
C LEU D 199 -8.87 11.08 21.43
N THR D 200 -9.07 9.98 20.71
CA THR D 200 -8.08 9.41 19.75
C THR D 200 -8.60 9.59 18.32
N GLY D 201 -7.92 10.36 17.49
CA GLY D 201 -8.31 10.60 16.09
C GLY D 201 -7.48 9.78 15.13
N GLY D 202 -8.03 9.43 13.96
CA GLY D 202 -7.36 8.61 12.94
C GLY D 202 -8.26 7.47 12.47
N GLU D 203 -8.29 7.22 11.15
CA GLU D 203 -9.25 6.28 10.52
C GLU D 203 -8.90 4.84 10.93
N ASN D 204 -7.67 4.57 11.33
CA ASN D 204 -7.17 3.20 11.61
C ASN D 204 -6.91 3.01 13.11
N VAL D 205 -7.27 3.98 13.95
CA VAL D 205 -7.05 3.85 15.40
C VAL D 205 -7.75 2.59 15.88
N PRO D 206 -7.01 1.62 16.46
CA PRO D 206 -7.63 0.43 17.06
C PRO D 206 -8.34 0.76 18.36
N PRO D 207 -9.62 0.31 18.51
CA PRO D 207 -10.29 0.31 19.81
C PRO D 207 -9.48 -0.50 20.82
N VAL D 208 -9.37 0.03 22.03
CA VAL D 208 -8.75 -0.67 23.18
C VAL D 208 -9.62 -0.42 24.39
N LEU D 209 -10.49 -1.37 24.73
CA LEU D 209 -11.49 -1.20 25.79
C LEU D 209 -11.22 -2.21 26.90
N HIS D 210 -10.82 -1.72 28.09
CA HIS D 210 -10.63 -2.55 29.30
C HIS D 210 -11.94 -2.62 30.09
N ILE D 211 -12.24 -3.79 30.64
CA ILE D 211 -13.44 -4.02 31.50
C ILE D 211 -12.94 -4.70 32.77
N THR D 212 -13.48 -4.33 33.92
CA THR D 212 -13.15 -4.93 35.23
C THR D 212 -14.09 -4.37 36.30
N ASN D 213 -14.50 -5.20 37.24
CA ASN D 213 -15.30 -4.73 38.39
C ASN D 213 -14.37 -4.50 39.59
N THR D 214 -13.06 -4.29 39.38
CA THR D 214 -12.06 -4.16 40.46
C THR D 214 -11.49 -2.74 40.53
N ALA D 215 -11.87 -1.86 39.60
CA ALA D 215 -11.27 -0.52 39.44
C ALA D 215 -12.25 0.53 39.94
N THR D 216 -11.95 1.15 41.08
CA THR D 216 -12.71 2.30 41.65
C THR D 216 -11.95 3.58 41.35
N THR D 217 -12.63 4.67 41.04
CA THR D 217 -12.08 6.04 40.81
C THR D 217 -12.61 6.98 41.90
N VAL D 218 -11.76 7.72 42.60
CA VAL D 218 -12.21 8.59 43.72
C VAL D 218 -12.64 9.95 43.15
N LEU D 219 -13.71 10.55 43.65
CA LEU D 219 -14.30 11.80 43.09
C LEU D 219 -14.02 13.01 44.00
N LEU D 220 -13.27 12.79 45.09
CA LEU D 220 -12.89 13.87 46.05
C LEU D 220 -11.82 14.76 45.40
N ASP D 221 -11.84 16.06 45.71
CA ASP D 221 -10.90 17.08 45.17
C ASP D 221 -9.73 17.22 46.13
N GLU D 222 -8.82 18.17 45.85
CA GLU D 222 -7.64 18.58 46.65
C GLU D 222 -7.99 18.66 48.14
N PHE D 223 -9.24 19.07 48.46
CA PHE D 223 -9.73 19.36 49.83
C PHE D 223 -10.62 18.24 50.36
N GLY D 224 -10.64 17.07 49.72
CA GLY D 224 -11.38 15.89 50.23
C GLY D 224 -12.89 16.03 50.16
N VAL D 225 -13.38 16.94 49.30
CA VAL D 225 -14.82 17.16 48.99
C VAL D 225 -15.15 16.62 47.58
N GLY D 226 -16.15 15.75 47.48
CA GLY D 226 -16.67 15.24 46.19
C GLY D 226 -17.68 16.22 45.63
N PRO D 227 -18.23 15.97 44.42
CA PRO D 227 -19.37 16.75 43.94
C PRO D 227 -20.50 16.73 44.98
N LEU D 228 -21.19 17.87 45.12
CA LEU D 228 -22.36 18.02 46.02
C LEU D 228 -23.64 18.11 45.17
N CYS D 229 -24.59 17.22 45.44
CA CYS D 229 -25.81 17.03 44.62
C CYS D 229 -26.88 18.08 44.98
N LYS D 230 -26.79 19.25 44.36
CA LYS D 230 -27.82 20.32 44.43
C LYS D 230 -29.18 19.73 44.05
N GLY D 231 -30.20 20.03 44.83
CA GLY D 231 -31.60 19.61 44.58
C GLY D 231 -31.77 18.12 44.80
N ASP D 232 -30.88 17.49 45.55
CA ASP D 232 -30.89 16.03 45.80
C ASP D 232 -30.85 15.28 44.46
N ASN D 233 -30.07 15.78 43.50
CA ASN D 233 -29.89 15.17 42.14
C ASN D 233 -28.42 14.90 41.82
N LEU D 234 -28.15 13.74 41.24
CA LEU D 234 -26.82 13.31 40.74
C LEU D 234 -26.88 13.31 39.22
N TYR D 235 -25.87 13.88 38.56
CA TYR D 235 -25.81 14.05 37.09
C TYR D 235 -24.69 13.17 36.51
N LEU D 236 -25.09 12.09 35.85
CA LEU D 236 -24.17 11.24 35.05
C LEU D 236 -24.25 11.69 33.59
N SER D 237 -23.10 12.07 33.04
CA SER D 237 -22.90 12.37 31.60
C SER D 237 -21.85 11.40 31.03
N ALA D 238 -21.96 11.07 29.74
CA ALA D 238 -21.07 10.08 29.07
C ALA D 238 -21.14 10.23 27.56
N VAL D 239 -20.04 9.91 26.88
CA VAL D 239 -20.00 9.67 25.41
C VAL D 239 -19.06 8.50 25.20
N ASP D 240 -19.39 7.55 24.33
CA ASP D 240 -18.47 6.44 23.99
C ASP D 240 -18.58 6.11 22.51
N VAL D 241 -18.23 7.07 21.66
CA VAL D 241 -18.09 6.83 20.20
C VAL D 241 -16.88 5.91 20.04
N CYS D 242 -17.08 4.64 19.66
CA CYS D 242 -16.06 3.59 19.75
C CYS D 242 -15.17 3.61 18.51
N GLY D 243 -15.71 4.17 17.43
CA GLY D 243 -15.12 4.13 16.09
C GLY D 243 -16.20 4.17 15.03
N MET D 244 -15.88 3.73 13.84
CA MET D 244 -16.85 3.61 12.72
C MET D 244 -16.98 2.16 12.30
N PHE D 245 -18.22 1.76 12.00
CA PHE D 245 -18.54 0.50 11.29
C PHE D 245 -18.39 0.78 9.82
N THR D 246 -17.57 0.00 9.10
CA THR D 246 -17.42 0.13 7.64
C THR D 246 -18.32 -0.94 6.99
N ASN D 247 -19.38 -0.47 6.34
CA ASN D 247 -20.31 -1.28 5.52
C ASN D 247 -19.56 -1.83 4.29
N ARG D 248 -20.13 -2.86 3.66
CA ARG D 248 -19.64 -3.55 2.44
C ARG D 248 -19.31 -2.51 1.36
N SER D 249 -20.12 -1.47 1.21
CA SER D 249 -19.94 -0.43 0.16
C SER D 249 -18.72 0.45 0.45
N GLY D 250 -18.23 0.40 1.69
CA GLY D 250 -17.20 1.34 2.21
C GLY D 250 -17.80 2.47 3.03
N SER D 251 -19.12 2.69 2.94
CA SER D 251 -19.85 3.74 3.70
C SER D 251 -19.67 3.48 5.19
N GLN D 252 -19.46 4.53 5.97
CA GLN D 252 -19.10 4.38 7.40
C GLN D 252 -20.16 5.02 8.32
N GLN D 253 -20.51 4.33 9.39
CA GLN D 253 -21.46 4.76 10.46
C GLN D 253 -20.69 4.75 11.78
N TRP D 254 -20.74 5.84 12.53
CA TRP D 254 -20.28 5.84 13.94
C TRP D 254 -20.96 4.67 14.66
N ARG D 255 -20.28 3.98 15.58
CA ARG D 255 -20.92 2.97 16.46
C ARG D 255 -20.62 3.28 17.92
N GLY D 256 -21.66 3.29 18.75
CA GLY D 256 -21.56 3.67 20.17
C GLY D 256 -21.86 2.52 21.06
N LEU D 257 -21.52 2.62 22.34
CA LEU D 257 -21.84 1.60 23.37
C LEU D 257 -22.28 2.27 24.66
N SER D 258 -23.15 1.58 25.40
CA SER D 258 -23.63 2.01 26.73
C SER D 258 -22.46 2.08 27.72
N ARG D 259 -22.56 2.94 28.72
CA ARG D 259 -21.59 3.04 29.84
C ARG D 259 -22.30 2.76 31.16
N TYR D 260 -21.79 1.82 31.94
CA TYR D 260 -22.23 1.54 33.32
C TYR D 260 -21.60 2.57 34.27
N PHE D 261 -22.38 3.03 35.24
CA PHE D 261 -21.92 3.85 36.38
C PHE D 261 -22.36 3.19 37.70
N LYS D 262 -21.52 3.23 38.72
CA LYS D 262 -21.93 2.92 40.10
C LYS D 262 -21.26 3.95 41.00
N VAL D 263 -22.05 4.82 41.61
CA VAL D 263 -21.50 5.95 42.41
C VAL D 263 -21.85 5.74 43.88
N GLN D 264 -20.85 5.61 44.72
CA GLN D 264 -20.95 5.74 46.20
C GLN D 264 -21.21 7.21 46.51
N LEU D 265 -22.15 7.50 47.41
CA LEU D 265 -22.44 8.86 47.89
C LEU D 265 -22.46 8.83 49.43
N ARG D 266 -22.12 9.92 50.10
CA ARG D 266 -22.28 10.08 51.57
C ARG D 266 -22.90 11.45 51.86
N LYS D 267 -23.28 11.73 53.10
CA LYS D 267 -23.96 13.00 53.50
C LYS D 267 -22.93 13.99 54.05
N ARG D 268 -22.97 15.24 53.57
CA ARG D 268 -22.02 16.28 54.03
C ARG D 268 -22.80 17.46 54.59
N ARG D 269 -22.52 17.87 55.83
CA ARG D 269 -23.14 19.07 56.44
C ARG D 269 -22.60 20.29 55.68
N VAL D 270 -23.45 21.28 55.40
CA VAL D 270 -23.19 22.48 54.55
C VAL D 270 -23.94 23.68 55.15
N LYS D 271 -23.32 24.88 55.20
CA LYS D 271 -23.98 26.17 55.58
C LYS D 271 -24.37 26.92 54.30
N ASN D 272 -25.65 27.35 54.22
CA ASN D 272 -26.24 28.32 53.24
C ASN D 272 -26.30 27.69 51.84
N MET E 4 -17.65 -10.03 47.69
CA MET E 4 -18.35 -11.34 47.80
C MET E 4 -19.65 -11.17 48.58
N GLY E 5 -19.56 -10.90 49.87
CA GLY E 5 -20.73 -10.62 50.73
C GLY E 5 -21.92 -11.57 50.55
N GLY E 6 -23.16 -11.04 50.54
CA GLY E 6 -24.42 -11.83 50.49
C GLY E 6 -24.70 -12.43 51.87
N VAL E 7 -23.68 -12.98 52.53
CA VAL E 7 -23.82 -13.51 53.90
C VAL E 7 -22.88 -12.72 54.82
N GLU E 8 -22.93 -12.98 56.12
CA GLU E 8 -22.10 -12.17 57.05
C GLU E 8 -20.67 -12.69 56.99
N VAL E 9 -19.76 -11.86 56.48
CA VAL E 9 -18.36 -12.33 56.33
C VAL E 9 -17.68 -12.08 57.66
N LEU E 10 -17.28 -13.14 58.35
CA LEU E 10 -16.71 -12.97 59.69
C LEU E 10 -15.19 -12.97 59.61
N GLU E 11 -14.50 -13.61 60.55
CA GLU E 11 -13.02 -13.47 60.56
C GLU E 11 -12.39 -14.60 59.72
N VAL E 12 -11.13 -14.44 59.34
CA VAL E 12 -10.36 -15.45 58.55
C VAL E 12 -9.89 -16.54 59.52
N LYS E 13 -10.29 -17.80 59.31
CA LYS E 13 -9.77 -18.95 60.09
C LYS E 13 -8.31 -19.16 59.67
N THR E 14 -7.38 -19.23 60.65
CA THR E 14 -5.97 -19.67 60.46
C THR E 14 -5.78 -21.06 61.09
N GLY E 15 -4.59 -21.67 60.92
CA GLY E 15 -4.28 -23.03 61.39
C GLY E 15 -3.52 -23.82 60.35
N VAL E 16 -3.27 -25.10 60.60
CA VAL E 16 -2.42 -25.99 59.76
C VAL E 16 -3.13 -26.29 58.43
N ASP E 17 -4.47 -26.25 58.38
CA ASP E 17 -5.22 -26.60 57.15
C ASP E 17 -6.27 -25.51 56.85
N SER E 18 -5.83 -24.25 56.78
CA SER E 18 -6.70 -23.09 56.49
C SER E 18 -6.50 -22.60 55.05
N ILE E 19 -5.43 -23.00 54.38
CA ILE E 19 -5.14 -22.56 52.98
C ILE E 19 -5.22 -23.80 52.07
N THR E 20 -5.52 -23.60 50.78
CA THR E 20 -5.47 -24.64 49.71
C THR E 20 -5.20 -23.93 48.36
N GLU E 21 -4.91 -24.72 47.30
CA GLU E 21 -4.56 -24.23 45.94
C GLU E 21 -5.34 -25.01 44.88
N VAL E 22 -5.99 -24.31 43.96
CA VAL E 22 -6.38 -24.83 42.64
C VAL E 22 -5.33 -24.34 41.63
N GLU E 23 -4.97 -25.20 40.70
CA GLU E 23 -4.05 -24.90 39.58
C GLU E 23 -4.56 -25.69 38.40
N CYS E 24 -5.16 -25.06 37.39
CA CYS E 24 -5.52 -25.77 36.14
C CYS E 24 -5.25 -24.87 34.94
N PHE E 25 -5.51 -25.38 33.75
CA PHE E 25 -5.48 -24.68 32.45
C PHE E 25 -6.90 -24.77 31.87
N LEU E 26 -7.37 -23.74 31.16
CA LEU E 26 -8.66 -23.72 30.42
C LEU E 26 -8.33 -23.67 28.95
N THR E 27 -8.95 -24.53 28.16
CA THR E 27 -8.67 -24.59 26.71
C THR E 27 -9.60 -23.59 26.04
N PRO E 28 -9.21 -23.12 24.85
CA PRO E 28 -10.04 -22.21 24.08
C PRO E 28 -11.06 -22.90 23.20
N GLU E 29 -12.34 -22.48 23.25
CA GLU E 29 -13.35 -22.94 22.26
C GLU E 29 -13.48 -21.85 21.22
N MET E 30 -12.75 -22.00 20.11
CA MET E 30 -12.70 -20.99 19.03
C MET E 30 -13.67 -21.38 17.91
N GLY E 31 -14.33 -22.54 18.00
CA GLY E 31 -15.32 -22.99 16.99
C GLY E 31 -15.03 -24.37 16.45
N ASP E 32 -13.76 -24.78 16.47
CA ASP E 32 -13.23 -26.17 16.27
C ASP E 32 -13.92 -26.76 15.06
N PRO E 33 -13.69 -26.19 13.86
CA PRO E 33 -14.34 -26.63 12.62
C PRO E 33 -14.33 -28.15 12.51
N ASP E 34 -13.15 -28.76 12.40
CA ASP E 34 -13.01 -30.20 12.04
C ASP E 34 -12.02 -30.87 13.01
N GLU E 35 -11.71 -32.16 12.80
CA GLU E 35 -10.95 -33.01 13.76
C GLU E 35 -9.52 -32.49 13.95
N HIS E 36 -9.05 -31.59 13.09
CA HIS E 36 -7.63 -31.23 12.93
C HIS E 36 -7.34 -29.78 13.31
N LEU E 37 -8.35 -29.01 13.72
CA LEU E 37 -8.28 -27.54 13.84
C LEU E 37 -8.73 -27.05 15.21
N ARG E 38 -8.50 -27.84 16.25
CA ARG E 38 -8.79 -27.44 17.64
C ARG E 38 -8.01 -26.14 17.93
N GLY E 39 -8.70 -25.09 18.39
CA GLY E 39 -8.09 -23.80 18.72
C GLY E 39 -8.17 -22.83 17.56
N PHE E 40 -8.79 -23.23 16.46
CA PHE E 40 -9.12 -22.32 15.34
C PHE E 40 -10.64 -22.21 15.25
N SER E 41 -11.09 -21.19 14.52
CA SER E 41 -12.47 -21.08 14.02
C SER E 41 -12.44 -21.54 12.57
N LYS E 42 -13.62 -21.66 12.00
CA LYS E 42 -13.80 -21.92 10.56
C LYS E 42 -13.45 -20.62 9.86
N SER E 43 -12.89 -20.73 8.66
CA SER E 43 -12.61 -19.54 7.82
C SER E 43 -13.88 -18.67 7.74
N ILE E 44 -13.74 -17.41 8.17
CA ILE E 44 -14.82 -16.43 8.41
C ILE E 44 -15.44 -16.04 7.08
N SER E 45 -16.76 -16.02 6.99
CA SER E 45 -17.48 -15.52 5.79
C SER E 45 -18.30 -14.31 6.22
N ILE E 46 -18.80 -13.53 5.27
CA ILE E 46 -19.57 -12.29 5.55
C ILE E 46 -20.99 -12.40 4.95
N SER E 47 -22.01 -12.03 5.70
CA SER E 47 -23.42 -12.14 5.25
C SER E 47 -23.63 -11.42 3.92
N ASP E 48 -24.56 -11.95 3.12
CA ASP E 48 -25.02 -11.34 1.85
C ASP E 48 -25.59 -9.94 2.13
N THR E 49 -26.17 -9.71 3.31
CA THR E 49 -26.90 -8.48 3.67
C THR E 49 -26.85 -8.25 5.18
N PHE E 50 -27.07 -7.01 5.61
CA PHE E 50 -26.95 -6.67 7.04
C PHE E 50 -28.01 -7.42 7.84
N GLU E 51 -29.12 -7.68 7.15
CA GLU E 51 -30.39 -8.22 7.74
C GLU E 51 -30.23 -9.72 7.93
N SER E 52 -29.42 -10.37 7.10
CA SER E 52 -29.33 -11.85 7.00
C SER E 52 -28.08 -12.40 7.71
N ASP E 53 -27.40 -11.60 8.53
CA ASP E 53 -26.23 -12.08 9.31
C ASP E 53 -26.66 -13.34 10.05
N SER E 54 -25.99 -14.47 9.83
CA SER E 54 -26.29 -15.72 10.60
C SER E 54 -25.07 -16.64 10.61
N PRO E 55 -24.07 -16.33 11.48
CA PRO E 55 -22.84 -17.10 11.55
C PRO E 55 -23.06 -18.57 11.97
N ASN E 56 -22.39 -19.50 11.28
CA ASN E 56 -22.36 -20.95 11.63
C ASN E 56 -21.70 -21.09 13.00
N ARG E 57 -22.04 -22.15 13.75
CA ARG E 57 -21.57 -22.29 15.15
C ARG E 57 -20.03 -22.40 15.24
N ASP E 58 -19.40 -22.96 14.19
CA ASP E 58 -17.95 -23.24 14.15
C ASP E 58 -17.19 -21.98 13.69
N MET E 59 -17.87 -20.86 13.49
CA MET E 59 -17.24 -19.56 13.15
C MET E 59 -17.26 -18.63 14.37
N LEU E 60 -17.79 -19.10 15.50
CA LEU E 60 -18.04 -18.25 16.70
C LEU E 60 -17.24 -18.77 17.88
N PRO E 61 -16.12 -18.11 18.21
CA PRO E 61 -15.50 -18.28 19.52
C PRO E 61 -16.50 -18.11 20.67
N CYS E 62 -16.28 -18.84 21.77
CA CYS E 62 -17.13 -18.85 22.99
C CYS E 62 -16.30 -18.72 24.26
N TYR E 63 -16.92 -18.15 25.29
CA TYR E 63 -16.37 -18.13 26.67
C TYR E 63 -16.09 -19.57 27.10
N SER E 64 -14.95 -19.77 27.74
CA SER E 64 -14.55 -21.04 28.40
C SER E 64 -14.83 -20.88 29.89
N VAL E 65 -15.35 -21.92 30.54
CA VAL E 65 -15.64 -21.93 32.00
C VAL E 65 -15.24 -23.28 32.58
N ALA E 66 -14.87 -23.31 33.84
CA ALA E 66 -14.46 -24.53 34.56
C ALA E 66 -14.90 -24.42 36.01
N ARG E 67 -15.76 -25.35 36.45
CA ARG E 67 -16.19 -25.48 37.86
C ARG E 67 -15.21 -26.42 38.57
N ILE E 68 -14.49 -25.96 39.60
CA ILE E 68 -13.49 -26.79 40.32
C ILE E 68 -14.05 -27.12 41.70
N PRO E 69 -14.26 -28.41 42.07
CA PRO E 69 -14.74 -28.75 43.39
C PRO E 69 -13.56 -28.62 44.37
N LEU E 70 -13.80 -27.96 45.51
CA LEU E 70 -12.77 -27.74 46.56
C LEU E 70 -12.97 -28.72 47.70
N PRO E 71 -11.95 -28.93 48.55
CA PRO E 71 -12.09 -29.74 49.76
C PRO E 71 -13.34 -29.40 50.59
N ASN E 72 -14.10 -30.43 50.98
CA ASN E 72 -15.45 -30.27 51.59
C ASN E 72 -15.31 -29.63 52.98
N LEU E 73 -16.27 -28.79 53.36
CA LEU E 73 -16.32 -28.10 54.69
C LEU E 73 -17.78 -28.10 55.16
N ASN E 74 -18.10 -28.63 56.35
CA ASN E 74 -19.51 -28.71 56.82
C ASN E 74 -20.22 -29.91 56.13
N ILE E 82 -21.05 -21.52 59.30
CA ILE E 82 -20.36 -22.23 58.18
C ILE E 82 -18.94 -21.68 57.96
N LEU E 83 -18.10 -22.51 57.33
CA LEU E 83 -16.84 -22.10 56.63
C LEU E 83 -17.06 -22.10 55.11
N MET E 84 -16.51 -21.10 54.41
CA MET E 84 -16.43 -21.07 52.92
C MET E 84 -14.99 -20.79 52.48
N TRP E 85 -14.62 -21.31 51.30
CA TRP E 85 -13.31 -21.00 50.67
C TRP E 85 -13.31 -19.59 50.08
N GLU E 86 -12.32 -18.79 50.49
CA GLU E 86 -12.07 -17.40 50.01
C GLU E 86 -10.90 -17.43 49.03
N ALA E 87 -11.15 -17.08 47.76
CA ALA E 87 -10.12 -16.94 46.71
C ALA E 87 -9.35 -15.64 46.97
N VAL E 88 -8.04 -15.73 47.19
CA VAL E 88 -7.23 -14.60 47.71
C VAL E 88 -6.31 -14.05 46.62
N THR E 89 -5.60 -14.92 45.90
CA THR E 89 -4.65 -14.48 44.85
C THR E 89 -4.86 -15.31 43.58
N LEU E 90 -4.53 -14.72 42.45
CA LEU E 90 -4.57 -15.37 41.12
C LEU E 90 -3.20 -15.16 40.48
N LYS E 91 -2.69 -16.19 39.81
CA LYS E 91 -1.63 -16.08 38.79
C LYS E 91 -2.23 -16.64 37.51
N THR E 92 -2.09 -15.93 36.42
CA THR E 92 -2.57 -16.43 35.11
C THR E 92 -1.58 -16.01 34.04
N GLU E 93 -1.45 -16.81 32.99
CA GLU E 93 -0.75 -16.36 31.74
C GLU E 93 -1.30 -17.18 30.58
N VAL E 94 -1.07 -16.72 29.36
CA VAL E 94 -1.47 -17.48 28.15
C VAL E 94 -0.42 -18.57 27.88
N ILE E 95 -0.86 -19.80 27.67
CA ILE E 95 0.05 -20.94 27.42
C ILE E 95 0.21 -21.18 25.92
N GLY E 96 1.44 -21.06 25.45
CA GLY E 96 1.83 -21.43 24.07
C GLY E 96 1.91 -20.19 23.19
N VAL E 97 2.42 -19.09 23.73
CA VAL E 97 2.52 -17.78 23.01
C VAL E 97 3.44 -17.96 21.81
N THR E 98 4.53 -18.70 21.95
CA THR E 98 5.59 -18.84 20.90
C THR E 98 5.00 -19.49 19.64
N SER E 99 3.92 -20.26 19.80
CA SER E 99 3.28 -21.01 18.68
C SER E 99 2.85 -20.03 17.61
N LEU E 100 2.73 -18.74 17.97
CA LEU E 100 2.23 -17.66 17.06
C LEU E 100 3.37 -17.19 16.16
N MET E 101 4.59 -17.69 16.38
CA MET E 101 5.74 -17.44 15.48
C MET E 101 5.74 -18.44 14.32
N ASN E 102 4.79 -19.37 14.22
CA ASN E 102 4.75 -20.35 13.09
C ASN E 102 4.20 -19.62 11.87
N VAL E 103 5.10 -19.03 11.10
CA VAL E 103 4.78 -18.15 9.95
C VAL E 103 5.03 -18.90 8.63
N HIS E 104 5.04 -20.24 8.63
CA HIS E 104 5.43 -21.08 7.47
C HIS E 104 4.38 -22.14 7.09
N SER E 105 3.26 -22.22 7.80
CA SER E 105 2.27 -23.34 7.69
C SER E 105 1.12 -22.93 6.77
N ASN E 106 1.39 -22.88 5.48
CA ASN E 106 0.41 -22.50 4.42
C ASN E 106 -0.22 -21.15 4.75
N GLY E 107 0.56 -20.19 5.23
CA GLY E 107 0.09 -18.82 5.49
C GLY E 107 -0.04 -17.92 4.28
N GLN E 108 -0.33 -16.63 4.50
CA GLN E 108 -0.16 -15.60 3.42
C GLN E 108 1.17 -14.87 3.40
N ALA E 109 1.98 -15.15 2.38
CA ALA E 109 3.18 -14.35 2.08
C ALA E 109 2.72 -12.91 2.13
N THR E 110 3.31 -12.11 3.02
CA THR E 110 3.08 -10.65 3.13
C THR E 110 3.49 -9.96 1.82
N HIS E 111 4.40 -10.54 1.04
CA HIS E 111 4.94 -9.95 -0.22
C HIS E 111 5.78 -10.98 -0.96
N ASP E 112 6.25 -10.71 -2.19
CA ASP E 112 7.05 -11.71 -2.93
C ASP E 112 8.20 -12.18 -2.04
N ASN E 113 8.25 -13.49 -1.76
CA ASN E 113 9.31 -14.20 -0.98
C ASN E 113 9.18 -13.81 0.49
N GLY E 114 8.08 -13.18 0.85
CA GLY E 114 7.78 -12.91 2.27
C GLY E 114 7.48 -14.18 3.03
N ALA E 115 7.74 -14.14 4.33
CA ALA E 115 7.26 -15.17 5.26
C ALA E 115 5.74 -15.05 5.28
N GLY E 116 5.04 -15.94 5.95
CA GLY E 116 3.60 -15.77 6.10
C GLY E 116 3.26 -14.60 6.99
N LYS E 117 2.11 -13.98 6.75
CA LYS E 117 1.57 -12.96 7.69
C LYS E 117 1.31 -13.68 9.00
N PRO E 118 1.85 -13.22 10.14
CA PRO E 118 1.70 -13.92 11.41
C PRO E 118 0.29 -13.72 11.95
N VAL E 119 -0.14 -14.59 12.88
CA VAL E 119 -1.42 -14.36 13.61
C VAL E 119 -1.37 -12.94 14.14
N GLN E 120 -2.43 -12.18 13.89
CA GLN E 120 -2.60 -10.76 14.34
C GLN E 120 -4.07 -10.35 14.22
N GLY E 121 -4.42 -9.18 14.72
CA GLY E 121 -5.73 -8.57 14.52
C GLY E 121 -6.61 -8.67 15.76
N THR E 122 -7.90 -8.40 15.61
CA THR E 122 -8.90 -8.26 16.69
C THR E 122 -8.68 -9.34 17.74
N SER E 123 -8.59 -8.95 19.01
CA SER E 123 -8.20 -9.82 20.14
C SER E 123 -9.11 -9.52 21.31
N PHE E 124 -9.57 -10.55 22.02
CA PHE E 124 -10.21 -10.40 23.36
C PHE E 124 -9.49 -11.32 24.35
N HIS E 125 -8.76 -10.75 25.30
CA HIS E 125 -8.13 -11.49 26.43
C HIS E 125 -8.90 -11.09 27.68
N PHE E 126 -9.49 -12.09 28.32
CA PHE E 126 -10.45 -11.97 29.44
C PHE E 126 -10.26 -13.18 30.39
N PHE E 127 -10.39 -12.95 31.68
CA PHE E 127 -10.34 -14.03 32.71
C PHE E 127 -10.97 -13.55 33.99
N SER E 128 -11.70 -14.46 34.65
CA SER E 128 -12.50 -14.19 35.87
C SER E 128 -12.21 -15.28 36.90
N VAL E 129 -12.28 -14.94 38.19
CA VAL E 129 -12.26 -15.89 39.33
C VAL E 129 -13.48 -15.60 40.21
N GLY E 130 -14.34 -16.58 40.40
CA GLY E 130 -15.65 -16.42 41.05
C GLY E 130 -15.99 -17.54 42.01
N GLY E 131 -16.74 -17.22 43.07
CA GLY E 131 -17.40 -18.16 43.99
C GLY E 131 -18.67 -18.73 43.40
N GLU E 132 -19.04 -18.29 42.18
CA GLU E 132 -20.21 -18.76 41.42
C GLU E 132 -19.99 -18.43 39.95
N ALA E 133 -20.91 -18.85 39.09
CA ALA E 133 -20.80 -18.59 37.63
C ALA E 133 -20.59 -17.09 37.40
N LEU E 134 -19.76 -16.77 36.41
CA LEU E 134 -19.74 -15.41 35.82
C LEU E 134 -21.16 -15.08 35.36
N GLU E 135 -21.63 -13.88 35.69
CA GLU E 135 -22.97 -13.39 35.27
C GLU E 135 -22.83 -12.53 34.01
N LEU E 136 -23.59 -12.85 32.97
CA LEU E 136 -23.48 -12.22 31.63
C LEU E 136 -24.67 -11.28 31.34
N GLN E 137 -24.35 -10.15 30.70
CA GLN E 137 -25.31 -9.26 30.01
C GLN E 137 -25.13 -9.47 28.50
N GLY E 138 -26.22 -9.63 27.78
CA GLY E 138 -26.19 -9.68 26.32
C GLY E 138 -26.13 -8.28 25.72
N VAL E 139 -25.24 -8.10 24.76
CA VAL E 139 -25.21 -6.88 23.89
C VAL E 139 -24.88 -7.34 22.49
N LEU E 140 -25.64 -6.85 21.53
CA LEU E 140 -25.58 -7.33 20.12
C LEU E 140 -24.99 -6.22 19.24
N PHE E 141 -24.06 -6.56 18.35
CA PHE E 141 -23.63 -5.61 17.30
C PHE E 141 -24.83 -5.34 16.38
N ASN E 142 -25.51 -6.39 15.97
CA ASN E 142 -26.68 -6.33 15.05
C ASN E 142 -27.77 -7.21 15.64
N TYR E 143 -28.91 -6.67 16.07
CA TYR E 143 -29.97 -7.44 16.79
C TYR E 143 -30.62 -8.47 15.85
N ARG E 144 -30.50 -8.27 14.54
CA ARG E 144 -31.11 -9.17 13.53
C ARG E 144 -30.16 -10.33 13.21
N THR E 145 -28.96 -10.34 13.77
CA THR E 145 -28.02 -11.51 13.67
C THR E 145 -28.73 -12.73 14.22
N LYS E 146 -28.83 -13.84 13.47
CA LYS E 146 -29.41 -15.12 13.93
C LYS E 146 -28.30 -15.99 14.49
N TYR E 147 -28.17 -16.10 15.82
CA TYR E 147 -27.08 -16.90 16.44
C TYR E 147 -27.44 -18.36 16.24
N PRO E 148 -26.45 -19.23 15.93
CA PRO E 148 -26.74 -20.54 15.36
C PRO E 148 -27.18 -21.52 16.44
N ASP E 149 -28.08 -22.41 16.04
CA ASP E 149 -28.52 -23.61 16.78
C ASP E 149 -27.32 -24.22 17.53
N GLY E 150 -27.38 -24.33 18.85
CA GLY E 150 -26.35 -25.05 19.63
C GLY E 150 -25.54 -24.14 20.53
N THR E 151 -25.71 -22.83 20.36
CA THR E 151 -25.15 -21.76 21.21
C THR E 151 -26.29 -21.15 22.03
N ILE E 152 -26.00 -20.68 23.22
CA ILE E 152 -26.94 -19.93 24.09
C ILE E 152 -26.74 -18.44 23.78
N PHE E 153 -27.76 -17.78 23.25
CA PHE E 153 -27.67 -16.37 22.80
C PHE E 153 -28.80 -15.56 23.41
N PRO E 154 -28.70 -14.22 23.41
CA PRO E 154 -29.80 -13.35 23.79
C PRO E 154 -31.10 -13.69 23.04
N LYS E 155 -32.16 -13.96 23.79
CA LYS E 155 -33.48 -14.33 23.26
C LYS E 155 -34.35 -13.07 23.30
N ASN E 156 -35.28 -12.95 22.33
CA ASN E 156 -36.27 -11.83 22.25
C ASN E 156 -35.50 -10.54 21.96
N ALA E 157 -34.54 -10.62 21.05
CA ALA E 157 -33.73 -9.47 20.61
C ALA E 157 -34.64 -8.41 20.05
N THR E 158 -34.45 -7.19 20.51
CA THR E 158 -35.08 -5.96 19.98
C THR E 158 -33.94 -5.05 19.51
N VAL E 159 -34.25 -3.99 18.77
CA VAL E 159 -33.22 -3.00 18.40
C VAL E 159 -32.54 -2.53 19.69
N GLN E 160 -33.24 -2.40 20.82
CA GLN E 160 -32.62 -1.94 22.10
C GLN E 160 -31.50 -2.89 22.50
N SER E 161 -31.58 -4.16 22.08
CA SER E 161 -30.54 -5.19 22.39
C SER E 161 -29.16 -4.69 21.92
N GLN E 162 -29.12 -3.92 20.81
CA GLN E 162 -27.91 -3.34 20.17
C GLN E 162 -27.18 -2.39 21.12
N VAL E 163 -27.84 -1.75 22.10
CA VAL E 163 -27.16 -0.77 22.99
C VAL E 163 -27.25 -1.24 24.44
N MET E 164 -28.43 -1.65 24.87
CA MET E 164 -28.69 -2.24 26.21
C MET E 164 -30.15 -2.71 26.33
N ASN E 165 -30.35 -3.93 26.84
CA ASN E 165 -31.69 -4.55 27.01
C ASN E 165 -31.59 -5.54 28.19
N THR E 166 -32.13 -5.18 29.36
CA THR E 166 -31.90 -5.91 30.62
C THR E 166 -32.57 -7.28 30.59
N GLU E 167 -33.37 -7.61 29.58
CA GLU E 167 -33.89 -9.01 29.41
C GLU E 167 -32.71 -9.97 29.33
N HIS E 168 -31.63 -9.63 28.59
CA HIS E 168 -30.51 -10.53 28.23
C HIS E 168 -29.56 -10.76 29.40
N LYS E 169 -30.04 -11.44 30.45
CA LYS E 169 -29.18 -11.97 31.54
C LYS E 169 -28.99 -13.47 31.35
N ALA E 170 -27.94 -14.03 31.95
CA ALA E 170 -27.48 -15.42 31.74
C ALA E 170 -26.31 -15.75 32.66
N TYR E 171 -26.09 -17.03 32.93
CA TYR E 171 -24.95 -17.55 33.72
C TYR E 171 -23.98 -18.29 32.79
N LEU E 172 -22.69 -17.99 32.90
CA LEU E 172 -21.63 -18.74 32.17
C LEU E 172 -21.46 -20.09 32.89
N ASP E 173 -22.33 -21.02 32.52
CA ASP E 173 -22.54 -22.32 33.20
C ASP E 173 -22.30 -23.47 32.23
N LYS E 174 -21.84 -23.20 31.00
CA LYS E 174 -21.70 -24.24 29.95
C LYS E 174 -20.60 -23.85 28.94
N ASN E 175 -19.83 -24.84 28.51
CA ASN E 175 -18.73 -24.64 27.53
C ASN E 175 -19.25 -24.79 26.10
N LYS E 176 -18.51 -24.27 25.15
CA LYS E 176 -18.83 -24.35 23.71
C LYS E 176 -20.24 -23.78 23.50
N ALA E 177 -20.69 -22.92 24.41
CA ALA E 177 -22.12 -22.51 24.51
C ALA E 177 -22.31 -21.02 24.23
N TYR E 178 -21.66 -20.15 25.02
CA TYR E 178 -21.94 -18.69 25.00
C TYR E 178 -20.98 -17.98 24.06
N PRO E 179 -21.41 -17.60 22.84
CA PRO E 179 -20.54 -16.88 21.91
C PRO E 179 -19.94 -15.65 22.59
N VAL E 180 -18.70 -15.28 22.25
CA VAL E 180 -17.98 -14.15 22.87
C VAL E 180 -18.64 -12.84 22.44
N GLU E 181 -19.14 -12.78 21.21
CA GLU E 181 -19.48 -11.52 20.51
C GLU E 181 -20.86 -11.00 20.93
N CYS E 182 -21.58 -11.70 21.80
CA CYS E 182 -22.96 -11.27 22.19
C CYS E 182 -23.14 -11.34 23.71
N TRP E 183 -22.08 -11.62 24.46
CA TRP E 183 -22.12 -11.67 25.94
C TRP E 183 -20.92 -10.94 26.53
N VAL E 184 -21.13 -10.21 27.61
CA VAL E 184 -20.05 -9.56 28.41
C VAL E 184 -20.38 -9.76 29.88
N PRO E 185 -19.37 -9.70 30.77
CA PRO E 185 -19.64 -9.67 32.21
C PRO E 185 -20.66 -8.57 32.48
N ASP E 186 -21.68 -8.89 33.28
CA ASP E 186 -22.79 -7.97 33.67
C ASP E 186 -22.30 -7.17 34.86
N PRO E 187 -22.02 -5.88 34.69
CA PRO E 187 -21.33 -5.11 35.73
C PRO E 187 -22.28 -4.78 36.88
N THR E 188 -23.59 -4.97 36.64
CA THR E 188 -24.67 -4.71 37.63
C THR E 188 -24.80 -5.91 38.57
N ARG E 189 -24.04 -6.97 38.28
CA ARG E 189 -24.10 -8.13 39.18
C ARG E 189 -22.97 -9.12 39.03
N ASN E 190 -21.77 -8.85 39.53
CA ASN E 190 -20.78 -9.95 39.70
C ASN E 190 -20.10 -9.70 41.03
N GLU E 191 -20.89 -9.45 42.07
CA GLU E 191 -20.40 -9.12 43.43
C GLU E 191 -19.35 -10.18 43.85
N ASN E 192 -19.62 -11.46 43.55
CA ASN E 192 -18.85 -12.63 44.06
C ASN E 192 -17.82 -13.13 43.02
N THR E 193 -17.52 -12.33 42.01
CA THR E 193 -16.53 -12.65 40.95
C THR E 193 -15.57 -11.46 40.79
N ARG E 194 -14.32 -11.72 40.40
CA ARG E 194 -13.34 -10.70 40.00
C ARG E 194 -13.03 -10.93 38.53
N TYR E 195 -13.43 -10.03 37.64
CA TYR E 195 -13.27 -10.23 36.17
C TYR E 195 -12.40 -9.10 35.64
N PHE E 196 -11.60 -9.43 34.65
CA PHE E 196 -10.65 -8.54 33.95
C PHE E 196 -10.57 -8.96 32.48
N GLY E 197 -10.77 -8.01 31.57
CA GLY E 197 -10.68 -8.27 30.13
C GLY E 197 -10.30 -7.03 29.37
N THR E 198 -9.85 -7.23 28.14
CA THR E 198 -9.45 -6.14 27.23
C THR E 198 -9.82 -6.53 25.81
N LEU E 199 -10.56 -5.68 25.12
CA LEU E 199 -10.74 -5.80 23.66
C LEU E 199 -9.79 -4.82 22.98
N THR E 200 -8.95 -5.34 22.10
CA THR E 200 -8.24 -4.56 21.06
C THR E 200 -8.79 -4.90 19.69
N GLY E 201 -9.45 -3.96 19.01
CA GLY E 201 -10.04 -4.17 17.68
C GLY E 201 -9.15 -3.62 16.58
N GLY E 202 -9.17 -4.20 15.38
CA GLY E 202 -8.34 -3.76 14.25
C GLY E 202 -7.65 -4.94 13.59
N GLU E 203 -7.65 -4.97 12.25
CA GLU E 203 -7.18 -6.14 11.46
C GLU E 203 -5.67 -6.30 11.63
N ASN E 204 -4.95 -5.25 12.00
CA ASN E 204 -3.47 -5.23 12.04
C ASN E 204 -2.96 -5.14 13.48
N VAL E 205 -3.84 -5.22 14.46
CA VAL E 205 -3.41 -5.14 15.87
C VAL E 205 -2.38 -6.23 16.12
N PRO E 206 -1.14 -5.87 16.51
CA PRO E 206 -0.13 -6.84 16.89
C PRO E 206 -0.44 -7.50 18.23
N PRO E 207 -0.40 -8.85 18.30
CA PRO E 207 -0.43 -9.57 19.57
C PRO E 207 0.72 -9.12 20.45
N VAL E 208 0.42 -8.91 21.73
CA VAL E 208 1.45 -8.59 22.75
C VAL E 208 1.12 -9.41 23.99
N LEU E 209 1.81 -10.52 24.16
CA LEU E 209 1.52 -11.50 25.22
C LEU E 209 2.75 -11.59 26.12
N HIS E 210 2.59 -11.17 27.38
CA HIS E 210 3.60 -11.31 28.44
C HIS E 210 3.39 -12.64 29.16
N ILE E 211 4.48 -13.29 29.54
CA ILE E 211 4.47 -14.52 30.38
C ILE E 211 5.43 -14.27 31.55
N THR E 212 5.10 -14.73 32.73
CA THR E 212 6.02 -14.67 33.92
C THR E 212 5.40 -15.46 35.07
N ASN E 213 6.25 -16.14 35.85
CA ASN E 213 5.77 -16.82 37.07
C ASN E 213 6.01 -15.92 38.29
N THR E 214 6.15 -14.60 38.12
CA THR E 214 6.49 -13.65 39.20
C THR E 214 5.32 -12.72 39.53
N ALA E 215 4.23 -12.79 38.78
CA ALA E 215 3.17 -11.76 38.82
C ALA E 215 1.93 -12.35 39.50
N THR E 216 1.65 -11.91 40.73
CA THR E 216 0.43 -12.31 41.47
C THR E 216 -0.58 -11.18 41.39
N THR E 217 -1.86 -11.48 41.24
CA THR E 217 -3.00 -10.51 41.23
C THR E 217 -3.89 -10.79 42.44
N VAL E 218 -4.18 -9.79 43.27
CA VAL E 218 -4.94 -10.02 44.52
C VAL E 218 -6.43 -9.93 44.20
N LEU E 219 -7.26 -10.80 44.81
CA LEU E 219 -8.69 -10.92 44.46
C LEU E 219 -9.57 -10.32 45.56
N LEU E 220 -8.98 -9.72 46.59
CA LEU E 220 -9.72 -9.08 47.71
C LEU E 220 -10.34 -7.77 47.23
N ASP E 221 -11.51 -7.43 47.76
CA ASP E 221 -12.28 -6.20 47.41
C ASP E 221 -11.89 -5.09 48.38
N GLU E 222 -12.56 -3.93 48.28
CA GLU E 222 -12.39 -2.72 49.14
C GLU E 222 -12.34 -3.13 50.62
N PHE E 223 -13.05 -4.20 50.99
CA PHE E 223 -13.28 -4.65 52.39
C PHE E 223 -12.41 -5.87 52.72
N GLY E 224 -11.41 -6.21 51.91
CA GLY E 224 -10.45 -7.30 52.20
C GLY E 224 -11.05 -8.70 52.15
N VAL E 225 -12.19 -8.85 51.45
CA VAL E 225 -12.88 -10.15 51.19
C VAL E 225 -12.70 -10.53 49.70
N GLY E 226 -12.19 -11.73 49.44
CA GLY E 226 -12.11 -12.32 48.08
C GLY E 226 -13.44 -12.96 47.71
N PRO E 227 -13.58 -13.52 46.48
CA PRO E 227 -14.74 -14.33 46.14
C PRO E 227 -14.92 -15.46 47.16
N LEU E 228 -16.17 -15.77 47.49
CA LEU E 228 -16.55 -16.87 48.43
C LEU E 228 -17.21 -17.99 47.63
N CYS E 229 -16.65 -19.19 47.72
CA CYS E 229 -17.00 -20.33 46.86
C CYS E 229 -18.27 -21.05 47.37
N LYS E 230 -19.44 -20.56 46.95
CA LYS E 230 -20.75 -21.21 47.17
C LYS E 230 -20.68 -22.66 46.66
N GLY E 231 -21.18 -23.62 47.45
CA GLY E 231 -21.24 -25.04 47.08
C GLY E 231 -19.87 -25.70 47.09
N ASP E 232 -18.88 -25.08 47.76
CA ASP E 232 -17.47 -25.55 47.74
C ASP E 232 -16.99 -25.69 46.28
N ASN E 233 -17.35 -24.71 45.45
CA ASN E 233 -16.97 -24.62 44.02
C ASN E 233 -16.28 -23.29 43.71
N LEU E 234 -15.21 -23.36 42.93
CA LEU E 234 -14.49 -22.20 42.36
C LEU E 234 -14.76 -22.18 40.86
N TYR E 235 -15.07 -21.01 40.31
CA TYR E 235 -15.45 -20.81 38.89
C TYR E 235 -14.38 -20.00 38.16
N LEU E 236 -13.60 -20.67 37.33
CA LEU E 236 -12.63 -20.04 36.41
C LEU E 236 -13.30 -19.88 35.05
N SER E 237 -13.37 -18.65 34.57
CA SER E 237 -13.84 -18.27 33.23
C SER E 237 -12.68 -17.56 32.51
N ALA E 238 -12.63 -17.65 31.18
CA ALA E 238 -11.54 -17.10 30.35
C ALA E 238 -11.96 -17.02 28.89
N VAL E 239 -11.44 -16.03 28.16
CA VAL E 239 -11.42 -16.00 26.67
C VAL E 239 -10.06 -15.46 26.27
N ASP E 240 -9.41 -16.03 25.26
CA ASP E 240 -8.12 -15.52 24.76
C ASP E 240 -8.06 -15.66 23.25
N VAL E 241 -8.98 -14.97 22.56
CA VAL E 241 -8.94 -14.86 21.08
C VAL E 241 -7.71 -13.99 20.80
N CYS E 242 -6.66 -14.57 20.21
CA CYS E 242 -5.33 -13.95 20.11
C CYS E 242 -5.26 -13.05 18.89
N GLY E 243 -6.15 -13.31 17.92
CA GLY E 243 -6.11 -12.71 16.58
C GLY E 243 -6.68 -13.67 15.57
N MET E 244 -6.35 -13.49 14.29
CA MET E 244 -6.76 -14.39 13.20
C MET E 244 -5.51 -14.95 12.53
N PHE E 245 -5.58 -16.22 12.13
CA PHE E 245 -4.61 -16.88 11.23
C PHE E 245 -5.07 -16.54 9.82
N THR E 246 -4.19 -15.99 8.99
CA THR E 246 -4.49 -15.73 7.56
C THR E 246 -3.90 -16.89 6.74
N ASN E 247 -4.79 -17.70 6.18
CA ASN E 247 -4.48 -18.78 5.21
C ASN E 247 -3.92 -18.18 3.92
N ARG E 248 -3.26 -19.00 3.12
CA ARG E 248 -2.65 -18.68 1.80
C ARG E 248 -3.65 -17.93 0.93
N SER E 249 -4.91 -18.33 0.93
CA SER E 249 -5.99 -17.74 0.08
C SER E 249 -6.35 -16.33 0.54
N GLY E 250 -5.95 -15.97 1.76
CA GLY E 250 -6.42 -14.76 2.45
C GLY E 250 -7.53 -15.06 3.45
N SER E 251 -8.18 -16.21 3.36
CA SER E 251 -9.29 -16.62 4.28
C SER E 251 -8.79 -16.64 5.72
N GLN E 252 -9.57 -16.16 6.66
CA GLN E 252 -9.09 -15.95 8.04
C GLN E 252 -9.84 -16.80 9.06
N GLN E 253 -9.12 -17.43 9.99
CA GLN E 253 -9.67 -18.22 11.12
C GLN E 253 -9.20 -17.59 12.43
N TRP E 254 -10.09 -17.28 13.34
CA TRP E 254 -9.73 -16.92 14.74
C TRP E 254 -8.75 -17.98 15.26
N ARG E 255 -7.76 -17.60 16.06
CA ARG E 255 -6.84 -18.55 16.74
C ARG E 255 -6.82 -18.26 18.24
N GLY E 256 -7.04 -19.28 19.05
CA GLY E 256 -7.15 -19.15 20.52
C GLY E 256 -6.01 -19.85 21.21
N LEU E 257 -5.81 -19.56 22.50
CA LEU E 257 -4.79 -20.25 23.34
C LEU E 257 -5.35 -20.52 24.73
N SER E 258 -4.87 -21.59 25.33
CA SER E 258 -5.22 -21.99 26.71
C SER E 258 -4.73 -20.92 27.69
N ARG E 259 -5.41 -20.81 28.84
CA ARG E 259 -5.00 -19.89 29.93
C ARG E 259 -4.76 -20.72 31.20
N TYR E 260 -3.59 -20.55 31.81
CA TYR E 260 -3.22 -21.11 33.12
C TYR E 260 -3.86 -20.27 34.23
N PHE E 261 -4.38 -20.94 35.25
CA PHE E 261 -4.83 -20.33 36.52
C PHE E 261 -4.14 -21.03 37.69
N LYS E 262 -3.72 -20.27 38.68
CA LYS E 262 -3.35 -20.81 40.01
C LYS E 262 -3.99 -19.89 41.04
N VAL E 263 -4.95 -20.41 41.78
CA VAL E 263 -5.69 -19.57 42.77
C VAL E 263 -5.35 -20.08 44.19
N GLN E 264 -4.75 -19.22 45.00
CA GLN E 264 -4.64 -19.39 46.47
C GLN E 264 -6.03 -19.20 47.07
N LEU E 265 -6.45 -20.07 47.98
CA LEU E 265 -7.72 -19.94 48.70
C LEU E 265 -7.45 -20.06 50.20
N ARG E 266 -8.26 -19.44 51.04
CA ARG E 266 -8.22 -19.61 52.51
C ARG E 266 -9.66 -19.78 53.03
N LYS E 267 -9.82 -20.10 54.30
CA LYS E 267 -11.15 -20.36 54.91
C LYS E 267 -11.68 -19.10 55.58
N ARG E 268 -12.95 -18.79 55.32
CA ARG E 268 -13.57 -17.61 55.94
C ARG E 268 -14.78 -18.06 56.74
N ARG E 269 -14.86 -17.68 58.00
CA ARG E 269 -16.04 -17.92 58.87
C ARG E 269 -17.16 -17.00 58.32
N VAL E 270 -18.37 -17.54 58.27
CA VAL E 270 -19.57 -16.94 57.61
C VAL E 270 -20.81 -17.27 58.47
N LYS E 271 -21.74 -16.33 58.65
CA LYS E 271 -23.10 -16.58 59.22
C LYS E 271 -24.11 -16.72 58.07
N ASN E 272 -24.86 -17.83 58.02
CA ASN E 272 -26.15 -18.03 57.29
C ASN E 272 -25.94 -17.98 55.77
N SER F 2 -29.16 -24.81 -1.99
CA SER F 2 -28.82 -26.28 -1.78
C SER F 2 -28.26 -26.97 -3.06
N VAL F 3 -28.49 -26.41 -4.26
CA VAL F 3 -27.80 -26.78 -5.54
C VAL F 3 -27.12 -25.52 -6.10
N LEU F 4 -26.01 -25.66 -6.79
CA LEU F 4 -25.32 -24.52 -7.42
C LEU F 4 -25.87 -24.34 -8.84
N THR F 5 -26.28 -23.12 -9.16
CA THR F 5 -26.89 -22.74 -10.45
C THR F 5 -25.85 -21.96 -11.26
N GLN F 6 -25.39 -22.51 -12.39
CA GLN F 6 -24.54 -21.78 -13.37
C GLN F 6 -25.13 -21.90 -14.77
N PRO F 7 -24.94 -20.88 -15.65
CA PRO F 7 -25.47 -20.92 -17.01
C PRO F 7 -25.06 -22.19 -17.73
N PRO F 8 -26.00 -22.94 -18.36
CA PRO F 8 -25.64 -24.14 -19.13
C PRO F 8 -24.66 -23.85 -20.26
N SER F 9 -24.74 -22.68 -20.87
CA SER F 9 -23.78 -22.25 -21.92
C SER F 9 -23.40 -20.77 -21.75
N ALA F 10 -22.23 -20.43 -22.26
CA ALA F 10 -21.70 -19.06 -22.39
C ALA F 10 -20.80 -19.02 -23.62
N SER F 11 -20.61 -17.84 -24.21
CA SER F 11 -19.79 -17.65 -25.42
C SER F 11 -19.27 -16.21 -25.50
N GLY F 12 -18.32 -15.99 -26.41
CA GLY F 12 -17.66 -14.70 -26.63
C GLY F 12 -16.80 -14.71 -27.90
N THR F 13 -16.43 -13.51 -28.34
CA THR F 13 -15.52 -13.26 -29.50
C THR F 13 -14.09 -13.14 -28.98
N PRO F 14 -13.08 -13.74 -29.68
CA PRO F 14 -11.71 -13.74 -29.16
C PRO F 14 -11.31 -12.34 -28.70
N GLY F 15 -10.68 -12.23 -27.52
CA GLY F 15 -10.20 -10.95 -26.95
C GLY F 15 -11.20 -10.36 -25.97
N GLN F 16 -12.46 -10.82 -26.00
CA GLN F 16 -13.54 -10.34 -25.09
C GLN F 16 -13.28 -10.86 -23.67
N ARG F 17 -14.01 -10.28 -22.71
CA ARG F 17 -14.20 -10.81 -21.32
C ARG F 17 -15.56 -11.53 -21.30
N VAL F 18 -15.56 -12.82 -20.94
CA VAL F 18 -16.78 -13.62 -20.66
C VAL F 18 -16.89 -13.79 -19.15
N THR F 19 -18.12 -13.81 -18.64
CA THR F 19 -18.40 -13.91 -17.18
C THR F 19 -19.38 -15.08 -16.97
N ILE F 20 -18.97 -16.12 -16.23
CA ILE F 20 -19.84 -17.27 -15.83
C ILE F 20 -20.17 -17.11 -14.35
N SER F 21 -21.45 -17.05 -14.00
CA SER F 21 -21.91 -16.90 -12.60
C SER F 21 -22.16 -18.29 -11.99
N CYS F 22 -22.02 -18.38 -10.67
CA CYS F 22 -22.42 -19.54 -9.85
C CYS F 22 -23.17 -19.05 -8.61
N SER F 23 -24.44 -19.39 -8.50
CA SER F 23 -25.35 -18.92 -7.42
C SER F 23 -25.70 -20.11 -6.53
N GLY F 24 -25.55 -19.94 -5.22
CA GLY F 24 -25.89 -20.96 -4.20
C GLY F 24 -26.75 -20.38 -3.10
N GLY F 25 -26.57 -20.87 -1.87
CA GLY F 25 -27.29 -20.35 -0.68
C GLY F 25 -26.45 -20.47 0.58
N SER F 26 -27.01 -20.02 1.72
CA SER F 26 -26.25 -19.86 2.99
C SER F 26 -25.56 -21.17 3.37
N SER F 27 -26.22 -22.31 3.11
CA SER F 27 -25.76 -23.68 3.47
C SER F 27 -24.48 -24.06 2.70
N ASN F 28 -24.26 -23.52 1.49
CA ASN F 28 -23.07 -23.83 0.69
C ASN F 28 -22.21 -22.55 0.57
N ILE F 29 -22.41 -21.77 -0.50
CA ILE F 29 -21.46 -20.70 -0.93
C ILE F 29 -21.40 -19.60 0.13
N GLY F 30 -22.46 -19.42 0.90
CA GLY F 30 -22.54 -18.42 1.98
C GLY F 30 -21.42 -18.62 2.96
N SER F 31 -21.26 -19.84 3.46
CA SER F 31 -20.25 -20.12 4.53
C SER F 31 -19.13 -21.03 4.04
N ASN F 32 -19.06 -21.40 2.75
CA ASN F 32 -17.96 -22.25 2.20
C ASN F 32 -17.38 -21.69 0.91
N PRO F 33 -16.08 -21.92 0.62
CA PRO F 33 -15.42 -21.42 -0.59
C PRO F 33 -15.79 -22.19 -1.85
N VAL F 34 -15.79 -21.49 -2.99
CA VAL F 34 -16.01 -22.06 -4.35
C VAL F 34 -14.66 -22.29 -5.04
N ASN F 35 -14.40 -23.53 -5.48
CA ASN F 35 -13.35 -23.80 -6.49
C ASN F 35 -14.02 -23.90 -7.87
N TRP F 36 -13.33 -23.42 -8.91
CA TRP F 36 -13.68 -23.58 -10.35
C TRP F 36 -12.75 -24.63 -10.97
N PHE F 37 -13.27 -25.57 -11.74
CA PHE F 37 -12.48 -26.59 -12.46
C PHE F 37 -12.72 -26.44 -13.97
N GLN F 38 -11.65 -26.48 -14.75
CA GLN F 38 -11.67 -26.40 -16.23
C GLN F 38 -11.58 -27.82 -16.76
N GLN F 39 -12.39 -28.18 -17.75
CA GLN F 39 -12.49 -29.55 -18.30
C GLN F 39 -12.58 -29.47 -19.83
N PHE F 40 -11.54 -29.96 -20.50
CA PHE F 40 -11.48 -30.14 -21.96
C PHE F 40 -12.07 -31.49 -22.30
N PRO F 41 -12.69 -31.64 -23.50
CA PRO F 41 -13.07 -32.93 -24.05
C PRO F 41 -12.07 -34.05 -23.75
N GLY F 42 -12.57 -35.19 -23.27
CA GLY F 42 -11.81 -36.44 -23.07
C GLY F 42 -10.79 -36.34 -21.94
N THR F 43 -10.76 -35.27 -21.17
CA THR F 43 -9.76 -35.05 -20.09
C THR F 43 -10.49 -34.92 -18.75
N ALA F 44 -9.73 -35.04 -17.67
CA ALA F 44 -10.22 -34.88 -16.29
C ALA F 44 -10.51 -33.40 -16.07
N PRO F 45 -11.31 -33.03 -15.04
CA PRO F 45 -11.35 -31.67 -14.53
C PRO F 45 -9.97 -31.31 -13.97
N LYS F 46 -9.63 -30.03 -13.97
CA LYS F 46 -8.36 -29.51 -13.40
C LYS F 46 -8.70 -28.22 -12.65
N LEU F 47 -7.98 -27.94 -11.57
CA LEU F 47 -8.22 -26.73 -10.74
C LEU F 47 -7.86 -25.50 -11.57
N LEU F 48 -8.78 -24.54 -11.69
CA LEU F 48 -8.59 -23.25 -12.41
C LEU F 48 -8.59 -22.10 -11.42
N ILE F 49 -9.61 -22.01 -10.57
CA ILE F 49 -9.70 -21.05 -9.43
C ILE F 49 -9.97 -21.85 -8.15
N TYR F 50 -9.38 -21.47 -7.02
CA TYR F 50 -9.73 -21.96 -5.66
C TYR F 50 -10.04 -20.79 -4.72
N ALA F 51 -10.72 -21.07 -3.62
CA ALA F 51 -11.05 -20.08 -2.56
C ALA F 51 -11.67 -18.83 -3.19
N ASN F 52 -12.60 -19.03 -4.14
CA ASN F 52 -13.46 -17.97 -4.74
C ASN F 52 -12.71 -17.19 -5.81
N THR F 53 -11.45 -16.84 -5.56
CA THR F 53 -10.73 -15.72 -6.24
C THR F 53 -9.22 -15.97 -6.47
N GLN F 54 -8.68 -17.16 -6.23
CA GLN F 54 -7.22 -17.39 -6.21
C GLN F 54 -6.82 -18.33 -7.33
N ARG F 55 -5.67 -18.09 -7.95
CA ARG F 55 -5.13 -18.89 -9.08
C ARG F 55 -4.03 -19.80 -8.57
N PRO F 56 -4.06 -21.10 -8.93
CA PRO F 56 -2.90 -21.95 -8.66
C PRO F 56 -1.81 -21.54 -9.65
N SER F 57 -0.56 -21.94 -9.40
CA SER F 57 0.55 -21.73 -10.38
C SER F 57 0.16 -22.40 -11.71
N GLY F 58 0.31 -21.66 -12.82
CA GLY F 58 0.08 -22.18 -14.18
C GLY F 58 -1.14 -21.53 -14.84
N VAL F 59 -1.99 -20.86 -14.06
CA VAL F 59 -3.24 -20.22 -14.56
C VAL F 59 -2.93 -18.75 -14.82
N PRO F 60 -3.06 -18.31 -16.09
CA PRO F 60 -2.90 -16.89 -16.44
C PRO F 60 -3.69 -15.88 -15.61
N ASP F 61 -3.12 -14.68 -15.46
CA ASP F 61 -3.75 -13.41 -14.98
C ASP F 61 -5.18 -13.22 -15.46
N ARG F 62 -5.46 -13.63 -16.70
CA ARG F 62 -6.73 -13.41 -17.43
C ARG F 62 -7.89 -13.95 -16.60
N PHE F 63 -7.73 -15.16 -16.07
CA PHE F 63 -8.71 -15.86 -15.19
C PHE F 63 -8.78 -15.19 -13.82
N SER F 64 -9.98 -14.84 -13.40
CA SER F 64 -10.23 -14.09 -12.15
C SER F 64 -11.62 -14.48 -11.62
N GLY F 65 -11.86 -14.17 -10.35
CA GLY F 65 -13.16 -14.42 -9.71
C GLY F 65 -13.60 -13.24 -8.89
N SER F 66 -14.90 -13.15 -8.63
CA SER F 66 -15.50 -12.21 -7.65
C SER F 66 -16.53 -12.98 -6.80
N LYS F 67 -16.60 -12.67 -5.50
CA LYS F 67 -17.62 -13.20 -4.56
C LYS F 67 -18.49 -12.03 -4.09
N SER F 68 -19.80 -12.17 -4.13
CA SER F 68 -20.76 -11.30 -3.40
C SER F 68 -21.76 -12.19 -2.66
N GLY F 69 -21.58 -12.35 -1.34
CA GLY F 69 -22.40 -13.24 -0.48
C GLY F 69 -22.57 -14.61 -1.10
N THR F 70 -23.82 -15.03 -1.36
CA THR F 70 -24.18 -16.43 -1.75
C THR F 70 -23.92 -16.68 -3.25
N SER F 71 -23.42 -15.70 -4.00
CA SER F 71 -23.10 -15.87 -5.44
C SER F 71 -21.65 -15.52 -5.68
N VAL F 72 -21.04 -16.23 -6.64
CA VAL F 72 -19.64 -16.05 -7.10
C VAL F 72 -19.71 -15.98 -8.62
N SER F 73 -18.73 -15.34 -9.26
CA SER F 73 -18.55 -15.38 -10.73
C SER F 73 -17.10 -15.71 -11.06
N LEU F 74 -16.91 -16.35 -12.22
CA LEU F 74 -15.62 -16.56 -12.89
C LEU F 74 -15.57 -15.59 -14.07
N ALA F 75 -14.42 -14.92 -14.25
CA ALA F 75 -14.17 -13.97 -15.35
C ALA F 75 -12.98 -14.47 -16.17
N ILE F 76 -13.26 -14.91 -17.38
CA ILE F 76 -12.20 -15.19 -18.41
C ILE F 76 -12.06 -13.94 -19.28
N SER F 77 -11.00 -13.16 -19.07
CA SER F 77 -10.68 -11.97 -19.90
C SER F 77 -9.67 -12.40 -20.97
N GLY F 78 -9.53 -11.59 -22.03
CA GLY F 78 -8.65 -11.91 -23.17
C GLY F 78 -8.95 -13.29 -23.71
N LEU F 79 -10.22 -13.54 -24.03
CA LEU F 79 -10.72 -14.88 -24.41
C LEU F 79 -9.90 -15.42 -25.59
N GLN F 80 -9.53 -16.70 -25.55
CA GLN F 80 -8.79 -17.39 -26.64
C GLN F 80 -9.51 -18.70 -26.96
N SER F 81 -9.17 -19.33 -28.10
CA SER F 81 -9.81 -20.57 -28.59
C SER F 81 -9.40 -21.74 -27.69
N GLU F 82 -8.19 -21.67 -27.11
CA GLU F 82 -7.62 -22.69 -26.18
C GLU F 82 -8.46 -22.75 -24.90
N ASP F 83 -9.38 -21.80 -24.71
CA ASP F 83 -10.28 -21.68 -23.52
C ASP F 83 -11.61 -22.42 -23.77
N GLU F 84 -11.73 -23.06 -24.92
CA GLU F 84 -12.99 -23.78 -25.25
C GLU F 84 -13.04 -25.03 -24.37
N GLY F 85 -14.15 -25.21 -23.67
CA GLY F 85 -14.27 -26.31 -22.69
C GLY F 85 -15.45 -26.13 -21.77
N ASP F 86 -15.63 -27.04 -20.81
CA ASP F 86 -16.64 -26.95 -19.73
C ASP F 86 -15.97 -26.36 -18.47
N TYR F 87 -16.67 -25.44 -17.78
CA TYR F 87 -16.23 -24.80 -16.52
C TYR F 87 -17.18 -25.23 -15.41
N HIS F 88 -16.65 -25.97 -14.44
CA HIS F 88 -17.38 -26.57 -13.30
C HIS F 88 -17.21 -25.79 -12.01
N CYS F 89 -18.33 -25.43 -11.40
CA CYS F 89 -18.43 -24.68 -10.13
C CYS F 89 -18.72 -25.64 -8.98
N ALA F 90 -17.93 -25.62 -7.90
CA ALA F 90 -18.12 -26.55 -6.76
C ALA F 90 -17.92 -25.85 -5.42
N ALA F 91 -18.58 -26.37 -4.38
CA ALA F 91 -18.51 -25.84 -3.00
C ALA F 91 -19.14 -26.84 -2.04
N TRP F 92 -18.62 -26.90 -0.81
CA TRP F 92 -19.18 -27.77 0.25
C TRP F 92 -20.54 -27.24 0.70
N ASP F 93 -21.49 -28.14 0.98
CA ASP F 93 -22.81 -27.74 1.54
C ASP F 93 -22.93 -28.32 2.96
N ASP F 94 -23.08 -27.45 3.94
CA ASP F 94 -23.09 -27.79 5.38
C ASP F 94 -24.33 -28.61 5.73
N SER F 95 -25.43 -28.40 5.03
CA SER F 95 -26.72 -29.09 5.29
C SER F 95 -26.63 -30.51 4.74
N LEU F 96 -26.16 -30.70 3.52
CA LEU F 96 -26.10 -32.02 2.83
C LEU F 96 -24.86 -32.79 3.27
N LYS F 97 -23.98 -32.18 4.07
CA LYS F 97 -22.66 -32.76 4.43
C LYS F 97 -22.06 -33.44 3.20
N GLY F 98 -21.88 -32.68 2.12
CA GLY F 98 -21.25 -33.16 0.87
C GLY F 98 -20.83 -32.02 -0.03
N TRP F 99 -20.13 -32.33 -1.11
CA TRP F 99 -19.79 -31.37 -2.18
C TRP F 99 -20.98 -31.26 -3.14
N VAL F 100 -21.42 -30.04 -3.41
CA VAL F 100 -22.36 -29.72 -4.53
C VAL F 100 -21.56 -29.07 -5.68
N PHE F 101 -21.91 -29.44 -6.92
CA PHE F 101 -21.35 -28.86 -8.17
C PHE F 101 -22.48 -28.14 -8.88
N GLY F 102 -22.13 -27.34 -9.88
CA GLY F 102 -23.08 -26.73 -10.81
C GLY F 102 -23.32 -27.69 -11.94
N GLY F 103 -24.08 -27.24 -12.94
CA GLY F 103 -24.41 -28.05 -14.12
C GLY F 103 -23.19 -28.20 -14.98
N GLY F 104 -22.29 -27.24 -14.91
CA GLY F 104 -21.27 -27.06 -15.95
C GLY F 104 -21.72 -25.98 -16.93
N THR F 105 -20.74 -25.30 -17.52
CA THR F 105 -20.92 -24.20 -18.48
C THR F 105 -20.01 -24.48 -19.66
N LYS F 106 -20.59 -24.83 -20.80
CA LYS F 106 -19.81 -25.05 -22.04
C LYS F 106 -19.57 -23.67 -22.66
N LEU F 107 -18.31 -23.26 -22.70
CA LEU F 107 -17.85 -21.96 -23.23
C LEU F 107 -17.46 -22.18 -24.67
N THR F 108 -18.21 -21.59 -25.61
CA THR F 108 -17.91 -21.58 -27.06
C THR F 108 -17.20 -20.27 -27.40
N VAL F 109 -16.12 -20.37 -28.18
CA VAL F 109 -15.33 -19.22 -28.71
C VAL F 109 -15.60 -19.12 -30.21
N LEU F 110 -16.02 -17.92 -30.65
CA LEU F 110 -16.47 -17.67 -32.05
C LEU F 110 -15.32 -17.09 -32.89
N GLY F 111 -15.46 -17.11 -34.21
CA GLY F 111 -14.34 -16.93 -35.17
C GLY F 111 -14.29 -18.04 -36.20
N ALA F 112 -14.69 -19.27 -35.85
CA ALA F 112 -14.84 -20.44 -36.75
C ALA F 112 -15.99 -20.22 -37.74
N PRO F 113 -15.73 -20.06 -39.06
CA PRO F 113 -16.79 -19.75 -40.01
C PRO F 113 -17.66 -20.99 -40.32
N LYS F 114 -18.88 -20.77 -40.83
CA LYS F 114 -19.85 -21.81 -41.27
C LYS F 114 -19.22 -22.68 -42.39
N ALA F 115 -19.34 -24.01 -42.27
CA ALA F 115 -18.83 -25.02 -43.22
C ALA F 115 -19.96 -25.95 -43.69
N ASN F 116 -19.72 -26.64 -44.82
CA ASN F 116 -20.72 -27.43 -45.60
C ASN F 116 -20.99 -28.77 -44.91
N PRO F 117 -22.19 -29.00 -44.31
CA PRO F 117 -22.57 -30.32 -43.79
C PRO F 117 -22.81 -31.31 -44.95
N THR F 118 -21.75 -31.98 -45.40
CA THR F 118 -21.75 -32.95 -46.54
C THR F 118 -22.57 -34.20 -46.15
N VAL F 119 -23.38 -34.75 -47.06
CA VAL F 119 -24.34 -35.86 -46.74
C VAL F 119 -24.17 -36.98 -47.77
N THR F 120 -24.06 -38.23 -47.30
CA THR F 120 -23.55 -39.42 -48.03
C THR F 120 -24.50 -40.60 -47.75
N LEU F 121 -25.81 -40.43 -48.02
CA LEU F 121 -26.89 -41.43 -47.68
C LEU F 121 -26.76 -42.72 -48.52
N PHE F 122 -26.44 -43.85 -47.85
CA PHE F 122 -26.27 -45.20 -48.44
C PHE F 122 -27.58 -45.99 -48.32
N PRO F 123 -27.93 -46.85 -49.30
CA PRO F 123 -29.06 -47.77 -49.13
C PRO F 123 -28.71 -48.99 -48.29
N PRO F 124 -29.67 -49.89 -47.99
CA PRO F 124 -29.37 -51.26 -47.53
C PRO F 124 -28.47 -52.08 -48.48
N SER F 125 -28.15 -53.33 -48.14
CA SER F 125 -27.17 -54.20 -48.82
C SER F 125 -27.63 -55.69 -48.93
N SER F 126 -28.18 -56.26 -47.84
CA SER F 126 -28.76 -57.64 -47.75
C SER F 126 -30.02 -57.62 -46.85
N ASN F 132 -33.71 -61.55 -44.32
CA ASN F 132 -32.75 -60.63 -43.63
C ASN F 132 -33.51 -59.32 -43.29
N LYS F 133 -32.77 -58.26 -42.98
CA LYS F 133 -33.27 -56.97 -42.44
C LYS F 133 -32.61 -55.82 -43.20
N ALA F 134 -33.03 -54.58 -42.94
CA ALA F 134 -32.76 -53.41 -43.81
C ALA F 134 -32.46 -52.14 -43.00
N THR F 135 -31.17 -51.79 -42.85
CA THR F 135 -30.68 -50.55 -42.17
C THR F 135 -30.24 -49.52 -43.22
N LEU F 136 -30.45 -48.21 -42.95
CA LEU F 136 -30.04 -47.07 -43.82
C LEU F 136 -29.06 -46.15 -43.06
N VAL F 137 -28.10 -45.57 -43.77
CA VAL F 137 -26.93 -44.80 -43.22
C VAL F 137 -26.90 -43.41 -43.87
N CYS F 138 -26.75 -42.36 -43.07
CA CYS F 138 -26.77 -40.93 -43.52
C CYS F 138 -25.62 -40.19 -42.81
N LEU F 139 -24.40 -40.33 -43.34
CA LEU F 139 -23.16 -39.78 -42.74
C LEU F 139 -23.04 -38.29 -43.06
N ILE F 140 -22.86 -37.46 -42.04
CA ILE F 140 -22.81 -35.96 -42.11
C ILE F 140 -21.46 -35.56 -41.51
N SER F 141 -20.67 -34.65 -42.14
CA SER F 141 -19.34 -34.20 -41.64
C SER F 141 -19.02 -32.72 -41.94
N ASP F 142 -17.98 -32.22 -41.26
CA ASP F 142 -17.34 -30.88 -41.39
C ASP F 142 -18.35 -29.74 -41.24
N PHE F 143 -18.81 -29.47 -40.01
CA PHE F 143 -19.71 -28.34 -39.66
C PHE F 143 -19.10 -27.52 -38.49
N TYR F 144 -18.39 -26.40 -38.78
CA TYR F 144 -17.57 -25.60 -37.82
C TYR F 144 -18.40 -24.61 -37.00
N PRO F 145 -19.72 -24.43 -37.31
CA PRO F 145 -20.69 -23.95 -36.33
C PRO F 145 -21.18 -24.96 -35.28
N GLY F 146 -20.96 -26.28 -35.46
CA GLY F 146 -21.17 -27.32 -34.43
C GLY F 146 -22.29 -28.30 -34.78
N ALA F 147 -23.43 -28.23 -34.07
CA ALA F 147 -24.53 -29.23 -34.05
C ALA F 147 -25.54 -29.00 -35.19
N VAL F 148 -26.37 -30.00 -35.48
CA VAL F 148 -27.29 -30.05 -36.67
C VAL F 148 -28.59 -30.77 -36.27
N THR F 149 -29.52 -30.96 -37.23
CA THR F 149 -30.85 -31.62 -37.05
C THR F 149 -30.93 -32.79 -38.03
N VAL F 150 -32.00 -33.60 -38.02
CA VAL F 150 -32.23 -34.69 -39.00
C VAL F 150 -33.72 -35.05 -39.09
N ALA F 151 -34.17 -35.44 -40.27
CA ALA F 151 -35.55 -35.90 -40.57
C ALA F 151 -35.47 -36.89 -41.73
N TRP F 152 -36.58 -37.57 -42.04
CA TRP F 152 -36.66 -38.64 -43.08
C TRP F 152 -38.07 -38.63 -43.71
N ALA F 161 -39.38 -43.00 -36.53
CA ALA F 161 -39.74 -44.43 -36.47
C ALA F 161 -38.59 -45.29 -36.96
N GLY F 162 -37.65 -45.63 -36.08
CA GLY F 162 -36.46 -46.38 -36.48
C GLY F 162 -35.28 -45.44 -36.53
N VAL F 163 -35.52 -44.17 -36.19
CA VAL F 163 -34.46 -43.13 -36.29
C VAL F 163 -33.53 -43.22 -35.08
N GLU F 164 -32.22 -43.07 -35.32
CA GLU F 164 -31.22 -43.15 -34.25
C GLU F 164 -30.09 -42.20 -34.64
N THR F 165 -30.03 -41.01 -34.02
CA THR F 165 -29.05 -39.95 -34.42
C THR F 165 -27.98 -39.77 -33.32
N THR F 166 -26.74 -39.45 -33.71
CA THR F 166 -25.54 -39.31 -32.85
C THR F 166 -25.43 -37.88 -32.30
N LYS F 167 -24.82 -37.71 -31.11
CA LYS F 167 -24.36 -36.39 -30.59
C LYS F 167 -23.19 -35.95 -31.47
N PRO F 168 -23.18 -34.69 -31.96
CA PRO F 168 -22.09 -34.20 -32.81
C PRO F 168 -20.67 -34.35 -32.22
N SER F 169 -19.71 -34.86 -33.02
CA SER F 169 -18.30 -35.12 -32.61
C SER F 169 -17.31 -34.20 -33.33
N LYS F 170 -16.46 -33.44 -32.63
CA LYS F 170 -15.37 -32.63 -33.27
C LYS F 170 -14.57 -33.63 -34.11
N GLN F 171 -14.35 -33.34 -35.40
CA GLN F 171 -13.35 -34.03 -36.26
C GLN F 171 -11.97 -33.40 -35.96
N SER F 172 -10.89 -34.08 -36.36
CA SER F 172 -9.49 -33.77 -35.96
C SER F 172 -9.01 -32.45 -36.61
N ASN F 173 -9.78 -31.92 -37.57
CA ASN F 173 -9.53 -30.60 -38.21
C ASN F 173 -10.35 -29.52 -37.49
N ASN F 174 -10.73 -29.77 -36.24
CA ASN F 174 -11.80 -29.04 -35.49
C ASN F 174 -12.89 -28.53 -36.45
N LYS F 175 -13.58 -29.45 -37.14
CA LYS F 175 -14.93 -29.28 -37.73
C LYS F 175 -15.73 -30.56 -37.38
N THR F 176 -17.04 -30.46 -37.13
CA THR F 176 -17.81 -31.43 -36.29
C THR F 176 -18.71 -32.34 -37.16
N ALA F 177 -18.56 -33.65 -36.92
CA ALA F 177 -19.21 -34.80 -37.60
C ALA F 177 -20.28 -35.48 -36.73
N ALA F 178 -21.33 -36.02 -37.35
CA ALA F 178 -22.37 -36.91 -36.74
C ALA F 178 -22.74 -38.05 -37.72
N SER F 179 -23.64 -38.95 -37.32
CA SER F 179 -24.23 -40.01 -38.19
C SER F 179 -25.67 -40.29 -37.73
N SER F 180 -26.59 -40.66 -38.64
CA SER F 180 -28.00 -41.02 -38.32
C SER F 180 -28.41 -42.28 -39.08
N TYR F 181 -29.17 -43.18 -38.43
CA TYR F 181 -29.53 -44.53 -38.95
C TYR F 181 -31.05 -44.69 -38.88
N LEU F 182 -31.64 -45.38 -39.86
CA LEU F 182 -33.11 -45.63 -39.94
C LEU F 182 -33.36 -47.10 -40.29
N SER F 183 -34.18 -47.78 -39.50
CA SER F 183 -34.54 -49.21 -39.70
C SER F 183 -35.81 -49.28 -40.56
N LEU F 184 -35.89 -50.28 -41.43
CA LEU F 184 -37.06 -50.53 -42.33
C LEU F 184 -37.34 -52.03 -42.42
N THR F 185 -38.62 -52.38 -42.57
CA THR F 185 -39.09 -53.66 -43.14
C THR F 185 -38.95 -53.63 -44.66
N PRO F 186 -38.29 -54.65 -45.26
CA PRO F 186 -38.48 -54.98 -46.67
C PRO F 186 -39.94 -55.30 -47.04
N SER F 194 -37.74 -43.81 -53.08
CA SER F 194 -38.50 -42.64 -52.56
C SER F 194 -37.74 -41.96 -51.40
N TYR F 195 -37.26 -42.73 -50.40
CA TYR F 195 -36.81 -42.30 -49.04
C TYR F 195 -35.55 -41.40 -49.09
N SER F 196 -35.62 -40.21 -48.47
CA SER F 196 -34.52 -39.22 -48.37
C SER F 196 -34.08 -39.02 -46.90
N CYS F 197 -33.03 -38.22 -46.69
CA CYS F 197 -32.45 -37.85 -45.35
C CYS F 197 -32.15 -36.33 -45.32
N GLN F 198 -33.20 -35.52 -45.11
CA GLN F 198 -33.11 -34.03 -45.02
C GLN F 198 -32.41 -33.66 -43.70
N VAL F 199 -31.28 -32.94 -43.76
CA VAL F 199 -30.49 -32.49 -42.56
C VAL F 199 -30.37 -30.95 -42.60
N THR F 200 -30.77 -30.27 -41.52
CA THR F 200 -30.73 -28.79 -41.34
C THR F 200 -29.42 -28.39 -40.64
N HIS F 201 -28.94 -27.16 -40.87
CA HIS F 201 -27.69 -26.63 -40.27
C HIS F 201 -27.64 -25.11 -40.41
N GLU F 202 -27.99 -24.39 -39.33
CA GLU F 202 -28.17 -22.92 -39.32
C GLU F 202 -29.31 -22.56 -40.29
N GLY F 203 -30.48 -23.18 -40.13
CA GLY F 203 -31.73 -22.88 -40.86
C GLY F 203 -31.73 -23.33 -42.32
N THR F 204 -30.71 -24.07 -42.79
CA THR F 204 -30.43 -24.37 -44.24
C THR F 204 -30.23 -25.87 -44.53
N THR F 205 -31.18 -26.49 -45.25
CA THR F 205 -31.35 -27.96 -45.50
C THR F 205 -30.45 -28.44 -46.66
N VAL F 206 -29.97 -29.70 -46.61
CA VAL F 206 -28.95 -30.30 -47.53
C VAL F 206 -29.29 -31.78 -47.76
N GLU F 207 -30.56 -32.10 -48.04
CA GLU F 207 -31.06 -33.50 -48.26
C GLU F 207 -30.32 -34.15 -49.45
N LYS F 208 -29.70 -35.32 -49.24
CA LYS F 208 -29.31 -36.30 -50.30
C LYS F 208 -30.39 -37.42 -50.27
N THR F 209 -30.62 -38.11 -51.40
CA THR F 209 -31.71 -39.13 -51.57
C THR F 209 -31.13 -40.45 -52.10
N VAL F 210 -31.89 -41.54 -51.93
CA VAL F 210 -31.60 -42.90 -52.48
C VAL F 210 -32.94 -43.60 -52.70
N ALA F 211 -32.96 -44.69 -53.47
CA ALA F 211 -34.16 -45.51 -53.78
C ALA F 211 -33.77 -46.97 -54.10
N PRO F 212 -34.73 -47.93 -54.10
CA PRO F 212 -34.45 -49.32 -54.49
C PRO F 212 -33.64 -49.46 -55.79
N LEU G 4 0.92 34.86 -15.55
CA LEU G 4 1.02 33.44 -15.94
C LEU G 4 1.25 33.38 -17.46
N THR G 5 2.28 32.64 -17.86
CA THR G 5 2.71 32.47 -19.26
C THR G 5 2.31 31.06 -19.71
N GLN G 6 1.39 30.98 -20.70
CA GLN G 6 1.04 29.69 -21.36
C GLN G 6 1.14 29.84 -22.89
N PRO G 7 1.48 28.77 -23.63
CA PRO G 7 1.57 28.83 -25.08
C PRO G 7 0.29 29.38 -25.72
N PRO G 8 0.36 30.37 -26.63
CA PRO G 8 -0.83 30.91 -27.29
C PRO G 8 -1.63 29.85 -28.07
N SER G 9 -0.93 28.85 -28.62
CA SER G 9 -1.59 27.73 -29.33
C SER G 9 -0.88 26.41 -29.04
N ALA G 10 -1.64 25.32 -29.21
CA ALA G 10 -1.19 23.92 -29.21
C ALA G 10 -2.12 23.15 -30.15
N SER G 11 -1.65 22.01 -30.65
CA SER G 11 -2.42 21.14 -31.58
C SER G 11 -1.94 19.69 -31.47
N GLY G 12 -2.71 18.78 -32.07
CA GLY G 12 -2.40 17.34 -32.11
C GLY G 12 -3.34 16.57 -33.02
N THR G 13 -2.97 15.33 -33.32
CA THR G 13 -3.75 14.34 -34.10
C THR G 13 -4.59 13.51 -33.12
N PRO G 14 -5.88 13.22 -33.45
CA PRO G 14 -6.73 12.45 -32.55
C PRO G 14 -6.00 11.22 -32.00
N GLY G 15 -6.09 10.96 -30.69
CA GLY G 15 -5.45 9.82 -30.00
C GLY G 15 -4.14 10.20 -29.36
N GLN G 16 -3.52 11.32 -29.78
CA GLN G 16 -2.23 11.82 -29.23
C GLN G 16 -2.39 12.35 -27.79
N ARG G 17 -1.27 12.56 -27.10
CA ARG G 17 -1.17 13.30 -25.82
C ARG G 17 -0.62 14.70 -26.15
N VAL G 18 -1.36 15.74 -25.79
CA VAL G 18 -0.93 17.17 -25.90
C VAL G 18 -0.64 17.70 -24.49
N THR G 19 0.28 18.65 -24.36
CA THR G 19 0.73 19.21 -23.06
C THR G 19 0.68 20.74 -23.14
N ILE G 20 -0.11 21.40 -22.29
CA ILE G 20 -0.12 22.90 -22.15
C ILE G 20 0.56 23.27 -20.84
N SER G 21 1.64 24.06 -20.90
CA SER G 21 2.39 24.51 -19.69
C SER G 21 1.86 25.88 -19.22
N CYS G 22 2.00 26.17 -17.91
CA CYS G 22 1.63 27.44 -17.27
C CYS G 22 2.72 27.79 -16.26
N SER G 23 3.41 28.91 -16.49
CA SER G 23 4.62 29.29 -15.71
C SER G 23 4.32 30.60 -15.00
N GLY G 24 4.56 30.63 -13.68
CA GLY G 24 4.36 31.81 -12.82
C GLY G 24 5.58 32.09 -11.95
N GLY G 25 5.38 32.56 -10.72
CA GLY G 25 6.45 32.89 -9.76
C GLY G 25 6.02 32.68 -8.33
N SER G 26 6.94 32.87 -7.37
CA SER G 26 6.72 32.58 -5.92
C SER G 26 5.42 33.27 -5.43
N SER G 27 5.10 34.42 -6.03
CA SER G 27 3.90 35.19 -5.62
C SER G 27 2.60 34.49 -6.02
N ASN G 28 2.59 33.80 -7.16
CA ASN G 28 1.38 33.04 -7.57
C ASN G 28 1.55 31.53 -7.43
N ILE G 29 1.88 30.83 -8.51
CA ILE G 29 1.92 29.33 -8.49
C ILE G 29 2.74 28.81 -7.32
N GLY G 30 3.74 29.54 -6.86
CA GLY G 30 4.61 29.04 -5.79
C GLY G 30 3.81 28.75 -4.53
N SER G 31 3.01 29.72 -4.10
CA SER G 31 2.28 29.71 -2.82
C SER G 31 0.78 29.50 -3.00
N ASN G 32 0.25 29.46 -4.24
CA ASN G 32 -1.21 29.34 -4.49
C ASN G 32 -1.50 28.29 -5.55
N PRO G 33 -2.67 27.59 -5.45
CA PRO G 33 -3.05 26.55 -6.40
C PRO G 33 -3.53 27.10 -7.74
N VAL G 34 -3.30 26.33 -8.80
CA VAL G 34 -3.74 26.63 -10.19
C VAL G 34 -5.00 25.83 -10.49
N ASN G 35 -6.08 26.51 -10.89
CA ASN G 35 -7.22 25.86 -11.57
C ASN G 35 -7.03 26.04 -13.08
N TRP G 36 -7.42 25.02 -13.86
CA TRP G 36 -7.54 25.07 -15.33
C TRP G 36 -9.03 25.17 -15.70
N PHE G 37 -9.37 26.04 -16.64
CA PHE G 37 -10.76 26.18 -17.16
C PHE G 37 -10.76 25.86 -18.65
N GLN G 38 -11.75 25.08 -19.08
CA GLN G 38 -11.98 24.71 -20.50
C GLN G 38 -13.08 25.64 -21.00
N GLN G 39 -12.93 26.19 -22.21
CA GLN G 39 -13.91 27.15 -22.82
C GLN G 39 -14.12 26.79 -24.29
N PHE G 40 -15.35 26.37 -24.60
CA PHE G 40 -15.82 26.20 -26.00
C PHE G 40 -16.35 27.54 -26.48
N PRO G 41 -16.08 27.92 -27.74
CA PRO G 41 -16.59 29.17 -28.33
C PRO G 41 -18.06 29.46 -27.95
N GLY G 42 -18.33 30.69 -27.55
CA GLY G 42 -19.67 31.22 -27.29
C GLY G 42 -20.31 30.64 -26.03
N THR G 43 -19.59 29.85 -25.23
CA THR G 43 -20.02 29.45 -23.86
C THR G 43 -19.04 30.05 -22.83
N ALA G 44 -19.42 29.92 -21.55
CA ALA G 44 -18.61 30.35 -20.40
C ALA G 44 -17.40 29.42 -20.27
N PRO G 45 -16.34 29.83 -19.55
CA PRO G 45 -15.34 28.90 -19.03
C PRO G 45 -15.99 27.92 -18.05
N LYS G 46 -15.43 26.74 -17.90
CA LYS G 46 -15.88 25.72 -16.91
C LYS G 46 -14.63 25.12 -16.26
N LEU G 47 -14.74 24.73 -15.01
CA LEU G 47 -13.67 24.07 -14.25
C LEU G 47 -13.30 22.74 -14.91
N LEU G 48 -12.04 22.58 -15.25
CA LEU G 48 -11.46 21.35 -15.85
C LEU G 48 -10.57 20.66 -14.81
N ILE G 49 -9.57 21.37 -14.30
CA ILE G 49 -8.67 20.91 -13.20
C ILE G 49 -8.72 21.96 -12.09
N TYR G 50 -8.73 21.54 -10.83
CA TYR G 50 -8.54 22.42 -9.66
C TYR G 50 -7.40 21.91 -8.79
N ALA G 51 -6.85 22.79 -7.95
CA ALA G 51 -5.76 22.47 -7.00
C ALA G 51 -4.64 21.73 -7.75
N ASN G 52 -4.27 22.25 -8.93
CA ASN G 52 -3.06 21.84 -9.69
C ASN G 52 -3.30 20.54 -10.45
N THR G 53 -3.97 19.54 -9.81
CA THR G 53 -3.88 18.10 -10.20
C THR G 53 -5.19 17.33 -9.97
N GLN G 54 -6.32 17.96 -9.64
CA GLN G 54 -7.56 17.24 -9.24
C GLN G 54 -8.65 17.48 -10.29
N ARG G 55 -9.45 16.45 -10.56
CA ARG G 55 -10.58 16.51 -11.54
C ARG G 55 -11.89 16.60 -10.78
N PRO G 56 -12.79 17.52 -11.15
CA PRO G 56 -14.15 17.50 -10.59
C PRO G 56 -14.87 16.31 -11.25
N SER G 57 -15.97 15.84 -10.68
CA SER G 57 -16.84 14.81 -11.32
C SER G 57 -17.29 15.32 -12.69
N GLY G 58 -17.14 14.48 -13.73
CA GLY G 58 -17.54 14.82 -15.11
C GLY G 58 -16.34 14.92 -16.03
N VAL G 59 -15.13 15.08 -15.49
CA VAL G 59 -13.89 15.25 -16.30
C VAL G 59 -13.22 13.90 -16.41
N PRO G 60 -13.08 13.37 -17.64
CA PRO G 60 -12.38 12.11 -17.89
C PRO G 60 -10.97 11.98 -17.31
N ASP G 61 -10.59 10.74 -16.96
CA ASP G 61 -9.22 10.24 -16.62
C ASP G 61 -8.14 10.89 -17.51
N ARG G 62 -8.45 11.10 -18.78
CA ARG G 62 -7.51 11.55 -19.85
C ARG G 62 -6.81 12.84 -19.41
N PHE G 63 -7.61 13.79 -18.90
CA PHE G 63 -7.15 15.10 -18.39
C PHE G 63 -6.41 14.92 -17.07
N SER G 64 -5.20 15.47 -17.00
CA SER G 64 -4.30 15.30 -15.83
C SER G 64 -3.38 16.52 -15.73
N GLY G 65 -2.80 16.72 -14.55
CA GLY G 65 -1.93 17.89 -14.28
C GLY G 65 -0.69 17.47 -13.51
N SER G 66 0.39 18.24 -13.66
CA SER G 66 1.60 18.10 -12.84
C SER G 66 2.03 19.50 -12.37
N LYS G 67 2.47 19.57 -11.11
CA LYS G 67 3.02 20.80 -10.48
C LYS G 67 4.48 20.53 -10.15
N SER G 68 5.38 21.42 -10.57
CA SER G 68 6.78 21.44 -10.09
C SER G 68 7.11 22.89 -9.73
N GLY G 69 7.12 23.21 -8.43
CA GLY G 69 7.37 24.58 -7.93
C GLY G 69 6.51 25.61 -8.65
N THR G 70 7.13 26.61 -9.26
CA THR G 70 6.46 27.82 -9.82
C THR G 70 5.81 27.51 -11.19
N SER G 71 5.93 26.30 -11.71
CA SER G 71 5.32 25.93 -13.02
C SER G 71 4.38 24.74 -12.82
N VAL G 72 3.30 24.75 -13.61
CA VAL G 72 2.30 23.66 -13.69
C VAL G 72 2.11 23.34 -15.17
N SER G 73 1.73 22.10 -15.49
CA SER G 73 1.30 21.70 -16.85
C SER G 73 -0.04 20.96 -16.80
N LEU G 74 -0.82 21.07 -17.88
CA LEU G 74 -2.05 20.30 -18.14
C LEU G 74 -1.73 19.29 -19.24
N ALA G 75 -2.16 18.04 -19.08
CA ALA G 75 -1.92 16.93 -20.01
C ALA G 75 -3.26 16.37 -20.49
N ILE G 76 -3.61 16.63 -21.75
CA ILE G 76 -4.78 16.01 -22.42
C ILE G 76 -4.28 14.79 -23.19
N SER G 77 -4.50 13.58 -22.67
CA SER G 77 -4.15 12.31 -23.37
C SER G 77 -5.40 11.81 -24.10
N GLY G 78 -5.21 10.92 -25.08
CA GLY G 78 -6.30 10.37 -25.89
C GLY G 78 -7.12 11.48 -26.52
N LEU G 79 -6.43 12.39 -27.21
CA LEU G 79 -7.03 13.63 -27.76
C LEU G 79 -8.24 13.30 -28.63
N GLN G 80 -9.32 14.04 -28.51
CA GLN G 80 -10.56 13.90 -29.32
C GLN G 80 -10.93 15.27 -29.89
N SER G 81 -11.84 15.31 -30.87
CA SER G 81 -12.26 16.54 -31.59
C SER G 81 -13.09 17.39 -30.63
N GLU G 82 -13.83 16.75 -29.71
CA GLU G 82 -14.69 17.42 -28.70
C GLU G 82 -13.81 18.23 -27.72
N ASP G 83 -12.49 18.06 -27.78
CA ASP G 83 -11.48 18.75 -26.92
C ASP G 83 -10.98 20.04 -27.59
N GLU G 84 -11.59 20.40 -28.71
CA GLU G 84 -11.22 21.65 -29.41
C GLU G 84 -11.85 22.82 -28.66
N GLY G 85 -11.02 23.75 -28.19
CA GLY G 85 -11.44 24.96 -27.50
C GLY G 85 -10.25 25.68 -26.88
N ASP G 86 -10.51 26.67 -26.03
CA ASP G 86 -9.49 27.47 -25.30
C ASP G 86 -9.30 26.88 -23.89
N TYR G 87 -8.05 26.76 -23.43
CA TYR G 87 -7.67 26.25 -22.09
C TYR G 87 -7.01 27.38 -21.31
N HIS G 88 -7.67 27.80 -20.23
CA HIS G 88 -7.29 28.94 -19.37
C HIS G 88 -6.71 28.44 -18.06
N CYS G 89 -5.52 28.90 -17.71
CA CYS G 89 -4.88 28.58 -16.41
C CYS G 89 -4.96 29.83 -15.53
N ALA G 90 -5.39 29.69 -14.28
CA ALA G 90 -5.55 30.82 -13.32
C ALA G 90 -5.00 30.45 -11.95
N ALA G 91 -4.63 31.46 -11.16
CA ALA G 91 -4.07 31.30 -9.80
C ALA G 91 -4.04 32.65 -9.09
N TRP G 92 -4.21 32.66 -7.77
CA TRP G 92 -4.13 33.91 -6.97
C TRP G 92 -2.69 34.40 -6.89
N ASP G 93 -2.46 35.72 -6.96
CA ASP G 93 -1.11 36.31 -6.75
C ASP G 93 -1.15 37.13 -5.46
N ASP G 94 -0.32 36.74 -4.49
CA ASP G 94 -0.29 37.32 -3.13
C ASP G 94 0.21 38.75 -3.19
N SER G 95 1.10 39.06 -4.14
CA SER G 95 1.70 40.40 -4.28
C SER G 95 0.65 41.37 -4.85
N LEU G 96 -0.05 41.01 -5.93
CA LEU G 96 -1.03 41.90 -6.62
C LEU G 96 -2.40 41.84 -5.93
N LYS G 97 -2.56 41.00 -4.92
CA LYS G 97 -3.88 40.77 -4.27
C LYS G 97 -4.98 40.67 -5.35
N GLY G 98 -4.81 39.73 -6.28
CA GLY G 98 -5.82 39.46 -7.30
C GLY G 98 -5.59 38.13 -8.00
N TRP G 99 -6.53 37.74 -8.85
CA TRP G 99 -6.41 36.55 -9.71
C TRP G 99 -5.64 36.94 -10.96
N VAL G 100 -4.60 36.16 -11.27
CA VAL G 100 -3.88 36.20 -12.58
C VAL G 100 -4.32 34.99 -13.40
N PHE G 101 -4.54 35.22 -14.69
CA PHE G 101 -4.83 34.19 -15.72
C PHE G 101 -3.67 34.17 -16.69
N GLY G 102 -3.61 33.15 -17.52
CA GLY G 102 -2.70 33.08 -18.68
C GLY G 102 -3.34 33.74 -19.86
N GLY G 103 -2.70 33.66 -21.02
CA GLY G 103 -3.20 34.25 -22.27
C GLY G 103 -4.39 33.45 -22.76
N GLY G 104 -4.41 32.17 -22.40
CA GLY G 104 -5.27 31.19 -23.08
C GLY G 104 -4.46 30.43 -24.11
N THR G 105 -4.89 29.19 -24.36
CA THR G 105 -4.26 28.25 -25.30
C THR G 105 -5.39 27.70 -26.16
N LYS G 106 -5.45 28.07 -27.44
CA LYS G 106 -6.40 27.45 -28.40
C LYS G 106 -5.79 26.11 -28.84
N LEU G 107 -6.44 25.02 -28.45
CA LEU G 107 -6.08 23.64 -28.86
C LEU G 107 -6.84 23.33 -30.15
N THR G 108 -6.14 23.17 -31.26
CA THR G 108 -6.74 22.75 -32.57
C THR G 108 -6.48 21.25 -32.74
N VAL G 109 -7.53 20.50 -33.13
CA VAL G 109 -7.47 19.02 -33.34
C VAL G 109 -7.56 18.76 -34.85
N LEU G 110 -6.57 18.06 -35.39
CA LEU G 110 -6.35 17.90 -36.84
C LEU G 110 -6.89 16.55 -37.30
N GLY G 111 -8.09 16.58 -37.89
CA GLY G 111 -8.78 15.45 -38.53
C GLY G 111 -9.28 15.88 -39.90
N ALA G 112 -8.35 16.32 -40.74
CA ALA G 112 -8.55 16.74 -42.15
C ALA G 112 -7.14 16.83 -42.76
N PRO G 113 -6.99 16.94 -44.10
CA PRO G 113 -5.67 17.12 -44.69
C PRO G 113 -5.13 18.54 -44.45
N LYS G 114 -3.80 18.72 -44.49
CA LYS G 114 -3.12 20.06 -44.35
C LYS G 114 -3.39 20.87 -45.62
N ALA G 115 -4.55 21.55 -45.68
CA ALA G 115 -5.04 22.35 -46.83
C ALA G 115 -4.68 23.83 -46.65
N ASN G 116 -4.03 24.44 -47.65
CA ASN G 116 -3.38 25.79 -47.56
C ASN G 116 -4.30 26.84 -48.20
N PRO G 117 -4.12 28.14 -47.87
CA PRO G 117 -5.09 29.17 -48.23
C PRO G 117 -5.15 29.60 -49.71
N THR G 118 -6.34 29.51 -50.32
CA THR G 118 -6.73 30.16 -51.60
C THR G 118 -6.68 31.69 -51.42
N VAL G 119 -6.20 32.44 -52.43
CA VAL G 119 -6.03 33.92 -52.39
C VAL G 119 -6.83 34.56 -53.55
N THR G 120 -7.67 35.56 -53.24
CA THR G 120 -8.75 36.08 -54.13
C THR G 120 -8.72 37.62 -54.11
N LEU G 121 -7.54 38.26 -54.13
CA LEU G 121 -7.36 39.71 -53.81
C LEU G 121 -7.91 40.62 -54.93
N PHE G 122 -8.96 41.39 -54.64
CA PHE G 122 -9.67 42.36 -55.53
C PHE G 122 -9.03 43.75 -55.40
N PRO G 123 -8.82 44.49 -56.51
CA PRO G 123 -8.19 45.83 -56.44
C PRO G 123 -9.17 46.94 -56.07
N PRO G 124 -8.71 48.21 -55.91
CA PRO G 124 -9.61 49.33 -55.62
C PRO G 124 -10.61 49.62 -56.75
N ALA G 134 -8.69 55.01 -50.18
CA ALA G 134 -7.68 53.93 -50.31
C ALA G 134 -8.33 52.59 -49.92
N THR G 135 -9.38 52.21 -50.66
CA THR G 135 -10.39 51.15 -50.31
C THR G 135 -10.05 49.82 -51.01
N LEU G 136 -9.16 49.00 -50.43
CA LEU G 136 -8.61 47.76 -51.07
C LEU G 136 -8.98 46.51 -50.25
N VAL G 137 -9.26 45.39 -50.91
CA VAL G 137 -9.89 44.15 -50.34
C VAL G 137 -8.99 42.94 -50.70
N CYS G 138 -8.72 42.06 -49.72
CA CYS G 138 -7.79 40.89 -49.85
C CYS G 138 -8.41 39.69 -49.12
N LEU G 139 -9.37 39.00 -49.74
CA LEU G 139 -10.07 37.80 -49.18
C LEU G 139 -9.13 36.57 -49.17
N ILE G 140 -9.04 35.87 -48.03
CA ILE G 140 -8.37 34.55 -47.84
C ILE G 140 -9.45 33.46 -47.66
N SER G 141 -9.28 32.25 -48.22
CA SER G 141 -10.37 31.24 -48.41
C SER G 141 -9.98 29.81 -47.99
N ASP G 142 -10.98 28.92 -47.92
CA ASP G 142 -10.97 27.51 -47.41
C ASP G 142 -9.57 26.98 -47.02
N PHE G 143 -9.20 27.10 -45.73
CA PHE G 143 -7.91 26.64 -45.14
C PHE G 143 -8.15 25.78 -43.87
N TYR G 144 -7.07 25.24 -43.27
CA TYR G 144 -6.98 24.89 -41.81
C TYR G 144 -6.54 26.15 -41.05
N PRO G 145 -7.34 26.67 -40.08
CA PRO G 145 -7.37 28.10 -39.76
C PRO G 145 -6.08 28.67 -39.13
N GLY G 146 -5.89 29.99 -39.20
CA GLY G 146 -4.69 30.68 -38.66
C GLY G 146 -3.69 31.15 -39.73
N ALA G 147 -4.08 32.12 -40.56
CA ALA G 147 -3.18 32.88 -41.48
C ALA G 147 -2.49 34.06 -40.74
N VAL G 148 -1.47 34.65 -41.35
CA VAL G 148 -0.77 35.89 -40.87
C VAL G 148 -0.45 36.76 -42.09
N THR G 149 -0.60 38.09 -41.99
CA THR G 149 -0.46 39.10 -43.08
C THR G 149 0.70 40.05 -42.76
N GLY G 162 -1.51 50.38 -42.34
CA GLY G 162 -2.96 50.59 -42.19
C GLY G 162 -3.78 49.34 -42.53
N VAL G 163 -3.25 48.13 -42.31
CA VAL G 163 -3.96 46.84 -42.53
C VAL G 163 -5.02 46.68 -41.45
N GLU G 164 -6.16 46.08 -41.80
CA GLU G 164 -7.26 45.71 -40.87
C GLU G 164 -7.67 44.27 -41.17
N THR G 165 -7.19 43.30 -40.37
CA THR G 165 -7.35 41.82 -40.61
C THR G 165 -8.39 41.22 -39.63
N THR G 166 -9.20 40.27 -40.11
CA THR G 166 -10.33 39.64 -39.35
C THR G 166 -9.87 38.35 -38.65
N LYS G 167 -10.66 37.91 -37.67
CA LYS G 167 -10.53 36.55 -37.06
C LYS G 167 -10.94 35.53 -38.13
N PRO G 168 -10.17 34.42 -38.29
CA PRO G 168 -10.60 33.28 -39.11
C PRO G 168 -11.99 32.75 -38.71
N SER G 169 -12.88 32.46 -39.66
CA SER G 169 -14.21 31.86 -39.43
C SER G 169 -14.25 30.38 -39.89
N LYS G 170 -14.69 29.45 -39.02
CA LYS G 170 -15.03 28.05 -39.41
C LYS G 170 -16.20 28.14 -40.40
N GLN G 171 -15.99 27.68 -41.65
CA GLN G 171 -17.01 27.68 -42.73
C GLN G 171 -17.82 26.39 -42.59
N SER G 172 -19.02 26.34 -43.17
CA SER G 172 -20.01 25.24 -43.01
C SER G 172 -19.51 23.96 -43.68
N ASN G 173 -18.43 24.04 -44.48
CA ASN G 173 -17.74 22.87 -45.09
C ASN G 173 -16.57 22.44 -44.16
N ASN G 174 -16.64 22.77 -42.87
CA ASN G 174 -15.50 22.78 -41.89
C ASN G 174 -14.19 23.11 -42.62
N LYS G 175 -14.09 24.32 -43.19
CA LYS G 175 -12.87 24.96 -43.75
C LYS G 175 -12.86 26.43 -43.31
N THR G 176 -11.70 27.05 -43.09
CA THR G 176 -11.58 28.35 -42.36
C THR G 176 -11.23 29.51 -43.31
N ALA G 177 -12.11 30.52 -43.36
CA ALA G 177 -12.05 31.73 -44.22
C ALA G 177 -11.82 32.99 -43.37
N ALA G 178 -11.07 33.96 -43.92
CA ALA G 178 -10.76 35.29 -43.34
C ALA G 178 -10.87 36.38 -44.42
N SER G 179 -10.61 37.64 -44.05
CA SER G 179 -10.54 38.83 -44.93
C SER G 179 -9.60 39.86 -44.31
N SER G 180 -8.87 40.62 -45.14
CA SER G 180 -7.95 41.71 -44.75
C SER G 180 -8.11 42.90 -45.72
N TYR G 181 -8.08 44.14 -45.22
CA TYR G 181 -8.37 45.40 -45.98
C TYR G 181 -7.17 46.35 -45.84
N LEU G 182 -6.71 46.97 -46.96
CA LEU G 182 -5.43 47.74 -47.08
C LEU G 182 -5.42 48.51 -48.40
N TYR G 195 1.99 47.54 -53.27
CA TYR G 195 1.36 46.88 -52.09
C TYR G 195 1.02 45.43 -52.45
N SER G 196 1.44 44.48 -51.60
CA SER G 196 1.11 43.02 -51.69
C SER G 196 0.26 42.59 -50.48
N CYS G 197 -0.07 41.29 -50.42
CA CYS G 197 -0.88 40.65 -49.34
C CYS G 197 -0.32 39.23 -49.07
N GLN G 198 0.83 39.11 -48.40
CA GLN G 198 1.48 37.82 -48.08
C GLN G 198 0.68 37.13 -46.96
N VAL G 199 0.14 35.93 -47.18
CA VAL G 199 -0.54 35.08 -46.14
C VAL G 199 0.18 33.73 -46.05
N THR G 200 0.78 33.43 -44.88
CA THR G 200 1.53 32.18 -44.57
C THR G 200 0.59 31.20 -43.84
N HIS G 201 0.90 29.90 -43.85
CA HIS G 201 0.13 28.85 -43.13
C HIS G 201 0.95 27.55 -43.05
N GLU G 202 1.53 27.27 -41.87
CA GLU G 202 2.44 26.11 -41.66
C GLU G 202 3.69 26.29 -42.54
N GLY G 203 4.34 27.46 -42.45
CA GLY G 203 5.63 27.81 -43.08
C GLY G 203 5.57 28.00 -44.59
N THR G 204 4.37 28.06 -45.20
CA THR G 204 4.12 28.03 -46.67
C THR G 204 3.23 29.21 -47.11
N THR G 205 3.85 30.32 -47.57
CA THR G 205 3.25 31.64 -47.93
C THR G 205 2.70 31.61 -49.36
N VAL G 206 1.65 32.42 -49.66
CA VAL G 206 0.90 32.40 -50.96
C VAL G 206 0.54 33.85 -51.37
N GLU G 207 1.49 34.79 -51.25
CA GLU G 207 1.32 36.25 -51.57
C GLU G 207 0.91 36.43 -53.05
N LYS G 208 -0.22 37.10 -53.30
CA LYS G 208 -0.57 37.72 -54.61
C LYS G 208 -0.31 39.23 -54.47
N THR G 209 0.00 39.94 -55.56
CA THR G 209 0.35 41.39 -55.59
C THR G 209 -0.57 42.17 -56.54
N VAL G 210 -0.67 43.48 -56.33
CA VAL G 210 -1.46 44.44 -57.16
C VAL G 210 -0.75 45.80 -57.09
N ALA G 211 -1.01 46.71 -58.05
CA ALA G 211 -0.45 48.08 -58.13
C ALA G 211 -1.38 49.04 -58.92
N PRO G 212 -2.38 49.70 -58.27
CA PRO G 212 -3.04 50.87 -58.85
C PRO G 212 -2.01 51.86 -59.44
N GLU H 1 -28.51 22.02 -9.08
CA GLU H 1 -27.31 22.60 -9.67
C GLU H 1 -26.98 23.91 -8.93
N VAL H 2 -25.86 24.51 -9.28
CA VAL H 2 -25.48 25.90 -8.93
C VAL H 2 -25.61 26.69 -10.23
N GLN H 3 -26.36 27.78 -10.24
CA GLN H 3 -26.51 28.63 -11.45
C GLN H 3 -26.26 30.09 -11.06
N LEU H 4 -25.40 30.77 -11.82
CA LEU H 4 -25.16 32.21 -11.79
C LEU H 4 -25.67 32.79 -13.11
N VAL H 5 -26.41 33.91 -13.07
CA VAL H 5 -26.96 34.58 -14.28
C VAL H 5 -26.64 36.07 -14.25
N GLU H 6 -25.88 36.52 -15.24
CA GLU H 6 -25.47 37.94 -15.39
C GLU H 6 -26.51 38.65 -16.24
N SER H 7 -26.54 39.98 -16.13
CA SER H 7 -27.51 40.89 -16.78
C SER H 7 -27.07 42.33 -16.56
N GLY H 8 -27.58 43.23 -17.40
CA GLY H 8 -27.35 44.68 -17.30
C GLY H 8 -26.35 45.18 -18.34
N GLY H 9 -25.63 44.26 -18.98
CA GLY H 9 -24.71 44.57 -20.09
C GLY H 9 -25.45 45.17 -21.28
N GLY H 10 -24.81 46.08 -22.01
CA GLY H 10 -25.32 46.58 -23.30
C GLY H 10 -24.35 47.51 -24.01
N LEU H 11 -24.88 48.37 -24.88
CA LEU H 11 -24.10 49.34 -25.68
C LEU H 11 -24.14 50.69 -24.96
N VAL H 12 -22.97 51.27 -24.72
CA VAL H 12 -22.84 52.59 -24.05
C VAL H 12 -21.60 53.28 -24.66
N LYS H 13 -21.61 54.61 -24.67
CA LYS H 13 -20.58 55.46 -25.31
C LYS H 13 -19.47 55.66 -24.29
N PRO H 14 -18.20 55.82 -24.73
CA PRO H 14 -17.10 56.17 -23.84
C PRO H 14 -17.54 57.24 -22.83
N GLY H 15 -16.93 57.22 -21.64
CA GLY H 15 -17.31 58.08 -20.51
C GLY H 15 -18.64 57.65 -19.92
N GLY H 16 -19.31 56.66 -20.51
CA GLY H 16 -20.63 56.17 -20.08
C GLY H 16 -20.57 55.39 -18.77
N SER H 17 -21.73 54.89 -18.34
CA SER H 17 -21.91 54.16 -17.04
C SER H 17 -22.81 52.96 -17.27
N LEU H 18 -22.81 52.01 -16.32
CA LEU H 18 -23.50 50.70 -16.47
C LEU H 18 -23.38 49.90 -15.18
N ARG H 19 -24.49 49.32 -14.71
CA ARG H 19 -24.52 48.44 -13.51
C ARG H 19 -24.86 47.02 -13.95
N LEU H 20 -23.98 46.08 -13.63
CA LEU H 20 -24.12 44.64 -13.96
C LEU H 20 -24.70 43.94 -12.72
N SER H 21 -25.48 42.89 -12.98
CA SER H 21 -26.15 42.06 -11.95
C SER H 21 -25.79 40.58 -12.16
N CYS H 22 -25.39 39.91 -11.07
CA CYS H 22 -25.31 38.43 -11.00
C CYS H 22 -26.40 37.93 -10.07
N ALA H 23 -27.24 37.01 -10.57
CA ALA H 23 -28.30 36.34 -9.80
C ALA H 23 -27.84 34.92 -9.49
N ALA H 24 -27.63 34.63 -8.21
CA ALA H 24 -27.14 33.33 -7.69
C ALA H 24 -28.32 32.52 -7.12
N SER H 25 -28.51 31.31 -7.65
CA SER H 25 -29.40 30.25 -7.13
C SER H 25 -28.61 28.94 -7.03
N GLY H 26 -28.99 28.06 -6.09
CA GLY H 26 -28.32 26.75 -6.01
C GLY H 26 -27.41 26.62 -4.81
N PHE H 27 -27.07 27.74 -4.17
CA PHE H 27 -26.13 27.72 -3.04
C PHE H 27 -26.42 28.90 -2.11
N THR H 28 -25.87 28.87 -0.90
CA THR H 28 -26.02 30.00 0.03
C THR H 28 -25.02 31.07 -0.40
N PHE H 29 -25.44 32.03 -1.22
CA PHE H 29 -24.55 33.08 -1.75
C PHE H 29 -23.87 33.82 -0.61
N SER H 30 -24.56 33.98 0.51
CA SER H 30 -24.02 34.71 1.68
C SER H 30 -22.84 34.01 2.35
N SER H 31 -22.33 32.92 1.77
CA SER H 31 -21.27 32.13 2.45
C SER H 31 -20.03 32.08 1.57
N TYR H 32 -20.04 32.76 0.44
CA TYR H 32 -18.92 32.60 -0.51
C TYR H 32 -18.40 33.89 -1.11
N THR H 33 -17.08 34.08 -1.16
CA THR H 33 -16.43 35.19 -1.92
C THR H 33 -16.87 35.07 -3.39
N MET H 34 -17.13 36.20 -4.04
CA MET H 34 -17.63 36.22 -5.44
C MET H 34 -16.73 37.14 -6.28
N ASN H 35 -16.60 36.87 -7.57
CA ASN H 35 -15.64 37.51 -8.49
C ASN H 35 -16.37 38.00 -9.75
N TRP H 36 -15.83 39.07 -10.37
CA TRP H 36 -16.09 39.47 -11.76
C TRP H 36 -14.81 39.23 -12.56
N VAL H 37 -14.91 38.53 -13.68
CA VAL H 37 -13.79 38.31 -14.63
C VAL H 37 -14.32 38.68 -16.01
N ARG H 38 -13.51 39.34 -16.84
CA ARG H 38 -13.97 39.76 -18.19
C ARG H 38 -13.07 39.18 -19.27
N GLN H 39 -13.61 39.10 -20.48
CA GLN H 39 -12.97 38.49 -21.66
C GLN H 39 -13.20 39.37 -22.90
N ALA H 40 -12.18 40.14 -23.27
CA ALA H 40 -12.20 41.07 -24.42
C ALA H 40 -12.21 40.24 -25.69
N PRO H 41 -12.93 40.68 -26.75
CA PRO H 41 -13.15 39.84 -27.92
C PRO H 41 -11.81 39.35 -28.46
N GLY H 42 -11.63 38.04 -28.57
CA GLY H 42 -10.47 37.38 -29.19
C GLY H 42 -9.32 37.16 -28.21
N LYS H 43 -9.30 37.92 -27.10
CA LYS H 43 -8.22 37.86 -26.07
C LYS H 43 -8.63 36.85 -24.96
N GLY H 44 -7.76 36.66 -23.93
CA GLY H 44 -7.95 35.68 -22.86
C GLY H 44 -8.83 36.22 -21.76
N LEU H 45 -8.76 35.64 -20.55
CA LEU H 45 -9.56 36.08 -19.37
C LEU H 45 -8.75 37.13 -18.59
N GLN H 46 -9.40 38.01 -17.85
CA GLN H 46 -8.76 39.05 -17.01
C GLN H 46 -9.69 39.36 -15.83
N TRP H 47 -9.21 39.06 -14.63
CA TRP H 47 -9.96 39.26 -13.37
C TRP H 47 -10.21 40.76 -13.18
N VAL H 48 -11.41 41.13 -12.71
CA VAL H 48 -11.79 42.56 -12.51
C VAL H 48 -11.87 42.87 -11.01
N SER H 49 -12.70 42.15 -10.26
CA SER H 49 -12.89 42.47 -8.81
C SER H 49 -13.30 41.28 -7.96
N SER H 50 -13.00 41.31 -6.66
CA SER H 50 -13.40 40.24 -5.68
C SER H 50 -14.15 40.86 -4.51
N ILE H 51 -15.12 40.16 -3.95
CA ILE H 51 -15.88 40.66 -2.76
C ILE H 51 -16.03 39.51 -1.77
N SER H 52 -15.87 39.80 -0.49
CA SER H 52 -15.94 38.75 0.55
C SER H 52 -17.39 38.40 0.81
N SER H 53 -17.62 37.27 1.47
CA SER H 53 -19.00 36.88 1.84
C SER H 53 -19.75 38.07 2.48
N SER H 54 -19.11 38.81 3.38
CA SER H 54 -19.77 39.85 4.21
C SER H 54 -19.37 41.25 3.71
N SER H 55 -18.72 41.32 2.56
CA SER H 55 -18.33 42.60 1.92
C SER H 55 -17.28 43.24 2.86
N THR H 56 -16.51 42.40 3.53
CA THR H 56 -15.42 42.89 4.40
C THR H 56 -14.18 43.23 3.56
N TYR H 57 -13.94 42.46 2.49
CA TYR H 57 -12.76 42.69 1.62
C TYR H 57 -13.16 42.73 0.15
N MET H 58 -13.06 43.92 -0.44
CA MET H 58 -13.18 44.11 -1.90
C MET H 58 -11.76 44.32 -2.46
N TYR H 59 -11.44 43.69 -3.58
CA TYR H 59 -10.15 43.84 -4.32
C TYR H 59 -10.48 44.13 -5.78
N TYR H 60 -9.64 44.92 -6.45
CA TYR H 60 -9.84 45.27 -7.86
C TYR H 60 -8.52 45.08 -8.59
N GLY H 61 -8.61 44.60 -9.83
CA GLY H 61 -7.54 44.69 -10.84
C GLY H 61 -7.17 46.15 -11.05
N ASP H 62 -5.90 46.43 -11.34
CA ASP H 62 -5.42 47.83 -11.42
C ASP H 62 -6.06 48.43 -12.67
N SER H 63 -6.55 47.59 -13.57
CA SER H 63 -7.08 48.08 -14.86
C SER H 63 -8.37 48.87 -14.66
N VAL H 64 -9.05 48.60 -13.56
CA VAL H 64 -10.37 49.25 -13.28
C VAL H 64 -10.32 50.00 -11.96
N LYS H 65 -9.14 50.13 -11.36
CA LYS H 65 -9.00 50.82 -10.04
C LYS H 65 -9.62 52.20 -10.17
N GLY H 66 -10.52 52.55 -9.25
CA GLY H 66 -11.04 53.93 -9.18
C GLY H 66 -12.26 54.16 -10.05
N ARG H 67 -12.60 53.25 -10.97
CA ARG H 67 -13.74 53.45 -11.92
C ARG H 67 -14.88 52.48 -11.59
N PHE H 68 -14.54 51.22 -11.34
CA PHE H 68 -15.51 50.13 -11.06
C PHE H 68 -15.68 49.95 -9.55
N THR H 69 -16.87 49.51 -9.12
CA THR H 69 -17.14 49.20 -7.70
C THR H 69 -17.96 47.92 -7.61
N ILE H 70 -17.45 46.92 -6.90
CA ILE H 70 -18.15 45.63 -6.65
C ILE H 70 -19.03 45.82 -5.42
N SER H 71 -20.18 45.15 -5.39
CA SER H 71 -21.08 45.13 -4.21
C SER H 71 -21.96 43.89 -4.27
N ARG H 72 -22.50 43.49 -3.13
CA ARG H 72 -23.44 42.34 -3.07
C ARG H 72 -24.60 42.71 -2.16
N ASP H 73 -25.76 42.09 -2.40
CA ASP H 73 -26.96 42.12 -1.53
C ASP H 73 -27.29 40.67 -1.18
N ASN H 74 -26.87 40.23 0.00
CA ASN H 74 -26.94 38.81 0.41
C ASN H 74 -28.40 38.42 0.63
N ALA H 75 -29.25 39.39 0.98
CA ALA H 75 -30.70 39.17 1.12
C ALA H 75 -31.33 38.96 -0.26
N ARG H 76 -30.80 39.58 -1.32
CA ARG H 76 -31.40 39.49 -2.68
C ARG H 76 -30.60 38.49 -3.53
N ASN H 77 -29.66 37.74 -2.95
CA ASN H 77 -28.86 36.68 -3.64
C ASN H 77 -28.23 37.25 -4.92
N SER H 78 -27.64 38.45 -4.85
CA SER H 78 -27.15 39.18 -6.05
C SER H 78 -25.79 39.84 -5.81
N LEU H 79 -24.92 39.71 -6.80
CA LEU H 79 -23.63 40.42 -6.89
C LEU H 79 -23.77 41.51 -7.95
N TYR H 80 -23.19 42.69 -7.70
CA TYR H 80 -23.27 43.86 -8.62
C TYR H 80 -21.86 44.37 -8.92
N LEU H 81 -21.72 44.92 -10.13
CA LEU H 81 -20.53 45.71 -10.55
C LEU H 81 -21.02 47.05 -11.12
N GLN H 82 -20.66 48.14 -10.46
CA GLN H 82 -20.90 49.53 -10.90
C GLN H 82 -19.74 49.97 -11.80
N MET H 83 -19.99 50.15 -13.09
CA MET H 83 -18.95 50.51 -14.09
C MET H 83 -19.13 51.97 -14.50
N ASN H 84 -18.26 52.85 -14.01
CA ASN H 84 -18.26 54.30 -14.35
C ASN H 84 -17.10 54.58 -15.29
N SER H 85 -17.18 55.66 -16.05
CA SER H 85 -16.05 56.19 -16.87
C SER H 85 -15.59 55.10 -17.85
N LEU H 86 -16.55 54.36 -18.39
CA LEU H 86 -16.29 53.23 -19.31
C LEU H 86 -15.40 53.69 -20.47
N ARG H 87 -14.48 52.84 -20.91
CA ARG H 87 -13.57 53.10 -22.04
C ARG H 87 -13.75 52.02 -23.09
N VAL H 88 -13.16 52.20 -24.26
CA VAL H 88 -13.29 51.26 -25.40
C VAL H 88 -12.69 49.91 -24.98
N GLU H 89 -11.55 49.90 -24.30
CA GLU H 89 -10.85 48.65 -23.88
C GLU H 89 -11.75 47.86 -22.92
N ASP H 90 -12.64 48.51 -22.17
CA ASP H 90 -13.55 47.81 -21.23
C ASP H 90 -14.56 46.92 -21.98
N THR H 91 -14.62 46.98 -23.30
CA THR H 91 -15.46 46.07 -24.12
C THR H 91 -15.02 44.63 -23.87
N ALA H 92 -15.96 43.80 -23.43
CA ALA H 92 -15.72 42.38 -23.10
C ALA H 92 -17.04 41.73 -22.71
N VAL H 93 -17.06 40.40 -22.68
CA VAL H 93 -18.08 39.62 -21.93
C VAL H 93 -17.66 39.67 -20.46
N TYR H 94 -18.59 40.01 -19.57
CA TYR H 94 -18.38 40.13 -18.11
C TYR H 94 -18.99 38.90 -17.45
N TYR H 95 -18.12 37.93 -17.11
CA TYR H 95 -18.47 36.70 -16.36
C TYR H 95 -18.50 37.01 -14.85
N CYS H 96 -19.39 36.29 -14.17
CA CYS H 96 -19.57 36.27 -12.70
C CYS H 96 -19.17 34.87 -12.21
N ALA H 97 -18.25 34.77 -11.24
CA ALA H 97 -17.64 33.47 -10.84
C ALA H 97 -17.54 33.35 -9.32
N ARG H 98 -17.83 32.16 -8.78
CA ARG H 98 -17.72 31.86 -7.34
C ARG H 98 -16.31 31.34 -7.00
N TYR H 99 -15.80 31.72 -5.83
CA TYR H 99 -14.62 31.09 -5.16
C TYR H 99 -15.10 30.38 -3.90
N ALA H 100 -14.77 29.10 -3.83
CA ALA H 100 -14.96 28.25 -2.65
C ALA H 100 -13.58 27.79 -2.16
N HIS H 101 -13.44 27.48 -0.87
CA HIS H 101 -12.16 27.02 -0.29
C HIS H 101 -11.70 25.72 -0.91
N ASP H 102 -10.41 25.60 -1.28
CA ASP H 102 -9.79 24.37 -1.85
C ASP H 102 -10.20 24.18 -3.31
N TRP H 103 -11.47 24.41 -3.61
CA TRP H 103 -11.97 24.25 -4.99
C TRP H 103 -11.46 25.44 -5.77
N ASN H 104 -11.32 26.59 -5.12
CA ASN H 104 -10.84 27.84 -5.76
C ASN H 104 -11.97 28.38 -6.64
N VAL H 105 -11.65 29.06 -7.74
CA VAL H 105 -12.74 29.51 -8.65
C VAL H 105 -13.35 28.26 -9.29
N ASP H 106 -14.67 28.09 -9.15
CA ASP H 106 -15.32 26.85 -9.62
C ASP H 106 -16.45 27.12 -10.62
N TYR H 107 -17.51 27.79 -10.20
CA TYR H 107 -18.69 27.96 -11.08
C TYR H 107 -18.71 29.32 -11.75
N TRP H 108 -19.17 29.38 -12.99
CA TRP H 108 -19.20 30.64 -13.77
C TRP H 108 -20.60 30.84 -14.34
N GLY H 109 -21.02 32.08 -14.53
CA GLY H 109 -22.31 32.38 -15.18
C GLY H 109 -22.14 32.31 -16.70
N GLN H 110 -23.19 32.70 -17.45
CA GLN H 110 -23.22 32.61 -18.94
C GLN H 110 -22.44 33.77 -19.52
N GLY H 111 -22.25 34.82 -18.72
CA GLY H 111 -21.61 36.09 -19.12
C GLY H 111 -22.63 37.03 -19.73
N THR H 112 -22.37 38.34 -19.66
CA THR H 112 -23.21 39.41 -20.26
C THR H 112 -22.31 40.35 -21.04
N LEU H 113 -22.72 40.73 -22.26
CA LEU H 113 -21.84 41.52 -23.15
C LEU H 113 -21.96 43.01 -22.81
N VAL H 114 -20.81 43.65 -22.58
CA VAL H 114 -20.66 45.12 -22.46
C VAL H 114 -19.86 45.60 -23.65
N THR H 115 -20.49 46.33 -24.57
CA THR H 115 -19.84 46.95 -25.75
C THR H 115 -19.78 48.46 -25.56
N VAL H 116 -18.55 49.00 -25.50
CA VAL H 116 -18.29 50.46 -25.33
C VAL H 116 -17.73 50.98 -26.65
N SER H 117 -18.55 51.73 -27.39
CA SER H 117 -18.22 52.24 -28.75
C SER H 117 -18.75 53.67 -28.84
N SER H 118 -17.97 54.54 -29.51
CA SER H 118 -18.33 55.94 -29.84
C SER H 118 -19.38 55.91 -30.94
N ALA H 119 -19.22 54.93 -31.85
CA ALA H 119 -19.94 54.80 -33.14
C ALA H 119 -21.45 54.86 -32.89
N SER H 120 -22.14 55.62 -33.75
CA SER H 120 -23.63 55.64 -33.88
C SER H 120 -24.00 54.90 -35.17
N THR H 121 -25.30 54.62 -35.37
CA THR H 121 -25.82 53.59 -36.32
C THR H 121 -25.85 54.15 -37.75
N LYS H 122 -24.69 54.20 -38.44
CA LYS H 122 -24.57 54.53 -39.89
C LYS H 122 -25.11 53.35 -40.72
N GLY H 123 -25.75 53.67 -41.85
CA GLY H 123 -26.05 52.72 -42.92
C GLY H 123 -24.78 52.41 -43.74
N PRO H 124 -24.76 51.28 -44.48
CA PRO H 124 -23.61 50.88 -45.28
C PRO H 124 -23.64 51.69 -46.59
N SER H 125 -22.62 51.53 -47.42
CA SER H 125 -22.43 52.12 -48.77
C SER H 125 -21.63 51.14 -49.62
N VAL H 126 -21.91 50.99 -50.93
CA VAL H 126 -20.98 50.34 -51.89
C VAL H 126 -20.14 51.39 -52.63
N VAL H 147 -21.17 47.20 -45.91
CA VAL H 147 -20.08 47.01 -46.91
C VAL H 147 -18.95 48.01 -46.60
N LYS H 148 -19.26 49.08 -45.85
CA LYS H 148 -18.24 50.11 -45.57
C LYS H 148 -18.39 50.62 -44.13
N ASP H 149 -19.63 50.82 -43.68
CA ASP H 149 -19.86 51.35 -42.31
C ASP H 149 -21.19 50.81 -41.80
N TYR H 150 -21.22 49.57 -41.29
CA TYR H 150 -22.53 48.99 -40.90
C TYR H 150 -22.69 48.91 -39.38
N PHE H 151 -23.93 48.67 -38.90
CA PHE H 151 -24.16 48.45 -37.46
C PHE H 151 -24.79 47.07 -37.23
N PRO H 152 -24.32 46.27 -36.23
CA PRO H 152 -24.78 44.90 -35.96
C PRO H 152 -25.92 44.19 -36.71
N GLU H 153 -25.72 43.86 -37.98
CA GLU H 153 -26.73 43.17 -38.84
C GLU H 153 -26.22 43.36 -40.27
N PRO H 154 -25.87 42.30 -41.02
CA PRO H 154 -25.29 42.45 -42.35
C PRO H 154 -25.79 43.67 -43.14
N THR H 170 -21.05 37.37 -47.62
CA THR H 170 -20.79 36.00 -47.12
C THR H 170 -19.57 36.01 -46.19
N PHE H 171 -18.57 36.81 -46.51
CA PHE H 171 -17.33 36.78 -45.69
C PHE H 171 -17.56 37.56 -44.41
N PRO H 172 -17.03 37.12 -43.25
CA PRO H 172 -17.32 37.76 -41.96
C PRO H 172 -16.92 39.25 -41.91
N ALA H 173 -17.57 40.03 -41.03
CA ALA H 173 -17.26 41.48 -40.97
C ALA H 173 -15.91 41.73 -40.29
N VAL H 174 -15.36 42.93 -40.46
CA VAL H 174 -14.14 43.41 -39.75
C VAL H 174 -14.54 44.67 -38.99
N LEU H 175 -14.10 44.81 -37.73
CA LEU H 175 -14.34 46.04 -36.93
C LEU H 175 -13.16 46.98 -37.14
N GLN H 176 -13.32 47.97 -38.02
CA GLN H 176 -12.36 49.10 -38.21
C GLN H 176 -12.23 49.88 -36.88
N SER H 177 -11.10 50.54 -36.64
CA SER H 177 -10.83 51.41 -35.45
C SER H 177 -11.86 52.53 -35.34
N SER H 178 -12.51 52.90 -36.46
CA SER H 178 -13.62 53.89 -36.54
C SER H 178 -14.82 53.44 -35.70
N GLY H 179 -14.91 52.15 -35.37
CA GLY H 179 -16.03 51.54 -34.65
C GLY H 179 -17.10 51.06 -35.62
N LEU H 180 -16.85 51.20 -36.93
CA LEU H 180 -17.76 50.82 -38.03
C LEU H 180 -17.26 49.51 -38.65
N TYR H 181 -18.18 48.61 -38.98
CA TYR H 181 -17.91 47.26 -39.58
C TYR H 181 -17.82 47.40 -41.10
N SER H 182 -17.13 46.45 -41.74
CA SER H 182 -16.95 46.34 -43.21
C SER H 182 -16.98 44.85 -43.56
N LEU H 183 -17.73 44.49 -44.61
CA LEU H 183 -18.33 43.15 -44.88
C LEU H 183 -18.29 42.93 -46.40
N SER H 184 -18.01 41.70 -46.87
CA SER H 184 -17.76 41.36 -48.30
C SER H 184 -18.65 40.19 -48.78
N SER I 2 35.50 3.63 -12.31
CA SER I 2 35.85 5.10 -12.36
C SER I 2 35.23 5.84 -13.57
N VAL I 3 34.81 5.14 -14.64
CA VAL I 3 34.09 5.72 -15.82
C VAL I 3 32.73 5.02 -15.93
N LEU I 4 31.73 5.74 -16.43
CA LEU I 4 30.38 5.18 -16.68
C LEU I 4 30.34 4.61 -18.09
N THR I 5 29.90 3.36 -18.18
CA THR I 5 29.82 2.59 -19.45
C THR I 5 28.35 2.54 -19.89
N GLN I 6 28.02 3.19 -21.01
CA GLN I 6 26.69 3.06 -21.68
C GLN I 6 26.89 2.68 -23.14
N PRO I 7 25.94 1.90 -23.72
CA PRO I 7 26.02 1.52 -25.14
C PRO I 7 26.22 2.73 -26.05
N PRO I 8 27.20 2.73 -26.98
CA PRO I 8 27.39 3.85 -27.90
C PRO I 8 26.15 4.10 -28.77
N SER I 9 25.40 3.06 -29.12
CA SER I 9 24.12 3.20 -29.87
C SER I 9 23.05 2.23 -29.34
N ALA I 10 21.79 2.59 -29.60
CA ALA I 10 20.57 1.80 -29.33
C ALA I 10 19.51 2.23 -30.34
N SER I 11 18.52 1.37 -30.60
CA SER I 11 17.44 1.64 -31.57
C SER I 11 16.18 0.83 -31.23
N GLY I 12 15.06 1.17 -31.88
CA GLY I 12 13.76 0.49 -31.73
C GLY I 12 12.76 0.92 -32.81
N THR I 13 11.65 0.19 -32.93
CA THR I 13 10.49 0.48 -33.84
C THR I 13 9.47 1.33 -33.08
N PRO I 14 8.85 2.35 -33.72
CA PRO I 14 7.86 3.19 -33.03
C PRO I 14 6.88 2.34 -32.23
N GLY I 15 6.60 2.72 -30.98
CA GLY I 15 5.66 2.02 -30.09
C GLY I 15 6.36 1.05 -29.16
N GLN I 16 7.60 0.64 -29.48
CA GLN I 16 8.40 -0.32 -28.67
C GLN I 16 8.88 0.37 -27.38
N ARG I 17 9.37 -0.46 -26.44
CA ARG I 17 10.15 -0.04 -25.24
C ARG I 17 11.63 -0.31 -25.54
N VAL I 18 12.46 0.74 -25.47
CA VAL I 18 13.94 0.66 -25.59
C VAL I 18 14.54 0.87 -24.19
N THR I 19 15.69 0.23 -23.93
CA THR I 19 16.37 0.27 -22.61
C THR I 19 17.84 0.64 -22.85
N ILE I 20 18.30 1.78 -22.30
CA ILE I 20 19.73 2.19 -22.32
C ILE I 20 20.31 1.99 -20.92
N SER I 21 21.37 1.17 -20.80
CA SER I 21 22.01 0.85 -19.50
C SER I 21 23.18 1.81 -19.23
N CYS I 22 23.48 2.04 -17.96
CA CYS I 22 24.67 2.78 -17.46
C CYS I 22 25.28 2.03 -16.28
N SER I 23 26.52 1.56 -16.46
CA SER I 23 27.23 0.69 -15.47
C SER I 23 28.40 1.48 -14.91
N GLY I 24 28.52 1.51 -13.58
CA GLY I 24 29.59 2.22 -12.86
C GLY I 24 30.22 1.33 -11.80
N GLY I 25 30.77 1.94 -10.75
CA GLY I 25 31.47 1.25 -9.66
C GLY I 25 31.19 1.90 -8.32
N SER I 26 31.61 1.27 -7.23
CA SER I 26 31.27 1.69 -5.84
C SER I 26 31.59 3.17 -5.63
N SER I 27 32.68 3.67 -6.19
CA SER I 27 33.15 5.08 -6.02
C SER I 27 32.20 6.09 -6.69
N ASN I 28 31.44 5.68 -7.72
CA ASN I 28 30.49 6.59 -8.42
C ASN I 28 29.06 6.09 -8.15
N ILE I 29 28.50 5.25 -9.05
CA ILE I 29 27.03 4.94 -9.07
C ILE I 29 26.62 4.21 -7.79
N GLY I 30 27.55 3.48 -7.18
CA GLY I 30 27.32 2.74 -5.92
C GLY I 30 26.81 3.65 -4.83
N SER I 31 27.54 4.75 -4.63
CA SER I 31 27.33 5.69 -3.51
C SER I 31 26.70 7.01 -3.97
N ASN I 32 26.52 7.24 -5.28
CA ASN I 32 26.00 8.55 -5.80
C ASN I 32 24.89 8.35 -6.84
N PRO I 33 23.91 9.28 -6.92
CA PRO I 33 22.79 9.17 -7.85
C PRO I 33 23.17 9.53 -9.29
N VAL I 34 22.48 8.89 -10.23
CA VAL I 34 22.62 9.11 -11.70
C VAL I 34 21.51 10.05 -12.19
N ASN I 35 21.85 11.15 -12.85
CA ASN I 35 20.90 11.92 -13.71
C ASN I 35 21.12 11.50 -15.17
N TRP I 36 20.03 11.43 -15.93
CA TRP I 36 20.01 11.23 -17.40
C TRP I 36 19.67 12.56 -18.08
N PHE I 37 20.41 12.94 -19.12
CA PHE I 37 20.16 14.17 -19.91
C PHE I 37 19.86 13.76 -21.35
N GLN I 38 18.82 14.38 -21.93
CA GLN I 38 18.42 14.19 -23.35
C GLN I 38 19.02 15.35 -24.14
N GLN I 39 19.62 15.07 -25.30
CA GLN I 39 20.28 16.09 -26.16
C GLN I 39 19.90 15.84 -27.63
N PHE I 40 19.15 16.77 -28.20
CA PHE I 40 18.90 16.85 -29.66
C PHE I 40 20.05 17.61 -30.30
N PRO I 41 20.51 17.17 -31.51
CA PRO I 41 21.61 17.83 -32.22
C PRO I 41 21.54 19.37 -32.16
N GLY I 42 22.67 20.01 -31.83
CA GLY I 42 22.85 21.46 -31.87
C GLY I 42 22.05 22.22 -30.82
N THR I 43 21.42 21.53 -29.85
CA THR I 43 20.85 22.16 -28.62
C THR I 43 21.64 21.66 -27.40
N ALA I 44 21.39 22.31 -26.26
CA ALA I 44 22.00 21.96 -24.96
C ALA I 44 21.44 20.61 -24.51
N PRO I 45 22.12 19.90 -23.57
CA PRO I 45 21.49 18.81 -22.85
C PRO I 45 20.36 19.37 -21.99
N LYS I 46 19.38 18.53 -21.66
CA LYS I 46 18.27 18.89 -20.73
C LYS I 46 18.05 17.70 -19.79
N LEU I 47 17.65 18.00 -18.55
CA LEU I 47 17.36 16.96 -17.53
C LEU I 47 16.17 16.11 -18.00
N LEU I 48 16.35 14.79 -18.06
CA LEU I 48 15.31 13.80 -18.44
C LEU I 48 14.90 12.99 -17.21
N ILE I 49 15.87 12.34 -16.57
CA ILE I 49 15.70 11.61 -15.27
C ILE I 49 16.71 12.17 -14.28
N TYR I 50 16.31 12.32 -13.01
CA TYR I 50 17.25 12.62 -11.88
C TYR I 50 17.11 11.56 -10.78
N ALA I 51 18.11 11.46 -9.90
CA ALA I 51 18.12 10.55 -8.75
C ALA I 51 17.71 9.14 -9.23
N ASN I 52 18.30 8.69 -10.34
CA ASN I 52 18.26 7.30 -10.84
C ASN I 52 16.93 7.01 -11.58
N THR I 53 15.80 7.47 -11.01
CA THR I 53 14.44 6.92 -11.26
C THR I 53 13.34 7.98 -11.23
N GLN I 54 13.62 9.28 -11.14
CA GLN I 54 12.58 10.31 -10.92
C GLN I 54 12.47 11.22 -12.14
N ARG I 55 11.26 11.65 -12.48
CA ARG I 55 10.98 12.56 -13.63
C ARG I 55 10.76 13.98 -13.12
N PRO I 56 11.37 15.00 -13.73
CA PRO I 56 10.96 16.37 -13.45
C PRO I 56 9.61 16.59 -14.16
N SER I 57 8.77 17.54 -13.73
CA SER I 57 7.44 17.68 -14.37
C SER I 57 7.65 18.18 -15.79
N GLY I 58 6.98 17.59 -16.78
CA GLY I 58 7.16 17.93 -18.21
C GLY I 58 7.81 16.81 -18.99
N VAL I 59 8.35 15.81 -18.29
CA VAL I 59 8.81 14.52 -18.88
C VAL I 59 7.66 13.53 -18.78
N PRO I 60 7.16 13.03 -19.92
CA PRO I 60 6.11 12.02 -19.94
C PRO I 60 6.34 10.77 -19.07
N ASP I 61 5.24 10.18 -18.58
CA ASP I 61 5.10 8.84 -17.99
C ASP I 61 5.96 7.76 -18.68
N ARG I 62 6.10 7.86 -20.00
CA ARG I 62 6.79 6.85 -20.87
C ARG I 62 8.21 6.59 -20.34
N PHE I 63 8.92 7.69 -20.05
CA PHE I 63 10.31 7.70 -19.55
C PHE I 63 10.33 7.24 -18.09
N SER I 64 11.20 6.27 -17.80
CA SER I 64 11.38 5.68 -16.45
C SER I 64 12.82 5.20 -16.27
N GLY I 65 13.22 4.90 -15.03
CA GLY I 65 14.53 4.31 -14.72
C GLY I 65 14.39 3.15 -13.78
N SER I 66 15.46 2.37 -13.67
CA SER I 66 15.68 1.36 -12.61
C SER I 66 17.12 1.47 -12.13
N LYS I 67 17.34 1.30 -10.82
CA LYS I 67 18.67 1.19 -10.18
C LYS I 67 18.74 -0.21 -9.58
N SER I 68 19.82 -0.95 -9.87
CA SER I 68 20.21 -2.17 -9.14
C SER I 68 21.69 -2.05 -8.81
N GLY I 69 22.02 -1.70 -7.55
CA GLY I 69 23.39 -1.46 -7.08
C GLY I 69 24.16 -0.55 -8.04
N THR I 70 25.29 -1.04 -8.56
CA THR I 70 26.28 -0.23 -9.32
C THR I 70 25.83 0.01 -10.78
N SER I 71 24.68 -0.52 -11.20
CA SER I 71 24.16 -0.32 -12.56
C SER I 71 22.77 0.31 -12.48
N VAL I 72 22.50 1.18 -13.44
CA VAL I 72 21.21 1.89 -13.63
C VAL I 72 20.83 1.69 -15.09
N SER I 73 19.54 1.72 -15.41
CA SER I 73 19.04 1.78 -16.80
C SER I 73 17.99 2.90 -16.93
N LEU I 74 17.89 3.43 -18.15
CA LEU I 74 16.82 4.35 -18.62
C LEU I 74 15.90 3.54 -19.53
N ALA I 75 14.59 3.71 -19.38
CA ALA I 75 13.55 2.95 -20.11
C ALA I 75 12.61 3.93 -20.83
N ILE I 76 12.75 4.05 -22.14
CA ILE I 76 11.84 4.83 -23.02
C ILE I 76 10.78 3.88 -23.57
N SER I 77 9.57 3.92 -23.06
CA SER I 77 8.42 3.12 -23.57
C SER I 77 7.61 3.99 -24.54
N GLY I 78 6.78 3.35 -25.37
CA GLY I 78 5.97 4.03 -26.40
C GLY I 78 6.84 4.90 -27.27
N LEU I 79 7.89 4.31 -27.82
CA LEU I 79 8.96 5.04 -28.55
C LEU I 79 8.34 5.85 -29.69
N GLN I 80 8.79 7.10 -29.87
CA GLN I 80 8.37 8.00 -30.98
C GLN I 80 9.60 8.55 -31.69
N SER I 81 9.42 9.15 -32.87
CA SER I 81 10.52 9.69 -33.71
C SER I 81 11.11 10.93 -33.03
N GLU I 82 10.27 11.67 -32.29
CA GLU I 82 10.66 12.90 -31.55
C GLU I 82 11.67 12.53 -30.44
N ASP I 83 11.87 11.24 -30.16
CA ASP I 83 12.80 10.69 -29.14
C ASP I 83 14.20 10.44 -29.73
N GLU I 84 14.39 10.71 -31.02
CA GLU I 84 15.70 10.50 -31.70
C GLU I 84 16.64 11.60 -31.20
N GLY I 85 17.77 11.20 -30.64
CA GLY I 85 18.76 12.10 -30.01
C GLY I 85 19.80 11.31 -29.24
N ASP I 86 20.69 12.02 -28.53
CA ASP I 86 21.74 11.43 -27.66
C ASP I 86 21.23 11.45 -26.21
N TYR I 87 21.45 10.36 -25.47
CA TYR I 87 21.07 10.19 -24.04
C TYR I 87 22.35 10.07 -23.22
N HIS I 88 22.57 11.01 -22.29
CA HIS I 88 23.81 11.04 -21.49
C HIS I 88 23.45 10.75 -20.03
N CYS I 89 24.20 9.86 -19.39
CA CYS I 89 23.97 9.49 -17.96
C CYS I 89 25.16 10.05 -17.20
N ALA I 90 24.93 10.62 -16.03
CA ALA I 90 26.03 11.29 -15.31
C ALA I 90 25.89 10.96 -13.82
N ALA I 91 27.00 11.00 -13.09
CA ALA I 91 27.02 10.68 -11.65
C ALA I 91 28.32 11.15 -11.02
N TRP I 92 28.28 11.57 -9.75
CA TRP I 92 29.50 12.04 -9.03
C TRP I 92 30.39 10.83 -8.72
N ASP I 93 31.71 10.99 -8.79
CA ASP I 93 32.68 9.92 -8.39
C ASP I 93 33.44 10.43 -7.16
N ASP I 94 33.32 9.73 -6.04
CA ASP I 94 33.89 10.11 -4.72
C ASP I 94 35.41 10.09 -4.73
N SER I 95 36.02 9.19 -5.49
CA SER I 95 37.49 9.04 -5.56
C SER I 95 38.09 10.14 -6.45
N LEU I 96 37.48 10.46 -7.59
CA LEU I 96 38.00 11.46 -8.56
C LEU I 96 37.58 12.86 -8.09
N LYS I 97 36.75 12.97 -7.07
CA LYS I 97 36.12 14.25 -6.64
C LYS I 97 35.71 15.06 -7.89
N GLY I 98 34.86 14.47 -8.71
CA GLY I 98 34.31 15.15 -9.90
C GLY I 98 33.10 14.43 -10.47
N TRP I 99 32.45 15.05 -11.45
CA TRP I 99 31.35 14.42 -12.20
C TRP I 99 31.94 13.57 -13.32
N VAL I 100 31.52 12.31 -13.40
CA VAL I 100 31.79 11.41 -14.57
C VAL I 100 30.51 11.28 -15.42
N PHE I 101 30.66 11.26 -16.74
CA PHE I 101 29.58 11.01 -17.71
C PHE I 101 29.87 9.68 -18.41
N GLY I 102 28.89 9.17 -19.14
CA GLY I 102 29.04 8.05 -20.08
C GLY I 102 29.48 8.59 -21.43
N GLY I 103 29.55 7.72 -22.44
CA GLY I 103 29.94 8.10 -23.80
C GLY I 103 28.84 8.90 -24.46
N GLY I 104 27.62 8.65 -24.02
CA GLY I 104 26.43 9.04 -24.81
C GLY I 104 25.93 7.82 -25.59
N THR I 105 24.63 7.82 -25.84
CA THR I 105 23.89 6.76 -26.55
C THR I 105 23.03 7.47 -27.61
N LYS I 106 23.36 7.31 -28.90
CA LYS I 106 22.47 7.80 -29.98
C LYS I 106 21.36 6.77 -30.16
N LEU I 107 20.13 7.17 -29.85
CA LEU I 107 18.90 6.39 -30.09
C LEU I 107 18.40 6.70 -31.50
N THR I 108 18.41 5.70 -32.38
CA THR I 108 17.84 5.78 -33.74
C THR I 108 16.44 5.14 -33.69
N VAL I 109 15.46 5.79 -34.30
CA VAL I 109 14.05 5.30 -34.41
C VAL I 109 13.79 4.88 -35.85
N LEU I 110 13.38 3.63 -36.04
CA LEU I 110 13.26 2.97 -37.37
C LEU I 110 11.78 2.96 -37.77
N GLY I 111 11.46 2.69 -39.04
CA GLY I 111 10.08 2.59 -39.56
C GLY I 111 9.86 3.46 -40.77
N ALA I 112 10.42 4.68 -40.79
CA ALA I 112 9.98 5.83 -41.64
C ALA I 112 10.42 5.63 -43.10
N PRO I 113 9.48 5.44 -44.07
CA PRO I 113 9.86 5.37 -45.48
C PRO I 113 10.20 6.78 -46.03
N ASN I 132 38.95 33.80 -60.25
CA ASN I 132 37.99 33.14 -61.18
C ASN I 132 37.55 31.79 -60.59
N LYS I 133 37.11 31.76 -59.32
CA LYS I 133 36.67 30.53 -58.58
C LYS I 133 35.24 30.15 -59.03
N ALA I 134 34.98 28.86 -59.26
CA ALA I 134 33.65 28.26 -59.52
C ALA I 134 33.45 27.05 -58.60
N THR I 135 32.42 27.06 -57.73
CA THR I 135 32.08 25.99 -56.76
C THR I 135 30.59 25.63 -56.89
N LEU I 136 30.24 24.34 -57.06
CA LEU I 136 28.85 23.87 -57.39
C LEU I 136 28.30 22.96 -56.27
N VAL I 137 26.97 22.98 -56.09
CA VAL I 137 26.23 22.38 -54.93
C VAL I 137 25.17 21.42 -55.51
N CYS I 138 25.01 20.23 -54.92
CA CYS I 138 23.99 19.22 -55.33
C CYS I 138 22.71 19.43 -54.48
N LEU I 139 22.09 20.61 -54.64
CA LEU I 139 20.82 21.06 -53.99
C LEU I 139 20.97 21.27 -52.47
N VAL I 163 38.59 17.19 -56.90
CA VAL I 163 37.62 16.41 -56.06
C VAL I 163 37.33 17.19 -54.75
N GLU I 164 36.07 17.22 -54.28
CA GLU I 164 35.64 17.86 -52.99
C GLU I 164 34.84 16.88 -52.10
N THR I 165 34.32 17.36 -50.94
CA THR I 165 33.76 16.56 -49.81
C THR I 165 32.21 16.46 -49.86
N THR I 166 31.61 15.59 -49.03
CA THR I 166 30.13 15.43 -48.86
C THR I 166 29.88 15.01 -47.39
N LYS I 167 29.02 15.72 -46.63
CA LYS I 167 28.73 15.49 -45.19
C LYS I 167 27.48 14.61 -45.04
N PRO I 168 27.44 13.63 -44.10
CA PRO I 168 26.19 12.92 -43.78
C PRO I 168 25.19 13.74 -42.94
N SER I 169 23.97 13.23 -42.77
CA SER I 169 22.96 13.83 -41.85
C SER I 169 21.68 12.98 -41.88
N ALA I 178 22.03 15.92 -46.36
CA ALA I 178 23.40 15.84 -46.92
C ALA I 178 23.79 17.16 -47.62
N SER I 179 25.10 17.40 -47.80
CA SER I 179 25.70 18.55 -48.51
C SER I 179 26.93 18.07 -49.30
N SER I 180 27.16 18.61 -50.52
CA SER I 180 28.29 18.30 -51.42
C SER I 180 28.77 19.58 -52.14
N TYR I 181 30.08 19.76 -52.39
CA TYR I 181 30.68 20.80 -53.25
C TYR I 181 31.79 20.15 -54.13
N LEU I 182 31.98 20.58 -55.39
CA LEU I 182 32.95 19.99 -56.37
C LEU I 182 33.62 21.08 -57.24
N SER I 183 34.87 21.48 -56.92
CA SER I 183 35.53 22.73 -57.40
C SER I 183 36.41 22.51 -58.65
N LEU I 184 36.48 23.50 -59.56
CA LEU I 184 37.10 23.40 -60.91
C LEU I 184 36.84 24.73 -61.67
N THR I 185 37.32 24.91 -62.93
CA THR I 185 36.81 25.92 -63.92
C THR I 185 36.60 25.24 -65.28
N PRO I 186 35.36 25.17 -65.85
CA PRO I 186 35.08 24.41 -67.06
C PRO I 186 34.98 25.27 -68.35
N GLU J 1 11.68 30.54 -16.65
CA GLU J 1 11.79 30.37 -15.17
C GLU J 1 13.26 30.54 -14.74
N VAL J 2 14.13 29.56 -14.97
CA VAL J 2 15.57 29.62 -14.66
C VAL J 2 16.29 29.69 -16.00
N GLN J 3 17.14 30.69 -16.20
CA GLN J 3 17.97 30.76 -17.42
C GLN J 3 19.42 31.03 -17.03
N LEU J 4 20.33 30.25 -17.63
CA LEU J 4 21.79 30.46 -17.60
C LEU J 4 22.23 30.83 -19.02
N VAL J 5 23.11 31.84 -19.16
CA VAL J 5 23.61 32.30 -20.48
C VAL J 5 25.13 32.42 -20.43
N GLU J 6 25.81 31.65 -21.26
CA GLU J 6 27.28 31.64 -21.40
C GLU J 6 27.67 32.67 -22.47
N SER J 7 28.94 33.08 -22.44
CA SER J 7 29.54 34.13 -23.30
C SER J 7 31.05 34.17 -23.05
N GLY J 8 31.80 34.75 -23.99
CA GLY J 8 33.26 34.90 -23.92
C GLY J 8 33.96 33.91 -24.82
N GLY J 9 33.24 32.89 -25.30
CA GLY J 9 33.78 31.86 -26.21
C GLY J 9 34.13 32.47 -27.55
N GLY J 10 35.21 31.97 -28.18
CA GLY J 10 35.56 32.35 -29.56
C GLY J 10 36.75 31.56 -30.08
N LEU J 11 37.51 32.15 -31.01
CA LEU J 11 38.77 31.59 -31.56
C LEU J 11 39.94 32.16 -30.76
N VAL J 12 40.84 31.29 -30.28
CA VAL J 12 42.16 31.70 -29.72
C VAL J 12 43.19 30.64 -30.14
N LYS J 13 44.46 31.06 -30.24
CA LYS J 13 45.57 30.22 -30.76
C LYS J 13 46.10 29.39 -29.59
N PRO J 14 46.56 28.14 -29.85
CA PRO J 14 47.20 27.32 -28.82
C PRO J 14 48.14 28.15 -27.97
N GLY J 15 48.32 27.77 -26.70
CA GLY J 15 49.09 28.53 -25.70
C GLY J 15 48.32 29.76 -25.26
N GLY J 16 47.19 30.07 -25.92
CA GLY J 16 46.39 31.29 -25.67
C GLY J 16 45.62 31.19 -24.36
N SER J 17 44.81 32.22 -24.11
CA SER J 17 44.01 32.41 -22.88
C SER J 17 42.61 32.89 -23.27
N LEU J 18 41.65 32.81 -22.35
CA LEU J 18 40.21 33.09 -22.60
C LEU J 18 39.43 33.01 -21.28
N ARG J 19 38.53 33.98 -21.03
CA ARG J 19 37.64 34.00 -19.85
C ARG J 19 36.19 33.84 -20.30
N LEU J 20 35.50 32.83 -19.75
CA LEU J 20 34.08 32.52 -20.05
C LEU J 20 33.23 33.11 -18.94
N SER J 21 31.99 33.50 -19.28
CA SER J 21 31.00 34.12 -18.37
C SER J 21 29.67 33.35 -18.43
N CYS J 22 29.11 33.01 -17.28
CA CYS J 22 27.72 32.52 -17.12
C CYS J 22 26.91 33.58 -16.39
N ALA J 23 25.80 34.00 -17.00
CA ALA J 23 24.84 34.96 -16.42
C ALA J 23 23.61 34.19 -15.98
N ALA J 24 23.37 34.15 -14.66
CA ALA J 24 22.25 33.43 -14.01
C ALA J 24 21.12 34.41 -13.67
N SER J 25 19.93 34.14 -14.17
CA SER J 25 18.66 34.78 -13.77
C SER J 25 17.63 33.68 -13.43
N GLY J 26 16.68 34.00 -12.56
CA GLY J 26 15.53 33.12 -12.29
C GLY J 26 15.59 32.46 -10.93
N PHE J 27 16.64 32.69 -10.15
CA PHE J 27 16.87 31.97 -8.88
C PHE J 27 17.99 32.63 -8.09
N THR J 28 18.06 32.37 -6.79
CA THR J 28 19.14 32.85 -5.90
C THR J 28 20.43 32.13 -6.27
N PHE J 29 21.03 32.47 -7.41
CA PHE J 29 22.37 32.04 -7.85
C PHE J 29 23.36 31.85 -6.70
N SER J 30 23.35 32.79 -5.76
CA SER J 30 24.30 32.83 -4.62
C SER J 30 24.09 31.64 -3.66
N SER J 31 23.10 30.78 -3.91
CA SER J 31 22.66 29.70 -2.99
C SER J 31 23.13 28.32 -3.47
N TYR J 32 23.58 28.21 -4.71
CA TYR J 32 23.81 26.93 -5.44
C TYR J 32 25.27 26.75 -5.83
N THR J 33 25.79 25.55 -5.69
CA THR J 33 27.03 25.09 -6.37
C THR J 33 26.81 25.18 -7.88
N MET J 34 27.83 25.62 -8.64
CA MET J 34 27.73 25.81 -10.10
C MET J 34 28.87 25.06 -10.79
N ASN J 35 28.64 24.62 -12.02
CA ASN J 35 29.54 23.69 -12.76
C ASN J 35 29.82 24.23 -14.16
N TRP J 36 30.99 23.89 -14.70
CA TRP J 36 31.33 23.98 -16.15
C TRP J 36 31.46 22.56 -16.68
N VAL J 37 30.79 22.24 -17.78
CA VAL J 37 30.89 20.93 -18.48
C VAL J 37 31.12 21.26 -19.95
N ARG J 38 31.99 20.51 -20.64
CA ARG J 38 32.29 20.80 -22.07
C ARG J 38 31.99 19.59 -22.94
N GLN J 39 31.80 19.84 -24.24
CA GLN J 39 31.41 18.82 -25.25
C GLN J 39 32.22 19.05 -26.53
N ALA J 40 33.25 18.23 -26.76
CA ALA J 40 34.13 18.28 -27.93
C ALA J 40 33.34 17.82 -29.15
N PRO J 41 33.55 18.41 -30.35
CA PRO J 41 32.62 18.21 -31.46
C PRO J 41 32.53 16.70 -31.74
N GLY J 42 31.32 16.14 -31.72
CA GLY J 42 31.02 14.75 -32.10
C GLY J 42 31.22 13.77 -30.96
N LYS J 43 31.95 14.16 -29.90
CA LYS J 43 32.16 13.34 -28.67
C LYS J 43 31.05 13.63 -27.63
N GLY J 44 31.06 12.94 -26.49
CA GLY J 44 30.05 13.08 -25.42
C GLY J 44 30.36 14.27 -24.50
N LEU J 45 29.84 14.25 -23.27
CA LEU J 45 30.03 15.37 -22.29
C LEU J 45 31.26 15.07 -21.44
N GLN J 46 31.88 16.09 -20.82
CA GLN J 46 33.03 15.95 -19.89
C GLN J 46 33.04 17.13 -18.92
N TRP J 47 32.89 16.83 -17.63
CA TRP J 47 32.86 17.85 -16.54
C TRP J 47 34.21 18.52 -16.46
N VAL J 48 34.22 19.83 -16.24
CA VAL J 48 35.44 20.67 -16.23
C VAL J 48 35.73 21.07 -14.78
N SER J 49 34.79 21.72 -14.12
CA SER J 49 35.02 22.32 -12.78
C SER J 49 33.70 22.63 -12.07
N SER J 50 33.78 22.60 -10.73
CA SER J 50 32.65 22.93 -9.83
C SER J 50 33.11 23.99 -8.85
N ILE J 51 32.20 24.81 -8.36
CA ILE J 51 32.50 25.78 -7.28
C ILE J 51 31.29 25.85 -6.35
N SER J 52 31.54 25.83 -5.04
CA SER J 52 30.51 25.92 -3.97
C SER J 52 29.84 27.30 -3.99
N SER J 53 28.70 27.44 -3.31
CA SER J 53 27.92 28.71 -3.23
C SER J 53 28.85 29.86 -2.80
N SER J 54 29.73 29.63 -1.83
CA SER J 54 30.55 30.70 -1.18
C SER J 54 31.99 30.62 -1.66
N SER J 55 32.26 29.82 -2.68
CA SER J 55 33.59 29.68 -3.31
C SER J 55 34.58 29.10 -2.28
N THR J 56 34.08 28.30 -1.35
CA THR J 56 34.95 27.61 -0.36
C THR J 56 35.53 26.35 -1.00
N TYR J 57 34.79 25.70 -1.91
CA TYR J 57 35.25 24.42 -2.51
C TYR J 57 35.16 24.49 -4.05
N MET J 58 36.34 24.59 -4.67
CA MET J 58 36.50 24.46 -6.13
C MET J 58 37.10 23.08 -6.41
N TYR J 59 36.60 22.39 -7.44
CA TYR J 59 37.10 21.07 -7.91
C TYR J 59 37.31 21.16 -9.41
N TYR J 60 38.32 20.46 -9.92
CA TYR J 60 38.63 20.46 -11.38
C TYR J 60 38.79 19.02 -11.84
N GLY J 61 38.31 18.74 -13.06
CA GLY J 61 38.68 17.53 -13.82
C GLY J 61 40.17 17.50 -14.04
N ASP J 62 40.73 16.30 -14.17
CA ASP J 62 42.20 16.10 -14.33
C ASP J 62 42.67 16.82 -15.59
N SER J 63 41.94 16.66 -16.69
CA SER J 63 42.37 17.16 -18.03
C SER J 63 42.70 18.66 -18.00
N VAL J 64 42.22 19.42 -17.00
CA VAL J 64 42.47 20.90 -16.98
C VAL J 64 43.11 21.31 -15.66
N LYS J 65 43.46 20.39 -14.77
CA LYS J 65 44.11 20.71 -13.46
C LYS J 65 45.27 21.66 -13.73
N GLY J 66 45.33 22.78 -13.03
CA GLY J 66 46.48 23.69 -13.10
C GLY J 66 46.40 24.71 -14.23
N ARG J 67 45.48 24.58 -15.19
CA ARG J 67 45.38 25.50 -16.36
C ARG J 67 44.14 26.38 -16.23
N PHE J 68 43.01 25.79 -15.86
CA PHE J 68 41.70 26.47 -15.73
C PHE J 68 41.49 26.92 -14.28
N THR J 69 40.74 27.99 -14.07
CA THR J 69 40.34 28.46 -12.73
C THR J 69 38.87 28.89 -12.78
N ILE J 70 38.04 28.28 -11.93
CA ILE J 70 36.60 28.63 -11.79
C ILE J 70 36.51 29.77 -10.76
N SER J 71 35.57 30.68 -10.93
CA SER J 71 35.30 31.75 -9.94
C SER J 71 33.85 32.22 -10.10
N ARG J 72 33.30 32.85 -9.07
CA ARG J 72 31.93 33.40 -9.14
C ARG J 72 31.92 34.78 -8.48
N ASP J 73 30.98 35.64 -8.91
CA ASP J 73 30.67 36.94 -8.28
C ASP J 73 29.18 36.92 -7.94
N ASN J 74 28.87 36.66 -6.67
CA ASN J 74 27.47 36.43 -6.21
C ASN J 74 26.72 37.75 -6.26
N ALA J 75 27.41 38.88 -6.14
CA ALA J 75 26.81 40.22 -6.30
C ALA J 75 26.43 40.46 -7.76
N ARG J 76 27.17 39.90 -8.73
CA ARG J 76 26.92 40.16 -10.18
C ARG J 76 26.16 38.97 -10.79
N ASN J 77 25.71 37.98 -10.00
CA ASN J 77 24.94 36.79 -10.48
C ASN J 77 25.68 36.11 -11.65
N SER J 78 27.00 35.93 -11.52
CA SER J 78 27.86 35.44 -12.63
C SER J 78 28.88 34.40 -12.18
N LEU J 79 29.02 33.35 -12.98
CA LEU J 79 30.05 32.30 -12.85
C LEU J 79 31.07 32.54 -13.96
N TYR J 80 32.37 32.36 -13.67
CA TYR J 80 33.47 32.56 -14.63
C TYR J 80 34.37 31.32 -14.68
N LEU J 81 34.94 31.08 -15.86
CA LEU J 81 36.04 30.10 -16.07
C LEU J 81 37.21 30.80 -16.76
N GLN J 82 38.35 30.90 -16.07
CA GLN J 82 39.63 31.41 -16.61
C GLN J 82 40.39 30.25 -17.28
N MET J 83 40.51 30.27 -18.61
CA MET J 83 41.17 29.19 -19.39
C MET J 83 42.54 29.69 -19.87
N ASN J 84 43.62 29.20 -19.25
CA ASN J 84 45.02 29.53 -19.61
C ASN J 84 45.64 28.32 -20.32
N SER J 85 46.71 28.53 -21.09
CA SER J 85 47.55 27.46 -21.71
C SER J 85 46.67 26.56 -22.57
N LEU J 86 45.71 27.17 -23.27
CA LEU J 86 44.70 26.45 -24.08
C LEU J 86 45.40 25.52 -25.08
N ARG J 87 44.81 24.35 -25.30
CA ARG J 87 45.31 23.34 -26.27
C ARG J 87 44.24 23.08 -27.31
N VAL J 88 44.61 22.38 -28.38
CA VAL J 88 43.70 22.03 -29.50
C VAL J 88 42.55 21.16 -28.93
N GLU J 89 42.89 20.21 -28.06
CA GLU J 89 41.92 19.24 -27.45
C GLU J 89 40.85 20.03 -26.66
N ASP J 90 41.18 21.20 -26.10
CA ASP J 90 40.23 22.01 -25.29
C ASP J 90 39.10 22.56 -26.17
N THR J 91 39.16 22.40 -27.50
CA THR J 91 38.06 22.80 -28.41
C THR J 91 36.79 22.03 -28.03
N ALA J 92 35.71 22.77 -27.74
CA ALA J 92 34.40 22.22 -27.33
C ALA J 92 33.38 23.35 -27.17
N VAL J 93 32.12 22.98 -26.98
CA VAL J 93 31.08 23.98 -26.64
C VAL J 93 31.05 23.89 -25.12
N TYR J 94 31.24 25.01 -24.43
CA TYR J 94 31.34 24.96 -22.95
C TYR J 94 29.99 25.32 -22.33
N TYR J 95 29.44 24.40 -21.54
CA TYR J 95 28.11 24.62 -20.92
C TYR J 95 28.23 25.00 -19.45
N CYS J 96 27.28 25.79 -18.95
CA CYS J 96 27.24 26.21 -17.53
C CYS J 96 26.04 25.55 -16.88
N ALA J 97 26.25 24.83 -15.78
CA ALA J 97 25.14 24.05 -15.21
C ALA J 97 25.01 24.21 -13.71
N ARG J 98 23.78 24.20 -13.20
CA ARG J 98 23.50 24.31 -11.74
C ARG J 98 23.41 22.91 -11.11
N TYR J 99 23.94 22.77 -9.88
CA TYR J 99 23.68 21.61 -9.00
C TYR J 99 22.87 22.09 -7.80
N ALA J 100 21.74 21.43 -7.61
CA ALA J 100 20.87 21.59 -6.44
C ALA J 100 20.85 20.28 -5.68
N HIS J 101 20.68 20.34 -4.36
CA HIS J 101 20.66 19.16 -3.47
C HIS J 101 19.52 18.25 -3.94
N ASP J 102 19.81 16.96 -3.99
CA ASP J 102 18.87 15.85 -4.29
C ASP J 102 18.50 15.85 -5.76
N TRP J 103 18.36 17.03 -6.39
CA TRP J 103 18.12 17.20 -7.86
C TRP J 103 19.36 16.78 -8.66
N ASN J 104 20.52 17.17 -8.14
CA ASN J 104 21.86 16.97 -8.77
C ASN J 104 22.03 18.05 -9.84
N VAL J 105 22.74 17.80 -10.92
CA VAL J 105 22.84 18.78 -12.06
C VAL J 105 21.48 18.79 -12.75
N ASP J 106 20.83 19.97 -12.81
CA ASP J 106 19.44 20.13 -13.34
C ASP J 106 19.41 21.06 -14.57
N TYR J 107 19.68 22.35 -14.38
CA TYR J 107 19.55 23.37 -15.44
C TYR J 107 20.91 23.58 -16.13
N TRP J 108 20.87 23.69 -17.45
CA TRP J 108 22.04 24.00 -18.33
C TRP J 108 21.79 25.32 -19.05
N GLY J 109 22.87 26.01 -19.44
CA GLY J 109 22.80 27.16 -20.36
C GLY J 109 22.79 26.68 -21.80
N GLN J 110 22.88 27.61 -22.75
CA GLN J 110 22.78 27.32 -24.21
C GLN J 110 24.14 26.80 -24.70
N GLY J 111 25.19 27.08 -23.93
CA GLY J 111 26.60 26.76 -24.27
C GLY J 111 27.22 27.86 -25.11
N THR J 112 28.54 28.00 -25.04
CA THR J 112 29.32 28.98 -25.86
C THR J 112 30.49 28.23 -26.50
N LEU J 113 30.75 28.45 -27.79
CA LEU J 113 31.76 27.66 -28.53
C LEU J 113 33.15 28.27 -28.28
N VAL J 114 34.10 27.42 -27.86
CA VAL J 114 35.54 27.76 -27.76
C VAL J 114 36.28 26.88 -28.78
N THR J 115 36.81 27.51 -29.82
CA THR J 115 37.65 26.85 -30.86
C THR J 115 39.11 27.28 -30.68
N VAL J 116 39.99 26.32 -30.39
CA VAL J 116 41.46 26.53 -30.23
C VAL J 116 42.19 25.95 -31.45
N SER J 117 42.68 26.84 -32.32
CA SER J 117 43.33 26.52 -33.62
C SER J 117 44.38 27.60 -33.91
N SER J 118 45.50 27.25 -34.55
CA SER J 118 46.55 28.20 -35.03
C SER J 118 46.02 28.96 -36.25
N ALA J 119 45.15 28.32 -37.04
CA ALA J 119 44.33 28.93 -38.12
C ALA J 119 43.68 30.22 -37.63
N SER J 120 43.61 31.24 -38.49
CA SER J 120 43.06 32.60 -38.21
C SER J 120 41.64 32.72 -38.79
N THR J 121 40.95 33.80 -38.42
CA THR J 121 39.49 34.00 -38.51
C THR J 121 39.07 34.36 -39.95
N LYS J 122 39.00 33.39 -40.89
CA LYS J 122 38.73 33.65 -42.35
C LYS J 122 37.27 34.06 -42.54
N GLY J 123 37.02 35.17 -43.25
CA GLY J 123 35.67 35.70 -43.50
C GLY J 123 35.01 34.94 -44.63
N PRO J 124 33.66 34.82 -44.67
CA PRO J 124 32.96 34.14 -45.77
C PRO J 124 32.89 35.01 -47.03
N SER J 125 32.45 34.39 -48.14
CA SER J 125 32.10 35.04 -49.42
C SER J 125 30.76 34.48 -49.89
N VAL J 126 29.81 35.32 -50.30
CA VAL J 126 28.40 34.92 -50.64
C VAL J 126 28.22 34.86 -52.16
N PHE J 127 27.37 33.92 -52.62
CA PHE J 127 26.95 33.63 -54.03
C PHE J 127 28.04 34.10 -55.01
N ALA J 142 17.69 26.74 -59.37
CA ALA J 142 18.26 27.10 -58.05
C ALA J 142 17.52 28.32 -57.48
N LEU J 143 17.04 28.23 -56.22
CA LEU J 143 16.40 29.34 -55.45
C LEU J 143 17.13 29.54 -54.12
N GLY J 144 18.18 30.40 -54.08
CA GLY J 144 18.92 30.77 -52.85
C GLY J 144 20.36 31.28 -53.10
N CYS J 145 21.12 31.46 -52.01
CA CYS J 145 22.51 31.99 -51.97
C CYS J 145 23.44 31.06 -51.16
N LEU J 146 24.76 31.08 -51.42
CA LEU J 146 25.78 30.11 -50.96
C LEU J 146 26.86 30.83 -50.13
N VAL J 147 27.43 30.18 -49.11
CA VAL J 147 28.50 30.77 -48.24
C VAL J 147 29.77 29.90 -48.33
N LYS J 148 30.82 30.44 -48.95
CA LYS J 148 32.10 29.72 -49.22
C LYS J 148 33.24 30.18 -48.29
N ASP J 149 34.11 29.21 -47.96
CA ASP J 149 35.43 29.32 -47.29
C ASP J 149 35.40 30.35 -46.14
N TYR J 150 34.77 29.98 -45.02
CA TYR J 150 34.73 30.74 -43.73
C TYR J 150 35.23 29.86 -42.58
N PHE J 151 35.60 30.48 -41.44
CA PHE J 151 36.12 29.81 -40.21
C PHE J 151 36.03 30.80 -39.05
N PRO J 152 35.62 30.42 -37.81
CA PRO J 152 35.05 29.10 -37.49
C PRO J 152 33.53 28.98 -37.74
N GLU J 153 32.88 27.99 -37.10
CA GLU J 153 31.58 27.38 -37.52
C GLU J 153 30.40 28.35 -37.48
N PRO J 154 30.16 29.12 -36.40
CA PRO J 154 28.86 29.76 -36.19
C PRO J 154 28.46 30.83 -37.23
N VAL J 155 27.56 30.48 -38.17
CA VAL J 155 27.13 31.35 -39.30
C VAL J 155 25.60 31.38 -39.41
N THR J 156 25.02 32.58 -39.60
CA THR J 156 23.56 32.87 -39.57
C THR J 156 23.05 33.16 -40.99
N VAL J 157 21.89 32.62 -41.32
CA VAL J 157 21.17 32.86 -42.60
C VAL J 157 19.85 33.57 -42.26
N SER J 158 19.55 34.69 -42.94
CA SER J 158 18.31 35.46 -42.71
C SER J 158 17.77 35.99 -44.03
N TRP J 159 16.46 36.25 -44.07
CA TRP J 159 15.68 36.75 -45.23
C TRP J 159 14.68 37.79 -44.71
N ASN J 160 15.23 38.84 -44.08
CA ASN J 160 14.55 40.04 -43.50
C ASN J 160 13.91 39.68 -42.16
N THR J 170 18.01 25.91 -45.11
CA THR J 170 19.44 26.05 -44.72
C THR J 170 20.02 24.67 -44.42
N PHE J 171 21.19 24.34 -45.00
CA PHE J 171 21.90 23.05 -44.79
C PHE J 171 22.99 23.26 -43.73
N PRO J 172 23.41 22.20 -42.97
CA PRO J 172 24.60 22.27 -42.15
C PRO J 172 25.85 22.31 -43.04
N ALA J 173 26.91 22.95 -42.55
CA ALA J 173 28.16 23.22 -43.28
C ALA J 173 28.91 21.91 -43.59
N VAL J 174 29.92 21.98 -44.46
CA VAL J 174 30.93 20.90 -44.68
C VAL J 174 32.29 21.48 -44.32
N LEU J 175 33.12 20.70 -43.60
CA LEU J 175 34.55 21.01 -43.32
C LEU J 175 35.39 20.50 -44.49
N GLN J 176 35.74 21.39 -45.43
CA GLN J 176 36.67 21.09 -46.57
C GLN J 176 38.04 20.76 -45.98
N SER J 177 38.87 19.98 -46.67
CA SER J 177 40.25 19.60 -46.26
C SER J 177 41.13 20.86 -46.08
N SER J 178 40.75 21.98 -46.73
CA SER J 178 41.40 23.31 -46.61
C SER J 178 41.33 23.82 -45.16
N GLY J 179 40.43 23.25 -44.34
CA GLY J 179 40.19 23.69 -42.96
C GLY J 179 39.13 24.79 -42.91
N LEU J 180 38.55 25.14 -44.07
CA LEU J 180 37.51 26.18 -44.23
C LEU J 180 36.15 25.48 -44.43
N TYR J 181 35.09 26.00 -43.81
CA TYR J 181 33.69 25.49 -43.90
C TYR J 181 33.00 26.12 -45.12
N SER J 182 31.95 25.45 -45.63
CA SER J 182 31.05 25.95 -46.71
C SER J 182 29.65 25.42 -46.44
N LEU J 183 28.63 26.29 -46.56
CA LEU J 183 27.20 25.93 -46.36
C LEU J 183 26.33 26.64 -47.41
N SER J 184 25.20 26.01 -47.78
CA SER J 184 24.21 26.48 -48.79
C SER J 184 22.82 26.57 -48.17
N SER J 185 21.93 27.41 -48.73
CA SER J 185 20.68 27.92 -48.07
C SER J 185 19.56 28.11 -49.10
N VAL J 186 18.33 27.66 -48.79
CA VAL J 186 17.15 27.72 -49.71
C VAL J 186 15.91 28.21 -48.95
N CYS J 201 19.12 37.97 -49.37
CA CYS J 201 19.44 37.20 -48.14
C CYS J 201 20.40 38.01 -47.25
N ASN J 202 20.32 37.80 -45.93
CA ASN J 202 21.17 38.43 -44.89
C ASN J 202 22.04 37.36 -44.21
N VAL J 203 23.33 37.29 -44.56
CA VAL J 203 24.32 36.33 -44.00
C VAL J 203 25.16 37.05 -42.94
N ASN J 204 25.42 36.38 -41.82
CA ASN J 204 26.14 36.95 -40.64
C ASN J 204 27.15 35.90 -40.14
N HIS J 205 28.37 36.32 -39.80
CA HIS J 205 29.46 35.47 -39.26
C HIS J 205 30.21 36.26 -38.18
N LYS J 206 29.68 36.26 -36.95
CA LYS J 206 30.10 37.15 -35.82
C LYS J 206 31.61 37.10 -35.63
N PRO J 207 32.26 35.91 -35.65
CA PRO J 207 33.71 35.82 -35.43
C PRO J 207 34.61 36.66 -36.38
N SER J 208 34.06 37.11 -37.52
CA SER J 208 34.78 37.89 -38.56
C SER J 208 34.08 39.23 -38.87
N ASN J 209 33.09 39.63 -38.06
CA ASN J 209 32.40 40.95 -38.16
C ASN J 209 31.74 41.11 -39.53
N THR J 210 31.41 40.00 -40.19
CA THR J 210 30.86 39.97 -41.59
C THR J 210 29.32 40.00 -41.50
N LYS J 211 28.68 41.00 -42.14
CA LYS J 211 27.20 41.15 -42.15
C LYS J 211 26.70 41.58 -43.55
N VAL J 212 27.13 40.88 -44.60
CA VAL J 212 26.88 41.26 -46.03
C VAL J 212 25.51 40.74 -46.51
N ASP J 213 24.70 41.62 -47.13
CA ASP J 213 23.29 41.37 -47.57
C ASP J 213 23.26 41.32 -49.11
N LYS J 214 22.86 40.18 -49.71
CA LYS J 214 22.77 39.96 -51.19
C LYS J 214 21.29 39.90 -51.64
N SER K 2 13.58 -34.36 -5.95
CA SER K 2 15.04 -34.46 -6.30
C SER K 2 15.34 -34.01 -7.75
N VAL K 3 14.34 -33.90 -8.62
CA VAL K 3 14.49 -33.47 -10.04
C VAL K 3 13.61 -32.26 -10.25
N LEU K 4 14.10 -31.25 -10.97
CA LEU K 4 13.21 -30.16 -11.43
C LEU K 4 12.65 -30.56 -12.79
N THR K 5 11.34 -30.50 -12.92
CA THR K 5 10.58 -30.87 -14.15
C THR K 5 10.12 -29.57 -14.81
N GLN K 6 10.65 -29.28 -16.01
CA GLN K 6 10.13 -28.18 -16.88
C GLN K 6 9.81 -28.72 -18.28
N PRO K 7 8.82 -28.14 -18.98
CA PRO K 7 8.47 -28.58 -20.33
C PRO K 7 9.69 -28.60 -21.24
N PRO K 8 9.96 -29.70 -21.99
CA PRO K 8 11.08 -29.74 -22.93
C PRO K 8 11.01 -28.66 -24.01
N SER K 9 9.80 -28.30 -24.43
CA SER K 9 9.59 -27.21 -25.41
C SER K 9 8.35 -26.38 -25.04
N ALA K 10 8.35 -25.14 -25.54
CA ALA K 10 7.22 -24.17 -25.48
C ALA K 10 7.31 -23.28 -26.71
N SER K 11 6.20 -22.64 -27.08
CA SER K 11 6.13 -21.69 -28.21
C SER K 11 4.99 -20.68 -28.00
N GLY K 12 4.96 -19.64 -28.84
CA GLY K 12 3.92 -18.59 -28.87
C GLY K 12 4.04 -17.73 -30.13
N THR K 13 3.02 -16.91 -30.40
CA THR K 13 2.96 -15.92 -31.52
C THR K 13 3.45 -14.58 -31.00
N PRO K 14 4.24 -13.81 -31.80
CA PRO K 14 4.75 -12.51 -31.35
C PRO K 14 3.66 -11.69 -30.67
N GLY K 15 3.96 -11.09 -29.52
CA GLY K 15 3.05 -10.23 -28.75
C GLY K 15 2.32 -11.01 -27.66
N GLN K 16 2.28 -12.35 -27.76
CA GLN K 16 1.60 -13.22 -26.76
C GLN K 16 2.38 -13.26 -25.45
N ARG K 17 1.72 -13.77 -24.40
CA ARG K 17 2.33 -14.19 -23.12
C ARG K 17 2.52 -15.71 -23.13
N VAL K 18 3.74 -16.19 -22.96
CA VAL K 18 4.10 -17.63 -22.79
C VAL K 18 4.43 -17.87 -21.33
N THR K 19 4.15 -19.08 -20.82
CA THR K 19 4.42 -19.48 -19.42
C THR K 19 5.23 -20.78 -19.41
N ILE K 20 6.45 -20.76 -18.88
CA ILE K 20 7.27 -21.99 -18.65
C ILE K 20 7.26 -22.34 -17.16
N SER K 21 6.80 -23.54 -16.81
CA SER K 21 6.67 -24.01 -15.42
C SER K 21 7.93 -24.78 -15.02
N CYS K 22 8.22 -24.80 -13.71
CA CYS K 22 9.28 -25.61 -13.07
C CYS K 22 8.73 -26.19 -11.77
N SER K 23 8.64 -27.52 -11.70
CA SER K 23 8.02 -28.25 -10.58
C SER K 23 9.12 -29.06 -9.86
N GLY K 24 9.20 -28.94 -8.55
CA GLY K 24 10.18 -29.64 -7.69
C GLY K 24 9.52 -30.31 -6.51
N GLY K 25 10.24 -30.43 -5.39
CA GLY K 25 9.75 -31.02 -4.13
C GLY K 25 10.26 -30.29 -2.91
N SER K 26 9.81 -30.69 -1.72
CA SER K 26 10.12 -29.98 -0.45
C SER K 26 11.64 -29.83 -0.27
N SER K 27 12.42 -30.81 -0.67
CA SER K 27 13.91 -30.86 -0.53
C SER K 27 14.58 -29.75 -1.37
N ASN K 28 13.99 -29.33 -2.48
CA ASN K 28 14.57 -28.27 -3.34
C ASN K 28 13.69 -27.03 -3.29
N ILE K 29 12.72 -26.89 -4.21
CA ILE K 29 11.98 -25.61 -4.48
C ILE K 29 11.16 -25.22 -3.25
N GLY K 30 10.73 -26.21 -2.46
CA GLY K 30 9.94 -25.97 -1.23
C GLY K 30 10.69 -25.06 -0.28
N SER K 31 11.94 -25.39 -0.01
CA SER K 31 12.79 -24.71 0.99
C SER K 31 13.87 -23.84 0.38
N ASN K 32 14.05 -23.81 -0.95
CA ASN K 32 15.14 -23.04 -1.62
C ASN K 32 14.63 -22.25 -2.83
N PRO K 33 15.25 -21.08 -3.14
CA PRO K 33 14.81 -20.22 -4.24
C PRO K 33 15.22 -20.73 -5.62
N VAL K 34 14.41 -20.43 -6.62
CA VAL K 34 14.65 -20.77 -8.05
C VAL K 34 15.21 -19.54 -8.78
N ASN K 35 16.37 -19.68 -9.42
CA ASN K 35 16.83 -18.73 -10.47
C ASN K 35 16.50 -19.32 -11.84
N TRP K 36 16.15 -18.45 -12.78
CA TRP K 36 15.97 -18.75 -14.23
C TRP K 36 17.18 -18.20 -14.99
N PHE K 37 17.75 -18.99 -15.89
CA PHE K 37 18.87 -18.55 -16.78
C PHE K 37 18.40 -18.65 -18.23
N GLN K 38 18.70 -17.61 -19.01
CA GLN K 38 18.42 -17.55 -20.47
C GLN K 38 19.71 -17.95 -21.18
N GLN K 39 19.61 -18.80 -22.21
CA GLN K 39 20.76 -19.27 -23.01
C GLN K 39 20.40 -19.21 -24.50
N PHE K 40 21.10 -18.35 -25.24
CA PHE K 40 21.12 -18.35 -26.72
C PHE K 40 22.15 -19.36 -27.19
N PRO K 41 21.86 -20.13 -28.27
CA PRO K 41 22.78 -21.12 -28.81
C PRO K 41 24.24 -20.64 -28.87
N GLY K 42 25.16 -21.48 -28.38
CA GLY K 42 26.61 -21.29 -28.46
C GLY K 42 27.13 -20.15 -27.61
N THR K 43 26.31 -19.56 -26.72
CA THR K 43 26.76 -18.66 -25.63
C THR K 43 26.49 -19.33 -24.28
N ALA K 44 27.03 -18.75 -23.22
CA ALA K 44 26.84 -19.18 -21.82
C ALA K 44 25.40 -18.89 -21.42
N PRO K 45 24.89 -19.55 -20.35
CA PRO K 45 23.69 -19.10 -19.66
C PRO K 45 23.94 -17.71 -19.05
N LYS K 46 22.88 -16.93 -18.86
CA LYS K 46 22.89 -15.63 -18.18
C LYS K 46 21.69 -15.57 -17.23
N LEU K 47 21.81 -14.87 -16.11
CA LEU K 47 20.73 -14.71 -15.11
C LEU K 47 19.58 -13.93 -15.75
N LEU K 48 18.37 -14.49 -15.72
CA LEU K 48 17.12 -13.84 -16.21
C LEU K 48 16.24 -13.45 -15.02
N ILE K 49 15.90 -14.40 -14.18
CA ILE K 49 15.13 -14.20 -12.91
C ILE K 49 15.93 -14.82 -11.77
N TYR K 50 15.96 -14.17 -10.60
CA TYR K 50 16.50 -14.75 -9.35
C TYR K 50 15.44 -14.71 -8.24
N ALA K 51 15.64 -15.53 -7.21
CA ALA K 51 14.77 -15.57 -6.00
C ALA K 51 13.29 -15.67 -6.43
N ASN K 52 13.03 -16.55 -7.39
CA ASN K 52 11.66 -16.98 -7.82
C ASN K 52 11.04 -15.94 -8.76
N THR K 53 11.17 -14.64 -8.45
CA THR K 53 10.26 -13.55 -8.92
C THR K 53 10.97 -12.20 -9.18
N GLN K 54 12.29 -12.10 -9.15
CA GLN K 54 13.00 -10.79 -9.17
C GLN K 54 13.86 -10.67 -10.42
N ARG K 55 13.95 -9.46 -10.99
CA ARG K 55 14.74 -9.17 -12.22
C ARG K 55 16.03 -8.48 -11.84
N PRO K 56 17.18 -8.91 -12.40
CA PRO K 56 18.41 -8.14 -12.27
C PRO K 56 18.27 -6.93 -13.20
N SER K 57 19.07 -5.87 -13.02
CA SER K 57 19.13 -4.75 -13.98
C SER K 57 19.49 -5.30 -15.36
N GLY K 58 18.75 -4.91 -16.40
CA GLY K 58 19.00 -5.30 -17.80
C GLY K 58 17.89 -6.14 -18.36
N VAL K 59 17.05 -6.71 -17.49
CA VAL K 59 15.94 -7.61 -17.89
C VAL K 59 14.65 -6.78 -17.99
N PRO K 60 14.04 -6.71 -19.19
CA PRO K 60 12.75 -6.02 -19.36
C PRO K 60 11.63 -6.41 -18.37
N ASP K 61 10.76 -5.44 -18.09
CA ASP K 61 9.48 -5.60 -17.34
C ASP K 61 8.67 -6.82 -17.80
N ARG K 62 8.76 -7.18 -19.09
CA ARG K 62 7.98 -8.27 -19.74
C ARG K 62 8.16 -9.58 -18.97
N PHE K 63 9.42 -9.89 -18.64
CA PHE K 63 9.83 -11.10 -17.87
C PHE K 63 9.40 -10.96 -16.41
N SER K 64 8.70 -11.99 -15.92
CA SER K 64 8.19 -12.05 -14.55
C SER K 64 8.14 -13.52 -14.07
N GLY K 65 8.00 -13.74 -12.77
CA GLY K 65 7.82 -15.09 -12.20
C GLY K 65 6.70 -15.13 -11.20
N SER K 66 6.29 -16.34 -10.84
CA SER K 66 5.37 -16.63 -9.72
C SER K 66 5.86 -17.91 -9.02
N LYS K 67 5.74 -17.95 -7.69
CA LYS K 67 5.99 -19.16 -6.86
C LYS K 67 4.67 -19.54 -6.20
N SER K 68 4.29 -20.81 -6.29
CA SER K 68 3.23 -21.43 -5.45
C SER K 68 3.79 -22.73 -4.87
N GLY K 69 4.20 -22.71 -3.59
CA GLY K 69 4.81 -23.85 -2.88
C GLY K 69 5.93 -24.47 -3.71
N THR K 70 5.82 -25.77 -4.01
CA THR K 70 6.91 -26.58 -4.62
C THR K 70 7.01 -26.34 -6.15
N SER K 71 6.19 -25.48 -6.73
CA SER K 71 6.22 -25.17 -8.18
C SER K 71 6.42 -23.66 -8.37
N VAL K 72 7.17 -23.31 -9.41
CA VAL K 72 7.45 -21.92 -9.86
C VAL K 72 7.14 -21.87 -11.34
N SER K 73 6.78 -20.69 -11.85
CA SER K 73 6.67 -20.45 -13.31
C SER K 73 7.44 -19.18 -13.69
N LEU K 74 7.91 -19.15 -14.95
CA LEU K 74 8.47 -17.97 -15.63
C LEU K 74 7.43 -17.50 -16.64
N ALA K 75 7.19 -16.19 -16.71
CA ALA K 75 6.18 -15.57 -17.61
C ALA K 75 6.86 -14.56 -18.53
N ILE K 76 7.00 -14.93 -19.80
CA ILE K 76 7.50 -14.03 -20.87
C ILE K 76 6.30 -13.41 -21.55
N SER K 77 5.99 -12.13 -21.26
CA SER K 77 4.88 -11.38 -21.92
C SER K 77 5.48 -10.56 -23.05
N GLY K 78 4.64 -10.09 -23.98
CA GLY K 78 5.07 -9.32 -25.15
C GLY K 78 6.14 -10.05 -25.92
N LEU K 79 5.88 -11.32 -26.24
CA LEU K 79 6.88 -12.24 -26.84
C LEU K 79 7.48 -11.62 -28.10
N GLN K 80 8.81 -11.72 -28.25
CA GLN K 80 9.55 -11.23 -29.44
C GLN K 80 10.44 -12.35 -29.98
N SER K 81 10.95 -12.21 -31.21
CA SER K 81 11.78 -13.25 -31.87
C SER K 81 13.14 -13.32 -31.18
N GLU K 82 13.60 -12.19 -30.64
CA GLU K 82 14.87 -12.04 -29.87
C GLU K 82 14.83 -12.91 -28.60
N ASP K 83 13.66 -13.45 -28.24
CA ASP K 83 13.43 -14.31 -27.04
C ASP K 83 13.61 -15.79 -27.38
N GLU K 84 13.93 -16.12 -28.64
CA GLU K 84 14.11 -17.52 -29.06
C GLU K 84 15.42 -18.00 -28.45
N GLY K 85 15.36 -19.11 -27.70
CA GLY K 85 16.51 -19.66 -26.95
C GLY K 85 16.05 -20.70 -25.93
N ASP K 86 16.98 -21.20 -25.11
CA ASP K 86 16.73 -22.20 -24.03
C ASP K 86 16.59 -21.45 -22.69
N TYR K 87 15.61 -21.84 -21.87
CA TYR K 87 15.33 -21.28 -20.52
C TYR K 87 15.56 -22.37 -19.49
N HIS K 88 16.51 -22.12 -18.58
CA HIS K 88 16.91 -23.13 -17.58
C HIS K 88 16.45 -22.80 -16.16
N CYS K 89 15.96 -23.79 -15.43
CA CYS K 89 15.47 -23.59 -14.05
C CYS K 89 16.47 -24.19 -13.09
N ALA K 90 16.74 -23.51 -12.00
CA ALA K 90 17.80 -23.97 -11.07
C ALA K 90 17.43 -23.68 -9.63
N ALA K 91 17.73 -24.63 -8.75
CA ALA K 91 17.46 -24.46 -7.31
C ALA K 91 18.31 -25.44 -6.51
N TRP K 92 18.75 -25.06 -5.31
CA TRP K 92 19.52 -25.94 -4.42
C TRP K 92 18.60 -27.05 -3.88
N ASP K 93 19.13 -28.28 -3.73
CA ASP K 93 18.39 -29.41 -3.11
C ASP K 93 19.09 -29.78 -1.82
N ASP K 94 18.40 -29.67 -0.70
CA ASP K 94 18.94 -29.89 0.66
C ASP K 94 19.29 -31.35 0.90
N SER K 95 18.60 -32.29 0.25
CA SER K 95 18.83 -33.74 0.42
C SER K 95 20.09 -34.15 -0.37
N LEU K 96 20.23 -33.69 -1.62
CA LEU K 96 21.37 -34.06 -2.52
C LEU K 96 22.59 -33.20 -2.17
N LYS K 97 22.45 -32.20 -1.31
CA LYS K 97 23.50 -31.18 -1.07
C LYS K 97 24.15 -30.80 -2.41
N GLY K 98 23.34 -30.30 -3.34
CA GLY K 98 23.82 -29.82 -4.64
C GLY K 98 22.79 -28.97 -5.35
N TRP K 99 23.18 -28.35 -6.46
CA TRP K 99 22.25 -27.64 -7.36
C TRP K 99 21.59 -28.66 -8.29
N VAL K 100 20.26 -28.63 -8.36
CA VAL K 100 19.47 -29.33 -9.40
C VAL K 100 19.00 -28.30 -10.45
N PHE K 101 19.04 -28.69 -11.73
CA PHE K 101 18.52 -27.91 -12.88
C PHE K 101 17.35 -28.68 -13.45
N GLY K 102 16.59 -28.02 -14.31
CA GLY K 102 15.55 -28.67 -15.13
C GLY K 102 16.16 -29.18 -16.41
N GLY K 103 15.33 -29.67 -17.32
CA GLY K 103 15.78 -30.20 -18.62
C GLY K 103 16.26 -29.07 -19.50
N GLY K 104 15.71 -27.89 -19.27
CA GLY K 104 15.75 -26.83 -20.27
C GLY K 104 14.46 -26.80 -21.08
N THR K 105 14.10 -25.62 -21.57
CA THR K 105 12.88 -25.35 -22.34
C THR K 105 13.31 -24.55 -23.57
N LYS K 106 13.25 -25.15 -24.77
CA LYS K 106 13.50 -24.39 -26.02
C LYS K 106 12.20 -23.68 -26.39
N LEU K 107 12.23 -22.35 -26.33
CA LEU K 107 11.10 -21.45 -26.71
C LEU K 107 11.26 -21.12 -28.19
N THR K 108 10.31 -21.57 -29.01
CA THR K 108 10.19 -21.24 -30.45
C THR K 108 9.16 -20.10 -30.62
N VAL K 109 9.49 -19.09 -31.44
CA VAL K 109 8.61 -17.92 -31.75
C VAL K 109 8.12 -18.05 -33.19
N LEU K 110 6.80 -18.03 -33.39
CA LEU K 110 6.15 -18.33 -34.70
C LEU K 110 5.75 -17.03 -35.44
N GLY K 111 6.60 -16.56 -36.36
CA GLY K 111 6.46 -15.26 -37.04
C GLY K 111 6.60 -15.33 -38.55
N ALA K 112 6.52 -14.18 -39.23
CA ALA K 112 6.38 -14.03 -40.69
C ALA K 112 7.74 -14.26 -41.37
N PRO K 113 7.89 -15.29 -42.24
CA PRO K 113 9.10 -15.40 -43.08
C PRO K 113 9.31 -14.17 -43.98
N LEU K 139 26.84 -22.41 -48.19
CA LEU K 139 25.57 -22.86 -48.79
C LEU K 139 24.39 -22.08 -48.20
N ILE K 140 23.40 -22.74 -47.60
CA ILE K 140 22.18 -22.06 -47.08
C ILE K 140 22.59 -20.99 -46.05
N SER K 141 21.93 -19.82 -46.03
CA SER K 141 22.43 -18.75 -45.14
C SER K 141 21.35 -18.00 -44.38
N ASP K 142 20.23 -17.65 -45.01
CA ASP K 142 19.25 -16.80 -44.28
C ASP K 142 17.83 -17.31 -44.49
N PHE K 143 17.45 -18.40 -43.83
CA PHE K 143 16.05 -18.87 -43.93
C PHE K 143 15.26 -18.50 -42.68
N TYR K 144 14.07 -17.92 -42.87
CA TYR K 144 13.19 -17.56 -41.73
C TYR K 144 12.23 -18.69 -41.38
N PRO K 145 11.63 -19.47 -42.31
CA PRO K 145 10.81 -20.62 -41.94
C PRO K 145 11.30 -21.34 -40.69
N GLY K 146 12.58 -21.75 -40.69
CA GLY K 146 13.15 -22.38 -39.49
C GLY K 146 14.02 -23.57 -39.85
N ALA K 147 13.73 -24.23 -40.97
CA ALA K 147 14.47 -25.45 -41.33
C ALA K 147 14.51 -25.67 -42.84
N VAL K 148 15.43 -26.51 -43.31
CA VAL K 148 15.54 -26.84 -44.77
C VAL K 148 15.52 -28.35 -44.88
N THR K 165 24.95 -31.83 -44.13
CA THR K 165 23.94 -32.39 -43.20
C THR K 165 24.02 -31.64 -41.87
N THR K 166 24.06 -30.30 -41.92
CA THR K 166 24.12 -29.49 -40.68
C THR K 166 22.71 -29.21 -40.20
N LYS K 167 22.48 -29.34 -38.90
CA LYS K 167 21.15 -28.98 -38.35
C LYS K 167 21.06 -27.45 -38.41
N PRO K 168 20.03 -26.89 -39.09
CA PRO K 168 19.86 -25.45 -39.20
C PRO K 168 20.15 -24.67 -37.92
N SER K 169 20.91 -23.58 -38.02
CA SER K 169 21.27 -22.77 -36.84
C SER K 169 20.60 -21.41 -36.94
N LYS K 170 21.02 -20.47 -36.09
CA LYS K 170 20.44 -19.11 -36.09
C LYS K 170 21.55 -18.09 -35.84
N ALA K 177 20.50 -20.75 -40.62
CA ALA K 177 21.57 -21.09 -41.58
C ALA K 177 22.02 -22.55 -41.39
N ALA K 178 22.15 -23.31 -42.48
CA ALA K 178 22.57 -24.73 -42.54
C ALA K 178 23.61 -24.94 -43.64
N SER K 179 24.26 -26.10 -43.70
CA SER K 179 25.38 -26.45 -44.63
C SER K 179 25.25 -27.91 -45.06
N SER K 180 25.63 -28.21 -46.31
CA SER K 180 25.64 -29.58 -46.90
C SER K 180 26.90 -29.79 -47.74
N TYR K 181 27.50 -30.99 -47.65
CA TYR K 181 28.56 -31.52 -48.53
C TYR K 181 28.24 -32.99 -48.86
N LEU K 182 28.55 -33.48 -50.08
CA LEU K 182 28.78 -34.92 -50.46
C LEU K 182 28.85 -35.02 -52.00
N GLU L 1 31.79 -5.48 -15.95
CA GLU L 1 31.84 -5.29 -14.45
C GLU L 1 32.50 -6.53 -13.81
N VAL L 2 31.81 -7.67 -13.80
CA VAL L 2 32.29 -8.95 -13.24
C VAL L 2 32.56 -9.87 -14.44
N GLN L 3 33.77 -10.42 -14.53
CA GLN L 3 34.04 -11.42 -15.59
C GLN L 3 34.73 -12.63 -14.96
N LEU L 4 34.26 -13.81 -15.38
CA LEU L 4 34.87 -15.12 -15.11
C LEU L 4 35.36 -15.70 -16.44
N VAL L 5 36.56 -16.27 -16.47
CA VAL L 5 37.17 -16.86 -17.71
C VAL L 5 37.72 -18.24 -17.39
N GLU L 6 37.18 -19.24 -18.07
CA GLU L 6 37.61 -20.66 -17.94
C GLU L 6 38.72 -20.93 -18.95
N SER L 7 39.46 -22.02 -18.72
CA SER L 7 40.63 -22.47 -19.51
C SER L 7 41.07 -23.83 -19.00
N GLY L 8 41.84 -24.55 -19.81
CA GLY L 8 42.40 -25.87 -19.48
C GLY L 8 41.67 -26.99 -20.19
N GLY L 9 40.49 -26.69 -20.76
CA GLY L 9 39.69 -27.67 -21.51
C GLY L 9 40.41 -28.08 -22.79
N GLY L 10 40.25 -29.35 -23.20
CA GLY L 10 40.72 -29.85 -24.50
C GLY L 10 40.31 -31.30 -24.73
N LEU L 11 41.09 -32.02 -25.55
CA LEU L 11 40.90 -33.46 -25.84
C LEU L 11 41.79 -34.27 -24.89
N VAL L 12 41.21 -35.27 -24.22
CA VAL L 12 41.95 -36.26 -23.40
C VAL L 12 41.24 -37.61 -23.57
N LYS L 13 42.00 -38.70 -23.42
CA LYS L 13 41.54 -40.09 -23.69
C LYS L 13 40.88 -40.59 -22.42
N PRO L 14 39.82 -41.43 -22.52
CA PRO L 14 39.22 -42.07 -21.36
C PRO L 14 40.28 -42.55 -20.39
N GLY L 15 39.95 -42.58 -19.09
CA GLY L 15 40.91 -42.88 -18.01
C GLY L 15 41.85 -41.72 -17.77
N GLY L 16 41.81 -40.70 -18.63
CA GLY L 16 42.74 -39.55 -18.60
C GLY L 16 42.45 -38.60 -17.46
N SER L 17 43.20 -37.49 -17.43
CA SER L 17 43.14 -36.44 -16.40
C SER L 17 43.16 -35.07 -17.07
N LEU L 18 42.75 -34.04 -16.34
CA LEU L 18 42.60 -32.65 -16.85
C LEU L 18 42.33 -31.70 -15.69
N ARG L 19 43.01 -30.55 -15.65
CA ARG L 19 42.79 -29.48 -14.66
C ARG L 19 42.20 -28.26 -15.36
N LEU L 20 41.04 -27.79 -14.90
CA LEU L 20 40.34 -26.61 -15.44
C LEU L 20 40.66 -25.42 -14.52
N SER L 21 40.65 -24.22 -15.09
CA SER L 21 40.98 -22.95 -14.42
C SER L 21 39.87 -21.91 -14.67
N CYS L 22 39.37 -21.26 -13.61
CA CYS L 22 38.51 -20.05 -13.69
C CYS L 22 39.30 -18.86 -13.17
N ALA L 23 39.38 -17.80 -13.98
CA ALA L 23 40.03 -16.52 -13.62
C ALA L 23 38.93 -15.51 -13.36
N ALA L 24 38.83 -15.05 -12.11
CA ALA L 24 37.87 -14.03 -11.65
C ALA L 24 38.52 -12.64 -11.59
N SER L 25 37.92 -11.68 -12.29
CA SER L 25 38.14 -10.23 -12.12
C SER L 25 36.79 -9.52 -11.89
N GLY L 26 36.81 -8.37 -11.23
CA GLY L 26 35.65 -7.47 -11.16
C GLY L 26 34.99 -7.43 -9.78
N PHE L 27 35.50 -8.20 -8.82
CA PHE L 27 34.86 -8.38 -7.49
C PHE L 27 35.81 -9.09 -6.56
N THR L 28 35.61 -8.99 -5.25
CA THR L 28 36.40 -9.73 -4.22
C THR L 28 36.08 -11.24 -4.32
N PHE L 29 36.59 -11.89 -5.35
CA PHE L 29 36.56 -13.37 -5.54
C PHE L 29 36.62 -14.14 -4.23
N SER L 30 37.51 -13.70 -3.34
CA SER L 30 37.82 -14.36 -2.05
C SER L 30 36.63 -14.30 -1.09
N SER L 31 35.51 -13.66 -1.47
CA SER L 31 34.33 -13.39 -0.60
C SER L 31 33.15 -14.32 -0.92
N TYR L 32 33.20 -15.00 -2.05
CA TYR L 32 32.04 -15.71 -2.65
C TYR L 32 32.29 -17.21 -2.79
N THR L 33 31.29 -18.03 -2.48
CA THR L 33 31.21 -19.45 -2.91
C THR L 33 31.23 -19.49 -4.44
N MET L 34 31.91 -20.46 -5.04
CA MET L 34 32.05 -20.60 -6.51
C MET L 34 31.64 -22.01 -6.92
N ASN L 35 31.16 -22.17 -8.14
CA ASN L 35 30.56 -23.42 -8.67
C ASN L 35 31.18 -23.81 -10.01
N TRP L 36 31.19 -25.10 -10.32
CA TRP L 36 31.36 -25.63 -11.70
C TRP L 36 30.04 -26.26 -12.13
N VAL L 37 29.54 -25.91 -13.32
CA VAL L 37 28.34 -26.53 -13.94
C VAL L 37 28.73 -26.92 -15.36
N ARG L 38 28.30 -28.08 -15.83
CA ARG L 38 28.68 -28.56 -17.18
C ARG L 38 27.44 -28.80 -18.04
N GLN L 39 27.63 -28.81 -19.36
CA GLN L 39 26.55 -28.89 -20.37
C GLN L 39 27.01 -29.81 -21.51
N ALA L 40 26.50 -31.05 -21.49
CA ALA L 40 26.82 -32.09 -22.50
C ALA L 40 26.17 -31.68 -23.81
N PRO L 41 26.80 -31.96 -24.98
CA PRO L 41 26.34 -31.38 -26.24
C PRO L 41 24.88 -31.79 -26.45
N GLY L 42 24.00 -30.80 -26.66
CA GLY L 42 22.59 -31.00 -27.02
C GLY L 42 21.70 -31.16 -25.80
N LYS L 43 22.27 -31.51 -24.63
CA LYS L 43 21.55 -31.69 -23.34
C LYS L 43 21.51 -30.34 -22.58
N GLY L 44 20.82 -30.31 -21.43
CA GLY L 44 20.71 -29.13 -20.56
C GLY L 44 21.90 -29.03 -19.62
N LEU L 45 21.74 -28.28 -18.52
CA LEU L 45 22.84 -27.99 -17.55
C LEU L 45 22.89 -29.08 -16.49
N GLN L 46 24.03 -29.25 -15.83
CA GLN L 46 24.22 -30.22 -14.71
C GLN L 46 25.35 -29.71 -13.81
N TRP L 47 25.01 -29.40 -12.56
CA TRP L 47 25.96 -28.90 -11.54
C TRP L 47 27.01 -29.98 -11.24
N VAL L 48 28.26 -29.57 -11.09
CA VAL L 48 29.42 -30.47 -10.89
C VAL L 48 29.86 -30.38 -9.43
N SER L 49 30.21 -29.17 -8.97
CA SER L 49 30.83 -28.98 -7.65
C SER L 49 30.74 -27.53 -7.17
N SER L 50 30.61 -27.37 -5.84
CA SER L 50 30.63 -26.07 -5.11
C SER L 50 31.81 -26.01 -4.16
N ILE L 51 32.31 -24.80 -3.90
CA ILE L 51 33.36 -24.56 -2.87
C ILE L 51 33.06 -23.24 -2.18
N SER L 52 33.11 -23.23 -0.84
CA SER L 52 32.91 -22.03 0.00
C SER L 52 34.04 -21.02 -0.22
N SER L 53 33.86 -19.78 0.24
CA SER L 53 34.87 -18.70 0.14
C SER L 53 36.22 -19.18 0.68
N SER L 54 36.25 -19.89 1.81
CA SER L 54 37.49 -20.26 2.53
C SER L 54 37.83 -21.73 2.32
N SER L 55 37.12 -22.38 1.41
CA SER L 55 37.35 -23.80 1.06
C SER L 55 37.06 -24.69 2.27
N THR L 56 36.23 -24.23 3.22
CA THR L 56 35.70 -25.06 4.34
C THR L 56 34.65 -26.06 3.85
N TYR L 57 33.85 -25.74 2.84
CA TYR L 57 32.76 -26.63 2.36
C TYR L 57 32.88 -26.84 0.84
N MET L 58 33.31 -28.03 0.45
CA MET L 58 33.23 -28.50 -0.94
C MET L 58 32.08 -29.50 -1.03
N TYR L 59 31.29 -29.43 -2.09
CA TYR L 59 30.20 -30.39 -2.42
C TYR L 59 30.37 -30.83 -3.86
N TYR L 60 29.98 -32.06 -4.16
CA TYR L 60 30.07 -32.61 -5.54
C TYR L 60 28.73 -33.25 -5.88
N GLY L 61 28.33 -33.12 -7.15
CA GLY L 61 27.30 -33.97 -7.77
C GLY L 61 27.69 -35.42 -7.66
N ASP L 62 26.71 -36.32 -7.61
CA ASP L 62 26.90 -37.78 -7.54
C ASP L 62 27.70 -38.12 -8.80
N SER L 63 27.35 -37.50 -9.93
CA SER L 63 27.90 -37.80 -11.26
C SER L 63 29.44 -37.98 -11.23
N VAL L 64 30.12 -37.17 -10.42
CA VAL L 64 31.62 -37.18 -10.35
C VAL L 64 32.19 -37.43 -8.95
N LYS L 65 31.38 -37.83 -7.95
CA LYS L 65 31.87 -38.09 -6.56
C LYS L 65 33.11 -38.99 -6.67
N GLY L 66 34.20 -38.63 -6.03
CA GLY L 66 35.37 -39.51 -5.97
C GLY L 66 36.35 -39.34 -7.11
N ARG L 67 35.97 -38.67 -8.21
CA ARG L 67 36.83 -38.53 -9.41
C ARG L 67 37.31 -37.07 -9.56
N PHE L 68 36.41 -36.11 -9.37
CA PHE L 68 36.71 -34.66 -9.51
C PHE L 68 37.06 -34.06 -8.15
N THR L 69 37.87 -33.02 -8.14
CA THR L 69 38.21 -32.24 -6.92
C THR L 69 38.19 -30.76 -7.26
N ILE L 70 37.37 -29.99 -6.55
CA ILE L 70 37.29 -28.51 -6.69
C ILE L 70 38.34 -27.92 -5.76
N SER L 71 38.94 -26.80 -6.15
CA SER L 71 39.87 -26.06 -5.27
C SER L 71 39.89 -24.60 -5.72
N ARG L 72 40.33 -23.72 -4.83
CA ARG L 72 40.49 -22.29 -5.18
C ARG L 72 41.84 -21.82 -4.61
N ASP L 73 42.39 -20.77 -5.22
CA ASP L 73 43.54 -19.99 -4.69
C ASP L 73 43.10 -18.54 -4.61
N ASN L 74 42.77 -18.08 -3.40
CA ASN L 74 42.20 -16.72 -3.18
C ASN L 74 43.31 -15.68 -3.40
N ALA L 75 44.57 -16.06 -3.22
CA ALA L 75 45.71 -15.17 -3.58
C ALA L 75 45.85 -15.05 -5.10
N ARG L 76 45.48 -16.07 -5.88
CA ARG L 76 45.65 -16.03 -7.36
C ARG L 76 44.29 -15.71 -8.05
N ASN L 77 43.24 -15.36 -7.30
CA ASN L 77 41.89 -15.03 -7.86
C ASN L 77 41.42 -16.11 -8.84
N SER L 78 41.58 -17.40 -8.50
CA SER L 78 41.31 -18.53 -9.42
C SER L 78 40.62 -19.70 -8.75
N LEU L 79 39.64 -20.27 -9.44
CA LEU L 79 38.94 -21.52 -9.07
C LEU L 79 39.44 -22.62 -9.99
N TYR L 80 39.64 -23.83 -9.47
CA TYR L 80 40.17 -24.99 -10.22
C TYR L 80 39.23 -26.20 -10.07
N LEU L 81 39.18 -27.03 -11.11
CA LEU L 81 38.56 -28.38 -11.07
C LEU L 81 39.57 -29.42 -11.58
N GLN L 82 40.00 -30.32 -10.69
CA GLN L 82 40.88 -31.47 -11.02
C GLN L 82 40.00 -32.66 -11.44
N MET L 83 40.05 -33.03 -12.72
CA MET L 83 39.20 -34.10 -13.31
C MET L 83 40.09 -35.34 -13.54
N ASN L 84 39.93 -36.37 -12.72
CA ASN L 84 40.64 -37.66 -12.84
C ASN L 84 39.67 -38.71 -13.35
N SER L 85 40.18 -39.82 -13.90
CA SER L 85 39.39 -41.00 -14.31
C SER L 85 38.29 -40.58 -15.29
N LEU L 86 38.60 -39.63 -16.17
CA LEU L 86 37.63 -39.05 -17.12
C LEU L 86 36.95 -40.16 -17.93
N ARG L 87 35.66 -39.97 -18.21
CA ARG L 87 34.86 -40.93 -19.03
C ARG L 87 34.30 -40.19 -20.22
N VAL L 88 33.74 -40.94 -21.16
CA VAL L 88 33.15 -40.39 -22.42
C VAL L 88 31.99 -39.46 -22.03
N GLU L 89 31.16 -39.87 -21.06
CA GLU L 89 29.99 -39.11 -20.57
C GLU L 89 30.42 -37.70 -20.10
N ASP L 90 31.63 -37.56 -19.54
CA ASP L 90 32.13 -36.29 -18.96
C ASP L 90 32.33 -35.24 -20.07
N THR L 91 32.20 -35.60 -21.35
CA THR L 91 32.29 -34.63 -22.47
C THR L 91 31.19 -33.58 -22.29
N ALA L 92 31.58 -32.30 -22.24
CA ALA L 92 30.67 -31.14 -22.06
C ALA L 92 31.46 -29.84 -22.15
N VAL L 93 30.77 -28.72 -22.29
CA VAL L 93 31.31 -27.37 -21.94
C VAL L 93 31.25 -27.24 -20.42
N TYR L 94 32.36 -26.85 -19.79
CA TYR L 94 32.48 -26.69 -18.31
C TYR L 94 32.44 -25.18 -18.00
N TYR L 95 31.27 -24.72 -17.54
CA TYR L 95 31.03 -23.32 -17.08
C TYR L 95 31.46 -23.18 -15.61
N CYS L 96 31.95 -21.98 -15.29
CA CYS L 96 32.35 -21.52 -13.94
C CYS L 96 31.36 -20.42 -13.52
N ALA L 97 30.71 -20.55 -12.35
CA ALA L 97 29.61 -19.65 -11.92
C ALA L 97 29.74 -19.22 -10.47
N ARG L 98 29.45 -17.95 -10.16
CA ARG L 98 29.48 -17.39 -8.78
C ARG L 98 28.12 -17.57 -8.11
N TYR L 99 28.13 -17.87 -6.82
CA TYR L 99 26.93 -17.80 -5.94
C TYR L 99 27.14 -16.67 -4.93
N ALA L 100 26.19 -15.75 -4.93
CA ALA L 100 26.09 -14.68 -3.93
C ALA L 100 24.82 -14.92 -3.13
N HIS L 101 24.83 -14.52 -1.86
CA HIS L 101 23.70 -14.68 -0.94
C HIS L 101 22.53 -13.91 -1.52
N ASP L 102 21.35 -14.51 -1.44
CA ASP L 102 20.04 -13.98 -1.87
C ASP L 102 19.94 -13.92 -3.39
N TRP L 103 21.02 -13.58 -4.11
CA TRP L 103 21.11 -13.55 -5.59
C TRP L 103 21.06 -14.99 -6.14
N ASN L 104 21.76 -15.89 -5.47
CA ASN L 104 21.95 -17.32 -5.82
C ASN L 104 23.03 -17.36 -6.91
N VAL L 105 22.99 -18.33 -7.83
CA VAL L 105 24.00 -18.38 -8.92
C VAL L 105 23.66 -17.24 -9.89
N ASP L 106 24.60 -16.32 -10.13
CA ASP L 106 24.34 -15.07 -10.90
C ASP L 106 25.23 -14.98 -12.15
N TYR L 107 26.54 -14.83 -11.99
CA TYR L 107 27.48 -14.62 -13.11
C TYR L 107 28.08 -15.96 -13.53
N TRP L 108 28.18 -16.15 -14.85
CA TRP L 108 28.79 -17.32 -15.51
C TRP L 108 29.99 -16.87 -16.34
N GLY L 109 30.96 -17.76 -16.56
CA GLY L 109 32.04 -17.55 -17.52
C GLY L 109 31.58 -17.95 -18.92
N GLN L 110 32.51 -17.93 -19.88
CA GLN L 110 32.23 -18.18 -21.33
C GLN L 110 32.11 -19.68 -21.54
N GLY L 111 32.67 -20.47 -20.61
CA GLY L 111 32.77 -21.94 -20.68
C GLY L 111 34.00 -22.38 -21.43
N THR L 112 34.51 -23.58 -21.15
CA THR L 112 35.67 -24.20 -21.85
C THR L 112 35.30 -25.64 -22.21
N LEU L 113 35.60 -26.06 -23.44
CA LEU L 113 35.14 -27.39 -23.94
C LEU L 113 36.11 -28.48 -23.47
N VAL L 114 35.57 -29.52 -22.86
CA VAL L 114 36.29 -30.77 -22.51
C VAL L 114 35.69 -31.91 -23.34
N THR L 115 36.47 -32.44 -24.28
CA THR L 115 36.11 -33.59 -25.14
C THR L 115 36.91 -34.83 -24.71
N VAL L 116 36.20 -35.87 -24.27
CA VAL L 116 36.81 -37.15 -23.79
C VAL L 116 36.50 -38.26 -24.80
N SER L 117 37.52 -38.64 -25.59
CA SER L 117 37.43 -39.49 -26.79
C SER L 117 38.75 -40.25 -26.97
N SER L 118 38.73 -41.44 -27.58
CA SER L 118 39.95 -42.18 -28.05
C SER L 118 40.55 -41.47 -29.28
N ALA L 119 39.70 -40.84 -30.08
CA ALA L 119 40.03 -40.02 -31.26
C ALA L 119 41.24 -39.10 -30.99
N SER L 120 42.09 -38.99 -32.00
CA SER L 120 43.38 -38.25 -32.02
C SER L 120 43.18 -36.90 -32.69
N THR L 121 44.11 -35.96 -32.43
CA THR L 121 43.97 -34.50 -32.68
C THR L 121 44.25 -34.21 -34.17
N LYS L 122 43.31 -34.47 -35.08
CA LYS L 122 43.52 -34.32 -36.55
C LYS L 122 43.56 -32.82 -36.91
N GLY L 123 44.59 -32.41 -37.65
CA GLY L 123 44.76 -31.01 -38.11
C GLY L 123 43.87 -30.76 -39.32
N PRO L 124 43.42 -29.50 -39.55
CA PRO L 124 42.62 -29.18 -40.72
C PRO L 124 43.47 -29.07 -42.00
N SER L 125 42.79 -28.90 -43.14
CA SER L 125 43.38 -28.42 -44.43
C SER L 125 42.53 -27.24 -44.94
N VAL L 126 43.18 -26.12 -45.28
CA VAL L 126 42.54 -24.85 -45.69
C VAL L 126 42.58 -24.74 -47.22
N CYS L 145 37.52 -19.22 -47.54
CA CYS L 145 38.31 -20.40 -47.07
C CYS L 145 37.36 -21.58 -46.82
N LEU L 146 37.85 -22.82 -46.99
CA LEU L 146 37.28 -24.07 -46.42
C LEU L 146 38.22 -24.57 -45.32
N VAL L 147 37.67 -25.18 -44.27
CA VAL L 147 38.45 -25.94 -43.22
C VAL L 147 37.94 -27.39 -43.21
N LYS L 148 38.72 -28.33 -43.76
CA LYS L 148 38.29 -29.72 -44.06
C LYS L 148 38.96 -30.70 -43.08
N ASP L 149 38.18 -31.69 -42.62
CA ASP L 149 38.56 -32.85 -41.78
C ASP L 149 39.55 -32.44 -40.66
N TYR L 150 39.04 -31.76 -39.63
CA TYR L 150 39.74 -31.38 -38.37
C TYR L 150 39.00 -31.96 -37.15
N PHE L 151 39.65 -32.01 -35.98
CA PHE L 151 39.13 -32.55 -34.70
C PHE L 151 40.02 -32.08 -33.55
N PRO L 152 39.50 -31.68 -32.36
CA PRO L 152 38.07 -31.45 -32.12
C PRO L 152 37.57 -30.03 -32.47
N GLU L 153 36.42 -29.61 -31.93
CA GLU L 153 35.49 -28.59 -32.53
C GLU L 153 36.10 -27.19 -32.64
N PRO L 154 36.71 -26.60 -31.58
CA PRO L 154 36.92 -25.15 -31.54
C PRO L 154 37.92 -24.60 -32.59
N VAL L 155 37.41 -23.95 -33.65
CA VAL L 155 38.21 -23.42 -34.81
C VAL L 155 37.82 -21.96 -35.10
N THR L 156 38.82 -21.09 -35.35
CA THR L 156 38.73 -19.61 -35.49
C THR L 156 38.94 -19.18 -36.96
N VAL L 157 38.36 -18.04 -37.36
CA VAL L 157 38.24 -17.57 -38.77
C VAL L 157 39.29 -16.48 -39.08
N HIS L 169 30.86 -13.40 -42.57
CA HIS L 169 29.85 -14.40 -42.10
C HIS L 169 30.39 -15.84 -42.16
N THR L 170 30.75 -16.44 -41.01
CA THR L 170 31.27 -17.84 -40.83
C THR L 170 30.08 -18.79 -40.68
N PHE L 171 30.14 -20.01 -41.21
CA PHE L 171 29.11 -21.09 -41.08
C PHE L 171 29.45 -21.99 -39.89
N PRO L 172 28.46 -22.63 -39.23
CA PRO L 172 28.73 -23.68 -38.25
C PRO L 172 29.27 -24.92 -38.95
N ALA L 173 30.08 -25.70 -38.25
CA ALA L 173 30.73 -26.94 -38.76
C ALA L 173 29.68 -28.03 -39.03
N VAL L 174 30.09 -29.09 -39.71
CA VAL L 174 29.32 -30.36 -39.85
C VAL L 174 30.18 -31.47 -39.25
N LEU L 175 29.58 -32.36 -38.45
CA LEU L 175 30.23 -33.61 -37.95
C LEU L 175 29.99 -34.71 -38.99
N GLN L 176 30.96 -34.94 -39.88
CA GLN L 176 30.94 -36.04 -40.87
C GLN L 176 30.94 -37.37 -40.10
N SER L 177 30.41 -38.45 -40.69
CA SER L 177 30.37 -39.82 -40.10
C SER L 177 31.81 -40.33 -39.83
N SER L 178 32.81 -39.77 -40.53
CA SER L 178 34.25 -40.03 -40.33
C SER L 178 34.71 -39.66 -38.91
N GLY L 179 33.92 -38.85 -38.21
CA GLY L 179 34.25 -38.33 -36.87
C GLY L 179 35.05 -37.04 -36.96
N LEU L 180 35.27 -36.54 -38.19
CA LEU L 180 36.02 -35.28 -38.48
C LEU L 180 35.03 -34.16 -38.84
N TYR L 181 35.30 -32.95 -38.35
CA TYR L 181 34.49 -31.72 -38.58
C TYR L 181 34.92 -31.06 -39.90
N SER L 182 34.02 -30.31 -40.52
CA SER L 182 34.30 -29.44 -41.70
C SER L 182 33.45 -28.17 -41.58
N LEU L 183 34.08 -27.00 -41.77
CA LEU L 183 33.50 -25.65 -41.56
C LEU L 183 33.97 -24.72 -42.69
N SER L 184 33.14 -23.74 -43.07
CA SER L 184 33.38 -22.76 -44.17
C SER L 184 33.16 -21.34 -43.65
N SER L 185 33.62 -20.31 -44.39
CA SER L 185 33.43 -18.86 -44.07
C SER L 185 33.49 -18.03 -45.36
N VAL L 186 32.56 -17.07 -45.54
CA VAL L 186 32.57 -16.06 -46.65
C VAL L 186 32.18 -14.68 -46.13
N VAL L 187 32.93 -13.62 -46.47
CA VAL L 187 32.57 -12.19 -46.16
C VAL L 187 32.44 -11.44 -47.49
N ASN L 202 42.60 -16.11 -42.36
CA ASN L 202 43.28 -16.37 -41.06
C ASN L 202 42.55 -17.48 -40.29
N VAL L 203 42.97 -18.74 -40.47
CA VAL L 203 42.36 -19.92 -39.81
C VAL L 203 43.25 -20.35 -38.64
N ASN L 204 42.65 -20.68 -37.50
CA ASN L 204 43.35 -21.11 -36.27
C ASN L 204 42.59 -22.29 -35.65
N HIS L 205 43.30 -23.33 -35.19
CA HIS L 205 42.74 -24.53 -34.50
C HIS L 205 43.70 -24.93 -33.37
N LYS L 206 43.55 -24.30 -32.20
CA LYS L 206 44.49 -24.38 -31.03
C LYS L 206 44.83 -25.84 -30.72
N PRO L 207 43.86 -26.78 -30.67
CA PRO L 207 44.15 -28.17 -30.31
C PRO L 207 45.21 -28.89 -31.17
N SER L 208 45.52 -28.36 -32.37
CA SER L 208 46.48 -28.93 -33.36
C SER L 208 47.58 -27.93 -33.74
N ASN L 209 47.68 -26.78 -33.06
CA ASN L 209 48.77 -25.77 -33.26
C ASN L 209 48.79 -25.26 -34.71
N THR L 210 47.64 -25.34 -35.40
CA THR L 210 47.49 -24.95 -36.83
C THR L 210 47.09 -23.47 -36.89
N LYS L 211 47.88 -22.64 -37.56
CA LYS L 211 47.71 -21.16 -37.59
C LYS L 211 48.05 -20.63 -38.99
N VAL L 212 47.62 -21.32 -40.05
CA VAL L 212 48.01 -21.05 -41.47
C VAL L 212 47.06 -20.00 -42.07
N ASP L 213 47.62 -18.94 -42.68
CA ASP L 213 46.88 -17.82 -43.37
C ASP L 213 47.18 -17.95 -44.86
N SER M 2 -35.57 18.81 -5.45
CA SER M 2 -35.65 17.38 -5.01
C SER M 2 -36.14 16.44 -6.17
N VAL M 3 -35.60 16.67 -7.37
CA VAL M 3 -35.68 15.76 -8.56
C VAL M 3 -34.27 15.36 -8.97
N LEU M 4 -34.06 14.14 -9.47
CA LEU M 4 -32.76 13.77 -10.06
C LEU M 4 -32.80 14.08 -11.55
N THR M 5 -31.80 14.84 -12.02
CA THR M 5 -31.69 15.31 -13.42
C THR M 5 -30.59 14.50 -14.10
N GLN M 6 -30.96 13.69 -15.10
CA GLN M 6 -29.98 12.98 -15.97
C GLN M 6 -30.30 13.24 -17.45
N PRO M 7 -29.29 13.26 -18.35
CA PRO M 7 -29.52 13.49 -19.77
C PRO M 7 -30.55 12.52 -20.34
N PRO M 8 -31.58 12.98 -21.08
CA PRO M 8 -32.57 12.07 -21.68
C PRO M 8 -31.95 11.06 -22.65
N SER M 9 -30.89 11.43 -23.34
CA SER M 9 -30.14 10.53 -24.24
C SER M 9 -28.63 10.78 -24.13
N ALA M 10 -27.86 9.75 -24.47
CA ALA M 10 -26.39 9.75 -24.60
C ALA M 10 -26.02 8.71 -25.64
N SER M 11 -24.84 8.84 -26.25
CA SER M 11 -24.34 7.92 -27.30
C SER M 11 -22.82 7.90 -27.32
N GLY M 12 -22.24 6.92 -28.04
CA GLY M 12 -20.79 6.76 -28.21
C GLY M 12 -20.45 5.78 -29.33
N THR M 13 -19.17 5.81 -29.76
CA THR M 13 -18.54 4.86 -30.72
C THR M 13 -18.03 3.64 -29.99
N PRO M 14 -18.26 2.39 -30.46
CA PRO M 14 -17.78 1.20 -29.75
C PRO M 14 -16.31 1.38 -29.32
N GLY M 15 -15.98 1.01 -28.08
CA GLY M 15 -14.62 1.14 -27.52
C GLY M 15 -14.44 2.41 -26.72
N GLN M 16 -15.31 3.41 -26.92
CA GLN M 16 -15.24 4.72 -26.20
C GLN M 16 -15.65 4.56 -24.74
N ARG M 17 -15.36 5.59 -23.93
CA ARG M 17 -15.95 5.84 -22.59
C ARG M 17 -17.09 6.85 -22.76
N VAL M 18 -18.30 6.49 -22.35
CA VAL M 18 -19.50 7.39 -22.26
C VAL M 18 -19.73 7.71 -20.78
N THR M 19 -20.22 8.90 -20.50
CA THR M 19 -20.45 9.40 -19.12
C THR M 19 -21.90 9.88 -19.01
N ILE M 20 -22.71 9.24 -18.16
CA ILE M 20 -24.10 9.70 -17.85
C ILE M 20 -24.09 10.34 -16.45
N SER M 21 -24.48 11.61 -16.36
CA SER M 21 -24.48 12.39 -15.09
C SER M 21 -25.86 12.28 -14.44
N CYS M 22 -25.89 12.37 -13.11
CA CYS M 22 -27.12 12.45 -12.29
C CYS M 22 -26.94 13.51 -11.21
N SER M 23 -27.71 14.59 -11.27
CA SER M 23 -27.57 15.76 -10.39
C SER M 23 -28.80 15.85 -9.50
N GLY M 24 -28.59 16.00 -8.18
CA GLY M 24 -29.68 16.10 -7.21
C GLY M 24 -29.50 17.31 -6.31
N GLY M 25 -29.99 17.21 -5.07
CA GLY M 25 -29.82 18.24 -4.02
C GLY M 25 -29.44 17.63 -2.68
N SER M 26 -29.10 18.47 -1.70
CA SER M 26 -28.74 18.05 -0.34
C SER M 26 -29.78 17.06 0.24
N SER M 27 -31.07 17.24 -0.07
CA SER M 27 -32.19 16.43 0.45
C SER M 27 -32.13 14.97 -0.07
N ASN M 28 -31.55 14.73 -1.24
CA ASN M 28 -31.42 13.36 -1.81
C ASN M 28 -29.93 12.98 -1.86
N ILE M 29 -29.26 13.25 -2.98
CA ILE M 29 -27.91 12.68 -3.30
C ILE M 29 -26.87 13.18 -2.30
N GLY M 30 -27.07 14.36 -1.74
CA GLY M 30 -26.15 14.95 -0.74
C GLY M 30 -25.97 14.02 0.44
N SER M 31 -27.10 13.56 0.99
CA SER M 31 -27.16 12.77 2.25
C SER M 31 -27.48 11.30 1.99
N ASN M 32 -27.78 10.87 0.76
CA ASN M 32 -28.20 9.47 0.46
C ASN M 32 -27.45 8.91 -0.76
N PRO M 33 -27.19 7.58 -0.81
CA PRO M 33 -26.48 6.96 -1.91
C PRO M 33 -27.33 6.81 -3.17
N VAL M 34 -26.67 6.85 -4.32
CA VAL M 34 -27.28 6.62 -5.67
C VAL M 34 -27.00 5.18 -6.12
N ASN M 35 -28.05 4.41 -6.44
CA ASN M 35 -27.92 3.17 -7.24
C ASN M 35 -28.24 3.50 -8.70
N TRP M 36 -27.54 2.84 -9.61
CA TRP M 36 -27.81 2.83 -11.07
C TRP M 36 -28.46 1.51 -11.46
N PHE M 37 -29.55 1.55 -12.23
CA PHE M 37 -30.22 0.33 -12.76
C PHE M 37 -30.14 0.34 -14.28
N GLN M 38 -29.79 -0.81 -14.86
CA GLN M 38 -29.68 -1.03 -16.32
C GLN M 38 -30.98 -1.72 -16.75
N GLN M 39 -31.58 -1.26 -17.86
CA GLN M 39 -32.85 -1.82 -18.38
C GLN M 39 -32.76 -1.99 -19.89
N PHE M 40 -32.81 -3.23 -20.33
CA PHE M 40 -33.02 -3.62 -21.75
C PHE M 40 -34.52 -3.64 -22.00
N PRO M 41 -34.98 -3.17 -23.19
CA PRO M 41 -36.36 -3.31 -23.64
C PRO M 41 -37.02 -4.64 -23.22
N GLY M 42 -38.21 -4.56 -22.65
CA GLY M 42 -39.08 -5.71 -22.35
C GLY M 42 -38.56 -6.58 -21.21
N THR M 43 -37.50 -6.15 -20.49
CA THR M 43 -37.08 -6.78 -19.21
C THR M 43 -37.23 -5.76 -18.08
N ALA M 44 -37.10 -6.26 -16.85
CA ALA M 44 -37.11 -5.45 -15.61
C ALA M 44 -35.83 -4.63 -15.57
N PRO M 45 -35.77 -3.56 -14.74
CA PRO M 45 -34.51 -2.96 -14.33
C PRO M 45 -33.69 -3.99 -13.55
N LYS M 46 -32.36 -3.85 -13.57
CA LYS M 46 -31.44 -4.70 -12.78
C LYS M 46 -30.38 -3.77 -12.18
N LEU M 47 -29.87 -4.15 -11.00
CA LEU M 47 -28.83 -3.36 -10.31
C LEU M 47 -27.54 -3.39 -11.13
N LEU M 48 -27.01 -2.21 -11.46
CA LEU M 48 -25.74 -2.05 -12.24
C LEU M 48 -24.65 -1.51 -11.30
N ILE M 49 -24.92 -0.38 -10.65
CA ILE M 49 -24.05 0.23 -9.60
C ILE M 49 -24.91 0.45 -8.36
N TYR M 50 -24.35 0.21 -7.17
CA TYR M 50 -24.96 0.62 -5.86
C TYR M 50 -23.99 1.49 -5.06
N ALA M 51 -24.51 2.24 -4.11
CA ALA M 51 -23.71 3.07 -3.18
C ALA M 51 -22.74 3.95 -3.98
N ASN M 52 -23.24 4.55 -5.06
CA ASN M 52 -22.55 5.61 -5.86
C ASN M 52 -21.53 5.00 -6.81
N THR M 53 -20.75 4.00 -6.36
CA THR M 53 -19.45 3.60 -6.94
C THR M 53 -19.16 2.10 -6.87
N GLN M 54 -20.09 1.23 -6.47
CA GLN M 54 -19.80 -0.20 -6.18
C GLN M 54 -20.51 -1.10 -7.19
N ARG M 55 -19.86 -2.18 -7.62
CA ARG M 55 -20.42 -3.15 -8.58
C ARG M 55 -20.87 -4.40 -7.84
N PRO M 56 -22.08 -4.91 -8.11
CA PRO M 56 -22.45 -6.24 -7.61
C PRO M 56 -21.67 -7.25 -8.45
N SER M 57 -21.50 -8.48 -7.97
CA SER M 57 -20.78 -9.53 -8.74
C SER M 57 -21.53 -9.76 -10.07
N GLY M 58 -20.83 -9.78 -11.19
CA GLY M 58 -21.43 -10.01 -12.53
C GLY M 58 -21.34 -8.77 -13.41
N VAL M 59 -21.04 -7.61 -12.84
CA VAL M 59 -20.90 -6.34 -13.58
C VAL M 59 -19.41 -6.14 -13.89
N PRO M 60 -19.05 -6.08 -15.18
CA PRO M 60 -17.66 -5.80 -15.59
C PRO M 60 -17.00 -4.56 -14.97
N ASP M 61 -15.68 -4.61 -14.82
CA ASP M 61 -14.81 -3.49 -14.38
C ASP M 61 -15.08 -2.22 -15.21
N ARG M 62 -15.54 -2.34 -16.45
CA ARG M 62 -15.80 -1.22 -17.40
C ARG M 62 -16.72 -0.19 -16.75
N PHE M 63 -17.79 -0.67 -16.13
CA PHE M 63 -18.81 0.13 -15.40
C PHE M 63 -18.23 0.67 -14.09
N SER M 64 -18.33 1.98 -13.91
CA SER M 64 -17.72 2.70 -12.77
C SER M 64 -18.54 3.95 -12.45
N GLY M 65 -18.35 4.54 -11.27
CA GLY M 65 -19.04 5.76 -10.85
C GLY M 65 -18.07 6.74 -10.22
N SER M 66 -18.47 8.02 -10.17
CA SER M 66 -17.82 9.07 -9.37
C SER M 66 -18.91 9.88 -8.67
N LYS M 67 -18.64 10.26 -7.41
CA LYS M 67 -19.52 11.13 -6.58
C LYS M 67 -18.74 12.41 -6.30
N SER M 68 -19.34 13.57 -6.55
CA SER M 68 -18.84 14.87 -6.06
C SER M 68 -20.02 15.64 -5.45
N GLY M 69 -20.12 15.66 -4.12
CA GLY M 69 -21.24 16.27 -3.37
C GLY M 69 -22.59 15.82 -3.94
N THR M 70 -23.40 16.79 -4.37
CA THR M 70 -24.83 16.64 -4.76
C THR M 70 -24.97 15.98 -6.15
N SER M 71 -23.89 15.71 -6.85
CA SER M 71 -23.93 15.12 -8.22
C SER M 71 -23.09 13.85 -8.24
N VAL M 72 -23.56 12.89 -9.04
CA VAL M 72 -22.90 11.59 -9.30
C VAL M 72 -22.85 11.41 -10.82
N SER M 73 -21.89 10.65 -11.33
CA SER M 73 -21.86 10.20 -12.74
C SER M 73 -21.65 8.68 -12.79
N LEU M 74 -22.17 8.07 -13.85
CA LEU M 74 -21.90 6.67 -14.26
C LEU M 74 -20.98 6.74 -15.45
N ALA M 75 -19.94 5.90 -15.48
CA ALA M 75 -18.96 5.79 -16.56
C ALA M 75 -18.99 4.38 -17.16
N ILE M 76 -19.51 4.28 -18.38
CA ILE M 76 -19.40 3.03 -19.20
C ILE M 76 -18.18 3.16 -20.09
N SER M 77 -17.08 2.48 -19.76
CA SER M 77 -15.85 2.45 -20.59
C SER M 77 -15.88 1.18 -21.44
N GLY M 78 -15.06 1.14 -22.49
CA GLY M 78 -15.01 0.02 -23.45
C GLY M 78 -16.40 -0.30 -23.97
N LEU M 79 -17.07 0.72 -24.50
CA LEU M 79 -18.50 0.63 -24.92
C LEU M 79 -18.70 -0.53 -25.89
N GLN M 80 -19.76 -1.31 -25.71
CA GLN M 80 -20.14 -2.45 -26.58
C GLN M 80 -21.62 -2.32 -26.94
N SER M 81 -22.09 -3.09 -27.94
CA SER M 81 -23.47 -3.02 -28.48
C SER M 81 -24.43 -3.60 -27.44
N GLU M 82 -23.97 -4.59 -26.66
CA GLU M 82 -24.77 -5.27 -25.62
C GLU M 82 -25.10 -4.28 -24.50
N ASP M 83 -24.50 -3.07 -24.52
CA ASP M 83 -24.70 -1.98 -23.53
C ASP M 83 -25.84 -1.04 -23.97
N GLU M 84 -26.46 -1.31 -25.12
CA GLU M 84 -27.58 -0.46 -25.62
C GLU M 84 -28.78 -0.75 -24.75
N GLY M 85 -29.35 0.29 -24.15
CA GLY M 85 -30.46 0.19 -23.19
C GLY M 85 -30.70 1.50 -22.47
N ASP M 86 -31.61 1.49 -21.49
CA ASP M 86 -31.94 2.66 -20.64
C ASP M 86 -31.19 2.51 -19.30
N TYR M 87 -30.60 3.61 -18.80
CA TYR M 87 -29.83 3.66 -17.53
C TYR M 87 -30.59 4.59 -16.58
N HIS M 88 -31.08 4.01 -15.48
CA HIS M 88 -31.93 4.69 -14.47
C HIS M 88 -31.13 5.05 -13.22
N CYS M 89 -31.21 6.31 -12.83
CA CYS M 89 -30.55 6.87 -11.63
C CYS M 89 -31.53 7.01 -10.47
N ALA M 90 -31.25 6.48 -9.29
CA ALA M 90 -32.20 6.50 -8.13
C ALA M 90 -31.51 6.80 -6.82
N ALA M 91 -32.21 7.43 -5.90
CA ALA M 91 -31.69 7.82 -4.56
C ALA M 91 -32.85 8.23 -3.65
N TRP M 92 -32.73 7.95 -2.35
CA TRP M 92 -33.75 8.36 -1.35
C TRP M 92 -33.73 9.87 -1.17
N ASP M 93 -34.89 10.50 -1.01
CA ASP M 93 -35.00 11.95 -0.71
C ASP M 93 -35.58 12.11 0.68
N ASP M 94 -34.82 12.74 1.59
CA ASP M 94 -35.17 12.87 3.02
C ASP M 94 -36.39 13.74 3.26
N SER M 95 -36.61 14.75 2.43
CA SER M 95 -37.74 15.70 2.58
C SER M 95 -39.04 15.08 2.01
N LEU M 96 -38.97 14.37 0.88
CA LEU M 96 -40.15 13.76 0.22
C LEU M 96 -40.44 12.42 0.89
N LYS M 97 -39.59 11.95 1.79
CA LYS M 97 -39.67 10.59 2.38
C LYS M 97 -40.10 9.59 1.30
N GLY M 98 -39.28 9.49 0.24
CA GLY M 98 -39.50 8.51 -0.82
C GLY M 98 -38.28 8.36 -1.71
N TRP M 99 -38.35 7.40 -2.62
CA TRP M 99 -37.34 7.21 -3.68
C TRP M 99 -37.65 8.19 -4.81
N VAL M 100 -36.65 8.98 -5.23
CA VAL M 100 -36.66 9.75 -6.49
C VAL M 100 -35.79 9.03 -7.52
N PHE M 101 -36.23 9.03 -8.79
CA PHE M 101 -35.47 8.49 -9.95
C PHE M 101 -35.17 9.67 -10.86
N GLY M 102 -34.29 9.45 -11.82
CA GLY M 102 -34.05 10.37 -12.95
C GLY M 102 -35.02 10.06 -14.06
N GLY M 103 -34.88 10.73 -15.19
CA GLY M 103 -35.74 10.54 -16.37
C GLY M 103 -35.47 9.20 -17.00
N GLY M 104 -34.24 8.73 -16.83
CA GLY M 104 -33.72 7.65 -17.68
C GLY M 104 -32.86 8.24 -18.77
N THR M 105 -31.89 7.46 -19.23
CA THR M 105 -30.91 7.83 -20.27
C THR M 105 -30.88 6.66 -21.26
N LYS M 106 -31.39 6.86 -22.47
CA LYS M 106 -31.25 5.85 -23.56
C LYS M 106 -29.85 6.03 -24.15
N LEU M 107 -29.00 5.02 -23.97
CA LEU M 107 -27.64 4.96 -24.52
C LEU M 107 -27.71 4.27 -25.89
N THR M 108 -27.44 5.02 -26.97
CA THR M 108 -27.38 4.50 -28.35
C THR M 108 -25.91 4.32 -28.74
N VAL M 109 -25.61 3.28 -29.52
CA VAL M 109 -24.22 2.93 -29.91
C VAL M 109 -24.02 3.04 -31.44
N GLU N 1 -30.80 -18.25 -5.57
CA GLU N 1 -31.14 -16.92 -6.17
C GLU N 1 -32.24 -16.29 -5.33
N VAL N 2 -32.50 -15.03 -5.61
CA VAL N 2 -33.64 -14.26 -5.04
C VAL N 2 -34.60 -14.06 -6.21
N GLN N 3 -35.86 -14.43 -6.05
CA GLN N 3 -36.89 -14.21 -7.10
C GLN N 3 -38.09 -13.49 -6.45
N LEU N 4 -38.52 -12.40 -7.09
CA LEU N 4 -39.80 -11.71 -6.80
C LEU N 4 -40.71 -11.92 -8.01
N VAL N 5 -41.98 -12.26 -7.77
CA VAL N 5 -42.98 -12.48 -8.84
C VAL N 5 -44.24 -11.68 -8.55
N GLU N 6 -44.53 -10.73 -9.43
CA GLU N 6 -45.74 -9.87 -9.38
C GLU N 6 -46.87 -10.56 -10.13
N SER N 7 -48.11 -10.18 -9.82
CA SER N 7 -49.36 -10.78 -10.32
C SER N 7 -50.54 -9.93 -9.85
N GLY N 8 -51.69 -10.08 -10.51
CA GLY N 8 -52.94 -9.36 -10.21
C GLY N 8 -53.20 -8.23 -11.19
N GLY N 9 -52.17 -7.83 -11.96
CA GLY N 9 -52.29 -6.77 -12.98
C GLY N 9 -53.21 -7.20 -14.09
N GLY N 10 -53.94 -6.27 -14.69
CA GLY N 10 -54.75 -6.51 -15.90
C GLY N 10 -55.37 -5.24 -16.45
N LEU N 11 -56.48 -5.42 -17.16
CA LEU N 11 -57.32 -4.35 -17.76
C LEU N 11 -58.44 -4.01 -16.77
N VAL N 12 -58.59 -2.73 -16.48
CA VAL N 12 -59.63 -2.20 -15.55
C VAL N 12 -60.05 -0.82 -16.08
N LYS N 13 -61.28 -0.40 -15.82
CA LYS N 13 -61.85 0.88 -16.36
C LYS N 13 -61.52 1.99 -15.35
N PRO N 14 -61.31 3.24 -15.80
CA PRO N 14 -61.14 4.38 -14.88
C PRO N 14 -62.15 4.29 -13.73
N GLY N 15 -61.77 4.82 -12.57
CA GLY N 15 -62.55 4.70 -11.33
C GLY N 15 -62.48 3.30 -10.77
N GLY N 16 -61.85 2.36 -11.48
CA GLY N 16 -61.79 0.92 -11.11
C GLY N 16 -60.87 0.67 -9.94
N SER N 17 -60.72 -0.59 -9.56
CA SER N 17 -59.91 -1.06 -8.40
C SER N 17 -59.14 -2.32 -8.82
N LEU N 18 -58.11 -2.68 -8.06
CA LEU N 18 -57.14 -3.75 -8.45
C LEU N 18 -56.15 -4.00 -7.30
N ARG N 19 -55.91 -5.27 -6.95
CA ARG N 19 -54.92 -5.67 -5.91
C ARG N 19 -53.77 -6.44 -6.57
N LEU N 20 -52.54 -5.94 -6.37
CA LEU N 20 -51.30 -6.53 -6.93
C LEU N 20 -50.68 -7.38 -5.82
N SER N 21 -50.01 -8.46 -6.24
CA SER N 21 -49.32 -9.42 -5.37
C SER N 21 -47.85 -9.56 -5.79
N CYS N 22 -46.93 -9.48 -4.82
CA CYS N 22 -45.52 -9.88 -4.99
C CYS N 22 -45.28 -11.14 -4.16
N ALA N 23 -44.77 -12.20 -4.80
CA ALA N 23 -44.39 -13.46 -4.16
C ALA N 23 -42.87 -13.51 -4.09
N ALA N 24 -42.34 -13.49 -2.86
CA ALA N 24 -40.89 -13.51 -2.56
C ALA N 24 -40.46 -14.94 -2.18
N SER N 25 -39.41 -15.39 -2.88
CA SER N 25 -38.79 -16.71 -2.64
C SER N 25 -37.28 -16.46 -2.74
N GLY N 26 -36.48 -17.04 -1.85
CA GLY N 26 -35.02 -16.92 -1.96
C GLY N 26 -34.42 -16.20 -0.77
N PHE N 27 -35.26 -15.57 0.05
CA PHE N 27 -34.75 -14.77 1.18
C PHE N 27 -35.80 -14.67 2.28
N THR N 28 -35.37 -14.30 3.48
CA THR N 28 -36.34 -14.08 4.58
C THR N 28 -37.05 -12.78 4.29
N PHE N 29 -38.20 -12.82 3.63
CA PHE N 29 -38.96 -11.60 3.25
C PHE N 29 -39.24 -10.80 4.50
N SER N 30 -39.44 -11.47 5.63
CA SER N 30 -39.82 -10.80 6.88
C SER N 30 -38.69 -9.97 7.47
N SER N 31 -37.56 -9.83 6.79
CA SER N 31 -36.40 -9.14 7.41
C SER N 31 -36.07 -7.88 6.61
N TYR N 32 -36.83 -7.59 5.56
CA TYR N 32 -36.44 -6.48 4.67
C TYR N 32 -37.61 -5.57 4.29
N THR N 33 -37.36 -4.26 4.22
CA THR N 33 -38.36 -3.29 3.70
C THR N 33 -38.51 -3.56 2.20
N MET N 34 -39.72 -3.40 1.70
CA MET N 34 -40.11 -3.78 0.31
C MET N 34 -40.79 -2.58 -0.35
N ASN N 35 -40.66 -2.48 -1.67
CA ASN N 35 -41.06 -1.30 -2.46
C ASN N 35 -41.95 -1.72 -3.64
N TRP N 36 -42.82 -0.82 -4.08
CA TRP N 36 -43.47 -0.83 -5.41
C TRP N 36 -42.92 0.34 -6.21
N VAL N 37 -42.47 0.10 -7.44
CA VAL N 37 -42.04 1.15 -8.41
C VAL N 37 -42.79 0.87 -9.71
N ARG N 38 -43.25 1.89 -10.43
CA ARG N 38 -43.98 1.68 -11.71
C ARG N 38 -43.29 2.41 -12.85
N GLN N 39 -43.60 2.00 -14.08
CA GLN N 39 -42.99 2.55 -15.32
C GLN N 39 -44.07 2.70 -16.40
N ALA N 40 -44.51 3.92 -16.64
CA ALA N 40 -45.53 4.26 -17.66
C ALA N 40 -44.90 4.08 -19.03
N PRO N 41 -45.65 3.60 -20.05
CA PRO N 41 -45.01 3.09 -21.27
C PRO N 41 -44.17 4.21 -21.88
N GLY N 42 -42.86 3.96 -22.09
CA GLY N 42 -41.93 4.87 -22.79
C GLY N 42 -41.35 5.95 -21.91
N LYS N 43 -41.93 6.18 -20.71
CA LYS N 43 -41.39 7.12 -19.68
C LYS N 43 -40.44 6.34 -18.72
N GLY N 44 -39.85 7.04 -17.74
CA GLY N 44 -38.86 6.47 -16.81
C GLY N 44 -39.50 5.73 -15.67
N LEU N 45 -38.76 5.49 -14.58
CA LEU N 45 -39.28 4.82 -13.36
C LEU N 45 -39.90 5.85 -12.43
N GLN N 46 -40.84 5.42 -11.59
CA GLN N 46 -41.49 6.28 -10.56
C GLN N 46 -41.86 5.41 -9.36
N TRP N 47 -41.23 5.69 -8.22
CA TRP N 47 -41.49 4.96 -6.94
C TRP N 47 -42.93 5.21 -6.52
N VAL N 48 -43.59 4.18 -6.03
CA VAL N 48 -45.03 4.18 -5.67
C VAL N 48 -45.14 4.18 -4.15
N SER N 49 -44.56 3.19 -3.48
CA SER N 49 -44.75 2.98 -2.03
C SER N 49 -43.66 2.07 -1.41
N SER N 50 -43.31 2.34 -0.16
CA SER N 50 -42.41 1.53 0.69
C SER N 50 -43.16 0.99 1.92
N ILE N 51 -42.75 -0.17 2.42
CA ILE N 51 -43.25 -0.71 3.70
C ILE N 51 -42.08 -1.37 4.43
N SER N 52 -41.94 -1.09 5.72
CA SER N 52 -40.89 -1.66 6.60
C SER N 52 -41.12 -3.17 6.80
N SER N 53 -40.12 -3.87 7.34
CA SER N 53 -40.17 -5.34 7.58
C SER N 53 -41.43 -5.69 8.39
N SER N 54 -41.76 -4.90 9.40
CA SER N 54 -42.82 -5.19 10.39
C SER N 54 -44.07 -4.35 10.12
N SER N 55 -44.10 -3.66 8.99
CA SER N 55 -45.24 -2.83 8.55
C SER N 55 -45.38 -1.69 9.57
N THR N 56 -44.31 -1.32 10.30
CA THR N 56 -44.26 -0.11 11.14
C THR N 56 -44.27 1.16 10.30
N TYR N 57 -43.58 1.21 9.15
CA TYR N 57 -43.48 2.46 8.36
C TYR N 57 -43.85 2.22 6.89
N MET N 58 -45.00 2.75 6.49
CA MET N 58 -45.44 2.80 5.08
C MET N 58 -45.26 4.22 4.59
N TYR N 59 -44.74 4.39 3.38
CA TYR N 59 -44.56 5.70 2.69
C TYR N 59 -45.15 5.57 1.28
N TYR N 60 -45.70 6.65 0.75
CA TYR N 60 -46.28 6.67 -0.60
C TYR N 60 -45.76 7.89 -1.35
N GLY N 61 -45.52 7.73 -2.65
CA GLY N 61 -45.38 8.82 -3.61
C GLY N 61 -46.64 9.69 -3.59
N ASP N 62 -46.48 10.99 -3.86
CA ASP N 62 -47.59 11.95 -3.86
C ASP N 62 -48.60 11.52 -4.92
N SER N 63 -48.16 11.09 -6.10
CA SER N 63 -49.06 10.81 -7.25
C SER N 63 -50.17 9.82 -6.87
N VAL N 64 -49.99 9.02 -5.82
CA VAL N 64 -51.01 8.00 -5.44
C VAL N 64 -51.47 8.18 -3.98
N LYS N 65 -51.04 9.23 -3.27
CA LYS N 65 -51.47 9.54 -1.89
C LYS N 65 -52.99 9.40 -1.84
N GLY N 66 -53.52 8.65 -0.89
CA GLY N 66 -54.97 8.62 -0.66
C GLY N 66 -55.68 7.55 -1.47
N ARG N 67 -55.06 6.97 -2.50
CA ARG N 67 -55.75 6.01 -3.41
C ARG N 67 -55.17 4.59 -3.24
N PHE N 68 -53.85 4.48 -3.17
CA PHE N 68 -53.13 3.19 -3.08
C PHE N 68 -52.84 2.86 -1.61
N THR N 69 -52.74 1.58 -1.29
CA THR N 69 -52.35 1.10 0.07
C THR N 69 -51.40 -0.08 -0.08
N ILE N 70 -50.21 0.02 0.49
CA ILE N 70 -49.21 -1.08 0.53
C ILE N 70 -49.53 -1.94 1.77
N SER N 71 -49.29 -3.24 1.69
CA SER N 71 -49.38 -4.16 2.84
C SER N 71 -48.52 -5.40 2.57
N ARG N 72 -48.16 -6.14 3.62
CA ARG N 72 -47.41 -7.40 3.48
C ARG N 72 -48.02 -8.45 4.42
N ASP N 73 -47.84 -9.73 4.07
CA ASP N 73 -48.15 -10.92 4.91
C ASP N 73 -46.85 -11.73 5.04
N ASN N 74 -46.16 -11.56 6.17
CA ASN N 74 -44.80 -12.13 6.38
C ASN N 74 -44.90 -13.65 6.50
N ALA N 75 -46.04 -14.16 6.96
CA ALA N 75 -46.29 -15.62 7.01
C ALA N 75 -46.48 -16.18 5.61
N ARG N 76 -47.02 -15.40 4.66
CA ARG N 76 -47.33 -15.91 3.30
C ARG N 76 -46.24 -15.42 2.33
N ASN N 77 -45.16 -14.80 2.81
CA ASN N 77 -44.01 -14.32 1.97
C ASN N 77 -44.53 -13.47 0.79
N SER N 78 -45.44 -12.54 1.05
CA SER N 78 -46.15 -11.75 0.00
C SER N 78 -46.27 -10.27 0.36
N LEU N 79 -46.00 -9.41 -0.62
CA LEU N 79 -46.22 -7.95 -0.56
C LEU N 79 -47.44 -7.65 -1.45
N TYR N 80 -48.30 -6.73 -1.03
CA TYR N 80 -49.53 -6.35 -1.76
C TYR N 80 -49.58 -4.83 -1.96
N LEU N 81 -50.19 -4.43 -3.08
CA LEU N 81 -50.59 -3.03 -3.36
C LEU N 81 -52.06 -3.00 -3.73
N GLN N 82 -52.89 -2.36 -2.91
CA GLN N 82 -54.33 -2.11 -3.15
C GLN N 82 -54.48 -0.80 -3.92
N MET N 83 -54.91 -0.88 -5.18
CA MET N 83 -55.05 0.29 -6.08
C MET N 83 -56.54 0.63 -6.24
N ASN N 84 -57.00 1.70 -5.61
CA ASN N 84 -58.40 2.19 -5.72
C ASN N 84 -58.41 3.45 -6.60
N SER N 85 -59.56 3.78 -7.17
CA SER N 85 -59.80 5.05 -7.89
C SER N 85 -58.79 5.20 -9.04
N LEU N 86 -58.51 4.09 -9.70
CA LEU N 86 -57.51 4.02 -10.80
C LEU N 86 -57.82 5.07 -11.88
N ARG N 87 -56.78 5.69 -12.43
CA ARG N 87 -56.88 6.70 -13.50
C ARG N 87 -56.11 6.22 -14.73
N VAL N 88 -56.25 6.92 -15.85
CA VAL N 88 -55.53 6.66 -17.13
C VAL N 88 -54.02 6.72 -16.88
N GLU N 89 -53.56 7.75 -16.16
CA GLU N 89 -52.13 8.01 -15.86
C GLU N 89 -51.54 6.81 -15.12
N ASP N 90 -52.32 6.10 -14.30
CA ASP N 90 -51.83 4.94 -13.49
C ASP N 90 -51.42 3.76 -14.39
N THR N 91 -51.68 3.83 -15.70
CA THR N 91 -51.23 2.78 -16.64
C THR N 91 -49.70 2.71 -16.60
N ALA N 92 -49.17 1.52 -16.28
CA ALA N 92 -47.72 1.27 -16.16
C ALA N 92 -47.48 -0.21 -15.90
N VAL N 93 -46.23 -0.64 -16.08
CA VAL N 93 -45.73 -1.92 -15.51
C VAL N 93 -45.43 -1.64 -14.03
N TYR N 94 -45.93 -2.48 -13.13
CA TYR N 94 -45.77 -2.33 -11.66
C TYR N 94 -44.73 -3.34 -11.18
N TYR N 95 -43.50 -2.86 -10.97
CA TYR N 95 -42.35 -3.63 -10.42
C TYR N 95 -42.43 -3.69 -8.88
N CYS N 96 -41.97 -4.81 -8.34
CA CYS N 96 -41.80 -5.13 -6.91
C CYS N 96 -40.30 -5.23 -6.62
N ALA N 97 -39.75 -4.47 -5.66
CA ALA N 97 -38.30 -4.30 -5.44
C ALA N 97 -37.95 -4.38 -3.94
N ARG N 98 -36.86 -5.05 -3.61
CA ARG N 98 -36.34 -5.15 -2.23
C ARG N 98 -35.35 -4.00 -1.94
N TYR N 99 -35.35 -3.51 -0.70
CA TYR N 99 -34.33 -2.53 -0.24
C TYR N 99 -33.54 -3.25 0.84
N ALA N 100 -32.22 -3.29 0.70
CA ALA N 100 -31.37 -3.86 1.76
C ALA N 100 -30.42 -2.77 2.20
N HIS N 101 -30.02 -2.77 3.46
CA HIS N 101 -29.12 -1.71 3.99
C HIS N 101 -27.81 -1.74 3.22
N ASP N 102 -27.30 -0.59 2.79
CA ASP N 102 -26.01 -0.46 2.08
C ASP N 102 -26.19 -0.84 0.61
N TRP N 103 -26.91 -1.91 0.34
CA TRP N 103 -27.15 -2.36 -1.04
C TRP N 103 -28.20 -1.44 -1.64
N ASN N 104 -29.10 -0.95 -0.80
CA ASN N 104 -30.19 -0.02 -1.24
C ASN N 104 -31.20 -0.83 -2.05
N VAL N 105 -31.92 -0.23 -2.99
CA VAL N 105 -32.84 -1.05 -3.83
C VAL N 105 -31.95 -1.94 -4.70
N ASP N 106 -32.10 -3.27 -4.59
CA ASP N 106 -31.22 -4.25 -5.28
C ASP N 106 -32.00 -5.13 -6.26
N TYR N 107 -32.87 -6.01 -5.78
CA TYR N 107 -33.57 -7.01 -6.62
C TYR N 107 -34.94 -6.46 -7.01
N TRP N 108 -35.30 -6.69 -8.27
CA TRP N 108 -36.62 -6.34 -8.88
C TRP N 108 -37.30 -7.63 -9.35
N GLY N 109 -38.62 -7.65 -9.39
CA GLY N 109 -39.42 -8.72 -10.03
C GLY N 109 -39.53 -8.46 -11.51
N GLN N 110 -40.33 -9.27 -12.22
CA GLN N 110 -40.43 -9.20 -13.71
C GLN N 110 -41.37 -8.05 -14.09
N GLY N 111 -42.18 -7.61 -13.11
CA GLY N 111 -43.22 -6.58 -13.31
C GLY N 111 -44.51 -7.22 -13.78
N THR N 112 -45.64 -6.56 -13.51
CA THR N 112 -46.98 -6.98 -13.97
C THR N 112 -47.67 -5.77 -14.59
N LEU N 113 -48.33 -5.93 -15.73
CA LEU N 113 -48.89 -4.78 -16.47
C LEU N 113 -50.26 -4.44 -15.90
N VAL N 114 -50.46 -3.16 -15.55
CA VAL N 114 -51.78 -2.58 -15.20
C VAL N 114 -52.14 -1.57 -16.30
N THR N 115 -53.16 -1.88 -17.10
CA THR N 115 -53.72 -0.95 -18.11
C THR N 115 -55.09 -0.49 -17.64
N VAL N 116 -55.24 0.83 -17.39
CA VAL N 116 -56.52 1.48 -17.01
C VAL N 116 -56.99 2.34 -18.19
N SER N 117 -58.03 1.86 -18.87
CA SER N 117 -58.66 2.41 -20.09
C SER N 117 -60.14 2.02 -20.15
N SER N 118 -60.87 2.50 -21.16
CA SER N 118 -62.31 2.17 -21.35
C SER N 118 -62.54 1.05 -22.39
N GLU O 1 5.62 -34.29 -9.19
CA GLU O 1 4.22 -33.90 -9.36
C GLU O 1 3.40 -34.60 -8.27
N VAL O 2 2.10 -34.33 -8.25
CA VAL O 2 1.09 -35.15 -7.53
C VAL O 2 0.32 -35.91 -8.60
N GLN O 3 0.27 -37.23 -8.51
CA GLN O 3 -0.41 -38.08 -9.52
C GLN O 3 -1.35 -39.04 -8.77
N LEU O 4 -2.61 -39.03 -9.18
CA LEU O 4 -3.66 -39.98 -8.73
C LEU O 4 -4.05 -40.82 -9.95
N VAL O 5 -4.13 -42.14 -9.78
CA VAL O 5 -4.45 -43.08 -10.89
C VAL O 5 -5.55 -44.03 -10.45
N GLU O 6 -6.68 -43.95 -11.15
CA GLU O 6 -7.86 -44.80 -10.90
C GLU O 6 -7.73 -46.06 -11.74
N SER O 7 -8.50 -47.08 -11.34
CA SER O 7 -8.53 -48.43 -11.96
C SER O 7 -9.69 -49.21 -11.34
N GLY O 8 -10.11 -50.29 -12.02
CA GLY O 8 -11.14 -51.21 -11.52
C GLY O 8 -12.45 -51.05 -12.25
N GLY O 9 -12.59 -49.94 -12.98
CA GLY O 9 -13.80 -49.62 -13.76
C GLY O 9 -14.00 -50.60 -14.88
N GLY O 10 -15.25 -50.91 -15.21
CA GLY O 10 -15.60 -51.77 -16.35
C GLY O 10 -17.09 -51.93 -16.54
N LEU O 11 -17.47 -53.00 -17.20
CA LEU O 11 -18.87 -53.28 -17.62
C LEU O 11 -19.49 -54.23 -16.62
N VAL O 12 -20.64 -53.90 -16.06
CA VAL O 12 -21.41 -54.83 -15.19
C VAL O 12 -22.90 -54.68 -15.54
N LYS O 13 -23.69 -55.71 -15.24
CA LYS O 13 -25.17 -55.72 -15.41
C LYS O 13 -25.78 -55.10 -14.15
N PRO O 14 -26.93 -54.41 -14.26
CA PRO O 14 -27.65 -53.93 -13.10
C PRO O 14 -27.67 -54.99 -11.99
N GLY O 15 -27.72 -54.55 -10.75
CA GLY O 15 -27.59 -55.41 -9.55
C GLY O 15 -26.16 -55.92 -9.39
N GLY O 16 -25.27 -55.55 -10.31
CA GLY O 16 -23.84 -55.93 -10.32
C GLY O 16 -23.07 -55.26 -9.19
N SER O 17 -21.78 -55.58 -9.09
CA SER O 17 -20.84 -55.05 -8.06
C SER O 17 -19.52 -54.72 -8.74
N LEU O 18 -18.66 -53.95 -8.07
CA LEU O 18 -17.41 -53.39 -8.66
C LEU O 18 -16.61 -52.63 -7.59
N ARG O 19 -15.30 -52.84 -7.52
CA ARG O 19 -14.39 -52.14 -6.56
C ARG O 19 -13.41 -51.28 -7.38
N LEU O 20 -13.39 -49.97 -7.11
CA LEU O 20 -12.52 -48.98 -7.78
C LEU O 20 -11.32 -48.72 -6.89
N SER O 21 -10.17 -48.43 -7.51
CA SER O 21 -8.87 -48.19 -6.84
C SER O 21 -8.28 -46.84 -7.29
N CYS O 22 -7.85 -46.00 -6.35
CA CYS O 22 -7.01 -44.81 -6.59
C CYS O 22 -5.62 -45.09 -6.02
N ALA O 23 -4.59 -44.92 -6.84
CA ALA O 23 -3.18 -45.00 -6.43
C ALA O 23 -2.63 -43.58 -6.37
N ALA O 24 -2.27 -43.14 -5.16
CA ALA O 24 -1.64 -41.83 -4.90
C ALA O 24 -0.09 -41.95 -4.81
N SER O 25 0.60 -41.20 -5.64
CA SER O 25 2.04 -40.83 -5.50
C SER O 25 2.19 -39.30 -5.54
N GLY O 26 3.27 -38.78 -4.96
CA GLY O 26 3.65 -37.36 -5.09
C GLY O 26 3.49 -36.59 -3.81
N PHE O 27 2.96 -37.20 -2.75
CA PHE O 27 2.57 -36.51 -1.51
C PHE O 27 2.25 -37.53 -0.43
N THR O 28 2.27 -37.11 0.82
CA THR O 28 1.87 -37.95 1.99
C THR O 28 0.36 -38.19 1.92
N PHE O 29 -0.07 -39.05 1.03
CA PHE O 29 -1.47 -39.56 0.93
C PHE O 29 -2.16 -39.71 2.28
N SER O 30 -1.44 -40.25 3.25
CA SER O 30 -1.97 -40.54 4.60
C SER O 30 -2.34 -39.26 5.37
N SER O 31 -2.12 -38.08 4.78
CA SER O 31 -2.29 -36.76 5.47
C SER O 31 -3.57 -36.05 5.05
N TYR O 32 -4.19 -36.48 3.95
CA TYR O 32 -5.26 -35.72 3.25
C TYR O 32 -6.58 -36.48 3.23
N THR O 33 -7.69 -35.78 3.41
CA THR O 33 -9.03 -36.35 3.09
C THR O 33 -9.10 -36.50 1.57
N MET O 34 -9.74 -37.57 1.11
CA MET O 34 -9.79 -37.98 -0.31
C MET O 34 -11.26 -38.17 -0.71
N ASN O 35 -11.57 -37.94 -1.99
CA ASN O 35 -12.95 -37.86 -2.52
C ASN O 35 -13.08 -38.76 -3.75
N TRP O 36 -14.30 -39.26 -3.99
CA TRP O 36 -14.75 -39.81 -5.31
C TRP O 36 -15.79 -38.82 -5.86
N VAL O 37 -15.63 -38.41 -7.11
CA VAL O 37 -16.61 -37.59 -7.86
C VAL O 37 -16.84 -38.27 -9.19
N ARG O 38 -18.08 -38.33 -9.68
CA ARG O 38 -18.39 -39.05 -10.94
C ARG O 38 -19.04 -38.11 -11.94
N GLN O 39 -18.98 -38.49 -13.22
CA GLN O 39 -19.47 -37.68 -14.37
C GLN O 39 -20.17 -38.58 -15.38
N ALA O 40 -21.50 -38.56 -15.37
CA ALA O 40 -22.38 -39.36 -16.24
C ALA O 40 -22.24 -38.85 -17.67
N PRO O 41 -22.29 -39.73 -18.69
CA PRO O 41 -21.89 -39.33 -20.04
C PRO O 41 -22.75 -38.13 -20.47
N GLY O 42 -22.10 -37.04 -20.87
CA GLY O 42 -22.74 -35.84 -21.44
C GLY O 42 -23.15 -34.84 -20.38
N LYS O 43 -23.37 -35.31 -19.13
CA LYS O 43 -23.88 -34.50 -18.00
C LYS O 43 -22.68 -33.93 -17.18
N GLY O 44 -22.96 -33.19 -16.10
CA GLY O 44 -21.95 -32.46 -15.31
C GLY O 44 -21.32 -33.34 -14.25
N LEU O 45 -20.70 -32.75 -13.21
CA LEU O 45 -20.00 -33.52 -12.14
C LEU O 45 -20.96 -33.80 -11.00
N GLN O 46 -20.72 -34.82 -10.18
CA GLN O 46 -21.54 -35.17 -8.99
C GLN O 46 -20.66 -35.91 -7.98
N TRP O 47 -20.49 -35.30 -6.81
CA TRP O 47 -19.68 -35.86 -5.69
C TRP O 47 -20.33 -37.17 -5.22
N VAL O 48 -19.50 -38.16 -4.91
CA VAL O 48 -19.93 -39.53 -4.53
C VAL O 48 -19.69 -39.70 -3.04
N SER O 49 -18.45 -39.53 -2.60
CA SER O 49 -18.06 -39.87 -1.22
C SER O 49 -16.76 -39.20 -0.79
N SER O 50 -16.69 -38.85 0.50
CA SER O 50 -15.48 -38.34 1.20
C SER O 50 -15.00 -39.32 2.27
N ILE O 51 -13.69 -39.32 2.51
CA ILE O 51 -13.09 -40.05 3.65
C ILE O 51 -11.95 -39.23 4.23
N SER O 52 -11.93 -39.07 5.55
CA SER O 52 -10.87 -38.33 6.30
C SER O 52 -9.54 -39.06 6.19
N SER O 53 -8.44 -38.39 6.56
CA SER O 53 -7.06 -38.95 6.54
C SER O 53 -7.03 -40.29 7.29
N SER O 54 -7.71 -40.41 8.44
CA SER O 54 -7.62 -41.59 9.34
C SER O 54 -8.89 -42.43 9.23
N SER O 55 -9.74 -42.14 8.26
CA SER O 55 -11.00 -42.88 8.02
C SER O 55 -11.92 -42.73 9.23
N THR O 56 -11.78 -41.65 10.03
CA THR O 56 -12.72 -41.26 11.13
C THR O 56 -14.03 -40.73 10.55
N TYR O 57 -14.01 -40.03 9.42
CA TYR O 57 -15.25 -39.45 8.83
C TYR O 57 -15.40 -39.85 7.36
N MET O 58 -16.35 -40.74 7.10
CA MET O 58 -16.82 -41.04 5.73
C MET O 58 -18.17 -40.32 5.53
N TYR O 59 -18.37 -39.70 4.37
CA TYR O 59 -19.64 -39.07 3.93
C TYR O 59 -19.99 -39.58 2.54
N TYR O 60 -21.29 -39.70 2.26
CA TYR O 60 -21.76 -40.16 0.93
C TYR O 60 -22.84 -39.20 0.44
N GLY O 61 -22.85 -38.94 -0.86
CA GLY O 61 -24.00 -38.39 -1.60
C GLY O 61 -25.13 -39.36 -1.35
N ASP O 62 -26.38 -38.92 -1.40
CA ASP O 62 -27.53 -39.81 -1.05
C ASP O 62 -27.85 -40.69 -2.25
N SER O 63 -27.46 -40.26 -3.44
CA SER O 63 -27.71 -41.02 -4.68
C SER O 63 -27.10 -42.41 -4.44
N VAL O 64 -26.09 -42.56 -3.58
CA VAL O 64 -25.39 -43.86 -3.36
C VAL O 64 -25.39 -44.28 -1.90
N LYS O 65 -26.07 -43.55 -0.99
CA LYS O 65 -26.17 -43.93 0.45
C LYS O 65 -26.56 -45.41 0.50
N GLY O 66 -25.84 -46.22 1.26
CA GLY O 66 -26.27 -47.60 1.50
C GLY O 66 -25.71 -48.58 0.50
N ARG O 67 -25.26 -48.15 -0.68
CA ARG O 67 -24.83 -49.07 -1.78
C ARG O 67 -23.32 -49.03 -1.95
N PHE O 68 -22.72 -47.85 -1.92
CA PHE O 68 -21.27 -47.60 -2.07
C PHE O 68 -20.61 -47.56 -0.70
N THR O 69 -19.36 -47.93 -0.63
CA THR O 69 -18.51 -47.79 0.60
C THR O 69 -17.12 -47.31 0.19
N ILE O 70 -16.71 -46.17 0.73
CA ILE O 70 -15.36 -45.60 0.54
C ILE O 70 -14.44 -46.22 1.59
N SER O 71 -13.18 -46.44 1.24
CA SER O 71 -12.17 -46.90 2.19
C SER O 71 -10.80 -46.47 1.69
N ARG O 72 -9.84 -46.43 2.60
CA ARG O 72 -8.42 -46.20 2.26
C ARG O 72 -7.53 -47.21 2.98
N ASP O 73 -6.35 -47.45 2.41
CA ASP O 73 -5.22 -48.15 3.08
C ASP O 73 -4.02 -47.22 3.02
N ASN O 74 -3.71 -46.57 4.14
CA ASN O 74 -2.64 -45.53 4.21
C ASN O 74 -1.28 -46.21 4.08
N ALA O 75 -1.15 -47.48 4.45
CA ALA O 75 0.09 -48.25 4.21
C ALA O 75 0.25 -48.56 2.71
N ARG O 76 -0.83 -48.71 1.95
CA ARG O 76 -0.73 -49.08 0.50
C ARG O 76 -0.91 -47.83 -0.38
N ASN O 77 -1.00 -46.62 0.21
CA ASN O 77 -1.16 -45.33 -0.55
C ASN O 77 -2.31 -45.43 -1.53
N SER O 78 -3.45 -46.00 -1.11
CA SER O 78 -4.60 -46.30 -2.01
C SER O 78 -5.96 -45.96 -1.40
N LEU O 79 -6.81 -45.33 -2.20
CA LEU O 79 -8.22 -45.06 -1.89
C LEU O 79 -9.08 -46.06 -2.69
N TYR O 80 -10.15 -46.57 -2.08
CA TYR O 80 -11.07 -47.56 -2.70
C TYR O 80 -12.52 -47.08 -2.63
N LEU O 81 -13.31 -47.47 -3.62
CA LEU O 81 -14.79 -47.36 -3.62
C LEU O 81 -15.41 -48.72 -3.96
N GLN O 82 -16.13 -49.31 -3.01
CA GLN O 82 -16.91 -50.57 -3.16
C GLN O 82 -18.32 -50.20 -3.66
N MET O 83 -18.65 -50.54 -4.90
CA MET O 83 -19.95 -50.22 -5.55
C MET O 83 -20.78 -51.50 -5.63
N ASN O 84 -21.81 -51.63 -4.80
CA ASN O 84 -22.78 -52.75 -4.77
C ASN O 84 -24.09 -52.27 -5.36
N SER O 85 -24.94 -53.19 -5.81
CA SER O 85 -26.33 -52.92 -6.25
C SER O 85 -26.32 -51.86 -7.35
N LEU O 86 -25.34 -51.93 -8.23
CA LEU O 86 -25.14 -50.95 -9.32
C LEU O 86 -26.42 -50.81 -10.15
N ARG O 87 -26.71 -49.58 -10.58
CA ARG O 87 -27.89 -49.26 -11.42
C ARG O 87 -27.40 -48.62 -12.71
N VAL O 88 -28.31 -48.44 -13.66
CA VAL O 88 -28.00 -47.86 -15.00
C VAL O 88 -27.50 -46.43 -14.77
N GLU O 89 -28.15 -45.67 -13.88
CA GLU O 89 -27.82 -44.27 -13.55
C GLU O 89 -26.37 -44.15 -13.07
N ASP O 90 -25.84 -45.18 -12.41
CA ASP O 90 -24.46 -45.16 -11.84
C ASP O 90 -23.40 -45.15 -12.96
N THR O 91 -23.80 -45.31 -14.22
CA THR O 91 -22.86 -45.21 -15.37
C THR O 91 -22.24 -43.81 -15.37
N ALA O 92 -20.90 -43.74 -15.35
CA ALA O 92 -20.12 -42.50 -15.33
C ALA O 92 -18.63 -42.81 -15.40
N VAL O 93 -17.82 -41.80 -15.66
CA VAL O 93 -16.37 -41.79 -15.34
C VAL O 93 -16.27 -41.47 -13.83
N TYR O 94 -15.50 -42.27 -13.08
CA TYR O 94 -15.31 -42.13 -11.61
C TYR O 94 -13.91 -41.53 -11.38
N TYR O 95 -13.87 -40.22 -11.11
CA TYR O 95 -12.65 -39.44 -10.76
C TYR O 95 -12.33 -39.59 -9.25
N CYS O 96 -11.04 -39.51 -8.91
CA CYS O 96 -10.55 -39.59 -7.51
C CYS O 96 -9.91 -38.24 -7.24
N ALA O 97 -10.29 -37.55 -6.17
CA ALA O 97 -9.81 -36.16 -5.96
C ALA O 97 -9.31 -35.94 -4.54
N ARG O 98 -8.39 -34.98 -4.35
CA ARG O 98 -7.79 -34.73 -3.02
C ARG O 98 -8.32 -33.42 -2.44
N TYR O 99 -8.66 -33.43 -1.16
CA TYR O 99 -9.07 -32.17 -0.49
C TYR O 99 -7.91 -31.71 0.37
N ALA O 100 -7.56 -30.44 0.24
CA ALA O 100 -6.52 -29.87 1.11
C ALA O 100 -7.12 -28.62 1.74
N HIS O 101 -6.73 -28.31 2.96
CA HIS O 101 -7.24 -27.11 3.66
C HIS O 101 -6.96 -25.88 2.82
N ASP O 102 -7.94 -25.00 2.64
CA ASP O 102 -7.79 -23.71 1.89
C ASP O 102 -7.81 -23.96 0.37
N TRP O 103 -7.06 -24.94 -0.10
CA TRP O 103 -6.97 -25.25 -1.54
C TRP O 103 -8.26 -25.95 -1.92
N ASN O 104 -8.90 -26.60 -0.95
CA ASN O 104 -10.18 -27.31 -1.15
C ASN O 104 -9.93 -28.52 -2.05
N VAL O 105 -10.88 -28.92 -2.89
CA VAL O 105 -10.59 -30.02 -3.84
C VAL O 105 -9.59 -29.50 -4.88
N ASP O 106 -8.41 -30.10 -4.97
CA ASP O 106 -7.34 -29.57 -5.86
C ASP O 106 -6.93 -30.54 -6.94
N TYR O 107 -6.34 -31.68 -6.58
CA TYR O 107 -5.79 -32.60 -7.59
C TYR O 107 -6.77 -33.70 -7.93
N TRP O 108 -6.84 -34.07 -9.22
CA TRP O 108 -7.78 -35.10 -9.70
C TRP O 108 -7.00 -36.16 -10.47
N GLY O 109 -7.50 -37.39 -10.55
CA GLY O 109 -6.90 -38.45 -11.37
C GLY O 109 -7.43 -38.40 -12.79
N GLN O 110 -7.10 -39.39 -13.62
CA GLN O 110 -7.45 -39.43 -15.06
C GLN O 110 -8.91 -39.86 -15.20
N GLY O 111 -9.44 -40.51 -14.15
CA GLY O 111 -10.78 -41.11 -14.12
C GLY O 111 -10.77 -42.52 -14.69
N THR O 112 -11.73 -43.37 -14.29
CA THR O 112 -11.91 -44.76 -14.79
C THR O 112 -13.38 -44.97 -15.13
N LEU O 113 -13.68 -45.57 -16.27
CA LEU O 113 -15.07 -45.64 -16.78
C LEU O 113 -15.78 -46.84 -16.15
N VAL O 114 -16.96 -46.60 -15.57
CA VAL O 114 -17.91 -47.66 -15.10
C VAL O 114 -19.16 -47.58 -15.97
N THR O 115 -19.39 -48.60 -16.79
CA THR O 115 -20.61 -48.73 -17.63
C THR O 115 -21.51 -49.84 -17.08
N VAL O 116 -22.73 -49.47 -16.67
CA VAL O 116 -23.76 -50.41 -16.14
C VAL O 116 -24.89 -50.52 -17.15
N SER O 117 -24.96 -51.65 -17.84
CA SER O 117 -25.94 -51.92 -18.93
C SER O 117 -26.45 -53.34 -18.79
N SER O 118 -27.74 -53.53 -19.07
CA SER O 118 -28.44 -54.84 -19.07
C SER O 118 -28.05 -55.59 -20.34
N ALA O 119 -27.71 -54.88 -21.42
CA ALA O 119 -27.24 -55.41 -22.71
C ALA O 119 -26.13 -56.46 -22.50
N SER O 120 -26.22 -57.59 -23.22
CA SER O 120 -25.18 -58.66 -23.25
C SER O 120 -24.43 -58.55 -24.57
N THR O 121 -23.24 -59.16 -24.63
CA THR O 121 -22.21 -58.93 -25.68
C THR O 121 -22.57 -59.76 -26.93
N LYS O 122 -23.44 -59.23 -27.81
CA LYS O 122 -23.52 -59.66 -29.24
C LYS O 122 -22.22 -59.22 -29.95
N GLY O 123 -21.71 -60.08 -30.84
CA GLY O 123 -20.71 -59.73 -31.86
C GLY O 123 -21.35 -58.92 -32.97
N PRO O 124 -20.56 -58.16 -33.75
CA PRO O 124 -21.09 -57.34 -34.85
C PRO O 124 -21.43 -58.17 -36.08
N SER O 125 -22.12 -57.54 -37.03
CA SER O 125 -22.38 -58.07 -38.40
C SER O 125 -22.00 -56.97 -39.40
N VAL O 126 -21.15 -57.31 -40.38
CA VAL O 126 -20.51 -56.32 -41.31
C VAL O 126 -21.24 -56.41 -42.66
N PHE O 127 -21.68 -55.28 -43.18
CA PHE O 127 -22.36 -55.16 -44.49
C PHE O 127 -21.44 -54.30 -45.35
N PRO O 128 -21.34 -54.55 -46.67
CA PRO O 128 -20.63 -53.65 -47.57
C PRO O 128 -21.53 -52.43 -47.88
N LEU O 129 -20.96 -51.22 -47.79
CA LEU O 129 -21.65 -49.97 -48.19
C LEU O 129 -21.10 -49.56 -49.56
N ALA O 130 -21.78 -50.04 -50.63
CA ALA O 130 -21.32 -50.01 -52.03
C ALA O 130 -21.59 -48.64 -52.65
N PRO O 131 -20.78 -48.19 -53.65
CA PRO O 131 -21.09 -46.99 -54.44
C PRO O 131 -21.67 -47.27 -55.85
N ALA O 142 -16.40 -42.32 -51.29
CA ALA O 142 -17.70 -42.62 -51.93
C ALA O 142 -18.24 -44.00 -51.50
N LEU O 143 -17.40 -44.86 -50.88
CA LEU O 143 -17.78 -46.18 -50.30
C LEU O 143 -17.31 -46.28 -48.85
N GLY O 144 -17.83 -47.28 -48.13
CA GLY O 144 -17.46 -47.62 -46.74
C GLY O 144 -17.90 -49.01 -46.31
N CYS O 145 -17.88 -49.28 -44.98
CA CYS O 145 -18.39 -50.51 -44.31
C CYS O 145 -19.37 -50.13 -43.19
N LEU O 146 -20.31 -51.04 -42.87
CA LEU O 146 -21.34 -50.90 -41.79
C LEU O 146 -21.07 -52.00 -40.75
N VAL O 147 -21.04 -51.66 -39.46
CA VAL O 147 -20.87 -52.61 -38.32
C VAL O 147 -22.10 -52.47 -37.43
N LYS O 148 -22.99 -53.48 -37.44
CA LYS O 148 -24.36 -53.38 -36.88
C LYS O 148 -24.48 -54.25 -35.64
N ASP O 149 -25.32 -53.81 -34.67
CA ASP O 149 -25.79 -54.54 -33.47
C ASP O 149 -24.63 -55.30 -32.78
N TYR O 150 -23.70 -54.56 -32.17
CA TYR O 150 -22.57 -55.10 -31.36
C TYR O 150 -22.60 -54.49 -29.96
N PHE O 151 -21.95 -55.16 -29.00
CA PHE O 151 -21.84 -54.77 -27.57
C PHE O 151 -20.66 -55.53 -26.94
N PRO O 152 -19.81 -54.94 -26.08
CA PRO O 152 -19.77 -53.49 -25.80
C PRO O 152 -18.94 -52.64 -26.76
N GLU O 153 -18.59 -51.42 -26.33
CA GLU O 153 -18.32 -50.22 -27.18
C GLU O 153 -17.11 -50.40 -28.09
N PRO O 154 -15.91 -50.86 -27.63
CA PRO O 154 -14.71 -50.75 -28.46
C PRO O 154 -14.73 -51.57 -29.78
N VAL O 155 -14.94 -50.88 -30.91
CA VAL O 155 -14.75 -51.45 -32.29
C VAL O 155 -13.79 -50.54 -33.10
N THR O 156 -12.75 -51.15 -33.70
CA THR O 156 -11.74 -50.50 -34.56
C THR O 156 -11.95 -50.97 -36.00
N VAL O 157 -11.83 -50.05 -36.95
CA VAL O 157 -11.98 -50.30 -38.41
C VAL O 157 -10.65 -49.87 -39.07
N SER O 158 -10.25 -50.60 -40.10
CA SER O 158 -8.94 -50.50 -40.79
C SER O 158 -9.13 -50.99 -42.22
N TRP O 159 -8.20 -50.72 -43.15
CA TRP O 159 -8.32 -51.09 -44.59
C TRP O 159 -7.03 -51.70 -45.21
N ASN O 160 -5.97 -51.88 -44.40
CA ASN O 160 -4.55 -52.12 -44.81
C ASN O 160 -3.91 -50.82 -45.31
N SER O 161 -3.69 -49.85 -44.43
CA SER O 161 -3.06 -48.55 -44.75
C SER O 161 -3.69 -47.95 -46.02
N GLY O 162 -4.99 -47.62 -45.97
CA GLY O 162 -5.66 -46.64 -46.88
C GLY O 162 -5.94 -45.38 -46.06
N ALA O 163 -4.98 -44.45 -46.02
CA ALA O 163 -5.02 -43.17 -45.27
C ALA O 163 -4.94 -41.98 -46.26
N VAL O 168 -11.74 -40.80 -46.03
CA VAL O 168 -10.97 -41.82 -45.24
C VAL O 168 -11.35 -41.74 -43.74
N HIS O 169 -12.65 -41.63 -43.41
CA HIS O 169 -13.22 -41.22 -42.09
C HIS O 169 -14.20 -42.28 -41.54
N THR O 170 -13.83 -42.93 -40.42
CA THR O 170 -14.69 -43.77 -39.52
C THR O 170 -15.51 -42.82 -38.61
N PHE O 171 -16.78 -43.13 -38.36
CA PHE O 171 -17.69 -42.33 -37.50
C PHE O 171 -17.69 -42.94 -36.11
N PRO O 172 -17.90 -42.14 -35.03
CA PRO O 172 -18.16 -42.70 -33.71
C PRO O 172 -19.55 -43.35 -33.69
N ALA O 173 -19.71 -44.38 -32.85
CA ALA O 173 -20.85 -45.30 -32.85
C ALA O 173 -22.13 -44.58 -32.40
N VAL O 174 -23.28 -45.22 -32.61
CA VAL O 174 -24.60 -44.75 -32.12
C VAL O 174 -25.11 -45.80 -31.14
N LEU O 175 -25.62 -45.33 -30.00
CA LEU O 175 -26.28 -46.17 -28.96
C LEU O 175 -27.76 -46.28 -29.33
N GLN O 176 -28.16 -47.36 -29.99
CA GLN O 176 -29.59 -47.68 -30.27
C GLN O 176 -30.28 -47.93 -28.91
N SER O 177 -31.61 -47.76 -28.87
CA SER O 177 -32.49 -48.06 -27.71
C SER O 177 -32.36 -49.52 -27.28
N SER O 178 -31.91 -50.42 -28.17
CA SER O 178 -31.59 -51.86 -27.90
C SER O 178 -30.54 -51.98 -26.78
N GLY O 179 -29.75 -50.92 -26.56
CA GLY O 179 -28.50 -50.96 -25.75
C GLY O 179 -27.32 -51.45 -26.59
N LEU O 180 -27.54 -51.68 -27.89
CA LEU O 180 -26.57 -52.23 -28.88
C LEU O 180 -26.09 -51.09 -29.77
N TYR O 181 -24.78 -51.05 -30.02
CA TYR O 181 -24.09 -49.98 -30.79
C TYR O 181 -24.12 -50.33 -32.28
N SER O 182 -23.96 -49.31 -33.12
CA SER O 182 -23.71 -49.43 -34.58
C SER O 182 -22.76 -48.31 -34.99
N LEU O 183 -21.77 -48.59 -35.84
CA LEU O 183 -20.85 -47.55 -36.42
C LEU O 183 -20.57 -47.91 -37.88
N SER O 184 -20.37 -46.88 -38.73
CA SER O 184 -20.03 -47.01 -40.17
C SER O 184 -18.75 -46.22 -40.48
N SER O 185 -18.16 -46.48 -41.65
CA SER O 185 -16.80 -46.02 -42.05
C SER O 185 -16.76 -45.81 -43.56
N VAL O 186 -16.22 -44.68 -44.03
CA VAL O 186 -16.31 -44.24 -45.46
C VAL O 186 -14.98 -43.63 -45.91
N VAL O 187 -14.72 -43.77 -47.23
CA VAL O 187 -13.45 -43.38 -47.92
C VAL O 187 -13.80 -42.90 -49.35
N CYS O 201 -12.66 -53.86 -45.97
CA CYS O 201 -12.34 -53.25 -44.66
C CYS O 201 -12.05 -54.33 -43.61
N ASN O 202 -11.35 -53.95 -42.55
CA ASN O 202 -10.90 -54.84 -41.43
C ASN O 202 -11.52 -54.31 -40.13
N VAL O 203 -12.59 -54.93 -39.66
CA VAL O 203 -13.28 -54.66 -38.36
C VAL O 203 -12.75 -55.66 -37.32
N ASN O 204 -12.52 -55.18 -36.09
CA ASN O 204 -12.13 -55.99 -34.91
C ASN O 204 -13.03 -55.59 -33.73
N HIS O 205 -13.54 -56.58 -33.00
CA HIS O 205 -14.38 -56.41 -31.78
C HIS O 205 -14.01 -57.48 -30.75
N LYS O 206 -12.97 -57.23 -29.94
CA LYS O 206 -12.32 -58.23 -29.06
C LYS O 206 -13.37 -58.95 -28.21
N PRO O 207 -14.36 -58.26 -27.60
CA PRO O 207 -15.33 -58.94 -26.72
C PRO O 207 -16.15 -60.08 -27.37
N SER O 208 -16.15 -60.17 -28.71
CA SER O 208 -16.90 -61.17 -29.50
C SER O 208 -15.98 -61.99 -30.41
N ASN O 209 -14.65 -61.88 -30.24
CA ASN O 209 -13.65 -62.71 -30.97
C ASN O 209 -13.76 -62.47 -32.49
N THR O 210 -14.30 -61.33 -32.90
CA THR O 210 -14.61 -60.97 -34.30
C THR O 210 -13.40 -60.24 -34.91
N LYS O 211 -12.85 -60.77 -36.01
CA LYS O 211 -11.78 -60.14 -36.82
C LYS O 211 -12.08 -60.31 -38.32
N VAL O 212 -13.27 -59.92 -38.77
CA VAL O 212 -13.78 -60.14 -40.15
C VAL O 212 -13.25 -59.06 -41.12
N ASP O 213 -12.75 -59.50 -42.29
CA ASP O 213 -12.34 -58.63 -43.44
C ASP O 213 -13.42 -58.74 -44.55
N LYS O 214 -14.07 -57.62 -44.90
CA LYS O 214 -15.23 -57.55 -45.85
C LYS O 214 -14.81 -56.79 -47.10
N LYS O 215 -15.43 -57.11 -48.23
CA LYS O 215 -15.07 -56.56 -49.57
C LYS O 215 -16.14 -55.55 -50.00
N VAL O 216 -15.68 -54.37 -50.46
CA VAL O 216 -16.50 -53.27 -51.04
C VAL O 216 -15.83 -52.82 -52.36
#